data_2K0L
#
_entry.id   2K0L
#
_entity_poly.entity_id   1
_entity_poly.type   'polypeptide(L)'
_entity_poly.pdbx_seq_one_letter_code
;ARIMKAIFVLNAAPKDNTWYAGGKLGWSQYHDTGFYGNGFQNNNGPTRNDQLGAGAFGGYQVNPYLGFEMGYDWLGRMAY
KGSVDNGAFKAQGVQLTAKLGYPITDDLDIYTRLGGMVWRADSKGNYASTGVSRSEHDTGVSPVFAGGVEWAVTRDIATR
LEYQWVNNIGDAGTVGTRPDNGMLSLGVSYRFGQEDAAPVVAPAPAPAPEHHHHHH
;
_entity_poly.pdbx_strand_id   A
#
# COMPACT_ATOMS: atom_id res chain seq x y z
N ALA A 1 13.20 -19.29 -33.40
CA ALA A 1 11.99 -19.23 -32.52
C ALA A 1 10.98 -20.30 -32.92
N ARG A 2 11.06 -21.46 -32.28
CA ARG A 2 10.16 -22.56 -32.57
C ARG A 2 9.74 -23.27 -31.28
N ILE A 3 8.62 -22.82 -30.70
CA ILE A 3 8.12 -23.41 -29.47
C ILE A 3 6.62 -23.64 -29.54
N MET A 4 6.16 -24.78 -29.04
CA MET A 4 4.75 -25.12 -29.06
C MET A 4 3.95 -24.15 -28.19
N LYS A 5 2.86 -23.63 -28.75
CA LYS A 5 2.00 -22.70 -28.04
C LYS A 5 0.54 -22.92 -28.39
N ALA A 6 0.01 -24.07 -28.00
CA ALA A 6 -1.39 -24.41 -28.27
C ALA A 6 -2.20 -24.48 -26.99
N ILE A 7 -1.99 -25.54 -26.22
CA ILE A 7 -2.70 -25.74 -24.97
C ILE A 7 -1.82 -26.45 -23.94
N PHE A 8 -0.51 -26.23 -24.03
CA PHE A 8 0.43 -26.84 -23.12
C PHE A 8 1.22 -25.79 -22.36
N VAL A 9 0.55 -25.12 -21.41
CA VAL A 9 1.20 -24.08 -20.61
C VAL A 9 1.95 -24.68 -19.43
N LEU A 10 3.20 -24.27 -19.25
CA LEU A 10 4.02 -24.77 -18.16
C LEU A 10 4.28 -23.68 -17.14
N ASN A 11 4.34 -22.44 -17.60
CA ASN A 11 4.58 -21.30 -16.72
C ASN A 11 3.36 -21.02 -15.84
N ALA A 12 2.20 -20.92 -16.47
CA ALA A 12 0.95 -20.66 -15.75
C ALA A 12 -0.23 -21.34 -16.43
N ALA A 13 -1.12 -21.90 -15.61
CA ALA A 13 -2.30 -22.59 -16.14
C ALA A 13 -3.23 -21.61 -16.85
N PRO A 14 -4.23 -22.13 -17.58
CA PRO A 14 -5.18 -21.29 -18.32
C PRO A 14 -6.17 -20.58 -17.40
N LYS A 15 -5.64 -19.75 -16.51
CA LYS A 15 -6.48 -19.01 -15.57
C LYS A 15 -5.80 -17.71 -15.15
N ASP A 16 -6.53 -16.60 -15.27
CA ASP A 16 -6.00 -15.29 -14.90
C ASP A 16 -6.27 -14.97 -13.44
N ASN A 17 -6.11 -15.97 -12.58
CA ASN A 17 -6.34 -15.79 -11.15
C ASN A 17 -5.02 -15.79 -10.38
N THR A 18 -4.34 -14.65 -10.38
CA THR A 18 -3.06 -14.53 -9.69
C THR A 18 -3.21 -13.68 -8.44
N TRP A 19 -2.24 -13.79 -7.53
CA TRP A 19 -2.26 -13.02 -6.29
C TRP A 19 -0.84 -12.66 -5.86
N TYR A 20 -0.63 -11.38 -5.55
CA TYR A 20 0.68 -10.91 -5.12
C TYR A 20 0.54 -9.94 -3.94
N ALA A 21 1.44 -10.07 -2.97
CA ALA A 21 1.42 -9.20 -1.79
C ALA A 21 2.80 -8.66 -1.49
N GLY A 22 2.85 -7.45 -0.92
CA GLY A 22 4.11 -6.83 -0.57
C GLY A 22 3.94 -5.63 0.34
N GLY A 23 4.99 -4.83 0.45
CA GLY A 23 4.93 -3.66 1.30
C GLY A 23 5.84 -2.54 0.83
N LYS A 24 5.35 -1.31 0.90
CA LYS A 24 6.12 -0.15 0.46
C LYS A 24 6.32 0.83 1.62
N LEU A 25 7.43 1.57 1.58
CA LEU A 25 7.74 2.55 2.61
C LEU A 25 8.09 3.90 1.98
N GLY A 26 7.60 4.96 2.59
CA GLY A 26 7.87 6.30 2.08
C GLY A 26 7.23 7.39 2.92
N TRP A 27 6.68 8.40 2.26
CA TRP A 27 6.04 9.50 2.95
C TRP A 27 4.53 9.49 2.69
N SER A 28 3.75 9.67 3.75
CA SER A 28 2.30 9.68 3.63
C SER A 28 1.77 11.11 3.57
N GLN A 29 2.22 11.95 4.50
CA GLN A 29 1.79 13.33 4.56
C GLN A 29 2.99 14.27 4.66
N TYR A 30 2.79 15.53 4.28
CA TYR A 30 3.85 16.53 4.32
C TYR A 30 3.33 17.90 3.90
N HIS A 31 3.87 18.94 4.51
CA HIS A 31 3.46 20.31 4.20
C HIS A 31 4.49 21.00 3.30
N ASP A 32 4.03 21.53 2.17
CA ASP A 32 4.90 22.21 1.23
C ASP A 32 4.25 23.49 0.71
N THR A 33 2.99 23.39 0.30
CA THR A 33 2.26 24.55 -0.21
C THR A 33 1.36 25.14 0.86
N GLY A 34 1.04 26.42 0.71
CA GLY A 34 0.18 27.09 1.67
C GLY A 34 0.98 27.73 2.81
N PHE A 35 0.40 28.75 3.42
CA PHE A 35 1.06 29.45 4.51
C PHE A 35 0.04 29.91 5.55
N TYR A 36 0.53 30.59 6.60
CA TYR A 36 -0.34 31.07 7.66
C TYR A 36 0.08 32.48 8.10
N GLY A 37 -0.87 33.24 8.63
CA GLY A 37 -0.57 34.59 9.09
C GLY A 37 -0.41 34.67 10.59
N ASN A 38 0.26 33.66 11.16
CA ASN A 38 0.49 33.62 12.60
C ASN A 38 1.96 33.87 12.92
N GLY A 39 2.21 34.62 13.98
CA GLY A 39 3.58 34.91 14.37
C GLY A 39 4.36 33.67 14.74
N PHE A 40 3.71 32.76 15.46
CA PHE A 40 4.35 31.53 15.88
C PHE A 40 4.36 30.51 14.75
N GLN A 41 5.53 30.31 14.15
CA GLN A 41 5.68 29.36 13.05
C GLN A 41 6.31 28.05 13.53
N ASN A 42 7.56 28.13 13.97
CA ASN A 42 8.26 26.95 14.46
C ASN A 42 8.47 27.02 15.96
N ASN A 43 7.57 26.36 16.70
CA ASN A 43 7.65 26.35 18.16
C ASN A 43 8.85 25.54 18.63
N ASN A 44 9.15 24.45 17.92
CA ASN A 44 10.28 23.60 18.27
C ASN A 44 11.13 23.30 17.03
N GLY A 45 12.44 23.20 17.23
CA GLY A 45 13.33 22.92 16.12
C GLY A 45 14.29 21.79 16.44
N PRO A 46 13.80 20.57 16.63
CA PRO A 46 14.63 19.40 16.94
C PRO A 46 15.76 19.21 15.92
N THR A 47 16.49 18.11 16.04
CA THR A 47 17.58 17.81 15.13
C THR A 47 17.45 16.41 14.55
N ARG A 48 16.22 15.91 14.49
CA ARG A 48 15.97 14.57 13.96
C ARG A 48 14.67 14.54 13.17
N ASN A 49 14.79 14.36 11.85
CA ASN A 49 13.62 14.32 10.98
C ASN A 49 13.23 12.88 10.68
N ASP A 50 12.94 12.11 11.72
CA ASP A 50 12.56 10.71 11.56
C ASP A 50 11.12 10.60 11.07
N GLN A 51 10.95 10.59 9.75
CA GLN A 51 9.63 10.48 9.15
C GLN A 51 9.57 9.33 8.15
N LEU A 52 9.12 8.18 8.62
CA LEU A 52 9.01 6.99 7.77
C LEU A 52 7.65 6.33 7.91
N GLY A 53 6.97 6.15 6.79
CA GLY A 53 5.65 5.53 6.81
C GLY A 53 5.65 4.17 6.12
N ALA A 54 5.07 3.18 6.79
CA ALA A 54 5.00 1.83 6.23
C ALA A 54 3.63 1.56 5.62
N GLY A 55 3.61 0.80 4.53
CA GLY A 55 2.37 0.49 3.87
C GLY A 55 2.37 -0.88 3.22
N ALA A 56 1.42 -1.72 3.61
CA ALA A 56 1.30 -3.06 3.05
C ALA A 56 0.31 -3.07 1.90
N PHE A 57 0.75 -3.57 0.74
CA PHE A 57 -0.11 -3.61 -0.44
C PHE A 57 -0.40 -5.05 -0.87
N GLY A 58 -1.60 -5.27 -1.39
CA GLY A 58 -1.98 -6.60 -1.85
C GLY A 58 -2.88 -6.53 -3.07
N GLY A 59 -2.48 -7.21 -4.14
CA GLY A 59 -3.27 -7.18 -5.35
C GLY A 59 -3.67 -8.57 -5.81
N TYR A 60 -4.86 -8.66 -6.42
CA TYR A 60 -5.38 -9.93 -6.92
C TYR A 60 -6.33 -9.71 -8.07
N GLN A 61 -6.07 -10.37 -9.19
CA GLN A 61 -6.91 -10.24 -10.38
C GLN A 61 -7.93 -11.37 -10.46
N VAL A 62 -9.16 -11.03 -10.81
CA VAL A 62 -10.22 -12.01 -10.92
C VAL A 62 -10.66 -12.20 -12.37
N ASN A 63 -10.53 -11.14 -13.16
CA ASN A 63 -10.91 -11.19 -14.57
C ASN A 63 -9.87 -10.48 -15.44
N PRO A 64 -9.75 -10.88 -16.71
CA PRO A 64 -8.79 -10.27 -17.64
C PRO A 64 -9.15 -8.82 -17.99
N TYR A 65 -9.13 -7.96 -16.97
CA TYR A 65 -9.46 -6.56 -17.17
C TYR A 65 -8.78 -5.68 -16.11
N LEU A 66 -8.87 -6.12 -14.85
CA LEU A 66 -8.27 -5.37 -13.76
C LEU A 66 -8.27 -6.21 -12.48
N GLY A 67 -7.47 -5.79 -11.51
CA GLY A 67 -7.39 -6.50 -10.25
C GLY A 67 -7.62 -5.60 -9.05
N PHE A 68 -8.06 -6.18 -7.94
CA PHE A 68 -8.31 -5.43 -6.73
C PHE A 68 -7.02 -5.23 -5.94
N GLU A 69 -6.87 -4.04 -5.36
CA GLU A 69 -5.67 -3.73 -4.58
C GLU A 69 -6.04 -3.27 -3.18
N MET A 70 -5.57 -4.02 -2.18
CA MET A 70 -5.84 -3.68 -0.79
C MET A 70 -4.57 -3.18 -0.11
N GLY A 71 -4.64 -1.98 0.47
CA GLY A 71 -3.50 -1.41 1.13
C GLY A 71 -3.65 -1.37 2.64
N TYR A 72 -2.55 -1.19 3.35
CA TYR A 72 -2.56 -1.13 4.81
C TYR A 72 -1.65 -0.01 5.31
N ASP A 73 -2.24 1.00 5.93
CA ASP A 73 -1.48 2.12 6.46
C ASP A 73 -0.95 1.81 7.87
N TRP A 74 0.37 1.74 7.98
CA TRP A 74 1.01 1.47 9.26
C TRP A 74 2.25 2.33 9.46
N LEU A 75 2.54 2.66 10.71
CA LEU A 75 3.70 3.49 11.04
C LEU A 75 3.58 4.86 10.40
N GLY A 76 4.30 5.84 10.97
CA GLY A 76 4.27 7.18 10.44
C GLY A 76 4.74 8.21 11.45
N ARG A 77 4.56 7.90 12.73
CA ARG A 77 4.97 8.81 13.80
C ARG A 77 6.13 8.23 14.60
N MET A 78 6.98 9.09 15.13
CA MET A 78 8.13 8.66 15.91
C MET A 78 7.91 8.96 17.40
N ALA A 79 7.63 7.90 18.16
CA ALA A 79 7.40 8.05 19.60
C ALA A 79 7.28 6.68 20.27
N TYR A 80 8.38 6.25 20.87
CA TYR A 80 8.41 4.95 21.56
C TYR A 80 9.46 4.96 22.67
N LYS A 81 9.13 5.61 23.78
CA LYS A 81 10.04 5.69 24.92
C LYS A 81 9.30 6.13 26.18
N GLY A 82 8.98 5.17 27.03
CA GLY A 82 8.27 5.48 28.26
C GLY A 82 8.26 4.31 29.23
N SER A 83 8.02 4.61 30.50
CA SER A 83 7.98 3.58 31.54
C SER A 83 6.77 2.67 31.36
N VAL A 84 5.60 3.28 31.18
CA VAL A 84 4.37 2.52 31.00
C VAL A 84 3.47 3.17 29.95
N ASP A 85 3.03 2.38 28.98
CA ASP A 85 2.17 2.88 27.92
C ASP A 85 0.80 2.21 27.96
N ASN A 86 -0.06 2.54 27.01
CA ASN A 86 -1.40 1.97 26.93
C ASN A 86 -1.59 1.19 25.64
N GLY A 87 -2.37 0.12 25.71
CA GLY A 87 -2.62 -0.69 24.54
C GLY A 87 -4.02 -1.27 24.51
N ALA A 88 -5.00 -0.46 24.93
CA ALA A 88 -6.39 -0.89 24.95
C ALA A 88 -6.90 -1.17 23.55
N PHE A 89 -6.89 -0.14 22.70
CA PHE A 89 -7.35 -0.28 21.32
C PHE A 89 -6.20 -0.12 20.35
N LYS A 90 -6.22 -0.90 19.28
CA LYS A 90 -5.18 -0.86 18.27
C LYS A 90 -5.69 -0.20 16.99
N ALA A 91 -4.86 0.64 16.39
CA ALA A 91 -5.23 1.35 15.16
C ALA A 91 -4.50 0.75 13.96
N GLN A 92 -5.18 0.74 12.82
CA GLN A 92 -4.60 0.20 11.59
C GLN A 92 -5.32 0.75 10.36
N GLY A 93 -4.55 1.22 9.39
CA GLY A 93 -5.14 1.78 8.19
C GLY A 93 -5.45 0.71 7.14
N VAL A 94 -6.64 0.80 6.55
CA VAL A 94 -7.06 -0.16 5.53
C VAL A 94 -7.44 0.58 4.25
N GLN A 95 -6.77 0.24 3.15
CA GLN A 95 -7.02 0.89 1.88
C GLN A 95 -7.73 -0.04 0.89
N LEU A 96 -8.64 0.53 0.12
CA LEU A 96 -9.40 -0.21 -0.88
C LEU A 96 -9.31 0.50 -2.22
N THR A 97 -8.68 -0.14 -3.19
CA THR A 97 -8.53 0.46 -4.51
C THR A 97 -8.38 -0.58 -5.61
N ALA A 98 -8.54 -0.16 -6.85
CA ALA A 98 -8.42 -1.04 -8.00
C ALA A 98 -7.08 -0.82 -8.70
N LYS A 99 -6.36 -1.90 -8.95
CA LYS A 99 -5.06 -1.81 -9.61
C LYS A 99 -5.09 -2.44 -11.00
N LEU A 100 -4.56 -1.71 -11.97
CA LEU A 100 -4.51 -2.18 -13.35
C LEU A 100 -3.11 -1.97 -13.93
N GLY A 101 -2.53 -3.03 -14.49
CA GLY A 101 -1.20 -2.93 -15.06
C GLY A 101 -0.91 -4.00 -16.09
N TYR A 102 0.34 -4.07 -16.53
CA TYR A 102 0.75 -5.05 -17.53
C TYR A 102 2.28 -5.14 -17.60
N PRO A 103 2.82 -6.34 -17.88
CA PRO A 103 4.26 -6.56 -17.98
C PRO A 103 4.84 -6.13 -19.33
N ILE A 104 6.16 -6.13 -19.43
CA ILE A 104 6.83 -5.75 -20.67
C ILE A 104 7.39 -6.97 -21.39
N THR A 105 7.77 -7.98 -20.61
CA THR A 105 8.32 -9.21 -21.16
C THR A 105 8.10 -10.38 -20.21
N ASP A 106 8.70 -10.27 -19.01
CA ASP A 106 8.57 -11.32 -18.00
C ASP A 106 9.38 -10.96 -16.77
N ASP A 107 9.27 -9.72 -16.32
CA ASP A 107 10.01 -9.25 -15.15
C ASP A 107 9.72 -7.78 -14.86
N LEU A 108 9.44 -7.01 -15.90
CA LEU A 108 9.16 -5.59 -15.74
C LEU A 108 7.70 -5.29 -16.08
N ASP A 109 6.97 -4.72 -15.13
CA ASP A 109 5.56 -4.41 -15.35
C ASP A 109 5.17 -3.08 -14.72
N ILE A 110 4.16 -2.44 -15.29
CA ILE A 110 3.66 -1.17 -14.80
C ILE A 110 2.22 -1.31 -14.31
N TYR A 111 1.85 -0.56 -13.27
CA TYR A 111 0.49 -0.63 -12.74
C TYR A 111 0.09 0.66 -12.05
N THR A 112 -1.22 0.89 -11.98
CA THR A 112 -1.77 2.08 -11.33
C THR A 112 -2.96 1.72 -10.45
N ARG A 113 -3.00 2.27 -9.24
CA ARG A 113 -4.08 1.99 -8.31
C ARG A 113 -4.90 3.24 -8.01
N LEU A 114 -6.22 3.12 -8.17
CA LEU A 114 -7.13 4.22 -7.90
C LEU A 114 -8.23 3.80 -6.94
N GLY A 115 -8.37 4.53 -5.83
CA GLY A 115 -9.37 4.21 -4.84
C GLY A 115 -9.35 5.15 -3.65
N GLY A 116 -9.39 4.58 -2.45
CA GLY A 116 -9.37 5.40 -1.25
C GLY A 116 -8.80 4.68 -0.04
N MET A 117 -8.53 5.43 1.02
CA MET A 117 -7.99 4.86 2.24
C MET A 117 -8.93 5.09 3.41
N VAL A 118 -9.02 4.09 4.29
CA VAL A 118 -9.90 4.18 5.46
C VAL A 118 -9.18 3.68 6.71
N TRP A 119 -8.90 4.59 7.63
CA TRP A 119 -8.20 4.24 8.87
C TRP A 119 -8.95 4.77 10.08
N ARG A 120 -8.66 4.20 11.25
CA ARG A 120 -9.29 4.62 12.49
C ARG A 120 -8.30 5.29 13.42
N ALA A 121 -8.80 6.14 14.31
CA ALA A 121 -7.95 6.86 15.25
C ALA A 121 -7.77 6.05 16.54
N ASP A 122 -6.70 6.35 17.26
CA ASP A 122 -6.41 5.66 18.51
C ASP A 122 -7.30 6.18 19.63
N SER A 123 -7.97 5.26 20.32
CA SER A 123 -8.85 5.62 21.43
C SER A 123 -8.08 6.31 22.54
N LYS A 124 -8.80 6.97 23.43
CA LYS A 124 -8.18 7.67 24.55
C LYS A 124 -7.64 6.69 25.58
N GLY A 125 -6.42 6.95 26.06
CA GLY A 125 -5.82 6.08 27.05
C GLY A 125 -4.90 6.83 27.99
N ASN A 126 -3.82 6.19 28.41
CA ASN A 126 -2.86 6.80 29.32
C ASN A 126 -1.81 7.60 28.55
N TYR A 127 -2.25 8.67 27.92
CA TYR A 127 -1.35 9.52 27.15
C TYR A 127 -1.06 10.81 27.89
N ALA A 128 0.01 11.51 27.48
CA ALA A 128 0.40 12.76 28.11
C ALA A 128 0.76 13.81 27.06
N SER A 129 -0.10 14.81 26.92
CA SER A 129 0.13 15.89 25.95
C SER A 129 -0.26 17.24 26.54
N THR A 130 0.34 18.30 26.00
CA THR A 130 0.05 19.65 26.48
C THR A 130 -0.09 20.62 25.30
N GLY A 131 -0.56 20.11 24.18
CA GLY A 131 -0.73 20.93 23.00
C GLY A 131 -1.28 20.16 21.81
N VAL A 132 -0.46 19.29 21.24
CA VAL A 132 -0.87 18.49 20.09
C VAL A 132 -1.21 17.07 20.52
N SER A 133 -2.46 16.67 20.26
CA SER A 133 -2.92 15.33 20.62
C SER A 133 -4.29 15.05 20.01
N ARG A 134 -4.66 13.78 19.99
CA ARG A 134 -5.96 13.38 19.43
C ARG A 134 -6.88 12.86 20.53
N SER A 135 -7.85 13.70 20.90
CA SER A 135 -8.82 13.33 21.94
C SER A 135 -10.20 13.11 21.35
N GLU A 136 -10.25 12.63 20.10
CA GLU A 136 -11.51 12.38 19.43
C GLU A 136 -11.55 10.97 18.86
N HIS A 137 -12.76 10.49 18.57
CA HIS A 137 -12.94 9.15 18.04
C HIS A 137 -13.66 9.19 16.69
N ASP A 138 -12.96 9.64 15.66
CA ASP A 138 -13.53 9.73 14.32
C ASP A 138 -12.86 8.73 13.38
N THR A 139 -13.49 8.52 12.22
CA THR A 139 -12.96 7.59 11.23
C THR A 139 -12.31 8.34 10.06
N GLY A 140 -11.03 8.10 9.85
CA GLY A 140 -10.32 8.76 8.78
C GLY A 140 -10.59 8.12 7.43
N VAL A 141 -10.99 8.93 6.45
CA VAL A 141 -11.29 8.43 5.12
C VAL A 141 -10.92 9.46 4.05
N SER A 142 -10.17 9.02 3.04
CA SER A 142 -9.76 9.91 1.97
C SER A 142 -9.44 9.14 0.69
N PRO A 143 -9.92 9.61 -0.48
CA PRO A 143 -9.67 8.95 -1.76
C PRO A 143 -8.29 9.29 -2.32
N VAL A 144 -7.65 8.31 -2.94
CA VAL A 144 -6.32 8.53 -3.52
C VAL A 144 -6.03 7.52 -4.63
N PHE A 145 -5.09 7.87 -5.50
CA PHE A 145 -4.70 7.00 -6.60
C PHE A 145 -3.22 7.21 -6.95
N ALA A 146 -2.46 6.12 -6.92
CA ALA A 146 -1.03 6.20 -7.23
C ALA A 146 -0.69 5.32 -8.44
N GLY A 147 0.53 5.49 -8.95
CA GLY A 147 0.97 4.72 -10.09
C GLY A 147 2.47 4.52 -10.12
N GLY A 148 2.92 3.32 -10.47
CA GLY A 148 4.33 3.05 -10.53
C GLY A 148 4.66 1.82 -11.37
N VAL A 149 5.84 1.25 -11.14
CA VAL A 149 6.27 0.07 -11.88
C VAL A 149 6.79 -1.01 -10.92
N GLU A 150 6.96 -2.22 -11.44
CA GLU A 150 7.45 -3.33 -10.63
C GLU A 150 8.50 -4.13 -11.37
N TRP A 151 9.44 -4.69 -10.62
CA TRP A 151 10.52 -5.50 -11.20
C TRP A 151 10.67 -6.82 -10.45
N ALA A 152 10.67 -7.91 -11.20
CA ALA A 152 10.81 -9.24 -10.60
C ALA A 152 12.25 -9.73 -10.67
N VAL A 153 12.82 -10.05 -9.50
CA VAL A 153 14.18 -10.53 -9.42
C VAL A 153 14.22 -12.01 -9.02
N THR A 154 13.76 -12.29 -7.81
CA THR A 154 13.73 -13.67 -7.31
C THR A 154 12.51 -14.41 -7.84
N ARG A 155 12.47 -15.72 -7.59
CA ARG A 155 11.36 -16.54 -8.04
C ARG A 155 10.07 -16.18 -7.30
N ASP A 156 10.22 -15.66 -6.08
CA ASP A 156 9.07 -15.28 -5.27
C ASP A 156 9.36 -14.03 -4.46
N ILE A 157 10.19 -13.15 -5.01
CA ILE A 157 10.55 -11.91 -4.33
C ILE A 157 10.88 -10.80 -5.33
N ALA A 158 9.93 -9.92 -5.56
CA ALA A 158 10.12 -8.81 -6.49
C ALA A 158 10.09 -7.47 -5.77
N THR A 159 10.50 -6.42 -6.48
CA THR A 159 10.53 -5.07 -5.92
C THR A 159 9.75 -4.11 -6.81
N ARG A 160 9.07 -3.15 -6.19
CA ARG A 160 8.28 -2.19 -6.95
C ARG A 160 8.45 -0.77 -6.42
N LEU A 161 8.25 0.21 -7.31
CA LEU A 161 8.36 1.61 -6.95
C LEU A 161 7.09 2.34 -7.36
N GLU A 162 6.47 3.02 -6.39
CA GLU A 162 5.23 3.76 -6.65
C GLU A 162 5.48 5.26 -6.65
N TYR A 163 4.75 5.96 -7.50
CA TYR A 163 4.87 7.41 -7.61
C TYR A 163 3.50 8.08 -7.58
N GLN A 164 3.49 9.40 -7.37
CA GLN A 164 2.24 10.14 -7.31
C GLN A 164 1.73 10.47 -8.71
N TRP A 165 2.65 10.71 -9.63
CA TRP A 165 2.29 11.05 -11.01
C TRP A 165 2.63 9.89 -11.95
N VAL A 166 1.95 9.86 -13.09
CA VAL A 166 2.17 8.81 -14.08
C VAL A 166 2.68 9.40 -15.39
N ASN A 167 3.56 8.66 -16.06
CA ASN A 167 4.12 9.11 -17.33
C ASN A 167 3.03 9.34 -18.36
N ASN A 168 2.05 8.43 -18.39
CA ASN A 168 0.94 8.53 -19.33
C ASN A 168 -0.37 8.77 -18.61
N ILE A 169 -1.45 8.87 -19.37
CA ILE A 169 -2.78 9.10 -18.79
C ILE A 169 -3.84 8.27 -19.51
N GLY A 170 -4.51 7.39 -18.76
CA GLY A 170 -5.54 6.55 -19.33
C GLY A 170 -6.84 7.30 -19.56
N ASP A 171 -7.79 7.11 -18.65
CA ASP A 171 -9.08 7.76 -18.75
C ASP A 171 -9.43 8.48 -17.45
N ALA A 172 -9.91 9.72 -17.56
CA ALA A 172 -10.27 10.50 -16.39
C ALA A 172 -11.13 11.69 -16.79
N GLY A 173 -12.25 11.88 -16.07
CA GLY A 173 -13.14 12.98 -16.36
C GLY A 173 -13.03 14.10 -15.35
N THR A 174 -12.72 13.75 -14.11
CA THR A 174 -12.59 14.72 -13.04
C THR A 174 -11.60 14.24 -11.98
N VAL A 175 -10.91 15.19 -11.35
CA VAL A 175 -9.94 14.85 -10.31
C VAL A 175 -10.12 15.75 -9.09
N GLY A 176 -10.40 15.12 -7.95
CA GLY A 176 -10.59 15.87 -6.72
C GLY A 176 -9.60 15.45 -5.64
N THR A 177 -8.46 16.13 -5.59
CA THR A 177 -7.44 15.83 -4.60
C THR A 177 -6.84 17.11 -4.03
N ARG A 178 -7.24 17.45 -2.81
CA ARG A 178 -6.74 18.65 -2.15
C ARG A 178 -5.29 18.47 -1.69
N PRO A 179 -5.03 17.50 -0.81
CA PRO A 179 -3.68 17.25 -0.29
C PRO A 179 -2.73 16.74 -1.37
N ASP A 180 -3.15 15.69 -2.08
CA ASP A 180 -2.34 15.11 -3.14
C ASP A 180 -3.11 14.03 -3.89
N ASN A 181 -2.55 13.57 -5.00
CA ASN A 181 -3.19 12.54 -5.81
C ASN A 181 -2.63 11.15 -5.47
N GLY A 182 -1.31 11.08 -5.35
CA GLY A 182 -0.67 9.81 -5.02
C GLY A 182 0.44 9.96 -4.01
N MET A 183 1.20 8.88 -3.80
CA MET A 183 2.31 8.90 -2.86
C MET A 183 3.49 8.09 -3.39
N LEU A 184 4.68 8.67 -3.33
CA LEU A 184 5.89 8.00 -3.80
C LEU A 184 6.53 7.19 -2.68
N SER A 185 6.95 5.97 -3.01
CA SER A 185 7.58 5.10 -2.02
C SER A 185 8.18 3.85 -2.67
N LEU A 186 9.01 3.14 -1.90
CA LEU A 186 9.65 1.92 -2.39
C LEU A 186 9.19 0.72 -1.58
N GLY A 187 8.96 -0.41 -2.26
CA GLY A 187 8.51 -1.60 -1.55
C GLY A 187 8.87 -2.89 -2.25
N VAL A 188 8.65 -4.00 -1.57
CA VAL A 188 8.94 -5.33 -2.10
C VAL A 188 7.73 -6.24 -1.93
N SER A 189 7.46 -7.06 -2.95
CA SER A 189 6.31 -7.98 -2.89
C SER A 189 6.69 -9.36 -3.38
N TYR A 190 5.75 -10.30 -3.27
CA TYR A 190 5.97 -11.67 -3.71
C TYR A 190 4.68 -12.26 -4.28
N ARG A 191 4.83 -13.18 -5.22
CA ARG A 191 3.68 -13.83 -5.85
C ARG A 191 3.11 -14.92 -4.95
N PHE A 192 1.84 -15.25 -5.15
CA PHE A 192 1.19 -16.28 -4.36
C PHE A 192 1.57 -17.67 -4.84
N GLY A 193 2.64 -18.22 -4.25
CA GLY A 193 3.11 -19.54 -4.63
C GLY A 193 3.07 -20.52 -3.48
N GLN A 194 2.56 -21.71 -3.74
CA GLN A 194 2.47 -22.75 -2.72
C GLN A 194 2.43 -24.15 -3.34
N GLU A 195 3.49 -24.91 -3.14
CA GLU A 195 3.58 -26.26 -3.68
C GLU A 195 2.85 -27.25 -2.80
N ASP A 196 2.44 -28.37 -3.38
CA ASP A 196 1.73 -29.40 -2.64
C ASP A 196 2.70 -30.27 -1.83
N ALA A 197 2.17 -30.98 -0.85
CA ALA A 197 3.00 -31.84 -0.01
C ALA A 197 2.20 -33.04 0.48
N ALA A 198 2.78 -34.23 0.34
CA ALA A 198 2.13 -35.46 0.76
C ALA A 198 3.14 -36.45 1.32
N PRO A 199 2.90 -36.98 2.53
CA PRO A 199 3.81 -37.95 3.17
C PRO A 199 4.10 -39.15 2.27
N VAL A 200 5.20 -39.06 1.51
CA VAL A 200 5.60 -40.14 0.61
C VAL A 200 7.11 -40.31 0.59
N VAL A 201 7.59 -41.24 1.42
CA VAL A 201 9.02 -41.51 1.50
C VAL A 201 9.48 -42.39 0.33
N ALA A 202 9.48 -41.82 -0.87
CA ALA A 202 9.90 -42.53 -2.06
C ALA A 202 11.42 -42.68 -2.12
N PRO A 203 12.15 -41.55 -2.17
CA PRO A 203 13.61 -41.56 -2.23
C PRO A 203 14.25 -41.93 -0.89
N ALA A 204 13.73 -41.36 0.19
CA ALA A 204 14.25 -41.63 1.52
C ALA A 204 13.89 -43.06 1.97
N PRO A 205 14.89 -43.95 2.10
CA PRO A 205 14.67 -45.33 2.52
C PRO A 205 14.43 -45.45 4.02
N ALA A 206 13.21 -45.80 4.40
CA ALA A 206 12.86 -45.95 5.81
C ALA A 206 13.04 -47.40 6.28
N PRO A 207 12.39 -48.35 5.60
CA PRO A 207 12.48 -49.78 5.96
C PRO A 207 13.93 -50.26 6.07
N ALA A 208 14.42 -50.32 7.30
CA ALA A 208 15.79 -50.76 7.55
C ALA A 208 15.87 -52.29 7.60
N PRO A 209 15.19 -52.92 8.57
CA PRO A 209 15.21 -54.38 8.72
C PRO A 209 14.36 -55.08 7.67
N GLU A 210 13.15 -54.57 7.44
CA GLU A 210 12.25 -55.14 6.46
C GLU A 210 11.41 -54.06 5.79
N ALA A 1 -16.59 -35.06 -16.64
CA ALA A 1 -17.72 -35.15 -15.68
C ALA A 1 -18.94 -34.39 -16.19
N ARG A 2 -20.11 -34.76 -15.70
CA ARG A 2 -21.36 -34.11 -16.11
C ARG A 2 -22.21 -33.76 -14.89
N ILE A 3 -21.93 -32.61 -14.30
CA ILE A 3 -22.67 -32.15 -13.13
C ILE A 3 -23.32 -30.79 -13.38
N MET A 4 -24.42 -30.54 -12.68
CA MET A 4 -25.13 -29.27 -12.83
C MET A 4 -25.59 -28.73 -11.47
N LYS A 5 -24.85 -27.76 -10.96
CA LYS A 5 -25.18 -27.16 -9.66
C LYS A 5 -25.56 -25.69 -9.83
N ALA A 6 -26.58 -25.26 -9.09
CA ALA A 6 -27.04 -23.88 -9.15
C ALA A 6 -26.47 -23.06 -8.01
N ILE A 7 -25.25 -23.39 -7.60
CA ILE A 7 -24.59 -22.67 -6.51
C ILE A 7 -24.17 -21.27 -6.95
N PHE A 8 -24.82 -20.27 -6.38
CA PHE A 8 -24.52 -18.87 -6.71
C PHE A 8 -24.99 -17.94 -5.60
N VAL A 9 -24.19 -17.81 -4.55
CA VAL A 9 -24.54 -16.95 -3.42
C VAL A 9 -23.53 -15.81 -3.29
N LEU A 10 -22.27 -16.16 -3.11
CA LEU A 10 -21.21 -15.17 -2.96
C LEU A 10 -20.57 -14.85 -4.31
N ASN A 11 -19.81 -13.76 -4.36
CA ASN A 11 -19.13 -13.36 -5.59
C ASN A 11 -17.76 -14.00 -5.70
N ALA A 12 -17.72 -15.32 -5.58
CA ALA A 12 -16.47 -16.07 -5.66
C ALA A 12 -16.22 -16.57 -7.07
N ALA A 13 -15.18 -16.07 -7.71
CA ALA A 13 -14.84 -16.47 -9.07
C ALA A 13 -14.55 -17.96 -9.14
N PRO A 14 -14.88 -18.60 -10.28
CA PRO A 14 -14.66 -20.03 -10.47
C PRO A 14 -13.18 -20.38 -10.63
N LYS A 15 -12.46 -19.54 -11.38
CA LYS A 15 -11.04 -19.76 -11.62
C LYS A 15 -10.25 -18.48 -11.37
N ASP A 16 -9.44 -18.48 -10.32
CA ASP A 16 -8.64 -17.32 -9.97
C ASP A 16 -7.58 -17.06 -11.05
N ASN A 17 -6.94 -15.89 -10.98
CA ASN A 17 -5.92 -15.52 -11.94
C ASN A 17 -4.53 -15.54 -11.29
N THR A 18 -4.27 -14.57 -10.42
CA THR A 18 -2.99 -14.48 -9.73
C THR A 18 -3.12 -13.70 -8.43
N TRP A 19 -2.23 -13.98 -7.49
CA TRP A 19 -2.25 -13.29 -6.19
C TRP A 19 -0.92 -12.57 -5.95
N TYR A 20 -1.01 -11.32 -5.53
CA TYR A 20 0.18 -10.52 -5.25
C TYR A 20 0.09 -9.87 -3.88
N ALA A 21 1.19 -9.91 -3.13
CA ALA A 21 1.22 -9.32 -1.80
C ALA A 21 2.59 -8.72 -1.50
N GLY A 22 2.60 -7.57 -0.82
CA GLY A 22 3.85 -6.92 -0.48
C GLY A 22 3.64 -5.66 0.35
N GLY A 23 4.73 -4.92 0.56
CA GLY A 23 4.63 -3.70 1.34
C GLY A 23 5.61 -2.63 0.86
N LYS A 24 5.21 -1.37 1.01
CA LYS A 24 6.05 -0.25 0.58
C LYS A 24 6.10 0.85 1.64
N LEU A 25 7.20 1.59 1.65
CA LEU A 25 7.37 2.68 2.61
C LEU A 25 7.81 3.95 1.89
N GLY A 26 7.41 5.10 2.42
CA GLY A 26 7.77 6.36 1.81
C GLY A 26 7.56 7.55 2.74
N TRP A 27 7.58 8.75 2.18
CA TRP A 27 7.39 9.97 2.95
C TRP A 27 6.59 11.01 2.17
N SER A 28 6.01 11.96 2.89
CA SER A 28 5.21 13.01 2.27
C SER A 28 5.78 14.39 2.57
N GLN A 29 5.66 15.30 1.61
CA GLN A 29 6.18 16.65 1.77
C GLN A 29 5.29 17.66 1.03
N TYR A 30 4.69 18.57 1.80
CA TYR A 30 3.81 19.59 1.21
C TYR A 30 4.35 20.98 1.50
N HIS A 31 3.75 21.99 0.85
CA HIS A 31 4.17 23.37 1.04
C HIS A 31 2.96 24.30 1.01
N ASP A 32 2.80 25.09 2.06
CA ASP A 32 1.69 26.03 2.16
C ASP A 32 2.17 27.40 2.65
N THR A 33 1.45 28.44 2.28
CA THR A 33 1.79 29.80 2.67
C THR A 33 0.78 30.34 3.69
N GLY A 34 -0.46 29.87 3.58
CA GLY A 34 -1.50 30.33 4.50
C GLY A 34 -2.43 31.33 3.85
N PHE A 35 -3.72 31.21 4.17
CA PHE A 35 -4.73 32.11 3.61
C PHE A 35 -5.39 32.93 4.72
N TYR A 36 -6.15 32.26 5.58
CA TYR A 36 -6.83 32.92 6.68
C TYR A 36 -6.56 32.21 8.00
N GLY A 37 -6.80 30.90 8.00
CA GLY A 37 -6.58 30.12 9.22
C GLY A 37 -5.10 29.91 9.50
N ASN A 38 -4.65 30.39 10.66
CA ASN A 38 -3.26 30.25 11.05
C ASN A 38 -2.96 28.82 11.50
N GLY A 39 -3.92 28.20 12.17
CA GLY A 39 -3.74 26.85 12.64
C GLY A 39 -4.97 25.98 12.40
N PHE A 40 -4.98 24.79 12.99
CA PHE A 40 -6.10 23.87 12.83
C PHE A 40 -6.89 23.76 14.13
N GLN A 41 -8.06 23.11 14.05
CA GLN A 41 -8.91 22.94 15.22
C GLN A 41 -8.20 22.13 16.29
N ASN A 42 -7.64 20.99 15.90
CA ASN A 42 -6.94 20.12 16.83
C ASN A 42 -5.45 20.44 16.85
N ASN A 43 -4.84 20.34 18.03
CA ASN A 43 -3.42 20.62 18.18
C ASN A 43 -2.58 19.68 17.33
N ASN A 44 -2.18 20.16 16.16
CA ASN A 44 -1.37 19.36 15.24
C ASN A 44 -0.13 20.13 14.79
N GLY A 45 1.02 19.75 15.32
CA GLY A 45 2.25 20.41 14.95
C GLY A 45 3.48 19.53 15.18
N PRO A 46 4.44 19.53 14.24
CA PRO A 46 5.66 18.72 14.35
C PRO A 46 6.63 19.27 15.38
N THR A 47 7.82 18.67 15.45
CA THR A 47 8.85 19.11 16.39
C THR A 47 10.24 18.95 15.78
N ARG A 48 10.69 17.70 15.70
CA ARG A 48 12.00 17.40 15.13
C ARG A 48 12.00 16.04 14.43
N ASN A 49 10.85 15.66 13.90
CA ASN A 49 10.71 14.39 13.20
C ASN A 49 10.29 14.61 11.75
N ASP A 50 10.48 13.58 10.93
CA ASP A 50 10.12 13.66 9.51
C ASP A 50 8.76 13.01 9.26
N GLN A 51 8.30 13.08 8.01
CA GLN A 51 7.02 12.51 7.65
C GLN A 51 7.21 11.22 6.83
N LEU A 52 7.41 10.12 7.53
CA LEU A 52 7.60 8.83 6.88
C LEU A 52 6.62 7.78 7.41
N GLY A 53 6.17 6.90 6.52
CA GLY A 53 5.23 5.86 6.93
C GLY A 53 5.32 4.63 6.04
N ALA A 54 4.83 3.50 6.56
CA ALA A 54 4.85 2.26 5.79
C ALA A 54 3.43 1.77 5.53
N GLY A 55 3.29 0.88 4.56
CA GLY A 55 1.98 0.35 4.23
C GLY A 55 2.05 -0.90 3.38
N ALA A 56 1.10 -1.81 3.58
CA ALA A 56 1.05 -3.05 2.84
C ALA A 56 0.10 -2.94 1.64
N PHE A 57 0.26 -3.83 0.68
CA PHE A 57 -0.58 -3.82 -0.51
C PHE A 57 -0.72 -5.23 -1.10
N GLY A 58 -1.94 -5.56 -1.53
CA GLY A 58 -2.18 -6.87 -2.11
C GLY A 58 -3.02 -6.80 -3.36
N GLY A 59 -2.51 -7.36 -4.45
CA GLY A 59 -3.25 -7.34 -5.71
C GLY A 59 -4.00 -8.64 -5.95
N TYR A 60 -5.29 -8.51 -6.29
CA TYR A 60 -6.13 -9.67 -6.55
C TYR A 60 -6.86 -9.51 -7.89
N GLN A 61 -6.46 -10.32 -8.86
CA GLN A 61 -7.08 -10.27 -10.19
C GLN A 61 -8.27 -11.22 -10.26
N VAL A 62 -9.35 -10.74 -10.88
CA VAL A 62 -10.56 -11.55 -11.01
C VAL A 62 -11.11 -11.47 -12.44
N ASN A 63 -11.23 -10.26 -12.94
CA ASN A 63 -11.74 -10.04 -14.30
C ASN A 63 -10.62 -9.61 -15.24
N PRO A 64 -10.65 -10.08 -16.50
CA PRO A 64 -9.63 -9.73 -17.48
C PRO A 64 -9.64 -8.25 -17.85
N TYR A 65 -9.18 -7.41 -16.93
CA TYR A 65 -9.15 -5.97 -17.16
C TYR A 65 -8.51 -5.23 -15.98
N LEU A 66 -8.79 -5.69 -14.77
CA LEU A 66 -8.25 -5.07 -13.57
C LEU A 66 -8.48 -5.94 -12.34
N GLY A 67 -7.76 -5.64 -11.26
CA GLY A 67 -7.91 -6.42 -10.04
C GLY A 67 -8.12 -5.54 -8.83
N PHE A 68 -8.57 -6.14 -7.73
CA PHE A 68 -8.81 -5.40 -6.49
C PHE A 68 -7.51 -5.21 -5.73
N GLU A 69 -7.27 -3.97 -5.28
CA GLU A 69 -6.06 -3.66 -4.54
C GLU A 69 -6.36 -3.32 -3.09
N MET A 70 -5.88 -4.15 -2.17
CA MET A 70 -6.09 -3.94 -0.75
C MET A 70 -4.81 -3.43 -0.09
N GLY A 71 -4.87 -2.19 0.41
CA GLY A 71 -3.70 -1.61 1.05
C GLY A 71 -3.86 -1.47 2.55
N TYR A 72 -2.73 -1.40 3.25
CA TYR A 72 -2.73 -1.27 4.69
C TYR A 72 -1.85 -0.11 5.14
N ASP A 73 -2.40 0.76 5.98
CA ASP A 73 -1.64 1.91 6.47
C ASP A 73 -1.03 1.62 7.84
N TRP A 74 0.29 1.72 7.92
CA TRP A 74 1.01 1.46 9.16
C TRP A 74 2.09 2.51 9.39
N LEU A 75 1.97 3.25 10.49
CA LEU A 75 2.93 4.30 10.81
C LEU A 75 3.29 4.25 12.30
N GLY A 76 4.20 3.34 12.65
CA GLY A 76 4.62 3.21 14.03
C GLY A 76 5.16 1.83 14.35
N ARG A 77 5.68 1.66 15.56
CA ARG A 77 6.23 0.39 15.98
C ARG A 77 5.11 -0.60 16.34
N MET A 78 5.50 -1.75 16.88
CA MET A 78 4.53 -2.78 17.26
C MET A 78 4.26 -2.72 18.76
N ALA A 79 4.33 -1.52 19.34
CA ALA A 79 4.09 -1.34 20.76
C ALA A 79 2.76 -0.63 21.00
N TYR A 80 1.68 -1.23 20.49
CA TYR A 80 0.34 -0.67 20.65
C TYR A 80 -0.51 -1.56 21.54
N LYS A 81 -0.30 -2.86 21.43
CA LYS A 81 -1.06 -3.83 22.24
C LYS A 81 -0.86 -3.58 23.72
N GLY A 82 -1.87 -3.91 24.52
CA GLY A 82 -1.79 -3.71 25.96
C GLY A 82 -1.29 -4.94 26.68
N SER A 83 -1.74 -5.13 27.91
CA SER A 83 -1.34 -6.27 28.71
C SER A 83 -2.40 -6.61 29.77
N VAL A 84 -2.87 -5.58 30.46
CA VAL A 84 -3.88 -5.76 31.50
C VAL A 84 -4.98 -4.71 31.39
N ASP A 85 -5.41 -4.44 30.16
CA ASP A 85 -6.45 -3.45 29.90
C ASP A 85 -7.83 -4.08 30.03
N ASN A 86 -8.87 -3.29 29.76
CA ASN A 86 -10.24 -3.77 29.84
C ASN A 86 -10.89 -3.80 28.46
N GLY A 87 -11.00 -2.63 27.84
CA GLY A 87 -11.60 -2.55 26.53
C GLY A 87 -10.74 -3.18 25.45
N ALA A 88 -10.96 -2.78 24.20
CA ALA A 88 -10.20 -3.31 23.08
C ALA A 88 -9.38 -2.21 22.41
N PHE A 89 -8.09 -2.48 22.19
CA PHE A 89 -7.21 -1.53 21.56
C PHE A 89 -6.68 -2.06 20.23
N LYS A 90 -7.14 -1.48 19.13
CA LYS A 90 -6.71 -1.91 17.80
C LYS A 90 -6.72 -0.74 16.83
N ALA A 91 -5.67 -0.63 16.02
CA ALA A 91 -5.55 0.45 15.05
C ALA A 91 -4.78 -0.01 13.82
N GLN A 92 -5.30 0.30 12.64
CA GLN A 92 -4.65 -0.08 11.39
C GLN A 92 -5.41 0.50 10.20
N GLY A 93 -4.67 0.99 9.22
CA GLY A 93 -5.30 1.58 8.04
C GLY A 93 -5.68 0.53 7.00
N VAL A 94 -6.83 0.73 6.38
CA VAL A 94 -7.31 -0.19 5.34
C VAL A 94 -7.65 0.59 4.07
N GLN A 95 -6.99 0.22 2.97
CA GLN A 95 -7.21 0.89 1.70
C GLN A 95 -7.96 0.00 0.71
N LEU A 96 -8.93 0.58 0.03
CA LEU A 96 -9.73 -0.14 -0.97
C LEU A 96 -9.62 0.57 -2.32
N THR A 97 -8.87 -0.03 -3.25
CA THR A 97 -8.68 0.57 -4.56
C THR A 97 -8.58 -0.48 -5.65
N ALA A 98 -8.64 -0.02 -6.90
CA ALA A 98 -8.55 -0.91 -8.05
C ALA A 98 -7.18 -0.76 -8.71
N LYS A 99 -6.46 -1.87 -8.81
CA LYS A 99 -5.12 -1.85 -9.40
C LYS A 99 -5.06 -2.65 -10.69
N LEU A 100 -4.47 -2.05 -11.72
CA LEU A 100 -4.32 -2.69 -13.01
C LEU A 100 -2.85 -2.64 -13.45
N GLY A 101 -2.30 -3.80 -13.79
CA GLY A 101 -0.90 -3.85 -14.20
C GLY A 101 -0.71 -4.37 -15.61
N TYR A 102 0.54 -4.49 -16.02
CA TYR A 102 0.88 -4.99 -17.35
C TYR A 102 2.37 -5.34 -17.43
N PRO A 103 2.69 -6.59 -17.80
CA PRO A 103 4.09 -7.05 -17.91
C PRO A 103 4.76 -6.57 -19.19
N ILE A 104 6.10 -6.58 -19.19
CA ILE A 104 6.86 -6.16 -20.37
C ILE A 104 7.68 -7.32 -20.93
N THR A 105 8.20 -8.16 -20.05
CA THR A 105 9.00 -9.30 -20.47
C THR A 105 9.11 -10.33 -19.35
N ASP A 106 8.01 -10.53 -18.62
CA ASP A 106 7.99 -11.49 -17.52
C ASP A 106 9.06 -11.16 -16.48
N ASP A 107 9.12 -9.90 -16.09
CA ASP A 107 10.09 -9.44 -15.10
C ASP A 107 9.90 -7.96 -14.80
N LEU A 108 9.57 -7.19 -15.82
CA LEU A 108 9.36 -5.75 -15.67
C LEU A 108 7.92 -5.40 -16.04
N ASP A 109 7.11 -5.13 -15.04
CA ASP A 109 5.70 -4.78 -15.27
C ASP A 109 5.32 -3.47 -14.61
N ILE A 110 4.20 -2.91 -15.04
CA ILE A 110 3.71 -1.65 -14.49
C ILE A 110 2.39 -1.87 -13.76
N TYR A 111 2.04 -0.96 -12.87
CA TYR A 111 0.79 -1.08 -12.11
C TYR A 111 0.30 0.27 -11.62
N THR A 112 -1.02 0.47 -11.72
CA THR A 112 -1.64 1.71 -11.27
C THR A 112 -2.87 1.41 -10.42
N ARG A 113 -2.91 1.99 -9.22
CA ARG A 113 -4.03 1.76 -8.31
C ARG A 113 -4.76 3.07 -7.99
N LEU A 114 -6.08 3.04 -8.12
CA LEU A 114 -6.91 4.21 -7.85
C LEU A 114 -8.09 3.83 -6.95
N GLY A 115 -8.20 4.49 -5.81
CA GLY A 115 -9.28 4.21 -4.88
C GLY A 115 -9.28 5.12 -3.68
N GLY A 116 -9.56 4.57 -2.51
CA GLY A 116 -9.60 5.38 -1.30
C GLY A 116 -8.96 4.68 -0.11
N MET A 117 -8.64 5.45 0.92
CA MET A 117 -8.02 4.92 2.12
C MET A 117 -8.86 5.23 3.35
N VAL A 118 -9.04 4.23 4.21
CA VAL A 118 -9.83 4.40 5.44
C VAL A 118 -9.06 3.92 6.65
N TRP A 119 -8.82 4.82 7.60
CA TRP A 119 -8.10 4.49 8.82
C TRP A 119 -8.99 4.60 10.04
N ARG A 120 -8.79 3.71 11.01
CA ARG A 120 -9.59 3.71 12.22
C ARG A 120 -8.73 3.40 13.45
N ALA A 121 -8.68 4.34 14.38
CA ALA A 121 -7.88 4.17 15.60
C ALA A 121 -8.67 4.58 16.84
N ASP A 122 -8.31 4.01 17.98
CA ASP A 122 -8.98 4.32 19.24
C ASP A 122 -8.10 4.00 20.43
N SER A 123 -7.99 4.93 21.36
CA SER A 123 -7.17 4.74 22.56
C SER A 123 -7.95 5.11 23.82
N LYS A 124 -8.53 4.10 24.46
CA LYS A 124 -9.30 4.30 25.67
C LYS A 124 -8.79 3.42 26.80
N GLY A 125 -7.81 3.92 27.55
CA GLY A 125 -7.25 3.15 28.64
C GLY A 125 -8.04 3.31 29.92
N ASN A 126 -9.15 2.60 30.02
CA ASN A 126 -10.00 2.66 31.20
C ASN A 126 -9.98 1.34 31.96
N TYR A 127 -10.05 1.42 33.29
CA TYR A 127 -10.04 0.23 34.13
C TYR A 127 -11.44 -0.38 34.24
N ALA A 128 -12.44 0.49 34.25
CA ALA A 128 -13.83 0.03 34.34
C ALA A 128 -14.62 0.40 33.10
N SER A 129 -15.91 0.11 33.10
CA SER A 129 -16.77 0.41 31.97
C SER A 129 -17.70 1.59 32.28
N THR A 130 -17.12 2.64 32.87
CA THR A 130 -17.89 3.82 33.23
C THR A 130 -18.28 4.60 31.97
N GLY A 131 -19.29 5.47 32.11
CA GLY A 131 -19.74 6.26 30.98
C GLY A 131 -19.30 7.71 31.08
N VAL A 132 -19.24 8.38 29.94
CA VAL A 132 -18.83 9.78 29.90
C VAL A 132 -19.61 10.55 28.84
N SER A 133 -19.57 11.88 28.92
CA SER A 133 -20.27 12.73 27.96
C SER A 133 -19.47 12.84 26.66
N ARG A 134 -18.14 12.84 26.78
CA ARG A 134 -17.27 12.95 25.62
C ARG A 134 -16.67 11.58 25.27
N SER A 135 -16.50 11.34 23.98
CA SER A 135 -15.94 10.09 23.50
C SER A 135 -14.71 10.34 22.62
N GLU A 136 -13.82 9.36 22.56
CA GLU A 136 -12.61 9.47 21.74
C GLU A 136 -12.65 8.48 20.58
N HIS A 137 -13.28 8.89 19.49
CA HIS A 137 -13.39 8.04 18.31
C HIS A 137 -13.25 8.87 17.03
N ASP A 138 -12.26 8.53 16.22
CA ASP A 138 -12.03 9.24 14.96
C ASP A 138 -11.84 8.26 13.80
N THR A 139 -12.27 8.68 12.62
CA THR A 139 -12.14 7.84 11.43
C THR A 139 -11.56 8.64 10.26
N GLY A 140 -10.38 8.24 9.80
CA GLY A 140 -9.75 8.92 8.70
C GLY A 140 -10.11 8.32 7.35
N VAL A 141 -10.49 9.17 6.41
CA VAL A 141 -10.87 8.72 5.07
C VAL A 141 -10.47 9.72 4.00
N SER A 142 -9.72 9.25 3.01
CA SER A 142 -9.27 10.13 1.92
C SER A 142 -8.96 9.32 0.66
N PRO A 143 -9.26 9.88 -0.52
CA PRO A 143 -9.00 9.22 -1.81
C PRO A 143 -7.54 9.34 -2.23
N VAL A 144 -7.03 8.33 -2.92
CA VAL A 144 -5.66 8.34 -3.38
C VAL A 144 -5.46 7.41 -4.57
N PHE A 145 -4.36 7.60 -5.30
CA PHE A 145 -4.04 6.78 -6.46
C PHE A 145 -2.53 6.66 -6.63
N ALA A 146 -2.03 5.44 -6.58
CA ALA A 146 -0.60 5.19 -6.74
C ALA A 146 -0.30 4.49 -8.06
N GLY A 147 0.65 5.05 -8.80
CA GLY A 147 1.04 4.47 -10.08
C GLY A 147 2.54 4.35 -10.23
N GLY A 148 3.02 3.14 -10.50
CA GLY A 148 4.44 2.93 -10.66
C GLY A 148 4.77 1.70 -11.47
N VAL A 149 5.94 1.11 -11.18
CA VAL A 149 6.38 -0.09 -11.89
C VAL A 149 6.95 -1.12 -10.93
N GLU A 150 7.14 -2.35 -11.42
CA GLU A 150 7.68 -3.43 -10.60
C GLU A 150 8.73 -4.23 -11.37
N TRP A 151 9.83 -4.56 -10.69
CA TRP A 151 10.90 -5.33 -11.30
C TRP A 151 11.12 -6.64 -10.55
N ALA A 152 11.10 -7.75 -11.28
CA ALA A 152 11.30 -9.06 -10.68
C ALA A 152 12.78 -9.44 -10.61
N VAL A 153 13.25 -9.75 -9.40
CA VAL A 153 14.64 -10.13 -9.20
C VAL A 153 14.74 -11.57 -8.71
N THR A 154 14.24 -12.50 -9.52
CA THR A 154 14.26 -13.92 -9.18
C THR A 154 13.81 -14.16 -7.73
N ARG A 155 14.02 -15.37 -7.25
CA ARG A 155 13.65 -15.73 -5.88
C ARG A 155 12.15 -15.50 -5.64
N ASP A 156 11.38 -15.47 -6.72
CA ASP A 156 9.94 -15.25 -6.62
C ASP A 156 9.63 -13.95 -5.89
N ILE A 157 10.57 -13.02 -5.91
CA ILE A 157 10.39 -11.73 -5.24
C ILE A 157 10.71 -10.58 -6.18
N ALA A 158 9.88 -9.55 -6.16
CA ALA A 158 10.07 -8.38 -7.02
C ALA A 158 9.97 -7.08 -6.22
N THR A 159 10.53 -6.01 -6.76
CA THR A 159 10.50 -4.71 -6.12
C THR A 159 9.42 -3.83 -6.76
N ARG A 160 8.74 -3.05 -5.94
CA ARG A 160 7.68 -2.19 -6.45
C ARG A 160 7.91 -0.72 -6.06
N LEU A 161 7.97 0.13 -7.07
CA LEU A 161 8.16 1.56 -6.86
C LEU A 161 6.94 2.32 -7.38
N GLU A 162 6.24 2.99 -6.46
CA GLU A 162 5.04 3.74 -6.83
C GLU A 162 5.26 5.25 -6.75
N TYR A 163 4.63 5.98 -7.66
CA TYR A 163 4.74 7.43 -7.70
C TYR A 163 3.36 8.07 -7.86
N GLN A 164 3.28 9.38 -7.62
CA GLN A 164 2.02 10.10 -7.75
C GLN A 164 2.22 11.58 -7.46
N TRP A 165 2.16 12.40 -8.51
CA TRP A 165 2.32 13.84 -8.37
C TRP A 165 1.80 14.58 -9.59
N VAL A 166 0.79 15.43 -9.39
CA VAL A 166 0.19 16.19 -10.48
C VAL A 166 0.25 17.68 -10.19
N ASN A 167 0.92 18.43 -11.06
CA ASN A 167 1.04 19.87 -10.90
C ASN A 167 0.30 20.61 -12.02
N ASN A 168 0.36 20.06 -13.23
CA ASN A 168 -0.30 20.66 -14.38
C ASN A 168 -1.81 20.54 -14.26
N ILE A 169 -2.38 21.23 -13.29
CA ILE A 169 -3.84 21.20 -13.08
C ILE A 169 -4.32 22.49 -12.41
N GLY A 170 -3.64 23.59 -12.70
CA GLY A 170 -4.02 24.86 -12.13
C GLY A 170 -4.89 25.69 -13.07
N ASP A 171 -6.04 25.13 -13.43
CA ASP A 171 -6.97 25.82 -14.34
C ASP A 171 -8.07 26.52 -13.55
N ALA A 172 -8.24 27.81 -13.81
CA ALA A 172 -9.26 28.59 -13.13
C ALA A 172 -10.08 29.41 -14.13
N GLY A 173 -11.40 29.25 -14.06
CA GLY A 173 -12.28 29.97 -14.97
C GLY A 173 -13.50 30.53 -14.26
N THR A 174 -14.34 29.64 -13.75
CA THR A 174 -15.54 30.05 -13.05
C THR A 174 -15.48 29.69 -11.58
N VAL A 175 -14.98 28.49 -11.29
CA VAL A 175 -14.85 28.02 -9.91
C VAL A 175 -13.46 27.48 -9.65
N GLY A 176 -13.13 27.28 -8.36
CA GLY A 176 -11.84 26.77 -8.00
C GLY A 176 -11.90 25.37 -7.42
N THR A 177 -10.77 24.69 -7.36
CA THR A 177 -10.71 23.34 -6.81
C THR A 177 -9.50 23.17 -5.90
N ARG A 178 -9.57 22.18 -5.01
CA ARG A 178 -8.48 21.91 -4.08
C ARG A 178 -7.60 20.77 -4.60
N PRO A 179 -6.40 21.09 -5.14
CA PRO A 179 -5.48 20.08 -5.67
C PRO A 179 -4.87 19.22 -4.56
N ASP A 180 -4.80 17.92 -4.81
CA ASP A 180 -4.24 16.98 -3.84
C ASP A 180 -3.03 16.26 -4.41
N ASN A 181 -1.85 16.56 -3.87
CA ASN A 181 -0.62 15.94 -4.33
C ASN A 181 -0.24 14.75 -3.44
N GLY A 182 0.43 13.78 -4.04
CA GLY A 182 0.84 12.59 -3.30
C GLY A 182 2.34 12.52 -3.10
N MET A 183 2.87 11.30 -3.03
CA MET A 183 4.30 11.10 -2.84
C MET A 183 4.74 9.75 -3.38
N LEU A 184 6.06 9.56 -3.50
CA LEU A 184 6.61 8.31 -4.00
C LEU A 184 6.97 7.38 -2.85
N SER A 185 6.97 6.08 -3.12
CA SER A 185 7.31 5.09 -2.10
C SER A 185 7.89 3.83 -2.72
N LEU A 186 8.75 3.15 -1.96
CA LEU A 186 9.39 1.92 -2.42
C LEU A 186 8.96 0.74 -1.55
N GLY A 187 8.82 -0.43 -2.17
CA GLY A 187 8.41 -1.61 -1.43
C GLY A 187 8.75 -2.90 -2.16
N VAL A 188 8.52 -4.02 -1.48
CA VAL A 188 8.80 -5.33 -2.06
C VAL A 188 7.57 -6.23 -1.95
N SER A 189 7.29 -6.97 -3.01
CA SER A 189 6.14 -7.87 -3.03
C SER A 189 6.48 -9.19 -3.72
N TYR A 190 5.56 -10.15 -3.62
CA TYR A 190 5.75 -11.45 -4.23
C TYR A 190 4.41 -12.05 -4.66
N ARG A 191 4.47 -13.01 -5.58
CA ARG A 191 3.26 -13.66 -6.08
C ARG A 191 2.98 -14.95 -5.30
N PHE A 192 1.69 -15.29 -5.20
CA PHE A 192 1.29 -16.50 -4.49
C PHE A 192 1.75 -17.75 -5.23
N GLY A 193 2.73 -18.44 -4.66
CA GLY A 193 3.25 -19.65 -5.29
C GLY A 193 3.56 -20.73 -4.28
N GLN A 194 4.21 -21.80 -4.74
CA GLN A 194 4.56 -22.91 -3.86
C GLN A 194 6.05 -23.21 -3.97
N GLU A 195 6.86 -22.45 -3.23
CA GLU A 195 8.31 -22.64 -3.24
C GLU A 195 8.74 -23.56 -2.10
N ASP A 196 10.01 -23.95 -2.12
CA ASP A 196 10.55 -24.82 -1.08
C ASP A 196 11.81 -24.23 -0.46
N ALA A 197 12.21 -24.77 0.69
CA ALA A 197 13.39 -24.29 1.38
C ALA A 197 14.29 -25.46 1.81
N ALA A 198 14.31 -26.51 1.00
CA ALA A 198 15.12 -27.68 1.29
C ALA A 198 15.54 -28.40 0.01
N PRO A 199 16.49 -27.81 -0.74
CA PRO A 199 16.97 -28.40 -2.01
C PRO A 199 17.95 -29.54 -1.78
N VAL A 200 17.52 -30.54 -1.02
CA VAL A 200 18.37 -31.70 -0.73
C VAL A 200 17.75 -32.98 -1.26
N VAL A 201 16.42 -33.02 -1.33
CA VAL A 201 15.71 -34.19 -1.83
C VAL A 201 14.92 -33.86 -3.08
N ALA A 202 14.78 -34.85 -3.96
CA ALA A 202 14.04 -34.67 -5.21
C ALA A 202 12.78 -35.53 -5.22
N PRO A 203 11.59 -34.89 -5.19
CA PRO A 203 10.31 -35.62 -5.21
C PRO A 203 10.07 -36.34 -6.54
N ALA A 204 10.12 -37.65 -6.51
CA ALA A 204 9.90 -38.46 -7.71
C ALA A 204 8.59 -39.25 -7.61
N PRO A 205 7.48 -38.68 -8.10
CA PRO A 205 6.18 -39.34 -8.07
C PRO A 205 6.23 -40.75 -8.65
N ALA A 206 5.88 -41.74 -7.82
CA ALA A 206 5.89 -43.13 -8.25
C ALA A 206 4.66 -43.44 -9.09
N PRO A 207 3.46 -43.14 -8.58
CA PRO A 207 2.20 -43.40 -9.30
C PRO A 207 2.21 -42.80 -10.70
N ALA A 208 2.21 -43.66 -11.72
CA ALA A 208 2.22 -43.21 -13.10
C ALA A 208 0.89 -42.59 -13.49
N PRO A 209 -0.21 -43.37 -13.41
CA PRO A 209 -1.55 -42.88 -13.75
C PRO A 209 -2.10 -41.93 -12.69
N GLU A 210 -2.86 -40.93 -13.14
CA GLU A 210 -3.45 -39.94 -12.24
C GLU A 210 -4.91 -39.72 -12.56
N ALA A 1 2.44 -24.71 -43.04
CA ALA A 1 3.32 -24.08 -42.01
C ALA A 1 3.41 -22.57 -42.21
N ARG A 2 3.26 -21.83 -41.12
CA ARG A 2 3.33 -20.37 -41.18
C ARG A 2 3.82 -19.80 -39.85
N ILE A 3 3.24 -20.28 -38.76
CA ILE A 3 3.62 -19.82 -37.43
C ILE A 3 4.83 -20.59 -36.91
N MET A 4 5.78 -19.86 -36.32
CA MET A 4 6.99 -20.48 -35.78
C MET A 4 7.34 -19.88 -34.43
N LYS A 5 6.33 -19.63 -33.61
CA LYS A 5 6.54 -19.05 -32.29
C LYS A 5 5.62 -19.69 -31.27
N ALA A 6 6.20 -20.38 -30.30
CA ALA A 6 5.42 -21.05 -29.25
C ALA A 6 4.82 -20.03 -28.29
N ILE A 7 3.56 -19.68 -28.52
CA ILE A 7 2.87 -18.72 -27.68
C ILE A 7 1.98 -19.43 -26.66
N PHE A 8 1.67 -18.73 -25.57
CA PHE A 8 0.81 -19.29 -24.52
C PHE A 8 0.20 -18.19 -23.68
N VAL A 9 -1.13 -18.09 -23.72
CA VAL A 9 -1.85 -17.08 -22.96
C VAL A 9 -3.01 -17.69 -22.18
N LEU A 10 -4.01 -18.18 -22.92
CA LEU A 10 -5.18 -18.79 -22.29
C LEU A 10 -5.76 -19.89 -23.18
N ASN A 11 -5.05 -21.01 -23.26
CA ASN A 11 -5.50 -22.14 -24.08
C ASN A 11 -6.62 -22.90 -23.39
N ALA A 12 -6.35 -23.42 -22.20
CA ALA A 12 -7.34 -24.18 -21.44
C ALA A 12 -7.54 -23.57 -20.05
N ALA A 13 -7.37 -22.26 -19.96
CA ALA A 13 -7.53 -21.56 -18.68
C ALA A 13 -8.81 -20.72 -18.68
N PRO A 14 -9.77 -21.04 -17.79
CA PRO A 14 -11.03 -20.30 -17.70
C PRO A 14 -10.84 -18.90 -17.14
N LYS A 15 -10.05 -18.79 -16.08
CA LYS A 15 -9.78 -17.51 -15.44
C LYS A 15 -8.41 -17.49 -14.78
N ASP A 16 -7.55 -16.59 -15.25
CA ASP A 16 -6.20 -16.48 -14.70
C ASP A 16 -6.23 -15.90 -13.29
N ASN A 17 -6.46 -16.75 -12.31
CA ASN A 17 -6.51 -16.33 -10.92
C ASN A 17 -5.12 -16.35 -10.29
N THR A 18 -4.81 -15.31 -9.51
CA THR A 18 -3.52 -15.21 -8.86
C THR A 18 -3.61 -14.34 -7.61
N TRP A 19 -2.50 -14.23 -6.89
CA TRP A 19 -2.46 -13.42 -5.67
C TRP A 19 -1.13 -12.68 -5.55
N TYR A 20 -1.15 -11.57 -4.82
CA TYR A 20 0.05 -10.76 -4.63
C TYR A 20 0.05 -10.13 -3.24
N ALA A 21 1.20 -10.17 -2.58
CA ALA A 21 1.34 -9.60 -1.24
C ALA A 21 2.73 -9.01 -1.03
N GLY A 22 2.77 -7.86 -0.36
CA GLY A 22 4.05 -7.21 -0.11
C GLY A 22 3.89 -5.94 0.72
N GLY A 23 4.98 -5.19 0.85
CA GLY A 23 4.94 -3.96 1.61
C GLY A 23 5.85 -2.90 1.04
N LYS A 24 5.48 -1.63 1.23
CA LYS A 24 6.27 -0.52 0.74
C LYS A 24 6.50 0.53 1.81
N LEU A 25 7.58 1.29 1.68
CA LEU A 25 7.92 2.33 2.65
C LEU A 25 8.17 3.65 1.93
N GLY A 26 7.68 4.74 2.52
CA GLY A 26 7.87 6.05 1.93
C GLY A 26 8.03 7.15 2.97
N TRP A 27 8.37 8.34 2.51
CA TRP A 27 8.56 9.49 3.40
C TRP A 27 7.21 10.08 3.81
N SER A 28 7.13 10.55 5.05
CA SER A 28 5.89 11.15 5.55
C SER A 28 5.94 12.66 5.41
N GLN A 29 6.78 13.31 6.20
CA GLN A 29 6.92 14.76 6.16
C GLN A 29 8.36 15.18 6.46
N TYR A 30 8.73 16.36 5.98
CA TYR A 30 10.08 16.88 6.19
C TYR A 30 10.04 18.18 6.99
N HIS A 31 10.72 18.19 8.12
CA HIS A 31 10.77 19.38 8.98
C HIS A 31 11.59 20.48 8.33
N ASP A 32 10.89 21.51 7.83
CA ASP A 32 11.56 22.63 7.18
C ASP A 32 11.33 23.92 7.95
N THR A 33 10.11 24.08 8.47
CA THR A 33 9.75 25.27 9.24
C THR A 33 10.66 25.43 10.45
N GLY A 34 10.68 24.42 11.31
CA GLY A 34 11.51 24.47 12.50
C GLY A 34 10.81 25.14 13.67
N PHE A 35 11.60 25.70 14.58
CA PHE A 35 11.05 26.38 15.76
C PHE A 35 11.85 27.62 16.09
N TYR A 36 13.08 27.41 16.56
CA TYR A 36 13.96 28.52 16.92
C TYR A 36 15.43 28.09 16.88
N GLY A 37 16.32 29.04 17.09
CA GLY A 37 17.74 28.74 17.07
C GLY A 37 18.57 29.77 17.83
N ASN A 38 18.84 29.49 19.10
CA ASN A 38 19.62 30.40 19.93
C ASN A 38 21.10 30.29 19.60
N GLY A 39 21.62 29.06 19.63
CA GLY A 39 23.02 28.84 19.34
C GLY A 39 23.30 27.43 18.88
N PHE A 40 23.10 26.46 19.79
CA PHE A 40 23.35 25.06 19.47
C PHE A 40 22.11 24.44 18.81
N GLN A 41 22.35 23.60 17.81
CA GLN A 41 21.26 22.93 17.10
C GLN A 41 21.72 21.59 16.54
N ASN A 42 20.76 20.82 16.01
CA ASN A 42 21.07 19.52 15.44
C ASN A 42 20.77 19.48 13.95
N ASN A 43 21.70 20.01 13.14
CA ASN A 43 21.53 20.05 11.70
C ASN A 43 21.75 18.66 11.09
N ASN A 44 22.92 18.09 11.34
CA ASN A 44 23.26 16.78 10.82
C ASN A 44 24.13 16.00 11.81
N GLY A 45 23.80 16.13 13.09
CA GLY A 45 24.56 15.43 14.12
C GLY A 45 23.97 14.08 14.45
N PRO A 46 23.08 14.00 15.45
CA PRO A 46 22.45 12.74 15.86
C PRO A 46 21.82 12.00 14.69
N THR A 47 20.83 12.65 14.06
CA THR A 47 20.15 12.04 12.92
C THR A 47 19.89 13.08 11.83
N ARG A 48 19.73 12.61 10.60
CA ARG A 48 19.48 13.49 9.46
C ARG A 48 18.13 13.17 8.81
N ASN A 49 17.82 11.90 8.70
CA ASN A 49 16.57 11.46 8.09
C ASN A 49 15.38 12.02 8.85
N ASP A 50 14.21 12.01 8.20
CA ASP A 50 12.99 12.53 8.81
C ASP A 50 11.98 11.41 9.02
N GLN A 51 10.77 11.78 9.42
CA GLN A 51 9.71 10.80 9.65
C GLN A 51 9.47 9.95 8.42
N LEU A 52 8.89 8.77 8.62
CA LEU A 52 8.60 7.86 7.52
C LEU A 52 7.24 7.21 7.69
N GLY A 53 6.74 6.61 6.61
CA GLY A 53 5.44 5.95 6.65
C GLY A 53 5.48 4.56 6.07
N ALA A 54 4.86 3.60 6.76
CA ALA A 54 4.82 2.22 6.31
C ALA A 54 3.48 1.89 5.67
N GLY A 55 3.51 1.13 4.58
CA GLY A 55 2.29 0.76 3.89
C GLY A 55 2.37 -0.63 3.29
N ALA A 56 1.39 -1.47 3.62
CA ALA A 56 1.35 -2.83 3.11
C ALA A 56 0.47 -2.92 1.86
N PHE A 57 0.91 -3.73 0.90
CA PHE A 57 0.17 -3.90 -0.34
C PHE A 57 -0.17 -5.37 -0.59
N GLY A 58 -1.46 -5.65 -0.80
CA GLY A 58 -1.89 -7.01 -1.04
C GLY A 58 -3.17 -7.08 -1.84
N GLY A 59 -3.14 -7.80 -2.95
CA GLY A 59 -4.33 -7.91 -3.78
C GLY A 59 -4.30 -9.14 -4.67
N TYR A 60 -5.22 -9.20 -5.63
CA TYR A 60 -5.30 -10.32 -6.55
C TYR A 60 -5.96 -9.91 -7.87
N GLN A 61 -5.74 -10.70 -8.91
CA GLN A 61 -6.32 -10.41 -10.22
C GLN A 61 -7.42 -11.41 -10.55
N VAL A 62 -8.54 -10.89 -11.07
CA VAL A 62 -9.67 -11.75 -11.44
C VAL A 62 -10.32 -11.25 -12.73
N ASN A 63 -9.53 -10.63 -13.59
CA ASN A 63 -10.03 -10.10 -14.85
C ASN A 63 -8.89 -9.83 -15.82
N PRO A 64 -9.20 -9.67 -17.12
CA PRO A 64 -8.19 -9.40 -18.14
C PRO A 64 -7.30 -8.22 -17.80
N TYR A 65 -7.90 -7.17 -17.24
CA TYR A 65 -7.16 -5.97 -16.86
C TYR A 65 -7.82 -5.30 -15.65
N LEU A 66 -8.31 -6.11 -14.73
CA LEU A 66 -8.95 -5.60 -13.52
C LEU A 66 -8.56 -6.42 -12.30
N GLY A 67 -7.86 -5.78 -11.36
CA GLY A 67 -7.45 -6.48 -10.15
C GLY A 67 -7.81 -5.72 -8.89
N PHE A 68 -7.98 -6.47 -7.80
CA PHE A 68 -8.33 -5.86 -6.51
C PHE A 68 -7.07 -5.62 -5.68
N GLU A 69 -6.91 -4.40 -5.18
CA GLU A 69 -5.75 -4.07 -4.37
C GLU A 69 -6.15 -3.55 -3.00
N MET A 70 -5.55 -4.11 -1.96
CA MET A 70 -5.83 -3.71 -0.60
C MET A 70 -4.58 -3.17 0.08
N GLY A 71 -4.67 -1.97 0.64
CA GLY A 71 -3.52 -1.38 1.29
C GLY A 71 -3.66 -1.31 2.79
N TYR A 72 -2.54 -1.21 3.49
CA TYR A 72 -2.55 -1.13 4.95
C TYR A 72 -1.72 0.04 5.44
N ASP A 73 -2.39 1.00 6.07
CA ASP A 73 -1.72 2.19 6.59
C ASP A 73 -1.10 1.92 7.96
N TRP A 74 0.23 1.98 8.03
CA TRP A 74 0.94 1.73 9.28
C TRP A 74 2.09 2.72 9.45
N LEU A 75 2.20 3.29 10.64
CA LEU A 75 3.26 4.25 10.93
C LEU A 75 4.07 3.83 12.15
N GLY A 76 4.83 2.75 12.00
CA GLY A 76 5.63 2.25 13.10
C GLY A 76 6.38 0.99 12.74
N ARG A 77 6.54 0.09 13.72
CA ARG A 77 7.23 -1.16 13.50
C ARG A 77 6.97 -2.14 14.64
N MET A 78 7.13 -3.43 14.37
CA MET A 78 6.90 -4.46 15.37
C MET A 78 7.90 -4.33 16.53
N ALA A 79 7.47 -3.68 17.60
CA ALA A 79 8.31 -3.47 18.76
C ALA A 79 7.48 -3.29 20.03
N TYR A 80 8.14 -2.98 21.13
CA TYR A 80 7.46 -2.78 22.40
C TYR A 80 6.44 -1.65 22.31
N LYS A 81 5.74 -1.39 23.40
CA LYS A 81 4.73 -0.35 23.44
C LYS A 81 5.36 1.02 23.14
N GLY A 82 4.81 1.71 22.16
CA GLY A 82 5.31 3.02 21.79
C GLY A 82 4.68 4.13 22.60
N SER A 83 3.63 4.73 22.05
CA SER A 83 2.93 5.82 22.72
C SER A 83 2.07 5.29 23.86
N VAL A 84 1.42 6.20 24.59
CA VAL A 84 0.57 5.81 25.71
C VAL A 84 -0.83 6.37 25.54
N ASP A 85 -1.82 5.48 25.50
CA ASP A 85 -3.21 5.88 25.34
C ASP A 85 -4.15 4.72 25.67
N ASN A 86 -5.42 5.04 25.91
CA ASN A 86 -6.42 4.04 26.24
C ASN A 86 -7.70 4.26 25.44
N GLY A 87 -8.28 3.17 24.95
CA GLY A 87 -9.51 3.27 24.18
C GLY A 87 -9.43 2.53 22.86
N ALA A 88 -9.06 3.25 21.80
CA ALA A 88 -8.94 2.64 20.48
C ALA A 88 -7.81 1.62 20.43
N PHE A 89 -6.78 1.85 21.23
CA PHE A 89 -5.63 0.96 21.29
C PHE A 89 -4.94 0.88 19.94
N LYS A 90 -3.91 1.68 19.74
CA LYS A 90 -3.17 1.70 18.48
C LYS A 90 -4.08 2.06 17.32
N ALA A 91 -3.52 2.07 16.11
CA ALA A 91 -4.28 2.40 14.92
C ALA A 91 -3.92 1.47 13.76
N GLN A 92 -4.80 1.41 12.76
CA GLN A 92 -4.58 0.57 11.59
C GLN A 92 -5.40 1.05 10.41
N GLY A 93 -4.73 1.31 9.30
CA GLY A 93 -5.43 1.79 8.11
C GLY A 93 -5.69 0.69 7.10
N VAL A 94 -6.86 0.77 6.46
CA VAL A 94 -7.25 -0.21 5.44
C VAL A 94 -7.62 0.49 4.15
N GLN A 95 -6.92 0.15 3.07
CA GLN A 95 -7.17 0.76 1.77
C GLN A 95 -7.86 -0.20 0.81
N LEU A 96 -8.81 0.33 0.04
CA LEU A 96 -9.54 -0.46 -0.94
C LEU A 96 -9.50 0.23 -2.30
N THR A 97 -8.88 -0.42 -3.28
CA THR A 97 -8.75 0.16 -4.61
C THR A 97 -8.61 -0.90 -5.69
N ALA A 98 -8.82 -0.48 -6.94
CA ALA A 98 -8.71 -1.38 -8.07
C ALA A 98 -7.36 -1.20 -8.76
N LYS A 99 -6.61 -2.28 -8.91
CA LYS A 99 -5.30 -2.23 -9.54
C LYS A 99 -5.34 -2.75 -10.97
N LEU A 100 -4.73 -1.98 -11.88
CA LEU A 100 -4.68 -2.36 -13.28
C LEU A 100 -3.27 -2.14 -13.84
N GLY A 101 -2.68 -3.20 -14.39
CA GLY A 101 -1.34 -3.10 -14.93
C GLY A 101 -1.04 -4.15 -15.99
N TYR A 102 0.20 -4.17 -16.47
CA TYR A 102 0.61 -5.12 -17.50
C TYR A 102 2.12 -5.18 -17.62
N PRO A 103 2.66 -6.26 -18.20
CA PRO A 103 4.11 -6.43 -18.39
C PRO A 103 4.65 -5.55 -19.50
N ILE A 104 5.97 -5.46 -19.61
CA ILE A 104 6.61 -4.65 -20.64
C ILE A 104 7.53 -5.49 -21.53
N THR A 105 8.26 -6.41 -20.91
CA THR A 105 9.18 -7.27 -21.65
C THR A 105 9.07 -8.71 -21.16
N ASP A 106 9.34 -8.93 -19.88
CA ASP A 106 9.28 -10.26 -19.30
C ASP A 106 9.30 -10.20 -17.77
N ASP A 107 10.15 -9.35 -17.23
CA ASP A 107 10.27 -9.20 -15.78
C ASP A 107 10.08 -7.75 -15.36
N LEU A 108 9.33 -6.99 -16.14
CA LEU A 108 9.08 -5.58 -15.84
C LEU A 108 7.65 -5.21 -16.23
N ASP A 109 6.86 -4.79 -15.25
CA ASP A 109 5.48 -4.42 -15.51
C ASP A 109 5.08 -3.14 -14.79
N ILE A 110 4.01 -2.51 -15.27
CA ILE A 110 3.50 -1.28 -14.68
C ILE A 110 2.12 -1.51 -14.08
N TYR A 111 1.79 -0.80 -13.01
CA TYR A 111 0.50 -0.96 -12.37
C TYR A 111 0.04 0.34 -11.71
N THR A 112 -1.27 0.58 -11.75
CA THR A 112 -1.86 1.78 -11.16
C THR A 112 -3.14 1.41 -10.41
N ARG A 113 -3.25 1.86 -9.17
CA ARG A 113 -4.42 1.58 -8.35
C ARG A 113 -5.24 2.83 -8.08
N LEU A 114 -6.56 2.72 -8.28
CA LEU A 114 -7.47 3.83 -8.06
C LEU A 114 -8.56 3.44 -7.07
N GLY A 115 -8.67 4.19 -5.98
CA GLY A 115 -9.68 3.89 -4.97
C GLY A 115 -9.65 4.86 -3.80
N GLY A 116 -9.72 4.31 -2.58
CA GLY A 116 -9.70 5.16 -1.40
C GLY A 116 -9.10 4.47 -0.19
N MET A 117 -8.85 5.24 0.85
CA MET A 117 -8.26 4.71 2.08
C MET A 117 -9.15 4.99 3.29
N VAL A 118 -9.28 3.99 4.16
CA VAL A 118 -10.09 4.12 5.36
C VAL A 118 -9.30 3.68 6.59
N TRP A 119 -9.23 4.54 7.59
CA TRP A 119 -8.50 4.22 8.82
C TRP A 119 -9.09 4.95 10.02
N ARG A 120 -8.49 4.73 11.19
CA ARG A 120 -8.96 5.37 12.41
C ARG A 120 -8.14 6.61 12.75
N ALA A 121 -8.69 7.47 13.59
CA ALA A 121 -7.99 8.70 13.99
C ALA A 121 -8.08 8.91 15.49
N ASP A 122 -6.95 9.26 16.10
CA ASP A 122 -6.91 9.50 17.54
C ASP A 122 -5.93 10.61 17.88
N SER A 123 -6.06 11.17 19.08
CA SER A 123 -5.18 12.25 19.53
C SER A 123 -5.27 12.43 21.03
N LYS A 124 -6.50 12.42 21.55
CA LYS A 124 -6.73 12.58 22.98
C LYS A 124 -7.02 11.25 23.64
N GLY A 125 -6.11 10.79 24.49
CA GLY A 125 -6.30 9.52 25.17
C GLY A 125 -5.17 9.21 26.14
N ASN A 126 -5.46 9.31 27.44
CA ASN A 126 -4.46 9.04 28.46
C ASN A 126 -5.09 8.35 29.66
N TYR A 127 -6.18 8.91 30.16
CA TYR A 127 -6.88 8.35 31.31
C TYR A 127 -8.26 7.83 30.91
N ALA A 128 -8.47 6.53 31.07
CA ALA A 128 -9.74 5.91 30.73
C ALA A 128 -10.64 5.77 31.96
N SER A 129 -11.94 5.77 31.74
CA SER A 129 -12.90 5.64 32.83
C SER A 129 -14.04 4.70 32.45
N THR A 130 -14.80 4.26 33.44
CA THR A 130 -15.92 3.36 33.21
C THR A 130 -17.21 4.13 32.97
N GLY A 131 -17.57 4.29 31.70
CA GLY A 131 -18.78 5.01 31.35
C GLY A 131 -19.90 4.08 30.90
N VAL A 132 -21.12 4.39 31.33
CA VAL A 132 -22.28 3.59 30.98
C VAL A 132 -22.57 3.67 29.49
N SER A 133 -22.53 4.89 28.95
CA SER A 133 -22.79 5.12 27.53
C SER A 133 -21.60 4.69 26.69
N ARG A 134 -21.80 4.58 25.38
CA ARG A 134 -20.75 4.18 24.46
C ARG A 134 -20.63 5.18 23.31
N SER A 135 -19.64 6.07 23.41
CA SER A 135 -19.42 7.07 22.37
C SER A 135 -18.61 6.49 21.21
N GLU A 136 -18.79 7.06 20.02
CA GLU A 136 -18.09 6.59 18.83
C GLU A 136 -16.68 7.15 18.79
N HIS A 137 -15.87 6.65 17.86
CA HIS A 137 -14.48 7.09 17.71
C HIS A 137 -14.29 7.81 16.37
N ASP A 138 -13.20 8.56 16.28
CA ASP A 138 -12.89 9.29 15.06
C ASP A 138 -12.35 8.37 13.98
N THR A 139 -12.76 8.60 12.74
CA THR A 139 -12.32 7.79 11.61
C THR A 139 -11.91 8.65 10.43
N GLY A 140 -10.93 8.18 9.66
CA GLY A 140 -10.47 8.93 8.51
C GLY A 140 -10.71 8.19 7.21
N VAL A 141 -11.20 8.92 6.21
CA VAL A 141 -11.49 8.32 4.90
C VAL A 141 -11.22 9.31 3.78
N SER A 142 -10.43 8.91 2.79
CA SER A 142 -10.11 9.78 1.66
C SER A 142 -9.69 8.97 0.43
N PRO A 143 -10.09 9.42 -0.78
CA PRO A 143 -9.74 8.74 -2.02
C PRO A 143 -8.28 8.96 -2.40
N VAL A 144 -7.71 8.02 -3.15
CA VAL A 144 -6.31 8.12 -3.57
C VAL A 144 -6.04 7.30 -4.83
N PHE A 145 -4.94 7.64 -5.49
CA PHE A 145 -4.54 6.95 -6.72
C PHE A 145 -3.02 6.80 -6.77
N ALA A 146 -2.55 5.56 -6.80
CA ALA A 146 -1.11 5.31 -6.84
C ALA A 146 -0.69 4.69 -8.17
N GLY A 147 0.42 5.18 -8.72
CA GLY A 147 0.91 4.67 -9.98
C GLY A 147 2.40 4.40 -9.95
N GLY A 148 2.80 3.18 -10.29
CA GLY A 148 4.21 2.84 -10.27
C GLY A 148 4.53 1.66 -11.16
N VAL A 149 5.71 1.09 -10.97
CA VAL A 149 6.15 -0.06 -11.77
C VAL A 149 6.70 -1.16 -10.88
N GLU A 150 6.79 -2.38 -11.42
CA GLU A 150 7.29 -3.52 -10.67
C GLU A 150 8.39 -4.25 -11.44
N TRP A 151 9.42 -4.68 -10.73
CA TRP A 151 10.54 -5.39 -11.34
C TRP A 151 10.73 -6.76 -10.68
N ALA A 152 10.61 -7.82 -11.47
CA ALA A 152 10.77 -9.17 -10.96
C ALA A 152 12.23 -9.61 -10.99
N VAL A 153 12.73 -10.07 -9.84
CA VAL A 153 14.11 -10.53 -9.73
C VAL A 153 14.17 -12.01 -9.40
N THR A 154 13.76 -12.35 -8.19
CA THR A 154 13.76 -13.74 -7.73
C THR A 154 12.61 -14.53 -8.36
N ARG A 155 12.43 -15.76 -7.93
CA ARG A 155 11.38 -16.61 -8.45
C ARG A 155 10.02 -16.20 -7.88
N ASP A 156 10.01 -15.71 -6.66
CA ASP A 156 8.78 -15.26 -6.01
C ASP A 156 9.03 -14.07 -5.10
N ILE A 157 9.93 -13.18 -5.53
CA ILE A 157 10.25 -11.99 -4.75
C ILE A 157 10.66 -10.85 -5.67
N ALA A 158 9.73 -9.92 -5.90
CA ALA A 158 10.00 -8.77 -6.76
C ALA A 158 9.92 -7.47 -5.98
N THR A 159 10.36 -6.39 -6.62
CA THR A 159 10.34 -5.07 -6.00
C THR A 159 9.63 -4.07 -6.91
N ARG A 160 8.90 -3.13 -6.32
CA ARG A 160 8.17 -2.14 -7.10
C ARG A 160 8.30 -0.74 -6.51
N LEU A 161 8.23 0.26 -7.39
CA LEU A 161 8.32 1.66 -6.99
C LEU A 161 7.00 2.35 -7.31
N GLU A 162 6.37 2.94 -6.30
CA GLU A 162 5.09 3.61 -6.48
C GLU A 162 5.21 5.12 -6.29
N TYR A 163 4.44 5.87 -7.06
CA TYR A 163 4.44 7.32 -6.98
C TYR A 163 3.02 7.85 -6.84
N GLN A 164 2.87 8.96 -6.11
CA GLN A 164 1.57 9.57 -5.89
C GLN A 164 0.92 9.94 -7.22
N TRP A 165 1.64 10.70 -8.03
CA TRP A 165 1.12 11.13 -9.33
C TRP A 165 2.24 11.16 -10.37
N VAL A 166 1.97 10.62 -11.55
CA VAL A 166 2.95 10.58 -12.62
C VAL A 166 2.92 11.87 -13.44
N ASN A 167 1.73 12.46 -13.56
CA ASN A 167 1.58 13.70 -14.32
C ASN A 167 1.87 14.91 -13.45
N ASN A 168 1.99 16.07 -14.08
CA ASN A 168 2.28 17.30 -13.35
C ASN A 168 1.28 18.40 -13.73
N ILE A 169 1.13 18.63 -15.04
CA ILE A 169 0.21 19.64 -15.52
C ILE A 169 -1.24 19.23 -15.29
N GLY A 170 -2.13 20.22 -15.26
CA GLY A 170 -3.54 19.93 -15.03
C GLY A 170 -4.44 21.09 -15.44
N ASP A 171 -4.66 22.01 -14.50
CA ASP A 171 -5.52 23.17 -14.76
C ASP A 171 -4.91 24.42 -14.16
N ALA A 172 -5.08 25.54 -14.84
CA ALA A 172 -4.54 26.82 -14.38
C ALA A 172 -5.67 27.80 -14.06
N GLY A 173 -5.89 28.06 -12.78
CA GLY A 173 -6.94 28.98 -12.36
C GLY A 173 -6.39 30.35 -12.02
N THR A 174 -5.14 30.41 -11.58
CA THR A 174 -4.51 31.67 -11.22
C THR A 174 -3.20 31.85 -11.97
N VAL A 175 -2.37 30.81 -11.97
CA VAL A 175 -1.07 30.86 -12.65
C VAL A 175 -0.60 29.45 -12.99
N GLY A 176 0.30 29.37 -13.97
CA GLY A 176 0.83 28.08 -14.39
C GLY A 176 2.03 27.66 -13.56
N THR A 177 1.85 27.61 -12.24
CA THR A 177 2.93 27.23 -11.33
C THR A 177 2.40 26.31 -10.23
N ARG A 178 1.83 25.18 -10.62
CA ARG A 178 1.29 24.22 -9.66
C ARG A 178 2.40 23.38 -9.04
N PRO A 179 2.16 22.85 -7.83
CA PRO A 179 3.15 22.02 -7.13
C PRO A 179 3.67 20.88 -8.00
N ASP A 180 4.99 20.69 -7.98
CA ASP A 180 5.61 19.64 -8.76
C ASP A 180 5.93 18.42 -7.89
N ASN A 181 5.84 17.24 -8.49
CA ASN A 181 6.12 15.99 -7.76
C ASN A 181 5.16 15.82 -6.59
N GLY A 182 5.04 14.59 -6.10
CA GLY A 182 4.15 14.32 -4.98
C GLY A 182 4.82 13.50 -3.90
N MET A 183 4.81 12.18 -4.06
CA MET A 183 5.41 11.28 -3.09
C MET A 183 5.98 10.03 -3.77
N LEU A 184 7.04 9.49 -3.20
CA LEU A 184 7.67 8.29 -3.76
C LEU A 184 7.88 7.24 -2.67
N SER A 185 7.57 5.99 -2.99
CA SER A 185 7.72 4.89 -2.04
C SER A 185 8.30 3.65 -2.72
N LEU A 186 9.07 2.88 -1.96
CA LEU A 186 9.67 1.66 -2.49
C LEU A 186 9.26 0.45 -1.65
N GLY A 187 8.83 -0.62 -2.30
CA GLY A 187 8.42 -1.80 -1.57
C GLY A 187 8.69 -3.09 -2.32
N VAL A 188 8.56 -4.21 -1.62
CA VAL A 188 8.78 -5.53 -2.21
C VAL A 188 7.58 -6.44 -1.96
N SER A 189 7.25 -7.28 -2.93
CA SER A 189 6.12 -8.19 -2.80
C SER A 189 6.41 -9.54 -3.44
N TYR A 190 5.50 -10.48 -3.24
CA TYR A 190 5.64 -11.83 -3.79
C TYR A 190 4.31 -12.32 -4.34
N ARG A 191 4.38 -13.32 -5.22
CA ARG A 191 3.18 -13.88 -5.83
C ARG A 191 2.96 -15.32 -5.37
N PHE A 192 1.70 -15.68 -5.14
CA PHE A 192 1.35 -17.02 -4.71
C PHE A 192 1.07 -17.93 -5.90
N GLY A 193 2.00 -18.84 -6.19
CA GLY A 193 1.84 -19.75 -7.30
C GLY A 193 1.91 -21.21 -6.88
N GLN A 194 1.25 -22.07 -7.64
CA GLN A 194 1.24 -23.50 -7.33
C GLN A 194 2.39 -24.22 -8.04
N GLU A 195 3.01 -25.16 -7.35
CA GLU A 195 4.12 -25.92 -7.91
C GLU A 195 3.83 -27.42 -7.87
N ASP A 196 3.88 -27.99 -6.66
CA ASP A 196 3.63 -29.40 -6.47
C ASP A 196 2.34 -29.63 -5.69
N ALA A 197 1.23 -29.77 -6.40
CA ALA A 197 -0.06 -30.00 -5.78
C ALA A 197 -0.26 -31.47 -5.43
N ALA A 198 -0.02 -31.79 -4.16
CA ALA A 198 -0.16 -33.17 -3.69
C ALA A 198 0.00 -33.26 -2.17
N PRO A 199 1.20 -32.91 -1.65
CA PRO A 199 1.48 -32.95 -0.23
C PRO A 199 0.74 -31.85 0.54
N VAL A 200 -0.57 -32.02 0.67
CA VAL A 200 -1.39 -31.04 1.39
C VAL A 200 -2.44 -31.72 2.25
N VAL A 201 -3.11 -32.73 1.69
CA VAL A 201 -4.14 -33.47 2.42
C VAL A 201 -3.88 -34.96 2.35
N ALA A 202 -4.13 -35.66 3.46
CA ALA A 202 -3.93 -37.09 3.53
C ALA A 202 -5.24 -37.82 3.84
N PRO A 203 -5.53 -38.93 3.13
CA PRO A 203 -6.75 -39.70 3.34
C PRO A 203 -6.67 -40.59 4.58
N ALA A 204 -7.38 -40.19 5.64
CA ALA A 204 -7.38 -40.96 6.87
C ALA A 204 -8.35 -42.12 6.80
N PRO A 205 -9.66 -41.83 6.62
CA PRO A 205 -10.70 -42.85 6.54
C PRO A 205 -10.73 -43.53 5.17
N ALA A 206 -9.61 -44.12 4.78
CA ALA A 206 -9.51 -44.80 3.48
C ALA A 206 -8.74 -46.11 3.62
N PRO A 207 -8.70 -46.91 2.54
CA PRO A 207 -8.00 -48.20 2.52
C PRO A 207 -6.56 -48.07 3.01
N ALA A 208 -5.86 -47.06 2.51
CA ALA A 208 -4.47 -46.83 2.90
C ALA A 208 -4.24 -45.36 3.27
N PRO A 209 -3.44 -45.10 4.32
CA PRO A 209 -3.14 -43.74 4.77
C PRO A 209 -2.16 -43.03 3.85
N GLU A 210 -1.11 -43.73 3.45
CA GLU A 210 -0.09 -43.16 2.57
C GLU A 210 -0.63 -43.05 1.14
N ALA A 1 -22.86 -13.66 -8.49
CA ALA A 1 -24.01 -13.65 -7.56
C ALA A 1 -25.30 -14.04 -8.28
N ARG A 2 -25.64 -13.29 -9.32
CA ARG A 2 -26.84 -13.56 -10.09
C ARG A 2 -26.49 -14.03 -11.50
N ILE A 3 -27.51 -14.35 -12.29
CA ILE A 3 -27.31 -14.81 -13.66
C ILE A 3 -26.87 -13.67 -14.57
N MET A 4 -25.59 -13.35 -14.54
CA MET A 4 -25.04 -12.28 -15.36
C MET A 4 -23.83 -12.77 -16.16
N LYS A 5 -24.03 -13.84 -16.92
CA LYS A 5 -22.97 -14.40 -17.74
C LYS A 5 -23.48 -14.78 -19.12
N ALA A 6 -22.56 -15.19 -20.00
CA ALA A 6 -22.92 -15.57 -21.35
C ALA A 6 -23.93 -16.73 -21.35
N ILE A 7 -24.34 -17.15 -22.54
CA ILE A 7 -25.30 -18.25 -22.67
C ILE A 7 -24.69 -19.56 -22.20
N PHE A 8 -23.51 -19.88 -22.72
CA PHE A 8 -22.81 -21.11 -22.36
C PHE A 8 -21.50 -20.82 -21.65
N VAL A 9 -21.20 -21.60 -20.61
CA VAL A 9 -19.97 -21.41 -19.85
C VAL A 9 -18.96 -22.51 -20.16
N LEU A 10 -18.39 -22.47 -21.36
CA LEU A 10 -17.41 -23.46 -21.78
C LEU A 10 -16.57 -22.94 -22.95
N ASN A 11 -16.39 -21.62 -23.00
CA ASN A 11 -15.61 -21.00 -24.06
C ASN A 11 -14.14 -20.92 -23.68
N ALA A 12 -13.85 -20.20 -22.60
CA ALA A 12 -12.48 -20.04 -22.13
C ALA A 12 -12.46 -19.43 -20.73
N ALA A 13 -11.26 -19.04 -20.29
CA ALA A 13 -11.10 -18.44 -18.97
C ALA A 13 -10.49 -17.04 -19.07
N PRO A 14 -11.31 -16.04 -19.43
CA PRO A 14 -10.85 -14.66 -19.57
C PRO A 14 -10.18 -14.14 -18.31
N LYS A 15 -10.69 -14.57 -17.16
CA LYS A 15 -10.15 -14.14 -15.88
C LYS A 15 -9.17 -15.19 -15.33
N ASP A 16 -7.90 -14.84 -15.27
CA ASP A 16 -6.87 -15.74 -14.77
C ASP A 16 -6.71 -15.59 -13.26
N ASN A 17 -6.31 -16.68 -12.61
CA ASN A 17 -6.12 -16.67 -11.16
C ASN A 17 -4.69 -16.27 -10.81
N THR A 18 -4.55 -15.13 -10.13
CA THR A 18 -3.24 -14.63 -9.73
C THR A 18 -3.34 -13.82 -8.45
N TRP A 19 -2.45 -14.09 -7.49
CA TRP A 19 -2.43 -13.38 -6.23
C TRP A 19 -1.02 -12.98 -5.83
N TYR A 20 -0.89 -11.86 -5.14
CA TYR A 20 0.42 -11.38 -4.69
C TYR A 20 0.26 -10.39 -3.55
N ALA A 21 1.26 -10.36 -2.66
CA ALA A 21 1.22 -9.46 -1.51
C ALA A 21 2.60 -8.87 -1.24
N GLY A 22 2.63 -7.69 -0.62
CA GLY A 22 3.89 -7.04 -0.31
C GLY A 22 3.70 -5.78 0.51
N GLY A 23 4.78 -5.03 0.69
CA GLY A 23 4.71 -3.81 1.46
C GLY A 23 5.60 -2.72 0.90
N LYS A 24 5.18 -1.47 1.05
CA LYS A 24 5.94 -0.33 0.55
C LYS A 24 6.02 0.78 1.59
N LEU A 25 7.14 1.50 1.60
CA LEU A 25 7.34 2.59 2.54
C LEU A 25 7.61 3.90 1.80
N GLY A 26 7.14 5.00 2.37
CA GLY A 26 7.33 6.30 1.75
C GLY A 26 7.28 7.44 2.76
N TRP A 27 7.53 8.65 2.28
CA TRP A 27 7.52 9.82 3.14
C TRP A 27 6.30 10.70 2.85
N SER A 28 5.95 11.55 3.81
CA SER A 28 4.80 12.44 3.66
C SER A 28 5.13 13.84 4.18
N GLN A 29 6.16 14.45 3.61
CA GLN A 29 6.59 15.79 4.02
C GLN A 29 7.60 16.36 3.05
N TYR A 30 8.21 17.49 3.42
CA TYR A 30 9.21 18.13 2.58
C TYR A 30 10.62 17.72 2.99
N HIS A 31 11.53 17.66 2.02
CA HIS A 31 12.91 17.28 2.29
C HIS A 31 13.86 18.00 1.34
N ASP A 32 13.74 17.70 0.04
CA ASP A 32 14.60 18.32 -0.96
C ASP A 32 13.83 18.51 -2.27
N THR A 33 12.53 18.75 -2.16
CA THR A 33 11.70 18.95 -3.33
C THR A 33 11.63 20.42 -3.71
N GLY A 34 11.36 20.70 -4.99
CA GLY A 34 11.29 22.07 -5.45
C GLY A 34 12.53 22.52 -6.17
N PHE A 35 13.28 23.43 -5.55
CA PHE A 35 14.52 23.94 -6.14
C PHE A 35 15.70 23.70 -5.22
N TYR A 36 16.87 24.16 -5.64
CA TYR A 36 18.09 23.99 -4.85
C TYR A 36 18.06 24.90 -3.62
N GLY A 37 18.99 24.66 -2.70
CA GLY A 37 19.06 25.46 -1.49
C GLY A 37 20.43 25.41 -0.84
N ASN A 38 21.02 26.59 -0.63
CA ASN A 38 22.33 26.68 -0.01
C ASN A 38 22.26 27.37 1.34
N GLY A 39 22.30 26.57 2.41
CA GLY A 39 22.23 27.13 3.75
C GLY A 39 22.75 26.16 4.80
N PHE A 40 22.21 26.27 6.02
CA PHE A 40 22.61 25.40 7.11
C PHE A 40 21.72 24.18 7.20
N GLN A 41 22.12 23.22 8.03
CA GLN A 41 21.34 21.99 8.21
C GLN A 41 20.76 21.92 9.63
N ASN A 42 20.21 20.76 9.96
CA ASN A 42 19.62 20.56 11.29
C ASN A 42 20.65 20.01 12.27
N ASN A 43 20.82 20.70 13.39
CA ASN A 43 21.77 20.27 14.41
C ASN A 43 21.13 20.26 15.79
N ASN A 44 20.44 21.36 16.12
CA ASN A 44 19.78 21.49 17.42
C ASN A 44 18.28 21.68 17.24
N GLY A 45 17.55 20.58 17.10
CA GLY A 45 16.11 20.66 16.93
C GLY A 45 15.41 19.38 17.33
N PRO A 46 15.01 19.25 18.60
CA PRO A 46 14.32 18.05 19.09
C PRO A 46 12.90 17.93 18.54
N THR A 47 12.30 19.06 18.21
CA THR A 47 10.94 19.07 17.67
C THR A 47 10.93 18.55 16.24
N ARG A 48 12.03 18.77 15.52
CA ARG A 48 12.15 18.32 14.14
C ARG A 48 12.00 16.81 14.05
N ASN A 49 10.86 16.35 13.53
CA ASN A 49 10.61 14.93 13.39
C ASN A 49 10.20 14.58 11.96
N ASP A 50 10.79 13.51 11.42
CA ASP A 50 10.48 13.08 10.07
C ASP A 50 9.12 12.39 9.99
N GLN A 51 8.48 12.47 8.84
CA GLN A 51 7.18 11.85 8.64
C GLN A 51 7.29 10.64 7.72
N LEU A 52 7.57 9.48 8.30
CA LEU A 52 7.69 8.24 7.53
C LEU A 52 6.50 7.33 7.77
N GLY A 53 6.02 6.69 6.70
CA GLY A 53 4.90 5.79 6.83
C GLY A 53 5.07 4.54 5.98
N ALA A 54 4.60 3.41 6.51
CA ALA A 54 4.71 2.14 5.80
C ALA A 54 3.33 1.49 5.66
N GLY A 55 3.14 0.75 4.57
CA GLY A 55 1.87 0.09 4.36
C GLY A 55 2.00 -1.21 3.57
N ALA A 56 1.13 -2.17 3.86
CA ALA A 56 1.14 -3.45 3.18
C ALA A 56 -0.02 -3.54 2.20
N PHE A 57 0.28 -3.90 0.95
CA PHE A 57 -0.75 -4.02 -0.07
C PHE A 57 -0.81 -5.43 -0.65
N GLY A 58 -2.02 -5.88 -0.96
CA GLY A 58 -2.20 -7.20 -1.52
C GLY A 58 -3.01 -7.18 -2.80
N GLY A 59 -2.46 -7.73 -3.87
CA GLY A 59 -3.16 -7.75 -5.13
C GLY A 59 -3.83 -9.07 -5.44
N TYR A 60 -5.04 -9.01 -5.99
CA TYR A 60 -5.79 -10.21 -6.33
C TYR A 60 -6.41 -10.08 -7.72
N GLN A 61 -5.95 -10.91 -8.65
CA GLN A 61 -6.46 -10.87 -10.02
C GLN A 61 -7.74 -11.69 -10.16
N VAL A 62 -8.78 -11.05 -10.69
CA VAL A 62 -10.06 -11.72 -10.89
C VAL A 62 -10.85 -11.08 -12.03
N ASN A 63 -10.87 -9.75 -12.06
CA ASN A 63 -11.58 -9.03 -13.11
C ASN A 63 -10.75 -8.97 -14.40
N PRO A 64 -11.34 -8.45 -15.49
CA PRO A 64 -10.65 -8.34 -16.79
C PRO A 64 -9.47 -7.38 -16.76
N TYR A 65 -8.27 -7.92 -16.63
CA TYR A 65 -7.05 -7.12 -16.62
C TYR A 65 -7.09 -6.07 -15.50
N LEU A 66 -7.52 -6.48 -14.32
CA LEU A 66 -7.59 -5.57 -13.18
C LEU A 66 -8.04 -6.32 -11.92
N GLY A 67 -7.15 -6.37 -10.93
CA GLY A 67 -7.47 -7.05 -9.70
C GLY A 67 -7.71 -6.08 -8.55
N PHE A 68 -8.07 -6.63 -7.39
CA PHE A 68 -8.33 -5.81 -6.21
C PHE A 68 -7.06 -5.62 -5.39
N GLU A 69 -6.89 -4.43 -4.84
CA GLU A 69 -5.72 -4.11 -4.03
C GLU A 69 -6.10 -3.68 -2.62
N MET A 70 -5.77 -4.51 -1.65
CA MET A 70 -6.07 -4.23 -0.25
C MET A 70 -4.82 -3.70 0.45
N GLY A 71 -4.87 -2.43 0.87
CA GLY A 71 -3.72 -1.84 1.52
C GLY A 71 -3.93 -1.60 3.00
N TYR A 72 -2.83 -1.62 3.75
CA TYR A 72 -2.89 -1.38 5.19
C TYR A 72 -1.85 -0.33 5.59
N ASP A 73 -2.32 0.81 6.07
CA ASP A 73 -1.43 1.90 6.47
C ASP A 73 -1.01 1.78 7.93
N TRP A 74 0.29 1.73 8.16
CA TRP A 74 0.83 1.64 9.52
C TRP A 74 2.07 2.52 9.67
N LEU A 75 2.26 3.05 10.87
CA LEU A 75 3.40 3.92 11.15
C LEU A 75 4.27 3.35 12.27
N GLY A 76 5.37 4.03 12.54
CA GLY A 76 6.27 3.57 13.59
C GLY A 76 7.08 2.35 13.16
N ARG A 77 7.95 1.89 14.06
CA ARG A 77 8.78 0.72 13.77
C ARG A 77 8.18 -0.55 14.38
N MET A 78 6.86 -0.57 14.48
CA MET A 78 6.15 -1.72 15.04
C MET A 78 4.69 -1.72 14.61
N ALA A 79 3.92 -2.63 15.17
CA ALA A 79 2.49 -2.73 14.85
C ALA A 79 1.77 -3.64 15.84
N TYR A 80 2.23 -4.88 15.95
CA TYR A 80 1.62 -5.84 16.87
C TYR A 80 2.62 -6.94 17.23
N LYS A 81 3.89 -6.57 17.36
CA LYS A 81 4.93 -7.53 17.70
C LYS A 81 5.26 -7.46 19.19
N GLY A 82 4.25 -7.15 20.00
CA GLY A 82 4.45 -7.06 21.43
C GLY A 82 3.89 -8.25 22.17
N SER A 83 4.66 -8.78 23.11
CA SER A 83 4.24 -9.94 23.89
C SER A 83 3.71 -9.52 25.26
N VAL A 84 4.36 -8.52 25.85
CA VAL A 84 3.95 -8.03 27.17
C VAL A 84 2.91 -6.93 27.02
N ASP A 85 2.99 -6.16 25.95
CA ASP A 85 2.05 -5.08 25.70
C ASP A 85 1.58 -5.08 24.24
N ASN A 86 0.34 -4.64 24.02
CA ASN A 86 -0.22 -4.60 22.68
C ASN A 86 0.18 -3.31 21.96
N GLY A 87 -0.17 -2.17 22.55
CA GLY A 87 0.16 -0.90 21.95
C GLY A 87 -0.88 -0.44 20.94
N ALA A 88 -1.48 0.71 21.20
CA ALA A 88 -2.49 1.26 20.31
C ALA A 88 -1.89 2.25 19.33
N PHE A 89 -0.82 2.93 19.75
CA PHE A 89 -0.15 3.91 18.90
C PHE A 89 -1.06 5.08 18.59
N LYS A 90 -1.97 4.87 17.63
CA LYS A 90 -2.91 5.92 17.23
C LYS A 90 -4.13 5.32 16.54
N ALA A 91 -3.88 4.53 15.50
CA ALA A 91 -4.97 3.89 14.76
C ALA A 91 -4.42 2.97 13.68
N GLN A 92 -5.33 2.37 12.90
CA GLN A 92 -4.94 1.46 11.83
C GLN A 92 -5.47 1.96 10.49
N GLY A 93 -4.63 1.92 9.47
CA GLY A 93 -5.04 2.38 8.15
C GLY A 93 -5.50 1.24 7.26
N VAL A 94 -6.72 1.36 6.74
CA VAL A 94 -7.28 0.34 5.86
C VAL A 94 -7.58 0.95 4.48
N GLN A 95 -6.91 0.43 3.46
CA GLN A 95 -7.08 0.95 2.10
C GLN A 95 -7.78 -0.06 1.20
N LEU A 96 -8.68 0.44 0.36
CA LEU A 96 -9.44 -0.39 -0.57
C LEU A 96 -9.35 0.23 -1.97
N THR A 97 -8.65 -0.46 -2.87
CA THR A 97 -8.48 0.06 -4.23
C THR A 97 -8.32 -1.07 -5.24
N ALA A 98 -8.21 -0.70 -6.52
CA ALA A 98 -8.04 -1.65 -7.60
C ALA A 98 -6.68 -1.44 -8.26
N LYS A 99 -6.05 -2.53 -8.69
CA LYS A 99 -4.74 -2.45 -9.32
C LYS A 99 -4.73 -3.14 -10.69
N LEU A 100 -4.19 -2.44 -11.68
CA LEU A 100 -4.09 -2.99 -13.02
C LEU A 100 -2.70 -2.71 -13.60
N GLY A 101 -2.00 -3.77 -14.02
CA GLY A 101 -0.67 -3.61 -14.55
C GLY A 101 -0.50 -4.23 -15.93
N TYR A 102 0.73 -4.20 -16.42
CA TYR A 102 1.06 -4.76 -17.73
C TYR A 102 2.57 -4.90 -17.89
N PRO A 103 3.07 -6.12 -18.18
CA PRO A 103 4.49 -6.37 -18.35
C PRO A 103 5.05 -5.78 -19.65
N ILE A 104 6.37 -5.73 -19.76
CA ILE A 104 7.02 -5.19 -20.96
C ILE A 104 7.69 -6.30 -21.75
N THR A 105 8.69 -6.94 -21.14
CA THR A 105 9.41 -8.02 -21.78
C THR A 105 9.23 -9.33 -21.02
N ASP A 106 9.46 -9.27 -19.71
CA ASP A 106 9.31 -10.46 -18.86
C ASP A 106 9.65 -10.14 -17.41
N ASP A 107 10.64 -9.28 -17.21
CA ASP A 107 11.07 -8.90 -15.86
C ASP A 107 10.77 -7.43 -15.56
N LEU A 108 9.90 -6.81 -16.36
CA LEU A 108 9.56 -5.41 -16.16
C LEU A 108 8.08 -5.19 -16.44
N ASP A 109 7.36 -4.61 -15.48
CA ASP A 109 5.94 -4.35 -15.64
C ASP A 109 5.52 -3.06 -14.96
N ILE A 110 4.39 -2.52 -15.38
CA ILE A 110 3.85 -1.29 -14.81
C ILE A 110 2.53 -1.57 -14.10
N TYR A 111 2.25 -0.81 -13.05
CA TYR A 111 1.01 -1.01 -12.29
C TYR A 111 0.37 0.32 -11.91
N THR A 112 -0.96 0.34 -11.92
CA THR A 112 -1.72 1.53 -11.56
C THR A 112 -2.77 1.20 -10.51
N ARG A 113 -2.76 1.96 -9.41
CA ARG A 113 -3.71 1.73 -8.32
C ARG A 113 -4.66 2.92 -8.15
N LEU A 114 -5.96 2.63 -8.10
CA LEU A 114 -6.97 3.67 -7.93
C LEU A 114 -8.03 3.23 -6.94
N GLY A 115 -8.22 4.02 -5.88
CA GLY A 115 -9.21 3.69 -4.87
C GLY A 115 -9.26 4.71 -3.76
N GLY A 116 -9.47 4.25 -2.52
CA GLY A 116 -9.54 5.15 -1.39
C GLY A 116 -8.99 4.55 -0.12
N MET A 117 -8.71 5.40 0.86
CA MET A 117 -8.16 4.95 2.13
C MET A 117 -9.05 5.41 3.29
N VAL A 118 -9.16 4.57 4.31
CA VAL A 118 -9.98 4.87 5.48
C VAL A 118 -9.18 4.67 6.77
N TRP A 119 -9.30 5.61 7.69
CA TRP A 119 -8.58 5.53 8.96
C TRP A 119 -9.56 5.61 10.13
N ARG A 120 -9.31 4.82 11.17
CA ARG A 120 -10.16 4.81 12.35
C ARG A 120 -9.37 4.45 13.60
N ALA A 121 -9.46 5.29 14.62
CA ALA A 121 -8.76 5.07 15.88
C ALA A 121 -9.58 4.22 16.83
N ASP A 122 -8.92 3.29 17.52
CA ASP A 122 -9.59 2.41 18.46
C ASP A 122 -8.62 1.88 19.50
N SER A 123 -9.14 1.47 20.65
CA SER A 123 -8.32 0.94 21.73
C SER A 123 -8.83 -0.43 22.17
N LYS A 124 -8.04 -1.46 21.90
CA LYS A 124 -8.40 -2.82 22.28
C LYS A 124 -7.17 -3.62 22.72
N GLY A 125 -6.88 -3.59 24.00
CA GLY A 125 -5.73 -4.31 24.52
C GLY A 125 -6.12 -5.52 25.35
N ASN A 126 -5.16 -6.36 25.65
CA ASN A 126 -5.41 -7.56 26.45
C ASN A 126 -5.29 -7.27 27.94
N TYR A 127 -4.33 -6.41 28.30
CA TYR A 127 -4.12 -6.04 29.69
C TYR A 127 -4.53 -4.60 29.95
N ALA A 128 -5.53 -4.13 29.21
CA ALA A 128 -6.02 -2.76 29.36
C ALA A 128 -7.54 -2.72 29.37
N SER A 129 -8.09 -1.55 29.67
CA SER A 129 -9.54 -1.37 29.72
C SER A 129 -10.10 -1.06 28.33
N THR A 130 -11.27 -1.62 28.04
CA THR A 130 -11.92 -1.40 26.75
C THR A 130 -12.73 -0.11 26.76
N GLY A 131 -12.24 0.91 26.06
CA GLY A 131 -12.93 2.18 26.00
C GLY A 131 -14.21 2.11 25.20
N VAL A 132 -15.28 2.70 25.74
CA VAL A 132 -16.57 2.70 25.06
C VAL A 132 -17.05 4.12 24.78
N SER A 133 -16.86 5.00 25.76
CA SER A 133 -17.28 6.39 25.62
C SER A 133 -16.29 7.17 24.73
N ARG A 134 -16.72 7.48 23.51
CA ARG A 134 -15.87 8.21 22.58
C ARG A 134 -15.66 9.64 23.05
N SER A 135 -14.47 9.92 23.56
CA SER A 135 -14.14 11.26 24.05
C SER A 135 -13.20 11.97 23.09
N GLU A 136 -12.10 11.29 22.72
CA GLU A 136 -11.13 11.86 21.81
C GLU A 136 -10.78 10.88 20.70
N HIS A 137 -11.64 10.78 19.70
CA HIS A 137 -11.42 9.87 18.58
C HIS A 137 -11.85 10.51 17.26
N ASP A 138 -10.93 10.56 16.31
CA ASP A 138 -11.21 11.15 15.00
C ASP A 138 -10.88 10.17 13.88
N THR A 139 -11.77 10.10 12.89
CA THR A 139 -11.58 9.21 11.76
C THR A 139 -11.23 9.99 10.50
N GLY A 140 -10.75 9.28 9.47
CA GLY A 140 -10.40 9.92 8.23
C GLY A 140 -10.68 9.06 7.02
N VAL A 141 -11.18 9.67 5.96
CA VAL A 141 -11.50 8.94 4.73
C VAL A 141 -11.25 9.81 3.50
N SER A 142 -10.42 9.31 2.58
CA SER A 142 -10.10 10.06 1.37
C SER A 142 -9.62 9.14 0.26
N PRO A 143 -9.82 9.54 -1.01
CA PRO A 143 -9.41 8.77 -2.18
C PRO A 143 -7.91 8.86 -2.44
N VAL A 144 -7.38 7.92 -3.20
CA VAL A 144 -5.95 7.92 -3.52
C VAL A 144 -5.67 7.18 -4.83
N PHE A 145 -4.51 7.47 -5.42
CA PHE A 145 -4.11 6.84 -6.67
C PHE A 145 -2.59 6.68 -6.72
N ALA A 146 -2.13 5.44 -6.82
CA ALA A 146 -0.70 5.16 -6.86
C ALA A 146 -0.31 4.53 -8.20
N GLY A 147 0.62 5.17 -8.90
CA GLY A 147 1.07 4.66 -10.18
C GLY A 147 2.57 4.51 -10.24
N GLY A 148 3.04 3.36 -10.70
CA GLY A 148 4.47 3.12 -10.80
C GLY A 148 4.80 1.90 -11.64
N VAL A 149 5.95 1.30 -11.36
CA VAL A 149 6.39 0.12 -12.09
C VAL A 149 6.92 -0.96 -11.14
N GLU A 150 7.17 -2.15 -11.68
CA GLU A 150 7.66 -3.26 -10.87
C GLU A 150 8.75 -4.04 -11.61
N TRP A 151 9.73 -4.51 -10.84
CA TRP A 151 10.84 -5.28 -11.40
C TRP A 151 10.99 -6.61 -10.67
N ALA A 152 11.14 -7.69 -11.44
CA ALA A 152 11.30 -9.02 -10.86
C ALA A 152 12.77 -9.43 -10.79
N VAL A 153 13.15 -10.02 -9.66
CA VAL A 153 14.54 -10.46 -9.46
C VAL A 153 14.60 -11.98 -9.40
N THR A 154 13.95 -12.57 -8.39
CA THR A 154 13.93 -14.01 -8.23
C THR A 154 12.72 -14.60 -8.95
N ARG A 155 12.45 -15.88 -8.71
CA ARG A 155 11.33 -16.55 -9.34
C ARG A 155 10.11 -16.56 -8.42
N ASP A 156 9.90 -15.45 -7.71
CA ASP A 156 8.77 -15.33 -6.80
C ASP A 156 8.72 -13.97 -6.11
N ILE A 157 9.89 -13.35 -5.93
CA ILE A 157 9.96 -12.04 -5.27
C ILE A 157 10.37 -10.94 -6.24
N ALA A 158 9.63 -9.83 -6.19
CA ALA A 158 9.91 -8.70 -7.06
C ALA A 158 9.75 -7.37 -6.30
N THR A 159 10.43 -6.33 -6.78
CA THR A 159 10.35 -5.02 -6.16
C THR A 159 9.42 -4.11 -6.95
N ARG A 160 8.78 -3.18 -6.25
CA ARG A 160 7.85 -2.26 -6.90
C ARG A 160 8.03 -0.83 -6.41
N LEU A 161 8.05 0.11 -7.35
CA LEU A 161 8.20 1.53 -7.02
C LEU A 161 6.97 2.29 -7.49
N GLU A 162 6.27 2.92 -6.54
CA GLU A 162 5.06 3.66 -6.86
C GLU A 162 5.25 5.16 -6.66
N TYR A 163 4.63 5.95 -7.52
CA TYR A 163 4.71 7.41 -7.44
C TYR A 163 3.33 8.02 -7.60
N GLN A 164 3.20 9.29 -7.21
CA GLN A 164 1.93 10.00 -7.31
C GLN A 164 1.73 10.55 -8.72
N TRP A 165 0.47 10.75 -9.10
CA TRP A 165 0.14 11.27 -10.42
C TRP A 165 -1.02 12.26 -10.34
N VAL A 166 -2.18 11.76 -9.91
CA VAL A 166 -3.37 12.60 -9.78
C VAL A 166 -3.18 13.66 -8.71
N ASN A 167 -3.48 14.91 -9.08
CA ASN A 167 -3.35 16.02 -8.14
C ASN A 167 -4.64 16.84 -8.07
N ASN A 168 -5.21 16.93 -6.88
CA ASN A 168 -6.45 17.67 -6.68
C ASN A 168 -6.20 18.92 -5.84
N ILE A 169 -5.76 19.99 -6.51
CA ILE A 169 -5.49 21.24 -5.83
C ILE A 169 -6.48 22.33 -6.26
N GLY A 170 -6.94 23.12 -5.30
CA GLY A 170 -7.88 24.18 -5.59
C GLY A 170 -7.61 25.44 -4.79
N ASP A 171 -7.49 25.29 -3.47
CA ASP A 171 -7.22 26.43 -2.60
C ASP A 171 -5.74 26.51 -2.24
N ALA A 172 -5.31 27.69 -1.81
CA ALA A 172 -3.91 27.91 -1.45
C ALA A 172 -3.70 27.66 0.04
N GLY A 173 -2.43 27.56 0.44
CA GLY A 173 -2.11 27.32 1.84
C GLY A 173 -1.02 28.23 2.35
N THR A 174 -1.26 28.86 3.49
CA THR A 174 -0.28 29.77 4.08
C THR A 174 0.67 29.02 5.00
N VAL A 175 0.12 28.42 6.06
CA VAL A 175 0.92 27.68 7.02
C VAL A 175 0.58 26.19 6.97
N GLY A 176 -0.71 25.88 6.84
CA GLY A 176 -1.14 24.50 6.78
C GLY A 176 -1.10 23.94 5.38
N THR A 177 -1.04 22.61 5.27
CA THR A 177 -0.99 21.95 3.97
C THR A 177 -1.78 20.65 3.99
N ARG A 178 -3.01 20.70 3.47
CA ARG A 178 -3.86 19.53 3.43
C ARG A 178 -3.38 18.53 2.37
N PRO A 179 -3.35 18.96 1.10
CA PRO A 179 -2.91 18.11 -0.01
C PRO A 179 -1.40 17.91 -0.01
N ASP A 180 -0.97 16.67 -0.23
CA ASP A 180 0.45 16.34 -0.26
C ASP A 180 0.95 16.21 -1.70
N ASN A 181 1.63 17.26 -2.17
CA ASN A 181 2.16 17.26 -3.54
C ASN A 181 3.25 16.20 -3.69
N GLY A 182 3.14 15.39 -4.74
CA GLY A 182 4.13 14.36 -4.98
C GLY A 182 4.15 13.32 -3.88
N MET A 183 4.24 12.04 -4.27
CA MET A 183 4.27 10.96 -3.30
C MET A 183 4.81 9.68 -3.93
N LEU A 184 6.02 9.30 -3.54
CA LEU A 184 6.65 8.08 -4.06
C LEU A 184 7.07 7.16 -2.92
N SER A 185 6.90 5.86 -3.13
CA SER A 185 7.26 4.88 -2.11
C SER A 185 7.88 3.63 -2.73
N LEU A 186 8.74 2.97 -1.96
CA LEU A 186 9.41 1.75 -2.43
C LEU A 186 8.96 0.56 -1.60
N GLY A 187 8.60 -0.53 -2.27
CA GLY A 187 8.17 -1.72 -1.56
C GLY A 187 8.49 -3.00 -2.30
N VAL A 188 8.36 -4.12 -1.60
CA VAL A 188 8.64 -5.43 -2.18
C VAL A 188 7.45 -6.38 -1.98
N SER A 189 7.15 -7.16 -3.00
CA SER A 189 6.03 -8.11 -2.93
C SER A 189 6.38 -9.44 -3.59
N TYR A 190 5.48 -10.40 -3.47
CA TYR A 190 5.68 -11.71 -4.04
C TYR A 190 4.35 -12.33 -4.47
N ARG A 191 4.39 -13.18 -5.49
CA ARG A 191 3.18 -13.84 -5.99
C ARG A 191 2.88 -15.11 -5.20
N PHE A 192 1.61 -15.48 -5.16
CA PHE A 192 1.19 -16.68 -4.44
C PHE A 192 1.39 -17.93 -5.30
N GLY A 193 2.23 -18.85 -4.82
CA GLY A 193 2.48 -20.07 -5.56
C GLY A 193 1.85 -21.28 -4.91
N GLN A 194 1.62 -22.33 -5.70
CA GLN A 194 1.01 -23.55 -5.19
C GLN A 194 2.04 -24.39 -4.44
N GLU A 195 3.30 -24.31 -4.87
CA GLU A 195 4.38 -25.06 -4.25
C GLU A 195 5.09 -24.22 -3.20
N ASP A 196 5.15 -24.72 -1.97
CA ASP A 196 5.80 -24.00 -0.89
C ASP A 196 7.31 -24.27 -0.89
N ALA A 197 8.09 -23.26 -0.52
CA ALA A 197 9.53 -23.38 -0.48
C ALA A 197 10.05 -23.39 0.96
N ALA A 198 10.68 -24.50 1.34
CA ALA A 198 11.22 -24.64 2.69
C ALA A 198 12.45 -23.76 2.89
N PRO A 199 12.74 -23.37 4.14
CA PRO A 199 13.90 -22.53 4.46
C PRO A 199 15.20 -23.08 3.89
N VAL A 200 16.23 -22.25 3.83
CA VAL A 200 17.52 -22.66 3.31
C VAL A 200 18.46 -23.09 4.44
N VAL A 201 18.64 -24.40 4.59
CA VAL A 201 19.51 -24.93 5.63
C VAL A 201 20.85 -25.36 5.05
N ALA A 202 21.77 -24.41 4.93
CA ALA A 202 23.10 -24.69 4.39
C ALA A 202 24.19 -24.27 5.38
N PRO A 203 25.00 -25.23 5.86
CA PRO A 203 26.08 -24.94 6.81
C PRO A 203 27.26 -24.23 6.16
N ALA A 204 27.59 -24.65 4.93
CA ALA A 204 28.70 -24.06 4.20
C ALA A 204 28.24 -22.85 3.37
N PRO A 205 29.18 -21.97 2.99
CA PRO A 205 28.87 -20.77 2.19
C PRO A 205 28.12 -21.12 0.92
N ALA A 206 27.07 -20.34 0.63
CA ALA A 206 26.27 -20.57 -0.57
C ALA A 206 26.83 -19.80 -1.76
N PRO A 207 26.84 -18.45 -1.70
CA PRO A 207 27.36 -17.62 -2.79
C PRO A 207 28.88 -17.61 -2.85
N ALA A 208 29.42 -17.20 -3.99
CA ALA A 208 30.86 -17.14 -4.18
C ALA A 208 31.27 -15.82 -4.83
N PRO A 209 32.59 -15.54 -4.90
CA PRO A 209 33.11 -14.31 -5.50
C PRO A 209 32.58 -14.07 -6.90
N GLU A 210 32.31 -15.16 -7.62
CA GLU A 210 31.79 -15.08 -8.98
C GLU A 210 30.47 -14.34 -9.01
N ALA A 1 -29.89 -23.12 8.74
CA ALA A 1 -28.59 -23.81 8.63
C ALA A 1 -27.85 -23.82 9.97
N ARG A 2 -26.70 -24.49 10.01
CA ARG A 2 -25.91 -24.58 11.23
C ARG A 2 -24.42 -24.38 10.92
N ILE A 3 -23.89 -25.22 10.04
CA ILE A 3 -22.48 -25.13 9.66
C ILE A 3 -22.24 -23.95 8.73
N MET A 4 -21.49 -22.97 9.22
CA MET A 4 -21.17 -21.78 8.43
C MET A 4 -19.75 -21.85 7.88
N LYS A 5 -19.34 -23.04 7.45
CA LYS A 5 -18.01 -23.24 6.90
C LYS A 5 -18.02 -24.35 5.85
N ALA A 6 -19.10 -24.42 5.08
CA ALA A 6 -19.23 -25.44 4.04
C ALA A 6 -18.77 -24.91 2.68
N ILE A 7 -18.39 -23.63 2.63
CA ILE A 7 -17.94 -23.02 1.38
C ILE A 7 -16.42 -23.01 1.29
N PHE A 8 -15.78 -24.00 1.91
CA PHE A 8 -14.33 -24.10 1.89
C PHE A 8 -13.88 -25.55 1.79
N VAL A 9 -14.76 -26.41 1.27
CA VAL A 9 -14.44 -27.83 1.13
C VAL A 9 -14.54 -28.27 -0.33
N LEU A 10 -15.45 -27.64 -1.08
CA LEU A 10 -15.63 -27.97 -2.49
C LEU A 10 -15.71 -26.71 -3.33
N ASN A 11 -14.56 -26.21 -3.77
CA ASN A 11 -14.49 -25.01 -4.59
C ASN A 11 -14.93 -25.30 -6.02
N ALA A 12 -16.00 -24.66 -6.45
CA ALA A 12 -16.52 -24.85 -7.80
C ALA A 12 -15.75 -24.01 -8.81
N ALA A 13 -16.03 -22.71 -8.84
CA ALA A 13 -15.36 -21.80 -9.75
C ALA A 13 -14.57 -20.73 -8.99
N PRO A 14 -13.28 -20.98 -8.75
CA PRO A 14 -12.42 -20.04 -8.03
C PRO A 14 -12.41 -18.65 -8.67
N LYS A 15 -12.17 -17.63 -7.86
CA LYS A 15 -12.14 -16.25 -8.35
C LYS A 15 -10.71 -15.72 -8.39
N ASP A 16 -9.96 -15.98 -7.32
CA ASP A 16 -8.59 -15.53 -7.24
C ASP A 16 -7.66 -16.42 -8.07
N ASN A 17 -7.29 -15.94 -9.25
CA ASN A 17 -6.41 -16.69 -10.14
C ASN A 17 -4.94 -16.42 -9.81
N THR A 18 -4.62 -15.15 -9.59
CA THR A 18 -3.25 -14.75 -9.27
C THR A 18 -3.26 -13.48 -8.41
N TRP A 19 -2.49 -13.51 -7.32
CA TRP A 19 -2.41 -12.36 -6.43
C TRP A 19 -1.05 -12.29 -5.75
N TYR A 20 -0.61 -11.06 -5.46
CA TYR A 20 0.67 -10.85 -4.79
C TYR A 20 0.51 -9.90 -3.61
N ALA A 21 1.26 -10.16 -2.55
CA ALA A 21 1.20 -9.32 -1.36
C ALA A 21 2.60 -8.92 -0.88
N GLY A 22 2.69 -7.74 -0.28
CA GLY A 22 3.98 -7.27 0.21
C GLY A 22 3.85 -6.01 1.05
N GLY A 23 4.95 -5.28 1.18
CA GLY A 23 4.94 -4.07 1.98
C GLY A 23 5.60 -2.90 1.25
N LYS A 24 5.03 -1.71 1.42
CA LYS A 24 5.56 -0.52 0.78
C LYS A 24 5.79 0.60 1.79
N LEU A 25 6.90 1.32 1.61
CA LEU A 25 7.26 2.42 2.50
C LEU A 25 7.54 3.69 1.69
N GLY A 26 7.11 4.84 2.22
CA GLY A 26 7.31 6.09 1.53
C GLY A 26 6.90 7.29 2.36
N TRP A 27 6.94 8.47 1.75
CA TRP A 27 6.56 9.69 2.44
C TRP A 27 5.15 10.11 2.05
N SER A 28 4.45 10.75 2.99
CA SER A 28 3.08 11.20 2.75
C SER A 28 2.99 12.72 2.86
N GLN A 29 1.80 13.26 2.56
CA GLN A 29 1.59 14.69 2.63
C GLN A 29 0.12 15.00 2.95
N TYR A 30 -0.19 15.13 4.23
CA TYR A 30 -1.55 15.41 4.66
C TYR A 30 -1.56 16.52 5.72
N HIS A 31 -1.98 17.72 5.33
CA HIS A 31 -2.04 18.84 6.24
C HIS A 31 -3.48 19.18 6.60
N ASP A 32 -3.79 19.14 7.89
CA ASP A 32 -5.13 19.45 8.37
C ASP A 32 -5.09 20.34 9.60
N THR A 33 -4.07 21.19 9.67
CA THR A 33 -3.92 22.10 10.80
C THR A 33 -4.39 23.51 10.44
N GLY A 34 -4.24 23.86 9.17
CA GLY A 34 -4.66 25.18 8.72
C GLY A 34 -3.51 26.16 8.66
N PHE A 35 -3.58 27.21 9.49
CA PHE A 35 -2.54 28.23 9.51
C PHE A 35 -2.45 28.87 10.90
N TYR A 36 -1.25 28.91 11.45
CA TYR A 36 -1.03 29.50 12.77
C TYR A 36 -0.74 30.99 12.65
N GLY A 37 -1.29 31.77 13.58
CA GLY A 37 -1.07 33.20 13.57
C GLY A 37 0.19 33.61 14.30
N ASN A 38 0.67 34.82 14.02
CA ASN A 38 1.87 35.33 14.66
C ASN A 38 1.69 35.45 16.16
N GLY A 39 2.71 35.07 16.92
CA GLY A 39 2.64 35.14 18.37
C GLY A 39 3.55 36.21 18.93
N PHE A 40 3.54 36.34 20.25
CA PHE A 40 4.37 37.35 20.92
C PHE A 40 5.83 36.92 20.93
N GLN A 41 6.14 35.86 21.68
CA GLN A 41 7.49 35.35 21.78
C GLN A 41 7.51 33.89 22.21
N ASN A 42 7.33 32.98 21.26
CA ASN A 42 7.31 31.56 21.55
C ASN A 42 8.44 30.84 20.82
N ASN A 43 8.60 29.56 21.10
CA ASN A 43 9.65 28.75 20.47
C ASN A 43 9.07 27.47 19.89
N ASN A 44 9.84 26.84 19.01
CA ASN A 44 9.41 25.59 18.38
C ASN A 44 10.41 24.47 18.65
N GLY A 45 9.99 23.24 18.38
CA GLY A 45 10.86 22.10 18.60
C GLY A 45 11.83 21.88 17.45
N PRO A 46 12.24 20.62 17.20
CA PRO A 46 13.18 20.29 16.12
C PRO A 46 12.74 20.87 14.78
N THR A 47 13.62 20.78 13.79
CA THR A 47 13.32 21.28 12.46
C THR A 47 12.67 20.21 11.59
N ARG A 48 13.35 19.07 11.48
CA ARG A 48 12.85 17.96 10.67
C ARG A 48 11.94 17.05 11.50
N ASN A 49 10.93 16.49 10.85
CA ASN A 49 9.98 15.61 11.54
C ASN A 49 9.96 14.23 10.89
N ASP A 50 9.83 13.20 11.72
CA ASP A 50 9.81 11.83 11.22
C ASP A 50 8.46 11.52 10.57
N GLN A 51 8.16 12.21 9.47
CA GLN A 51 6.91 12.01 8.77
C GLN A 51 7.06 10.93 7.70
N LEU A 52 6.95 9.67 8.11
CA LEU A 52 7.07 8.55 7.19
C LEU A 52 5.87 7.61 7.33
N GLY A 53 5.45 7.03 6.20
CA GLY A 53 4.31 6.13 6.22
C GLY A 53 4.66 4.77 5.63
N ALA A 54 4.22 3.71 6.30
CA ALA A 54 4.48 2.35 5.85
C ALA A 54 3.21 1.51 5.94
N GLY A 55 2.96 0.72 4.89
CA GLY A 55 1.78 -0.12 4.87
C GLY A 55 1.92 -1.32 3.95
N ALA A 56 1.02 -2.27 4.10
CA ALA A 56 1.04 -3.48 3.27
C ALA A 56 0.12 -3.32 2.07
N PHE A 57 0.41 -4.06 1.00
CA PHE A 57 -0.40 -3.99 -0.21
C PHE A 57 -0.51 -5.37 -0.87
N GLY A 58 -1.74 -5.74 -1.23
CA GLY A 58 -1.96 -7.01 -1.86
C GLY A 58 -2.80 -6.89 -3.12
N GLY A 59 -2.28 -7.40 -4.23
CA GLY A 59 -3.00 -7.33 -5.49
C GLY A 59 -3.69 -8.63 -5.84
N TYR A 60 -4.97 -8.55 -6.18
CA TYR A 60 -5.75 -9.73 -6.54
C TYR A 60 -6.32 -9.59 -7.95
N GLN A 61 -5.96 -10.53 -8.82
CA GLN A 61 -6.44 -10.51 -10.20
C GLN A 61 -7.58 -11.50 -10.39
N VAL A 62 -8.63 -11.06 -11.08
CA VAL A 62 -9.79 -11.92 -11.34
C VAL A 62 -10.14 -11.92 -12.82
N ASN A 63 -10.20 -10.73 -13.40
CA ASN A 63 -10.52 -10.58 -14.82
C ASN A 63 -9.35 -9.96 -15.57
N PRO A 64 -9.15 -10.35 -16.84
CA PRO A 64 -8.06 -9.82 -17.67
C PRO A 64 -8.26 -8.35 -18.00
N TYR A 65 -8.17 -7.49 -16.99
CA TYR A 65 -8.34 -6.06 -17.17
C TYR A 65 -7.88 -5.28 -15.95
N LEU A 66 -8.20 -5.79 -14.76
CA LEU A 66 -7.82 -5.12 -13.52
C LEU A 66 -8.03 -6.04 -12.32
N GLY A 67 -7.42 -5.67 -11.20
CA GLY A 67 -7.54 -6.45 -9.98
C GLY A 67 -7.81 -5.59 -8.76
N PHE A 68 -8.22 -6.22 -7.67
CA PHE A 68 -8.51 -5.50 -6.43
C PHE A 68 -7.24 -5.33 -5.60
N GLU A 69 -7.03 -4.10 -5.12
CA GLU A 69 -5.86 -3.80 -4.30
C GLU A 69 -6.26 -3.54 -2.85
N MET A 70 -5.84 -4.45 -1.98
CA MET A 70 -6.13 -4.33 -0.56
C MET A 70 -4.85 -3.98 0.21
N GLY A 71 -4.80 -2.76 0.75
CA GLY A 71 -3.62 -2.33 1.47
C GLY A 71 -3.90 -2.01 2.92
N TYR A 72 -2.84 -1.94 3.72
CA TYR A 72 -2.96 -1.64 5.15
C TYR A 72 -2.02 -0.50 5.52
N ASP A 73 -2.60 0.63 5.92
CA ASP A 73 -1.82 1.80 6.30
C ASP A 73 -1.28 1.66 7.73
N TRP A 74 0.02 1.89 7.88
CA TRP A 74 0.67 1.80 9.18
C TRP A 74 1.56 3.03 9.43
N LEU A 75 1.32 3.70 10.54
CA LEU A 75 2.11 4.90 10.88
C LEU A 75 2.37 4.95 12.38
N GLY A 76 3.19 5.91 12.79
CA GLY A 76 3.51 6.06 14.20
C GLY A 76 3.46 7.51 14.65
N ARG A 77 3.72 7.73 15.94
CA ARG A 77 3.70 9.08 16.50
C ARG A 77 2.31 9.71 16.34
N MET A 78 2.13 10.87 16.96
CA MET A 78 0.86 11.58 16.90
C MET A 78 0.94 12.92 17.61
N ALA A 79 1.12 12.87 18.92
CA ALA A 79 1.21 14.08 19.72
C ALA A 79 2.48 14.85 19.41
N TYR A 80 2.78 15.87 20.22
CA TYR A 80 3.98 16.67 20.03
C TYR A 80 5.03 16.36 21.09
N LYS A 81 4.58 16.20 22.33
CA LYS A 81 5.48 15.90 23.43
C LYS A 81 4.85 14.87 24.38
N GLY A 82 4.02 14.00 23.83
CA GLY A 82 3.37 12.99 24.63
C GLY A 82 2.75 11.89 23.80
N SER A 83 3.57 10.90 23.43
CA SER A 83 3.09 9.78 22.63
C SER A 83 3.80 8.49 23.02
N VAL A 84 4.16 8.38 24.30
CA VAL A 84 4.84 7.20 24.81
C VAL A 84 3.93 6.36 25.69
N ASP A 85 2.95 5.71 25.06
CA ASP A 85 2.00 4.88 25.79
C ASP A 85 2.09 3.43 25.34
N ASN A 86 1.21 2.59 25.88
CA ASN A 86 1.20 1.17 25.54
C ASN A 86 0.92 0.98 24.05
N GLY A 87 1.48 -0.09 23.48
CA GLY A 87 1.28 -0.36 22.07
C GLY A 87 0.33 -1.52 21.84
N ALA A 88 -0.60 -1.71 22.77
CA ALA A 88 -1.57 -2.80 22.67
C ALA A 88 -2.49 -2.58 21.46
N PHE A 89 -3.20 -1.46 21.46
CA PHE A 89 -4.12 -1.14 20.38
C PHE A 89 -4.13 0.36 20.10
N LYS A 90 -3.44 0.77 19.03
CA LYS A 90 -3.37 2.18 18.67
C LYS A 90 -4.33 2.48 17.51
N ALA A 91 -4.02 1.94 16.34
CA ALA A 91 -4.85 2.15 15.17
C ALA A 91 -4.35 1.32 13.98
N GLN A 92 -5.21 1.14 13.00
CA GLN A 92 -4.86 0.37 11.80
C GLN A 92 -5.55 0.96 10.57
N GLY A 93 -4.76 1.21 9.52
CA GLY A 93 -5.31 1.78 8.31
C GLY A 93 -5.67 0.72 7.28
N VAL A 94 -6.88 0.82 6.73
CA VAL A 94 -7.35 -0.12 5.72
C VAL A 94 -7.52 0.60 4.38
N GLN A 95 -6.82 0.12 3.36
CA GLN A 95 -6.89 0.73 2.03
C GLN A 95 -7.64 -0.15 1.04
N LEU A 96 -8.54 0.47 0.27
CA LEU A 96 -9.32 -0.22 -0.73
C LEU A 96 -9.22 0.50 -2.07
N THR A 97 -8.58 -0.14 -3.04
CA THR A 97 -8.41 0.48 -4.35
C THR A 97 -8.32 -0.56 -5.46
N ALA A 98 -8.53 -0.10 -6.69
CA ALA A 98 -8.46 -0.98 -7.85
C ALA A 98 -7.12 -0.80 -8.56
N LYS A 99 -6.37 -1.89 -8.71
CA LYS A 99 -5.06 -1.84 -9.35
C LYS A 99 -5.05 -2.58 -10.68
N LEU A 100 -4.51 -1.93 -11.70
CA LEU A 100 -4.40 -2.51 -13.02
C LEU A 100 -2.94 -2.53 -13.46
N GLY A 101 -2.46 -3.69 -13.89
CA GLY A 101 -1.08 -3.81 -14.32
C GLY A 101 -0.93 -4.26 -15.75
N TYR A 102 0.32 -4.38 -16.20
CA TYR A 102 0.62 -4.79 -17.57
C TYR A 102 2.08 -5.18 -17.70
N PRO A 103 2.37 -6.41 -18.20
CA PRO A 103 3.74 -6.89 -18.37
C PRO A 103 4.44 -6.26 -19.58
N ILE A 104 5.76 -6.37 -19.62
CA ILE A 104 6.54 -5.82 -20.72
C ILE A 104 7.31 -6.92 -21.45
N THR A 105 8.32 -7.47 -20.77
CA THR A 105 9.14 -8.53 -21.35
C THR A 105 10.18 -9.00 -20.35
N ASP A 106 10.55 -10.28 -20.42
CA ASP A 106 11.54 -10.85 -19.52
C ASP A 106 11.01 -10.89 -18.08
N ASP A 107 10.98 -9.73 -17.44
CA ASP A 107 10.49 -9.63 -16.07
C ASP A 107 10.30 -8.18 -15.64
N LEU A 108 9.43 -7.46 -16.36
CA LEU A 108 9.15 -6.07 -16.04
C LEU A 108 7.68 -5.76 -16.32
N ASP A 109 6.99 -5.21 -15.34
CA ASP A 109 5.57 -4.89 -15.49
C ASP A 109 5.23 -3.54 -14.89
N ILE A 110 4.07 -3.00 -15.28
CA ILE A 110 3.60 -1.72 -14.78
C ILE A 110 2.32 -1.92 -13.96
N TYR A 111 2.03 -0.97 -13.07
CA TYR A 111 0.84 -1.08 -12.23
C TYR A 111 0.34 0.30 -11.79
N THR A 112 -0.98 0.43 -11.69
CA THR A 112 -1.60 1.69 -11.27
C THR A 112 -2.81 1.40 -10.41
N ARG A 113 -2.86 2.00 -9.21
CA ARG A 113 -3.97 1.79 -8.29
C ARG A 113 -4.71 3.09 -8.00
N LEU A 114 -6.04 3.00 -8.04
CA LEU A 114 -6.89 4.16 -7.77
C LEU A 114 -8.02 3.77 -6.81
N GLY A 115 -8.11 4.47 -5.69
CA GLY A 115 -9.14 4.17 -4.70
C GLY A 115 -9.10 5.11 -3.51
N GLY A 116 -9.18 4.56 -2.31
CA GLY A 116 -9.15 5.39 -1.12
C GLY A 116 -8.64 4.66 0.10
N MET A 117 -8.31 5.43 1.14
CA MET A 117 -7.80 4.87 2.38
C MET A 117 -8.70 5.24 3.54
N VAL A 118 -8.90 4.28 4.45
CA VAL A 118 -9.74 4.50 5.62
C VAL A 118 -9.06 3.99 6.89
N TRP A 119 -8.92 4.86 7.88
CA TRP A 119 -8.29 4.50 9.14
C TRP A 119 -9.03 5.10 10.32
N ARG A 120 -8.81 4.54 11.51
CA ARG A 120 -9.46 5.02 12.72
C ARG A 120 -8.48 5.06 13.89
N ALA A 121 -8.44 6.20 14.58
CA ALA A 121 -7.55 6.36 15.71
C ALA A 121 -8.22 7.16 16.82
N ASP A 122 -7.94 6.79 18.07
CA ASP A 122 -8.53 7.46 19.22
C ASP A 122 -7.61 7.35 20.43
N SER A 123 -7.83 8.23 21.42
CA SER A 123 -7.02 8.22 22.63
C SER A 123 -7.68 7.38 23.72
N LYS A 124 -8.12 6.19 23.36
CA LYS A 124 -8.77 5.28 24.30
C LYS A 124 -7.82 4.17 24.73
N GLY A 125 -6.53 4.50 24.81
CA GLY A 125 -5.54 3.51 25.21
C GLY A 125 -5.15 3.63 26.67
N ASN A 126 -4.10 4.38 26.93
CA ASN A 126 -3.61 4.58 28.29
C ASN A 126 -3.89 6.01 28.76
N TYR A 127 -3.87 6.95 27.82
CA TYR A 127 -4.10 8.36 28.14
C TYR A 127 -5.48 8.55 28.75
N ALA A 128 -6.46 7.78 28.27
CA ALA A 128 -7.82 7.87 28.77
C ALA A 128 -8.08 6.82 29.85
N SER A 129 -8.24 7.28 31.09
CA SER A 129 -8.48 6.38 32.21
C SER A 129 -9.46 7.01 33.21
N THR A 130 -9.13 8.21 33.67
CA THR A 130 -9.98 8.92 34.62
C THR A 130 -11.32 9.31 33.99
N GLY A 131 -11.26 9.74 32.73
CA GLY A 131 -12.47 10.13 32.03
C GLY A 131 -12.20 10.58 30.61
N VAL A 132 -13.26 10.70 29.82
CA VAL A 132 -13.13 11.12 28.43
C VAL A 132 -14.50 11.22 27.75
N SER A 133 -15.31 12.17 28.20
CA SER A 133 -16.64 12.37 27.64
C SER A 133 -16.65 13.54 26.67
N ARG A 134 -16.06 14.66 27.07
CA ARG A 134 -16.01 15.84 26.24
C ARG A 134 -15.29 15.56 24.92
N SER A 135 -14.33 14.63 24.97
CA SER A 135 -13.56 14.27 23.78
C SER A 135 -14.21 13.08 23.06
N GLU A 136 -14.76 13.35 21.89
CA GLU A 136 -15.41 12.31 21.09
C GLU A 136 -14.40 11.56 20.24
N HIS A 137 -14.87 10.56 19.52
CA HIS A 137 -14.01 9.75 18.66
C HIS A 137 -13.68 10.51 17.37
N ASP A 138 -12.82 9.91 16.55
CA ASP A 138 -12.42 10.53 15.29
C ASP A 138 -12.22 9.48 14.20
N THR A 139 -12.48 9.86 12.96
CA THR A 139 -12.33 8.95 11.82
C THR A 139 -11.53 9.60 10.70
N GLY A 140 -10.69 8.82 10.05
CA GLY A 140 -9.89 9.34 8.96
C GLY A 140 -10.15 8.62 7.64
N VAL A 141 -10.55 9.39 6.62
CA VAL A 141 -10.84 8.82 5.31
C VAL A 141 -10.45 9.78 4.20
N SER A 142 -9.70 9.28 3.21
CA SER A 142 -9.27 10.11 2.09
C SER A 142 -8.95 9.26 0.86
N PRO A 143 -9.32 9.73 -0.34
CA PRO A 143 -9.06 9.02 -1.59
C PRO A 143 -7.63 9.21 -2.09
N VAL A 144 -7.10 8.20 -2.75
CA VAL A 144 -5.74 8.27 -3.27
C VAL A 144 -5.54 7.30 -4.44
N PHE A 145 -4.51 7.58 -5.24
CA PHE A 145 -4.20 6.75 -6.40
C PHE A 145 -2.70 6.77 -6.68
N ALA A 146 -2.09 5.59 -6.71
CA ALA A 146 -0.66 5.47 -6.96
C ALA A 146 -0.38 4.80 -8.29
N GLY A 147 0.69 5.24 -8.95
CA GLY A 147 1.05 4.67 -10.23
C GLY A 147 2.54 4.48 -10.38
N GLY A 148 2.96 3.31 -10.85
CA GLY A 148 4.38 3.04 -11.03
C GLY A 148 4.65 1.76 -11.80
N VAL A 149 5.77 1.12 -11.50
CA VAL A 149 6.15 -0.11 -12.18
C VAL A 149 6.65 -1.16 -11.19
N GLU A 150 6.80 -2.39 -11.67
CA GLU A 150 7.27 -3.49 -10.82
C GLU A 150 8.38 -4.26 -11.51
N TRP A 151 9.42 -4.59 -10.74
CA TRP A 151 10.56 -5.33 -11.28
C TRP A 151 10.83 -6.58 -10.46
N ALA A 152 10.99 -7.71 -11.16
CA ALA A 152 11.26 -8.98 -10.50
C ALA A 152 12.75 -9.23 -10.35
N VAL A 153 13.15 -9.73 -9.19
CA VAL A 153 14.56 -10.01 -8.92
C VAL A 153 14.80 -11.51 -8.80
N THR A 154 13.96 -12.17 -8.01
CA THR A 154 14.07 -13.61 -7.80
C THR A 154 13.03 -14.35 -8.63
N ARG A 155 12.80 -15.61 -8.30
CA ARG A 155 11.83 -16.43 -9.02
C ARG A 155 10.49 -16.45 -8.29
N ASP A 156 10.12 -15.32 -7.69
CA ASP A 156 8.86 -15.20 -6.96
C ASP A 156 8.75 -13.85 -6.25
N ILE A 157 9.89 -13.28 -5.88
CA ILE A 157 9.90 -11.99 -5.19
C ILE A 157 10.23 -10.86 -6.15
N ALA A 158 9.43 -9.81 -6.12
CA ALA A 158 9.64 -8.65 -6.99
C ALA A 158 9.50 -7.35 -6.22
N THR A 159 10.06 -6.28 -6.78
CA THR A 159 10.00 -4.97 -6.14
C THR A 159 8.93 -4.11 -6.81
N ARG A 160 8.39 -3.16 -6.05
CA ARG A 160 7.35 -2.28 -6.56
C ARG A 160 7.64 -0.82 -6.24
N LEU A 161 7.67 0.01 -7.27
CA LEU A 161 7.92 1.43 -7.10
C LEU A 161 6.78 2.25 -7.71
N GLU A 162 6.08 3.00 -6.86
CA GLU A 162 4.96 3.80 -7.32
C GLU A 162 4.98 5.19 -6.70
N TYR A 163 4.54 6.18 -7.48
CA TYR A 163 4.50 7.56 -7.02
C TYR A 163 3.08 8.12 -7.15
N GLN A 164 2.84 9.26 -6.49
CA GLN A 164 1.53 9.91 -6.54
C GLN A 164 1.52 11.04 -7.56
N TRP A 165 0.38 11.71 -7.67
CA TRP A 165 0.23 12.82 -8.60
C TRP A 165 1.21 13.94 -8.26
N VAL A 166 2.18 14.15 -9.14
CA VAL A 166 3.18 15.21 -8.94
C VAL A 166 3.34 16.06 -10.20
N ASN A 167 3.46 17.36 -10.00
CA ASN A 167 3.62 18.28 -11.13
C ASN A 167 5.05 18.79 -11.22
N ASN A 168 5.44 19.24 -12.40
CA ASN A 168 6.80 19.75 -12.62
C ASN A 168 6.78 20.92 -13.60
N ILE A 169 6.08 20.76 -14.71
CA ILE A 169 5.99 21.80 -15.72
C ILE A 169 5.35 23.07 -15.15
N GLY A 170 4.12 22.94 -14.68
CA GLY A 170 3.42 24.09 -14.11
C GLY A 170 3.92 24.44 -12.73
N ASP A 171 3.68 25.68 -12.31
CA ASP A 171 4.10 26.15 -10.99
C ASP A 171 2.90 26.34 -10.08
N ALA A 172 3.14 26.18 -8.78
CA ALA A 172 2.08 26.34 -7.78
C ALA A 172 2.06 27.74 -7.21
N GLY A 173 0.90 28.19 -6.75
CA GLY A 173 0.77 29.51 -6.19
C GLY A 173 0.65 29.49 -4.67
N THR A 174 1.71 29.05 -4.01
CA THR A 174 1.72 28.97 -2.55
C THR A 174 3.12 29.19 -2.00
N VAL A 175 3.26 29.10 -0.68
CA VAL A 175 4.55 29.27 -0.03
C VAL A 175 5.35 27.98 -0.02
N GLY A 176 6.64 28.08 -0.33
CA GLY A 176 7.49 26.90 -0.35
C GLY A 176 8.97 27.26 -0.33
N THR A 177 9.80 26.28 0.00
CA THR A 177 11.24 26.49 0.06
C THR A 177 11.95 25.76 -1.09
N ARG A 178 11.89 24.44 -1.06
CA ARG A 178 12.52 23.62 -2.09
C ARG A 178 11.49 22.77 -2.82
N PRO A 179 10.74 23.38 -3.76
CA PRO A 179 9.72 22.67 -4.54
C PRO A 179 10.31 21.68 -5.52
N ASP A 180 10.62 20.48 -5.05
CA ASP A 180 11.18 19.44 -5.89
C ASP A 180 10.59 18.07 -5.56
N ASN A 181 10.45 17.23 -6.58
CA ASN A 181 9.89 15.90 -6.40
C ASN A 181 8.47 15.97 -5.85
N GLY A 182 7.88 14.81 -5.62
CA GLY A 182 6.52 14.75 -5.10
C GLY A 182 6.35 13.69 -4.03
N MET A 183 5.67 12.61 -4.37
CA MET A 183 5.43 11.52 -3.44
C MET A 183 5.78 10.17 -4.06
N LEU A 184 6.94 9.64 -3.71
CA LEU A 184 7.39 8.36 -4.25
C LEU A 184 7.49 7.32 -3.14
N SER A 185 6.98 6.12 -3.42
CA SER A 185 7.01 5.03 -2.45
C SER A 185 7.61 3.77 -3.06
N LEU A 186 8.38 3.04 -2.27
CA LEU A 186 9.02 1.81 -2.74
C LEU A 186 8.75 0.66 -1.76
N GLY A 187 8.62 -0.54 -2.31
CA GLY A 187 8.37 -1.70 -1.47
C GLY A 187 8.64 -3.01 -2.19
N VAL A 188 8.38 -4.12 -1.52
CA VAL A 188 8.59 -5.44 -2.10
C VAL A 188 7.37 -6.33 -1.92
N SER A 189 7.07 -7.14 -2.93
CA SER A 189 5.91 -8.01 -2.87
C SER A 189 6.23 -9.42 -3.38
N TYR A 190 5.39 -10.38 -3.01
CA TYR A 190 5.55 -11.76 -3.41
C TYR A 190 4.29 -12.27 -4.09
N ARG A 191 4.47 -12.98 -5.22
CA ARG A 191 3.34 -13.51 -5.96
C ARG A 191 2.99 -14.92 -5.49
N PHE A 192 1.70 -15.20 -5.34
CA PHE A 192 1.23 -16.51 -4.91
C PHE A 192 -0.04 -16.90 -5.64
N GLY A 193 -0.25 -18.21 -5.80
CA GLY A 193 -1.44 -18.70 -6.48
C GLY A 193 -1.96 -19.98 -5.88
N GLN A 194 -3.14 -20.40 -6.32
CA GLN A 194 -3.75 -21.63 -5.82
C GLN A 194 -3.35 -22.83 -6.68
N GLU A 195 -2.94 -23.90 -6.02
CA GLU A 195 -2.52 -25.11 -6.71
C GLU A 195 -3.63 -26.17 -6.66
N ASP A 196 -3.52 -27.17 -7.53
CA ASP A 196 -4.50 -28.24 -7.59
C ASP A 196 -3.84 -29.60 -7.36
N ALA A 197 -2.98 -29.99 -8.30
CA ALA A 197 -2.28 -31.27 -8.19
C ALA A 197 -0.90 -31.09 -7.57
N ALA A 198 -0.72 -31.68 -6.39
CA ALA A 198 0.57 -31.59 -5.69
C ALA A 198 1.06 -32.97 -5.26
N PRO A 199 1.47 -33.80 -6.23
CA PRO A 199 1.97 -35.15 -5.95
C PRO A 199 3.35 -35.13 -5.29
N VAL A 200 3.37 -35.13 -3.97
CA VAL A 200 4.62 -35.11 -3.22
C VAL A 200 4.66 -36.23 -2.19
N VAL A 201 3.62 -36.31 -1.36
CA VAL A 201 3.54 -37.34 -0.33
C VAL A 201 2.29 -38.20 -0.51
N ALA A 202 2.50 -39.46 -0.83
CA ALA A 202 1.40 -40.40 -1.03
C ALA A 202 0.76 -40.80 0.29
N PRO A 203 1.54 -41.43 1.19
CA PRO A 203 1.05 -41.85 2.51
C PRO A 203 0.81 -40.69 3.46
N ALA A 204 0.01 -40.92 4.49
CA ALA A 204 -0.30 -39.88 5.47
C ALA A 204 0.54 -40.06 6.73
N PRO A 205 0.57 -39.05 7.61
CA PRO A 205 1.32 -39.10 8.87
C PRO A 205 0.75 -40.13 9.84
N ALA A 206 1.50 -41.20 10.08
CA ALA A 206 1.07 -42.24 10.99
C ALA A 206 2.13 -42.50 12.07
N PRO A 207 2.19 -41.64 13.10
CA PRO A 207 3.16 -41.79 14.19
C PRO A 207 2.84 -42.98 15.09
N ALA A 208 1.55 -43.23 15.30
CA ALA A 208 1.11 -44.34 16.14
C ALA A 208 0.71 -45.54 15.30
N PRO A 209 0.51 -46.71 15.94
CA PRO A 209 0.12 -47.93 15.24
C PRO A 209 -1.10 -47.73 14.35
N GLU A 210 -2.16 -47.16 14.92
CA GLU A 210 -3.38 -46.92 14.18
C GLU A 210 -3.32 -45.57 13.46
N ALA A 1 -25.92 6.48 -20.24
CA ALA A 1 -24.65 5.93 -20.79
C ALA A 1 -23.45 6.41 -19.99
N ARG A 2 -22.48 5.54 -19.78
CA ARG A 2 -21.28 5.88 -19.04
C ARG A 2 -20.09 5.06 -19.52
N ILE A 3 -20.08 3.77 -19.15
CA ILE A 3 -19.00 2.88 -19.54
C ILE A 3 -19.53 1.49 -19.90
N MET A 4 -19.13 0.99 -21.06
CA MET A 4 -19.56 -0.33 -21.52
C MET A 4 -18.38 -1.28 -21.62
N LYS A 5 -18.64 -2.56 -21.36
CA LYS A 5 -17.59 -3.58 -21.42
C LYS A 5 -18.08 -4.82 -22.16
N ALA A 6 -17.44 -5.13 -23.28
CA ALA A 6 -17.81 -6.28 -24.08
C ALA A 6 -16.71 -7.33 -24.09
N ILE A 7 -17.07 -8.58 -23.80
CA ILE A 7 -16.10 -9.67 -23.77
C ILE A 7 -16.26 -10.57 -24.98
N PHE A 8 -15.41 -11.60 -25.06
CA PHE A 8 -15.45 -12.54 -26.17
C PHE A 8 -16.13 -13.84 -25.76
N VAL A 9 -17.04 -14.32 -26.61
CA VAL A 9 -17.75 -15.56 -26.33
C VAL A 9 -16.95 -16.77 -26.81
N LEU A 10 -16.10 -17.29 -25.93
CA LEU A 10 -15.28 -18.45 -26.25
C LEU A 10 -14.96 -19.25 -25.00
N ASN A 11 -14.30 -20.39 -25.17
CA ASN A 11 -13.93 -21.25 -24.06
C ASN A 11 -13.08 -20.49 -23.04
N ALA A 12 -13.71 -20.04 -21.97
CA ALA A 12 -13.02 -19.30 -20.92
C ALA A 12 -12.41 -20.24 -19.89
N ALA A 13 -11.58 -21.17 -20.36
CA ALA A 13 -10.92 -22.12 -19.48
C ALA A 13 -9.62 -21.56 -18.93
N PRO A 14 -8.73 -21.08 -19.81
CA PRO A 14 -7.44 -20.50 -19.40
C PRO A 14 -7.61 -19.32 -18.45
N LYS A 15 -7.77 -19.61 -17.17
CA LYS A 15 -7.94 -18.56 -16.17
C LYS A 15 -6.58 -18.08 -15.64
N ASP A 16 -6.12 -16.95 -16.16
CA ASP A 16 -4.84 -16.39 -15.75
C ASP A 16 -5.00 -15.56 -14.48
N ASN A 17 -5.36 -16.21 -13.38
CA ASN A 17 -5.55 -15.53 -12.10
C ASN A 17 -4.30 -15.68 -11.23
N THR A 18 -3.98 -14.61 -10.51
CA THR A 18 -2.82 -14.62 -9.62
C THR A 18 -3.03 -13.67 -8.44
N TRP A 19 -2.11 -13.70 -7.48
CA TRP A 19 -2.20 -12.85 -6.30
C TRP A 19 -0.83 -12.36 -5.88
N TYR A 20 -0.71 -11.05 -5.67
CA TYR A 20 0.55 -10.45 -5.26
C TYR A 20 0.41 -9.75 -3.91
N ALA A 21 1.39 -9.96 -3.03
CA ALA A 21 1.36 -9.34 -1.70
C ALA A 21 2.76 -8.88 -1.29
N GLY A 22 2.82 -7.71 -0.66
CA GLY A 22 4.09 -7.18 -0.22
C GLY A 22 3.94 -5.96 0.66
N GLY A 23 5.00 -5.16 0.76
CA GLY A 23 4.95 -3.96 1.58
C GLY A 23 5.81 -2.85 1.03
N LYS A 24 5.38 -1.61 1.24
CA LYS A 24 6.12 -0.45 0.76
C LYS A 24 6.45 0.51 1.90
N LEU A 25 7.43 1.37 1.68
CA LEU A 25 7.85 2.35 2.68
C LEU A 25 8.19 3.68 2.04
N GLY A 26 7.86 4.77 2.73
CA GLY A 26 8.13 6.09 2.20
C GLY A 26 7.81 7.19 3.20
N TRP A 27 7.69 8.42 2.71
CA TRP A 27 7.39 9.56 3.56
C TRP A 27 5.95 10.00 3.38
N SER A 28 5.30 10.36 4.50
CA SER A 28 3.92 10.81 4.46
C SER A 28 3.78 12.22 5.03
N GLN A 29 3.14 13.10 4.27
CA GLN A 29 2.94 14.48 4.70
C GLN A 29 1.47 14.75 5.02
N TYR A 30 1.23 15.52 6.07
CA TYR A 30 -0.13 15.85 6.47
C TYR A 30 -0.81 16.73 5.42
N HIS A 31 -2.13 16.62 5.34
CA HIS A 31 -2.91 17.40 4.38
C HIS A 31 -3.53 18.62 5.05
N ASP A 32 -2.98 19.81 4.76
CA ASP A 32 -3.48 21.04 5.33
C ASP A 32 -3.39 22.19 4.33
N THR A 33 -4.16 23.24 4.57
CA THR A 33 -4.17 24.40 3.69
C THR A 33 -2.85 25.16 3.79
N GLY A 34 -2.40 25.42 5.01
CA GLY A 34 -1.16 26.14 5.21
C GLY A 34 -1.37 27.62 5.41
N PHE A 35 -2.36 27.97 6.24
CA PHE A 35 -2.66 29.37 6.52
C PHE A 35 -2.04 29.80 7.84
N TYR A 36 -0.89 29.23 8.16
CA TYR A 36 -0.19 29.57 9.40
C TYR A 36 0.88 30.62 9.15
N GLY A 37 0.91 31.64 9.99
CA GLY A 37 1.90 32.70 9.85
C GLY A 37 3.20 32.38 10.56
N ASN A 38 3.33 32.86 11.79
CA ASN A 38 4.54 32.61 12.57
C ASN A 38 4.46 31.29 13.31
N GLY A 39 5.47 30.45 13.12
CA GLY A 39 5.50 29.15 13.77
C GLY A 39 6.91 28.64 14.01
N PHE A 40 7.42 28.85 15.21
CA PHE A 40 8.75 28.41 15.57
C PHE A 40 8.72 27.47 16.76
N GLN A 41 8.93 26.19 16.50
CA GLN A 41 8.92 25.17 17.57
C GLN A 41 10.27 25.15 18.30
N ASN A 42 10.21 25.33 19.61
CA ASN A 42 11.43 25.32 20.43
C ASN A 42 11.80 23.90 20.83
N ASN A 43 12.64 23.26 20.04
CA ASN A 43 13.08 21.90 20.31
C ASN A 43 14.49 21.87 20.89
N ASN A 44 14.66 21.15 21.99
CA ASN A 44 15.96 21.06 22.65
C ASN A 44 16.36 19.59 22.85
N GLY A 45 16.69 18.92 21.75
CA GLY A 45 17.08 17.52 21.83
C GLY A 45 18.38 17.25 21.09
N PRO A 46 19.06 16.13 21.41
CA PRO A 46 20.32 15.77 20.75
C PRO A 46 20.12 15.34 19.30
N THR A 47 19.12 14.50 19.07
CA THR A 47 18.81 14.02 17.73
C THR A 47 17.32 13.80 17.55
N ARG A 48 16.86 13.89 16.30
CA ARG A 48 15.44 13.70 16.00
C ARG A 48 15.26 12.68 14.89
N ASN A 49 14.10 12.03 14.87
CA ASN A 49 13.81 11.03 13.86
C ASN A 49 12.94 11.61 12.74
N ASP A 50 12.83 10.88 11.64
CA ASP A 50 12.04 11.33 10.50
C ASP A 50 10.69 10.62 10.48
N GLN A 51 9.71 11.27 9.84
CA GLN A 51 8.37 10.71 9.74
C GLN A 51 8.31 9.63 8.67
N LEU A 52 8.81 8.45 8.99
CA LEU A 52 8.81 7.33 8.06
C LEU A 52 7.55 6.49 8.22
N GLY A 53 6.93 6.13 7.09
CA GLY A 53 5.73 5.33 7.14
C GLY A 53 5.85 4.06 6.31
N ALA A 54 5.24 2.98 6.82
CA ALA A 54 5.28 1.70 6.13
C ALA A 54 3.89 1.12 5.98
N GLY A 55 3.69 0.29 4.97
CA GLY A 55 2.39 -0.32 4.74
C GLY A 55 2.47 -1.59 3.92
N ALA A 56 1.34 -2.29 3.81
CA ALA A 56 1.28 -3.53 3.05
C ALA A 56 0.37 -3.37 1.82
N PHE A 57 0.87 -3.79 0.67
CA PHE A 57 0.11 -3.70 -0.57
C PHE A 57 -0.13 -5.08 -1.17
N GLY A 58 -1.39 -5.36 -1.47
CA GLY A 58 -1.75 -6.65 -2.05
C GLY A 58 -2.79 -6.53 -3.13
N GLY A 59 -2.49 -7.07 -4.31
CA GLY A 59 -3.43 -7.00 -5.42
C GLY A 59 -3.71 -8.36 -6.03
N TYR A 60 -4.99 -8.63 -6.31
CA TYR A 60 -5.39 -9.90 -6.90
C TYR A 60 -6.37 -9.68 -8.04
N GLN A 61 -6.10 -10.31 -9.18
CA GLN A 61 -6.96 -10.18 -10.35
C GLN A 61 -7.86 -11.40 -10.50
N VAL A 62 -9.13 -11.15 -10.81
CA VAL A 62 -10.10 -12.22 -10.98
C VAL A 62 -10.54 -12.34 -12.44
N ASN A 63 -10.61 -11.21 -13.13
CA ASN A 63 -11.02 -11.20 -14.53
C ASN A 63 -10.00 -10.42 -15.38
N PRO A 64 -9.92 -10.75 -16.68
CA PRO A 64 -8.99 -10.08 -17.60
C PRO A 64 -9.38 -8.63 -17.86
N TYR A 65 -9.32 -7.81 -16.82
CA TYR A 65 -9.66 -6.40 -16.94
C TYR A 65 -9.04 -5.59 -15.80
N LEU A 66 -9.14 -6.11 -14.58
CA LEU A 66 -8.59 -5.42 -13.42
C LEU A 66 -8.72 -6.30 -12.17
N GLY A 67 -7.97 -5.94 -11.13
CA GLY A 67 -8.01 -6.70 -9.89
C GLY A 67 -8.22 -5.82 -8.68
N PHE A 68 -8.52 -6.44 -7.54
CA PHE A 68 -8.74 -5.70 -6.30
C PHE A 68 -7.41 -5.44 -5.58
N GLU A 69 -7.21 -4.20 -5.17
CA GLU A 69 -5.98 -3.82 -4.48
C GLU A 69 -6.27 -3.44 -3.03
N MET A 70 -5.65 -4.18 -2.10
CA MET A 70 -5.83 -3.93 -0.68
C MET A 70 -4.60 -3.26 -0.10
N GLY A 71 -4.79 -2.08 0.52
CA GLY A 71 -3.68 -1.36 1.09
C GLY A 71 -3.71 -1.35 2.61
N TYR A 72 -2.53 -1.32 3.22
CA TYR A 72 -2.43 -1.32 4.68
C TYR A 72 -1.50 -0.21 5.14
N ASP A 73 -2.06 0.77 5.85
CA ASP A 73 -1.26 1.89 6.35
C ASP A 73 -0.75 1.62 7.76
N TRP A 74 0.57 1.64 7.90
CA TRP A 74 1.20 1.39 9.20
C TRP A 74 2.18 2.51 9.55
N LEU A 75 1.86 3.25 10.61
CA LEU A 75 2.71 4.35 11.07
C LEU A 75 3.48 3.98 12.33
N GLY A 76 4.79 4.09 12.27
CA GLY A 76 5.62 3.76 13.42
C GLY A 76 5.56 4.81 14.50
N ARG A 77 6.72 5.26 14.97
CA ARG A 77 6.79 6.27 16.01
C ARG A 77 6.11 5.79 17.29
N MET A 78 6.91 5.42 18.27
CA MET A 78 6.38 4.94 19.55
C MET A 78 5.87 6.10 20.39
N ALA A 79 5.18 5.77 21.48
CA ALA A 79 4.64 6.78 22.38
C ALA A 79 4.87 6.41 23.84
N TYR A 80 5.38 7.35 24.62
CA TYR A 80 5.64 7.12 26.04
C TYR A 80 4.63 7.85 26.91
N LYS A 81 3.96 7.12 27.79
CA LYS A 81 2.97 7.70 28.68
C LYS A 81 3.63 8.45 29.84
N GLY A 82 3.60 9.77 29.77
CA GLY A 82 4.21 10.57 30.82
C GLY A 82 3.18 11.19 31.74
N SER A 83 2.47 12.20 31.24
CA SER A 83 1.45 12.88 32.03
C SER A 83 0.13 12.11 31.97
N VAL A 84 -0.95 12.78 32.40
CA VAL A 84 -2.26 12.16 32.40
C VAL A 84 -3.00 12.43 31.09
N ASP A 85 -2.32 12.18 29.98
CA ASP A 85 -2.91 12.40 28.66
C ASP A 85 -1.93 11.99 27.56
N ASN A 86 -2.44 11.31 26.54
CA ASN A 86 -1.61 10.86 25.43
C ASN A 86 -2.17 11.36 24.10
N GLY A 87 -3.48 11.24 23.93
CA GLY A 87 -4.12 11.67 22.71
C GLY A 87 -4.51 10.51 21.81
N ALA A 88 -3.67 9.48 21.77
CA ALA A 88 -3.95 8.31 20.95
C ALA A 88 -3.34 7.06 21.57
N PHE A 89 -3.90 5.90 21.22
CA PHE A 89 -3.41 4.63 21.74
C PHE A 89 -2.89 3.74 20.62
N LYS A 90 -3.76 3.45 19.65
CA LYS A 90 -3.39 2.62 18.51
C LYS A 90 -4.16 3.04 17.26
N ALA A 91 -3.71 2.56 16.10
CA ALA A 91 -4.36 2.89 14.84
C ALA A 91 -3.93 1.94 13.73
N GLN A 92 -4.77 1.82 12.71
CA GLN A 92 -4.49 0.95 11.58
C GLN A 92 -5.17 1.47 10.32
N GLY A 93 -4.41 1.56 9.24
CA GLY A 93 -4.95 2.06 7.98
C GLY A 93 -5.34 0.95 7.02
N VAL A 94 -6.56 1.03 6.49
CA VAL A 94 -7.05 0.04 5.54
C VAL A 94 -7.43 0.71 4.23
N GLN A 95 -6.80 0.29 3.14
CA GLN A 95 -7.07 0.88 1.82
C GLN A 95 -7.84 -0.08 0.92
N LEU A 96 -8.75 0.49 0.13
CA LEU A 96 -9.56 -0.29 -0.80
C LEU A 96 -9.56 0.38 -2.16
N THR A 97 -8.91 -0.25 -3.14
CA THR A 97 -8.83 0.33 -4.48
C THR A 97 -8.72 -0.76 -5.56
N ALA A 98 -8.90 -0.35 -6.81
CA ALA A 98 -8.81 -1.27 -7.93
C ALA A 98 -7.47 -1.09 -8.64
N LYS A 99 -6.68 -2.15 -8.72
CA LYS A 99 -5.37 -2.10 -9.35
C LYS A 99 -5.36 -2.80 -10.71
N LEU A 100 -4.81 -2.12 -11.70
CA LEU A 100 -4.71 -2.66 -13.06
C LEU A 100 -3.32 -2.40 -13.63
N GLY A 101 -2.68 -3.45 -14.13
CA GLY A 101 -1.36 -3.30 -14.70
C GLY A 101 -1.07 -4.30 -15.81
N TYR A 102 0.17 -4.31 -16.28
CA TYR A 102 0.59 -5.22 -17.34
C TYR A 102 2.11 -5.27 -17.46
N PRO A 103 2.67 -6.46 -17.76
CA PRO A 103 4.12 -6.65 -17.89
C PRO A 103 4.63 -6.31 -19.29
N ILE A 104 5.95 -6.20 -19.40
CA ILE A 104 6.58 -5.88 -20.69
C ILE A 104 7.84 -6.71 -20.88
N THR A 105 7.80 -7.96 -20.43
CA THR A 105 8.95 -8.85 -20.55
C THR A 105 10.13 -8.33 -19.75
N ASP A 106 11.19 -9.12 -19.67
CA ASP A 106 12.39 -8.73 -18.94
C ASP A 106 12.10 -8.57 -17.45
N ASP A 107 11.00 -9.19 -16.99
CA ASP A 107 10.62 -9.11 -15.58
C ASP A 107 10.32 -7.68 -15.17
N LEU A 108 9.55 -6.97 -16.00
CA LEU A 108 9.19 -5.59 -15.72
C LEU A 108 7.72 -5.36 -16.04
N ASP A 109 6.98 -4.76 -15.11
CA ASP A 109 5.56 -4.50 -15.30
C ASP A 109 5.14 -3.18 -14.64
N ILE A 110 4.02 -2.63 -15.13
CA ILE A 110 3.49 -1.39 -14.59
C ILE A 110 2.13 -1.63 -13.94
N TYR A 111 1.83 -0.86 -12.90
CA TYR A 111 0.56 -1.03 -12.18
C TYR A 111 -0.01 0.32 -11.75
N THR A 112 -1.33 0.44 -11.81
CA THR A 112 -2.02 1.65 -11.42
C THR A 112 -3.28 1.31 -10.63
N ARG A 113 -3.42 1.90 -9.45
CA ARG A 113 -4.58 1.62 -8.60
C ARG A 113 -5.35 2.90 -8.29
N LEU A 114 -6.68 2.80 -8.33
CA LEU A 114 -7.55 3.94 -8.04
C LEU A 114 -8.61 3.55 -7.01
N GLY A 115 -8.66 4.28 -5.90
CA GLY A 115 -9.63 3.97 -4.87
C GLY A 115 -9.58 4.94 -3.71
N GLY A 116 -9.75 4.43 -2.50
CA GLY A 116 -9.72 5.29 -1.32
C GLY A 116 -9.07 4.62 -0.13
N MET A 117 -8.81 5.41 0.92
CA MET A 117 -8.18 4.90 2.12
C MET A 117 -9.02 5.25 3.35
N VAL A 118 -9.08 4.31 4.30
CA VAL A 118 -9.84 4.51 5.52
C VAL A 118 -8.97 4.24 6.74
N TRP A 119 -8.98 5.16 7.70
CA TRP A 119 -8.18 5.01 8.92
C TRP A 119 -8.97 5.44 10.14
N ARG A 120 -8.40 5.23 11.32
CA ARG A 120 -9.05 5.60 12.57
C ARG A 120 -8.54 6.94 13.07
N ALA A 121 -9.46 7.80 13.50
CA ALA A 121 -9.10 9.12 14.02
C ALA A 121 -8.81 9.07 15.51
N ASP A 122 -8.03 10.03 15.98
CA ASP A 122 -7.67 10.09 17.40
C ASP A 122 -7.57 11.55 17.86
N SER A 123 -7.95 11.79 19.12
CA SER A 123 -7.89 13.13 19.68
C SER A 123 -6.46 13.66 19.68
N LYS A 124 -6.29 14.89 20.18
CA LYS A 124 -4.97 15.51 20.23
C LYS A 124 -4.39 15.44 21.64
N GLY A 125 -5.27 15.55 22.64
CA GLY A 125 -4.83 15.50 24.02
C GLY A 125 -5.97 15.64 25.01
N ASN A 126 -5.63 15.73 26.29
CA ASN A 126 -6.65 15.87 27.34
C ASN A 126 -6.51 17.22 28.04
N TYR A 127 -7.07 18.26 27.41
CA TYR A 127 -7.01 19.61 27.97
C TYR A 127 -8.42 20.13 28.27
N ALA A 128 -9.24 20.18 27.23
CA ALA A 128 -10.62 20.67 27.37
C ALA A 128 -11.60 19.51 27.43
N SER A 129 -12.76 19.75 28.03
CA SER A 129 -13.79 18.73 28.16
C SER A 129 -15.09 19.33 28.69
N THR A 130 -16.02 19.60 27.79
CA THR A 130 -17.31 20.18 28.17
C THR A 130 -18.43 19.62 27.29
N GLY A 131 -18.27 18.38 26.85
CA GLY A 131 -19.29 17.76 26.01
C GLY A 131 -19.48 16.29 26.32
N VAL A 132 -20.00 15.55 25.36
CA VAL A 132 -20.24 14.12 25.52
C VAL A 132 -19.38 13.30 24.56
N SER A 133 -18.07 13.47 24.66
CA SER A 133 -17.14 12.75 23.80
C SER A 133 -16.24 11.83 24.61
N ARG A 134 -16.80 11.28 25.69
CA ARG A 134 -16.05 10.37 26.54
C ARG A 134 -15.58 9.15 25.78
N SER A 135 -16.51 8.47 25.13
CA SER A 135 -16.20 7.27 24.35
C SER A 135 -16.48 7.50 22.87
N GLU A 136 -16.28 8.72 22.42
CA GLU A 136 -16.51 9.07 21.02
C GLU A 136 -15.61 8.23 20.10
N HIS A 137 -16.05 8.06 18.85
CA HIS A 137 -15.29 7.29 17.89
C HIS A 137 -15.36 7.93 16.50
N ASP A 138 -14.21 8.40 16.02
CA ASP A 138 -14.13 9.04 14.71
C ASP A 138 -13.26 8.23 13.75
N THR A 139 -13.51 8.37 12.46
CA THR A 139 -12.75 7.66 11.45
C THR A 139 -12.36 8.58 10.30
N GLY A 140 -11.22 8.30 9.68
CA GLY A 140 -10.76 9.11 8.56
C GLY A 140 -10.95 8.43 7.22
N VAL A 141 -11.27 9.23 6.20
CA VAL A 141 -11.48 8.69 4.86
C VAL A 141 -11.01 9.67 3.80
N SER A 142 -10.26 9.18 2.82
CA SER A 142 -9.74 10.04 1.76
C SER A 142 -9.41 9.22 0.50
N PRO A 143 -9.87 9.66 -0.68
CA PRO A 143 -9.59 8.97 -1.95
C PRO A 143 -8.15 9.17 -2.39
N VAL A 144 -7.61 8.18 -3.11
CA VAL A 144 -6.24 8.27 -3.59
C VAL A 144 -6.00 7.39 -4.82
N PHE A 145 -4.90 7.65 -5.51
CA PHE A 145 -4.54 6.88 -6.70
C PHE A 145 -3.05 6.58 -6.69
N ALA A 146 -2.71 5.29 -6.68
CA ALA A 146 -1.31 4.87 -6.66
C ALA A 146 -0.87 4.38 -8.03
N GLY A 147 0.23 4.94 -8.54
CA GLY A 147 0.74 4.55 -9.83
C GLY A 147 2.24 4.34 -9.81
N GLY A 148 2.69 3.17 -10.23
CA GLY A 148 4.10 2.86 -10.24
C GLY A 148 4.46 1.69 -11.13
N VAL A 149 5.63 1.12 -10.90
CA VAL A 149 6.08 -0.03 -11.69
C VAL A 149 6.66 -1.12 -10.79
N GLU A 150 6.79 -2.32 -11.32
CA GLU A 150 7.32 -3.44 -10.56
C GLU A 150 8.47 -4.12 -11.30
N TRP A 151 9.48 -4.55 -10.55
CA TRP A 151 10.65 -5.20 -11.13
C TRP A 151 10.90 -6.55 -10.45
N ALA A 152 10.84 -7.63 -11.22
CA ALA A 152 11.06 -8.97 -10.69
C ALA A 152 12.53 -9.37 -10.76
N VAL A 153 13.03 -9.98 -9.69
CA VAL A 153 14.41 -10.43 -9.64
C VAL A 153 14.48 -11.94 -9.59
N THR A 154 13.75 -12.54 -8.65
CA THR A 154 13.71 -13.99 -8.49
C THR A 154 12.38 -14.53 -8.97
N ARG A 155 12.18 -15.83 -8.80
CA ARG A 155 10.95 -16.48 -9.21
C ARG A 155 9.92 -16.50 -8.06
N ASP A 156 9.79 -15.36 -7.37
CA ASP A 156 8.86 -15.26 -6.25
C ASP A 156 8.98 -13.93 -5.53
N ILE A 157 10.17 -13.32 -5.59
CA ILE A 157 10.41 -12.05 -4.92
C ILE A 157 10.70 -10.93 -5.92
N ALA A 158 9.90 -9.88 -5.86
CA ALA A 158 10.07 -8.74 -6.75
C ALA A 158 9.96 -7.42 -5.99
N THR A 159 10.56 -6.37 -6.54
CA THR A 159 10.52 -5.05 -5.91
C THR A 159 9.81 -4.06 -6.83
N ARG A 160 9.00 -3.18 -6.25
CA ARG A 160 8.27 -2.20 -7.05
C ARG A 160 8.35 -0.80 -6.45
N LEU A 161 8.25 0.20 -7.32
CA LEU A 161 8.28 1.60 -6.91
C LEU A 161 6.93 2.25 -7.17
N GLU A 162 6.34 2.83 -6.13
CA GLU A 162 5.02 3.46 -6.25
C GLU A 162 5.13 4.98 -6.22
N TYR A 163 4.26 5.64 -6.99
CA TYR A 163 4.24 7.09 -7.06
C TYR A 163 2.81 7.61 -6.88
N GLN A 164 2.63 8.52 -5.93
CA GLN A 164 1.32 9.09 -5.65
C GLN A 164 0.69 9.68 -6.91
N TRP A 165 1.31 10.74 -7.43
CA TRP A 165 0.81 11.40 -8.63
C TRP A 165 1.93 12.16 -9.34
N VAL A 166 1.82 12.28 -10.65
CA VAL A 166 2.82 12.99 -11.45
C VAL A 166 2.17 13.80 -12.55
N ASN A 167 2.10 15.11 -12.36
CA ASN A 167 1.50 16.01 -13.34
C ASN A 167 2.31 15.99 -14.65
N ASN A 168 1.62 15.71 -15.75
CA ASN A 168 2.27 15.67 -17.05
C ASN A 168 1.79 16.81 -17.94
N ILE A 169 2.30 16.86 -19.16
CA ILE A 169 1.92 17.90 -20.11
C ILE A 169 0.49 17.72 -20.60
N GLY A 170 -0.45 18.35 -19.91
CA GLY A 170 -1.85 18.23 -20.29
C GLY A 170 -2.61 19.54 -20.10
N ASP A 171 -2.26 20.54 -20.89
CA ASP A 171 -2.91 21.84 -20.81
C ASP A 171 -2.73 22.63 -22.10
N ALA A 172 -3.55 23.66 -22.29
CA ALA A 172 -3.47 24.48 -23.49
C ALA A 172 -2.73 25.79 -23.21
N GLY A 173 -3.20 26.52 -22.19
CA GLY A 173 -2.55 27.77 -21.84
C GLY A 173 -1.29 27.58 -21.04
N THR A 174 -1.11 28.40 -20.01
CA THR A 174 0.08 28.31 -19.17
C THR A 174 -0.31 28.31 -17.69
N VAL A 175 0.24 27.37 -16.94
CA VAL A 175 -0.05 27.25 -15.51
C VAL A 175 1.15 27.66 -14.68
N GLY A 176 2.24 26.90 -14.79
CA GLY A 176 3.44 27.20 -14.03
C GLY A 176 4.69 27.18 -14.90
N THR A 177 5.70 26.44 -14.46
CA THR A 177 6.95 26.34 -15.20
C THR A 177 7.61 24.97 -14.98
N ARG A 178 7.99 24.70 -13.74
CA ARG A 178 8.63 23.43 -13.41
C ARG A 178 7.86 22.71 -12.30
N PRO A 179 7.06 21.68 -12.65
CA PRO A 179 6.28 20.91 -11.68
C PRO A 179 7.16 20.08 -10.75
N ASP A 180 6.70 19.92 -9.51
CA ASP A 180 7.45 19.13 -8.53
C ASP A 180 6.61 18.92 -7.26
N ASN A 181 5.92 17.78 -7.20
CA ASN A 181 5.10 17.46 -6.05
C ASN A 181 4.61 16.01 -6.13
N GLY A 182 4.37 15.42 -4.97
CA GLY A 182 3.90 14.04 -4.93
C GLY A 182 4.56 13.23 -3.82
N MET A 183 4.45 11.91 -3.90
CA MET A 183 5.05 11.03 -2.90
C MET A 183 5.50 9.73 -3.53
N LEU A 184 6.78 9.39 -3.34
CA LEU A 184 7.34 8.17 -3.90
C LEU A 184 7.73 7.21 -2.77
N SER A 185 7.43 5.93 -2.96
CA SER A 185 7.76 4.91 -1.96
C SER A 185 8.32 3.66 -2.62
N LEU A 186 9.10 2.90 -1.86
CA LEU A 186 9.69 1.67 -2.36
C LEU A 186 9.21 0.47 -1.54
N GLY A 187 8.81 -0.60 -2.23
CA GLY A 187 8.34 -1.77 -1.53
C GLY A 187 8.68 -3.07 -2.24
N VAL A 188 8.61 -4.17 -1.50
CA VAL A 188 8.91 -5.49 -2.05
C VAL A 188 7.73 -6.43 -1.85
N SER A 189 7.37 -7.15 -2.91
CA SER A 189 6.24 -8.07 -2.85
C SER A 189 6.56 -9.40 -3.51
N TYR A 190 5.63 -10.35 -3.41
CA TYR A 190 5.82 -11.67 -4.01
C TYR A 190 4.52 -12.16 -4.64
N ARG A 191 4.65 -13.06 -5.60
CA ARG A 191 3.48 -13.61 -6.30
C ARG A 191 3.11 -14.98 -5.73
N PHE A 192 1.82 -15.30 -5.77
CA PHE A 192 1.33 -16.58 -5.27
C PHE A 192 1.20 -17.59 -6.40
N GLY A 193 1.64 -18.82 -6.15
CA GLY A 193 1.56 -19.85 -7.15
C GLY A 193 1.52 -21.24 -6.56
N GLN A 194 1.34 -22.25 -7.41
CA GLN A 194 1.27 -23.63 -6.96
C GLN A 194 2.34 -24.48 -7.65
N GLU A 195 3.56 -24.44 -7.13
CA GLU A 195 4.66 -25.21 -7.71
C GLU A 195 4.62 -26.66 -7.23
N ASP A 196 5.01 -27.57 -8.11
CA ASP A 196 5.01 -29.00 -7.79
C ASP A 196 6.44 -29.53 -7.74
N ALA A 197 6.90 -29.90 -6.55
CA ALA A 197 8.25 -30.42 -6.39
C ALA A 197 8.25 -31.63 -5.45
N ALA A 198 7.72 -31.44 -4.25
CA ALA A 198 7.66 -32.51 -3.26
C ALA A 198 6.22 -32.98 -3.03
N PRO A 199 5.80 -34.06 -3.71
CA PRO A 199 4.44 -34.60 -3.58
C PRO A 199 4.08 -34.89 -2.13
N VAL A 200 3.55 -33.89 -1.44
CA VAL A 200 3.17 -34.04 -0.04
C VAL A 200 1.80 -34.72 0.08
N VAL A 201 1.55 -35.33 1.24
CA VAL A 201 0.29 -36.01 1.49
C VAL A 201 -0.32 -35.58 2.81
N ALA A 202 -0.37 -34.27 3.03
CA ALA A 202 -0.93 -33.73 4.27
C ALA A 202 -2.32 -33.15 4.03
N PRO A 203 -3.38 -33.96 4.23
CA PRO A 203 -4.76 -33.53 4.03
C PRO A 203 -5.21 -32.51 5.08
N ALA A 204 -4.59 -32.57 6.26
CA ALA A 204 -4.92 -31.65 7.35
C ALA A 204 -4.68 -30.21 6.93
N PRO A 205 -5.58 -29.28 7.34
CA PRO A 205 -5.44 -27.86 7.01
C PRO A 205 -4.08 -27.29 7.41
N ALA A 206 -3.82 -26.06 6.99
CA ALA A 206 -2.55 -25.40 7.30
C ALA A 206 -2.64 -24.61 8.61
N PRO A 207 -3.65 -23.73 8.73
CA PRO A 207 -3.85 -22.91 9.93
C PRO A 207 -3.97 -23.76 11.19
N ALA A 208 -2.83 -24.13 11.77
CA ALA A 208 -2.81 -24.94 12.98
C ALA A 208 -2.39 -24.12 14.20
N PRO A 209 -1.18 -23.51 14.15
CA PRO A 209 -0.67 -22.70 15.26
C PRO A 209 -1.61 -21.56 15.63
N GLU A 210 -1.11 -20.59 16.37
CA GLU A 210 -1.90 -19.44 16.79
C GLU A 210 -1.04 -18.42 17.54
N ALA A 1 -6.68 -43.53 -14.77
CA ALA A 1 -6.67 -42.16 -14.19
C ALA A 1 -7.96 -41.87 -13.44
N ARG A 2 -7.85 -41.12 -12.35
CA ARG A 2 -9.00 -40.77 -11.53
C ARG A 2 -9.08 -39.26 -11.33
N ILE A 3 -7.95 -38.66 -10.99
CA ILE A 3 -7.89 -37.22 -10.76
C ILE A 3 -6.64 -36.61 -11.39
N MET A 4 -6.74 -35.35 -11.81
CA MET A 4 -5.61 -34.66 -12.41
C MET A 4 -5.19 -33.45 -11.58
N LYS A 5 -3.90 -33.14 -11.61
CA LYS A 5 -3.37 -32.02 -10.86
C LYS A 5 -2.28 -31.29 -11.65
N ALA A 6 -2.70 -30.42 -12.56
CA ALA A 6 -1.76 -29.66 -13.37
C ALA A 6 -1.34 -28.37 -12.68
N ILE A 7 -0.14 -28.38 -12.10
CA ILE A 7 0.37 -27.21 -11.40
C ILE A 7 0.77 -26.12 -12.39
N PHE A 8 1.24 -26.52 -13.57
CA PHE A 8 1.65 -25.57 -14.60
C PHE A 8 1.82 -26.28 -15.94
N VAL A 9 1.02 -25.88 -16.92
CA VAL A 9 1.08 -26.48 -18.25
C VAL A 9 1.11 -25.39 -19.33
N LEU A 10 1.18 -25.83 -20.59
CA LEU A 10 1.20 -24.90 -21.71
C LEU A 10 -0.20 -24.58 -22.21
N ASN A 11 -1.13 -25.50 -21.96
CA ASN A 11 -2.52 -25.32 -22.39
C ASN A 11 -3.10 -24.03 -21.81
N ALA A 12 -4.05 -23.45 -22.55
CA ALA A 12 -4.68 -22.21 -22.11
C ALA A 12 -5.60 -22.45 -20.92
N ALA A 13 -5.15 -22.07 -19.73
CA ALA A 13 -5.93 -22.25 -18.52
C ALA A 13 -6.80 -21.01 -18.23
N PRO A 14 -8.13 -21.19 -18.13
CA PRO A 14 -9.05 -20.08 -17.86
C PRO A 14 -8.90 -19.53 -16.45
N LYS A 15 -8.47 -20.40 -15.53
CA LYS A 15 -8.28 -19.99 -14.14
C LYS A 15 -6.85 -19.55 -13.89
N ASP A 16 -6.38 -18.61 -14.69
CA ASP A 16 -5.01 -18.09 -14.55
C ASP A 16 -4.96 -16.91 -13.59
N ASN A 17 -6.01 -16.73 -12.79
CA ASN A 17 -6.06 -15.64 -11.83
C ASN A 17 -5.02 -15.83 -10.73
N THR A 18 -4.36 -14.74 -10.36
CA THR A 18 -3.35 -14.79 -9.31
C THR A 18 -3.41 -13.54 -8.44
N TRP A 19 -2.59 -13.51 -7.38
CA TRP A 19 -2.55 -12.38 -6.48
C TRP A 19 -1.14 -12.12 -5.98
N TYR A 20 -0.83 -10.85 -5.72
CA TYR A 20 0.49 -10.46 -5.25
C TYR A 20 0.40 -9.78 -3.88
N ALA A 21 1.34 -10.09 -3.00
CA ALA A 21 1.36 -9.51 -1.66
C ALA A 21 2.75 -9.01 -1.29
N GLY A 22 2.81 -7.86 -0.64
CA GLY A 22 4.07 -7.30 -0.23
C GLY A 22 3.91 -6.03 0.59
N GLY A 23 4.97 -5.22 0.63
CA GLY A 23 4.91 -3.98 1.39
C GLY A 23 5.90 -2.95 0.87
N LYS A 24 5.56 -1.67 1.03
CA LYS A 24 6.42 -0.59 0.58
C LYS A 24 6.59 0.47 1.67
N LEU A 25 7.71 1.18 1.61
CA LEU A 25 8.01 2.22 2.59
C LEU A 25 8.36 3.53 1.90
N GLY A 26 8.03 4.64 2.53
CA GLY A 26 8.33 5.95 1.96
C GLY A 26 8.16 7.08 2.95
N TRP A 27 7.70 8.23 2.47
CA TRP A 27 7.50 9.39 3.32
C TRP A 27 6.02 9.77 3.38
N SER A 28 5.57 10.23 4.54
CA SER A 28 4.18 10.63 4.72
C SER A 28 4.08 11.81 5.67
N GLN A 29 3.21 12.77 5.34
CA GLN A 29 3.01 13.95 6.17
C GLN A 29 1.62 14.54 5.96
N TYR A 30 0.77 14.39 6.98
CA TYR A 30 -0.59 14.92 6.91
C TYR A 30 -0.79 16.06 7.89
N HIS A 31 0.26 16.87 8.06
CA HIS A 31 0.19 18.01 8.97
C HIS A 31 0.81 19.25 8.33
N ASP A 32 -0.05 20.08 7.75
CA ASP A 32 0.40 21.31 7.10
C ASP A 32 -0.11 22.55 7.85
N THR A 33 0.74 23.56 7.94
CA THR A 33 0.38 24.79 8.63
C THR A 33 -0.09 25.86 7.64
N GLY A 34 -1.35 25.75 7.21
CA GLY A 34 -1.89 26.70 6.26
C GLY A 34 -1.54 26.36 4.83
N PHE A 35 -2.26 26.96 3.89
CA PHE A 35 -2.03 26.71 2.46
C PHE A 35 -0.75 27.41 2.00
N TYR A 36 0.38 26.74 2.19
CA TYR A 36 1.67 27.30 1.79
C TYR A 36 2.29 26.48 0.66
N GLY A 37 1.93 26.80 -0.58
CA GLY A 37 2.45 26.08 -1.72
C GLY A 37 3.71 26.72 -2.28
N ASN A 38 4.64 27.06 -1.40
CA ASN A 38 5.90 27.68 -1.81
C ASN A 38 7.07 26.72 -1.65
N GLY A 39 7.64 26.29 -2.77
CA GLY A 39 8.76 25.37 -2.73
C GLY A 39 9.94 25.93 -1.96
N PHE A 40 10.06 27.26 -1.94
CA PHE A 40 11.16 27.91 -1.23
C PHE A 40 10.79 28.16 0.23
N GLN A 41 11.68 27.75 1.13
CA GLN A 41 11.46 27.92 2.56
C GLN A 41 12.77 27.84 3.33
N ASN A 42 13.16 28.95 3.95
CA ASN A 42 14.40 29.01 4.72
C ASN A 42 14.18 28.48 6.14
N ASN A 43 13.38 29.21 6.91
CA ASN A 43 13.10 28.80 8.29
C ASN A 43 12.36 27.47 8.33
N ASN A 44 12.16 26.95 9.53
CA ASN A 44 11.46 25.67 9.71
C ASN A 44 9.98 25.82 9.39
N GLY A 45 9.32 24.69 9.17
CA GLY A 45 7.90 24.71 8.87
C GLY A 45 7.14 23.58 9.54
N PRO A 46 6.15 22.98 8.86
CA PRO A 46 5.36 21.88 9.42
C PRO A 46 6.20 20.62 9.64
N THR A 47 7.33 20.53 8.94
CA THR A 47 8.21 19.38 9.06
C THR A 47 9.64 19.82 9.36
N ARG A 48 10.17 19.38 10.49
CA ARG A 48 11.53 19.72 10.88
C ARG A 48 12.51 18.59 10.54
N ASN A 49 12.26 17.41 11.09
CA ASN A 49 13.11 16.27 10.83
C ASN A 49 12.49 15.35 9.78
N ASP A 50 13.30 14.44 9.24
CA ASP A 50 12.83 13.51 8.21
C ASP A 50 11.96 12.42 8.84
N GLN A 51 10.81 12.16 8.22
CA GLN A 51 9.90 11.14 8.72
C GLN A 51 9.72 10.03 7.68
N LEU A 52 9.35 8.84 8.15
CA LEU A 52 9.15 7.70 7.27
C LEU A 52 7.86 6.98 7.62
N GLY A 53 7.25 6.34 6.62
CA GLY A 53 6.02 5.60 6.84
C GLY A 53 6.01 4.25 6.16
N ALA A 54 5.38 3.27 6.79
CA ALA A 54 5.31 1.93 6.23
C ALA A 54 3.90 1.63 5.73
N GLY A 55 3.81 0.87 4.64
CA GLY A 55 2.52 0.54 4.08
C GLY A 55 2.53 -0.80 3.35
N ALA A 56 1.55 -1.65 3.67
CA ALA A 56 1.45 -2.96 3.05
C ALA A 56 0.49 -2.91 1.86
N PHE A 57 0.80 -3.70 0.83
CA PHE A 57 -0.05 -3.74 -0.36
C PHE A 57 -0.28 -5.18 -0.83
N GLY A 58 -1.54 -5.47 -1.13
CA GLY A 58 -1.90 -6.80 -1.59
C GLY A 58 -3.09 -6.77 -2.53
N GLY A 59 -2.92 -7.33 -3.71
CA GLY A 59 -4.01 -7.34 -4.68
C GLY A 59 -4.21 -8.69 -5.35
N TYR A 60 -5.36 -8.87 -5.99
CA TYR A 60 -5.68 -10.11 -6.67
C TYR A 60 -6.48 -9.84 -7.94
N GLN A 61 -6.08 -10.50 -9.02
CA GLN A 61 -6.75 -10.32 -10.31
C GLN A 61 -7.88 -11.34 -10.46
N VAL A 62 -9.02 -10.87 -10.98
CA VAL A 62 -10.18 -11.73 -11.18
C VAL A 62 -10.83 -11.46 -12.53
N ASN A 63 -11.05 -10.18 -12.82
CA ASN A 63 -11.66 -9.78 -14.08
C ASN A 63 -10.59 -9.58 -15.15
N PRO A 64 -10.80 -10.11 -16.37
CA PRO A 64 -9.84 -9.98 -17.47
C PRO A 64 -9.66 -8.52 -17.91
N TYR A 65 -9.14 -7.69 -17.01
CA TYR A 65 -8.92 -6.28 -17.31
C TYR A 65 -8.32 -5.53 -16.13
N LEU A 66 -8.69 -5.95 -14.91
CA LEU A 66 -8.18 -5.30 -13.71
C LEU A 66 -8.42 -6.16 -12.47
N GLY A 67 -7.71 -5.83 -11.39
CA GLY A 67 -7.86 -6.57 -10.15
C GLY A 67 -8.05 -5.67 -8.95
N PHE A 68 -8.26 -6.26 -7.78
CA PHE A 68 -8.46 -5.50 -6.56
C PHE A 68 -7.16 -5.40 -5.77
N GLU A 69 -6.93 -4.24 -5.16
CA GLU A 69 -5.72 -4.02 -4.38
C GLU A 69 -6.04 -3.40 -3.02
N MET A 70 -5.67 -4.08 -1.95
CA MET A 70 -5.91 -3.60 -0.60
C MET A 70 -4.62 -3.08 0.02
N GLY A 71 -4.67 -1.86 0.56
CA GLY A 71 -3.49 -1.27 1.17
C GLY A 71 -3.61 -1.17 2.67
N TYR A 72 -2.47 -1.10 3.35
CA TYR A 72 -2.43 -1.00 4.81
C TYR A 72 -1.52 0.14 5.23
N ASP A 73 -2.10 1.16 5.85
CA ASP A 73 -1.33 2.31 6.31
C ASP A 73 -0.81 2.09 7.73
N TRP A 74 0.51 2.13 7.88
CA TRP A 74 1.14 1.95 9.18
C TRP A 74 2.30 2.93 9.38
N LEU A 75 2.19 3.77 10.40
CA LEU A 75 3.23 4.76 10.69
C LEU A 75 3.88 4.47 12.04
N GLY A 76 5.10 4.96 12.22
CA GLY A 76 5.80 4.76 13.47
C GLY A 76 5.77 5.99 14.37
N ARG A 77 6.25 7.11 13.84
CA ARG A 77 6.27 8.35 14.60
C ARG A 77 5.48 9.44 13.88
N MET A 78 4.83 10.31 14.65
CA MET A 78 4.04 11.39 14.09
C MET A 78 4.40 12.73 14.73
N ALA A 79 4.43 12.74 16.06
CA ALA A 79 4.75 13.95 16.81
C ALA A 79 4.87 13.66 18.30
N TYR A 80 3.93 12.90 18.83
CA TYR A 80 3.93 12.55 20.24
C TYR A 80 4.44 11.12 20.45
N LYS A 81 5.24 10.93 21.49
CA LYS A 81 5.78 9.61 21.80
C LYS A 81 4.99 8.93 22.91
N GLY A 82 4.92 7.61 22.87
CA GLY A 82 4.18 6.87 23.87
C GLY A 82 4.84 6.93 25.24
N SER A 83 4.22 7.65 26.16
CA SER A 83 4.76 7.78 27.51
C SER A 83 3.66 8.15 28.50
N VAL A 84 3.00 9.28 28.26
CA VAL A 84 1.92 9.74 29.13
C VAL A 84 0.57 9.32 28.59
N ASP A 85 0.44 8.05 28.23
CA ASP A 85 -0.81 7.52 27.69
C ASP A 85 -1.44 6.53 28.67
N ASN A 86 -2.55 5.93 28.25
CA ASN A 86 -3.24 4.96 29.09
C ASN A 86 -3.15 3.56 28.50
N GLY A 87 -1.99 3.23 27.95
CA GLY A 87 -1.79 1.92 27.36
C GLY A 87 -1.95 1.94 25.85
N ALA A 88 -1.75 0.79 25.22
CA ALA A 88 -1.87 0.67 23.77
C ALA A 88 -3.28 1.04 23.31
N PHE A 89 -3.43 1.28 22.02
CA PHE A 89 -4.72 1.64 21.45
C PHE A 89 -4.94 0.93 20.12
N LYS A 90 -6.20 0.82 19.71
CA LYS A 90 -6.55 0.16 18.45
C LYS A 90 -6.56 1.16 17.30
N ALA A 91 -5.80 0.85 16.25
CA ALA A 91 -5.72 1.72 15.08
C ALA A 91 -4.90 1.08 13.98
N GLN A 92 -5.31 1.30 12.73
CA GLN A 92 -4.61 0.74 11.58
C GLN A 92 -5.23 1.25 10.28
N GLY A 93 -4.38 1.63 9.33
CA GLY A 93 -4.87 2.12 8.06
C GLY A 93 -5.29 1.01 7.12
N VAL A 94 -6.50 1.11 6.59
CA VAL A 94 -7.02 0.11 5.65
C VAL A 94 -7.45 0.77 4.35
N GLN A 95 -6.81 0.40 3.25
CA GLN A 95 -7.11 0.97 1.95
C GLN A 95 -7.79 -0.04 1.03
N LEU A 96 -8.75 0.46 0.25
CA LEU A 96 -9.50 -0.39 -0.69
C LEU A 96 -9.47 0.27 -2.08
N THR A 97 -8.75 -0.33 -3.01
CA THR A 97 -8.65 0.23 -4.35
C THR A 97 -8.50 -0.86 -5.41
N ALA A 98 -8.52 -0.43 -6.67
CA ALA A 98 -8.37 -1.34 -7.80
C ALA A 98 -7.04 -1.11 -8.50
N LYS A 99 -6.34 -2.19 -8.82
CA LYS A 99 -5.05 -2.10 -9.48
C LYS A 99 -5.10 -2.64 -10.90
N LEU A 100 -4.56 -1.88 -11.85
CA LEU A 100 -4.55 -2.28 -13.25
C LEU A 100 -3.15 -2.09 -13.84
N GLY A 101 -2.66 -3.12 -14.52
CA GLY A 101 -1.33 -3.04 -15.13
C GLY A 101 -1.09 -4.14 -16.14
N TYR A 102 0.13 -4.21 -16.66
CA TYR A 102 0.50 -5.22 -17.65
C TYR A 102 2.01 -5.31 -17.79
N PRO A 103 2.52 -6.51 -18.15
CA PRO A 103 3.96 -6.72 -18.34
C PRO A 103 4.55 -5.84 -19.43
N ILE A 104 5.88 -5.74 -19.48
CA ILE A 104 6.54 -4.92 -20.49
C ILE A 104 7.56 -5.73 -21.27
N THR A 105 8.16 -6.72 -20.63
CA THR A 105 9.17 -7.56 -21.28
C THR A 105 8.98 -9.02 -20.89
N ASP A 106 9.21 -9.32 -19.62
CA ASP A 106 9.06 -10.68 -19.11
C ASP A 106 8.81 -10.69 -17.60
N ASP A 107 9.64 -9.96 -16.87
CA ASP A 107 9.51 -9.87 -15.42
C ASP A 107 9.43 -8.41 -14.97
N LEU A 108 8.87 -7.57 -15.84
CA LEU A 108 8.72 -6.15 -15.54
C LEU A 108 7.37 -5.65 -16.04
N ASP A 109 6.52 -5.18 -15.13
CA ASP A 109 5.20 -4.70 -15.51
C ASP A 109 4.89 -3.34 -14.88
N ILE A 110 3.92 -2.64 -15.46
CA ILE A 110 3.50 -1.33 -14.97
C ILE A 110 2.05 -1.40 -14.49
N TYR A 111 1.74 -0.71 -13.40
CA TYR A 111 0.38 -0.72 -12.88
C TYR A 111 0.09 0.50 -12.02
N THR A 112 -1.20 0.78 -11.84
CA THR A 112 -1.64 1.92 -11.04
C THR A 112 -2.84 1.52 -10.18
N ARG A 113 -2.99 2.16 -9.03
CA ARG A 113 -4.09 1.86 -8.13
C ARG A 113 -4.96 3.07 -7.88
N LEU A 114 -6.27 2.89 -8.07
CA LEU A 114 -7.24 3.96 -7.87
C LEU A 114 -8.33 3.50 -6.91
N GLY A 115 -8.50 4.24 -5.81
CA GLY A 115 -9.51 3.87 -4.82
C GLY A 115 -9.55 4.83 -3.66
N GLY A 116 -9.77 4.30 -2.46
CA GLY A 116 -9.83 5.14 -1.27
C GLY A 116 -9.19 4.49 -0.07
N MET A 117 -9.00 5.28 0.99
CA MET A 117 -8.39 4.79 2.22
C MET A 117 -9.27 5.09 3.43
N VAL A 118 -9.31 4.15 4.37
CA VAL A 118 -10.12 4.31 5.57
C VAL A 118 -9.26 4.14 6.82
N TRP A 119 -9.56 4.92 7.86
CA TRP A 119 -8.81 4.87 9.11
C TRP A 119 -9.72 5.09 10.31
N ARG A 120 -9.39 4.46 11.43
CA ARG A 120 -10.18 4.59 12.64
C ARG A 120 -9.50 5.53 13.64
N ALA A 121 -10.27 6.48 14.16
CA ALA A 121 -9.74 7.44 15.13
C ALA A 121 -10.70 7.62 16.30
N ASP A 122 -10.14 7.88 17.48
CA ASP A 122 -10.95 8.08 18.68
C ASP A 122 -10.24 9.01 19.65
N SER A 123 -11.02 9.63 20.54
CA SER A 123 -10.47 10.54 21.54
C SER A 123 -10.95 10.18 22.94
N LYS A 124 -11.13 8.89 23.18
CA LYS A 124 -11.58 8.41 24.48
C LYS A 124 -10.55 7.46 25.11
N GLY A 125 -9.55 8.03 25.75
CA GLY A 125 -8.52 7.23 26.39
C GLY A 125 -8.03 7.82 27.70
N ASN A 126 -6.99 8.63 27.63
CA ASN A 126 -6.42 9.26 28.83
C ASN A 126 -7.20 10.52 29.19
N TYR A 127 -6.72 11.23 30.20
CA TYR A 127 -7.37 12.46 30.64
C TYR A 127 -6.37 13.37 31.36
N ALA A 128 -5.78 14.31 30.63
CA ALA A 128 -4.81 15.22 31.20
C ALA A 128 -5.49 16.48 31.73
N SER A 129 -6.05 17.29 30.83
CA SER A 129 -6.73 18.51 31.21
C SER A 129 -7.88 18.80 30.26
N THR A 130 -7.55 19.15 29.02
CA THR A 130 -8.56 19.46 28.02
C THR A 130 -9.04 18.19 27.32
N GLY A 131 -9.94 17.46 28.00
CA GLY A 131 -10.46 16.22 27.44
C GLY A 131 -11.97 16.17 27.48
N VAL A 132 -12.59 15.92 26.32
CA VAL A 132 -14.04 15.85 26.23
C VAL A 132 -14.47 15.04 25.00
N SER A 133 -14.92 13.81 25.25
CA SER A 133 -15.37 12.94 24.18
C SER A 133 -16.26 11.82 24.71
N ARG A 134 -17.47 11.72 24.16
CA ARG A 134 -18.42 10.70 24.59
C ARG A 134 -19.11 10.06 23.38
N SER A 135 -19.91 10.85 22.68
CA SER A 135 -20.62 10.37 21.51
C SER A 135 -20.09 11.02 20.24
N GLU A 136 -18.81 11.35 20.23
CA GLU A 136 -18.18 11.97 19.08
C GLU A 136 -17.21 11.01 18.39
N HIS A 137 -17.73 10.23 17.45
CA HIS A 137 -16.91 9.27 16.72
C HIS A 137 -16.38 9.88 15.43
N ASP A 138 -15.08 9.72 15.21
CA ASP A 138 -14.44 10.26 14.01
C ASP A 138 -13.86 9.14 13.16
N THR A 139 -13.83 9.35 11.85
CA THR A 139 -13.30 8.36 10.92
C THR A 139 -12.51 9.02 9.80
N GLY A 140 -11.37 8.43 9.45
CA GLY A 140 -10.53 8.98 8.40
C GLY A 140 -10.76 8.29 7.07
N VAL A 141 -11.55 8.93 6.21
CA VAL A 141 -11.85 8.37 4.90
C VAL A 141 -11.51 9.37 3.80
N SER A 142 -10.69 8.94 2.85
CA SER A 142 -10.29 9.82 1.74
C SER A 142 -9.83 9.01 0.53
N PRO A 143 -10.06 9.54 -0.69
CA PRO A 143 -9.66 8.86 -1.94
C PRO A 143 -8.17 8.98 -2.19
N VAL A 144 -7.63 8.06 -3.00
CA VAL A 144 -6.21 8.08 -3.33
C VAL A 144 -5.94 7.38 -4.66
N PHE A 145 -4.84 7.77 -5.29
CA PHE A 145 -4.44 7.19 -6.57
C PHE A 145 -2.92 7.19 -6.70
N ALA A 146 -2.33 6.01 -6.83
CA ALA A 146 -0.88 5.88 -6.97
C ALA A 146 -0.51 5.01 -8.16
N GLY A 147 0.62 5.32 -8.79
CA GLY A 147 1.07 4.56 -9.93
C GLY A 147 2.54 4.19 -9.81
N GLY A 148 2.90 3.01 -10.31
CA GLY A 148 4.28 2.58 -10.25
C GLY A 148 4.58 1.42 -11.17
N VAL A 149 5.77 0.85 -11.02
CA VAL A 149 6.19 -0.28 -11.85
C VAL A 149 6.70 -1.42 -10.99
N GLU A 150 6.52 -2.65 -11.47
CA GLU A 150 6.97 -3.82 -10.74
C GLU A 150 8.13 -4.51 -11.45
N TRP A 151 9.23 -4.73 -10.74
CA TRP A 151 10.41 -5.38 -11.29
C TRP A 151 10.85 -6.55 -10.42
N ALA A 152 10.87 -7.74 -11.00
CA ALA A 152 11.27 -8.94 -10.27
C ALA A 152 12.78 -9.11 -10.27
N VAL A 153 13.34 -9.39 -9.11
CA VAL A 153 14.78 -9.59 -8.97
C VAL A 153 15.11 -11.05 -8.75
N THR A 154 14.69 -11.59 -7.61
CA THR A 154 14.94 -12.99 -7.27
C THR A 154 13.94 -13.90 -7.98
N ARG A 155 14.13 -15.20 -7.84
CA ARG A 155 13.25 -16.17 -8.47
C ARG A 155 11.90 -16.22 -7.77
N ASP A 156 11.87 -15.84 -6.49
CA ASP A 156 10.65 -15.84 -5.71
C ASP A 156 10.51 -14.56 -4.90
N ILE A 157 11.11 -13.48 -5.39
CA ILE A 157 11.05 -12.19 -4.71
C ILE A 157 11.16 -11.04 -5.69
N ALA A 158 10.11 -10.23 -5.78
CA ALA A 158 10.09 -9.09 -6.69
C ALA A 158 10.07 -7.78 -5.92
N THR A 159 10.29 -6.67 -6.64
CA THR A 159 10.30 -5.35 -6.04
C THR A 159 9.53 -4.38 -6.91
N ARG A 160 8.86 -3.41 -6.28
CA ARG A 160 8.09 -2.43 -7.02
C ARG A 160 8.28 -1.01 -6.47
N LEU A 161 8.21 -0.04 -7.37
CA LEU A 161 8.36 1.37 -7.01
C LEU A 161 7.10 2.13 -7.38
N GLU A 162 6.51 2.80 -6.39
CA GLU A 162 5.28 3.56 -6.62
C GLU A 162 5.49 5.05 -6.43
N TYR A 163 4.80 5.84 -7.25
CA TYR A 163 4.90 7.29 -7.19
C TYR A 163 3.50 7.92 -7.23
N GLN A 164 3.39 9.13 -6.69
CA GLN A 164 2.12 9.84 -6.66
C GLN A 164 2.11 10.97 -7.69
N TRP A 165 2.89 12.01 -7.43
CA TRP A 165 2.96 13.15 -8.35
C TRP A 165 4.41 13.52 -8.64
N VAL A 166 4.66 14.05 -9.84
CA VAL A 166 5.99 14.44 -10.23
C VAL A 166 5.98 15.79 -10.97
N ASN A 167 6.82 16.71 -10.50
CA ASN A 167 6.90 18.03 -11.11
C ASN A 167 8.33 18.58 -11.03
N ASN A 168 9.31 17.67 -11.04
CA ASN A 168 10.70 18.07 -10.98
C ASN A 168 11.34 18.04 -12.37
N ILE A 169 11.33 16.87 -12.99
CA ILE A 169 11.91 16.71 -14.33
C ILE A 169 11.05 17.40 -15.38
N GLY A 170 9.75 17.46 -15.13
CA GLY A 170 8.85 18.09 -16.07
C GLY A 170 7.94 19.12 -15.41
N ASP A 171 7.93 20.33 -15.95
CA ASP A 171 7.10 21.40 -15.40
C ASP A 171 5.80 21.54 -16.17
N ALA A 172 5.25 20.40 -16.62
CA ALA A 172 4.00 20.40 -17.38
C ALA A 172 2.81 20.11 -16.46
N GLY A 173 2.08 21.15 -16.11
CA GLY A 173 0.92 21.00 -15.25
C GLY A 173 -0.04 22.16 -15.35
N THR A 174 -1.32 21.84 -15.55
CA THR A 174 -2.35 22.87 -15.67
C THR A 174 -3.12 23.02 -14.36
N VAL A 175 -3.74 21.93 -13.91
CA VAL A 175 -4.50 21.95 -12.67
C VAL A 175 -4.33 20.64 -11.90
N GLY A 176 -3.19 20.52 -11.21
CA GLY A 176 -2.93 19.32 -10.44
C GLY A 176 -2.29 19.62 -9.10
N THR A 177 -0.99 19.92 -9.12
CA THR A 177 -0.27 20.23 -7.89
C THR A 177 0.66 21.43 -8.09
N ARG A 178 0.42 22.48 -7.32
CA ARG A 178 1.23 23.69 -7.41
C ARG A 178 2.62 23.47 -6.81
N PRO A 179 2.69 23.13 -5.52
CA PRO A 179 3.97 22.89 -4.83
C PRO A 179 4.61 21.58 -5.26
N ASP A 180 5.93 21.55 -5.28
CA ASP A 180 6.67 20.36 -5.67
C ASP A 180 6.99 19.50 -4.45
N ASN A 181 6.27 18.40 -4.31
CA ASN A 181 6.47 17.48 -3.19
C ASN A 181 6.56 16.04 -3.67
N GLY A 182 5.44 15.52 -4.18
CA GLY A 182 5.42 14.15 -4.67
C GLY A 182 5.55 13.14 -3.55
N MET A 183 4.97 11.96 -3.76
CA MET A 183 5.03 10.90 -2.76
C MET A 183 5.38 9.55 -3.40
N LEU A 184 6.64 9.17 -3.28
CA LEU A 184 7.10 7.91 -3.85
C LEU A 184 7.54 6.96 -2.73
N SER A 185 7.50 5.66 -3.01
CA SER A 185 7.88 4.65 -2.04
C SER A 185 8.41 3.39 -2.71
N LEU A 186 9.24 2.64 -1.98
CA LEU A 186 9.81 1.40 -2.50
C LEU A 186 9.36 0.21 -1.66
N GLY A 187 8.97 -0.87 -2.31
CA GLY A 187 8.52 -2.05 -1.59
C GLY A 187 8.85 -3.34 -2.29
N VAL A 188 8.71 -4.45 -1.56
CA VAL A 188 8.98 -5.78 -2.12
C VAL A 188 7.75 -6.67 -1.96
N SER A 189 7.51 -7.54 -2.93
CA SER A 189 6.35 -8.43 -2.89
C SER A 189 6.61 -9.72 -3.65
N TYR A 190 5.64 -10.63 -3.56
CA TYR A 190 5.74 -11.92 -4.24
C TYR A 190 4.37 -12.37 -4.74
N ARG A 191 4.36 -13.16 -5.80
CA ARG A 191 3.11 -13.67 -6.36
C ARG A 191 2.80 -15.06 -5.84
N PHE A 192 1.51 -15.34 -5.64
CA PHE A 192 1.07 -16.62 -5.13
C PHE A 192 -0.31 -16.98 -5.67
N GLY A 193 -0.47 -18.22 -6.10
CA GLY A 193 -1.75 -18.67 -6.64
C GLY A 193 -2.07 -20.09 -6.25
N GLN A 194 -3.27 -20.29 -5.70
CA GLN A 194 -3.71 -21.62 -5.29
C GLN A 194 -4.99 -22.01 -6.01
N GLU A 195 -5.11 -23.30 -6.32
CA GLU A 195 -6.29 -23.81 -7.03
C GLU A 195 -7.26 -24.45 -6.04
N ASP A 196 -7.27 -23.96 -4.81
CA ASP A 196 -8.16 -24.48 -3.77
C ASP A 196 -8.56 -23.39 -2.80
N ALA A 197 -7.59 -22.95 -1.99
CA ALA A 197 -7.84 -21.91 -0.99
C ALA A 197 -8.07 -20.56 -1.66
N ALA A 198 -9.20 -20.44 -2.38
CA ALA A 198 -9.54 -19.20 -3.07
C ALA A 198 -10.18 -18.19 -2.12
N PRO A 199 -11.35 -18.54 -1.55
CA PRO A 199 -12.06 -17.65 -0.62
C PRO A 199 -11.39 -17.58 0.74
N VAL A 200 -11.04 -18.72 1.29
CA VAL A 200 -10.40 -18.79 2.60
C VAL A 200 -9.03 -19.46 2.51
N VAL A 201 -8.10 -19.01 3.34
CA VAL A 201 -6.75 -19.57 3.35
C VAL A 201 -6.23 -19.69 4.79
N ALA A 202 -5.85 -20.90 5.17
CA ALA A 202 -5.34 -21.16 6.51
C ALA A 202 -3.92 -20.62 6.67
N PRO A 203 -3.72 -19.60 7.51
CA PRO A 203 -2.40 -18.99 7.74
C PRO A 203 -1.37 -20.03 8.18
N ALA A 204 -0.46 -20.38 7.28
CA ALA A 204 0.57 -21.36 7.58
C ALA A 204 1.77 -20.70 8.28
N PRO A 205 2.35 -21.36 9.30
CA PRO A 205 3.50 -20.83 10.03
C PRO A 205 4.66 -20.46 9.11
N ALA A 206 5.42 -19.44 9.50
CA ALA A 206 6.55 -18.99 8.71
C ALA A 206 7.83 -19.75 9.10
N PRO A 207 8.17 -19.77 10.40
CA PRO A 207 9.37 -20.47 10.90
C PRO A 207 9.38 -21.94 10.49
N ALA A 208 10.09 -22.23 9.41
CA ALA A 208 10.19 -23.60 8.92
C ALA A 208 11.57 -23.87 8.32
N PRO A 209 11.91 -25.15 8.09
CA PRO A 209 13.21 -25.54 7.51
C PRO A 209 13.33 -25.10 6.06
N GLU A 210 12.20 -24.94 5.39
CA GLU A 210 12.19 -24.53 3.98
C GLU A 210 12.88 -23.18 3.82
N ALA A 1 -14.96 -17.28 -42.28
CA ALA A 1 -13.79 -18.13 -42.59
C ALA A 1 -14.22 -19.57 -42.88
N ARG A 2 -13.57 -20.19 -43.86
CA ARG A 2 -13.89 -21.57 -44.24
C ARG A 2 -12.68 -22.25 -44.86
N ILE A 3 -11.49 -21.95 -44.34
CA ILE A 3 -10.25 -22.53 -44.85
C ILE A 3 -9.77 -23.66 -43.95
N MET A 4 -9.42 -23.32 -42.71
CA MET A 4 -8.94 -24.30 -41.75
C MET A 4 -9.61 -24.11 -40.40
N LYS A 5 -10.34 -25.13 -39.96
CA LYS A 5 -11.03 -25.09 -38.67
C LYS A 5 -10.14 -25.61 -37.55
N ALA A 6 -8.98 -24.98 -37.39
CA ALA A 6 -8.04 -25.38 -36.35
C ALA A 6 -7.95 -24.34 -35.25
N ILE A 7 -8.28 -24.73 -34.03
CA ILE A 7 -8.24 -23.82 -32.90
C ILE A 7 -6.81 -23.54 -32.47
N PHE A 8 -6.64 -22.62 -31.52
CA PHE A 8 -5.32 -22.26 -31.02
C PHE A 8 -5.42 -21.55 -29.67
N VAL A 9 -4.35 -21.65 -28.88
CA VAL A 9 -4.31 -21.02 -27.57
C VAL A 9 -4.01 -19.53 -27.68
N LEU A 10 -4.53 -18.75 -26.74
CA LEU A 10 -4.30 -17.30 -26.74
C LEU A 10 -3.57 -16.87 -25.47
N ASN A 11 -3.98 -17.42 -24.33
CA ASN A 11 -3.36 -17.09 -23.06
C ASN A 11 -2.00 -17.76 -22.93
N ALA A 12 -1.00 -16.98 -22.50
CA ALA A 12 0.36 -17.50 -22.34
C ALA A 12 0.41 -18.53 -21.22
N ALA A 13 0.22 -18.07 -19.98
CA ALA A 13 0.25 -18.95 -18.82
C ALA A 13 -1.16 -19.26 -18.33
N PRO A 14 -1.46 -20.55 -18.08
CA PRO A 14 -2.78 -20.96 -17.60
C PRO A 14 -3.00 -20.64 -16.13
N LYS A 15 -2.96 -19.34 -15.82
CA LYS A 15 -3.16 -18.89 -14.44
C LYS A 15 -4.10 -17.69 -14.39
N ASP A 16 -5.40 -17.96 -14.37
CA ASP A 16 -6.41 -16.90 -14.32
C ASP A 16 -6.38 -16.20 -12.98
N ASN A 17 -6.58 -16.95 -11.91
CA ASN A 17 -6.58 -16.40 -10.56
C ASN A 17 -5.15 -16.18 -10.06
N THR A 18 -4.77 -14.92 -9.91
CA THR A 18 -3.43 -14.57 -9.44
C THR A 18 -3.50 -13.81 -8.13
N TRP A 19 -2.47 -13.96 -7.30
CA TRP A 19 -2.42 -13.28 -6.02
C TRP A 19 -1.06 -12.61 -5.81
N TYR A 20 -1.09 -11.35 -5.39
CA TYR A 20 0.13 -10.59 -5.16
C TYR A 20 0.12 -9.95 -3.78
N ALA A 21 1.24 -10.05 -3.07
CA ALA A 21 1.35 -9.48 -1.74
C ALA A 21 2.72 -8.85 -1.50
N GLY A 22 2.73 -7.71 -0.81
CA GLY A 22 3.98 -7.03 -0.54
C GLY A 22 3.79 -5.80 0.33
N GLY A 23 4.83 -4.96 0.41
CA GLY A 23 4.75 -3.76 1.22
C GLY A 23 5.71 -2.69 0.76
N LYS A 24 5.33 -1.43 0.97
CA LYS A 24 6.17 -0.31 0.56
C LYS A 24 6.42 0.65 1.73
N LEU A 25 7.47 1.45 1.61
CA LEU A 25 7.81 2.41 2.64
C LEU A 25 8.14 3.77 2.03
N GLY A 26 7.71 4.83 2.70
CA GLY A 26 7.96 6.18 2.21
C GLY A 26 8.01 7.21 3.32
N TRP A 27 8.13 8.47 2.94
CA TRP A 27 8.19 9.56 3.91
C TRP A 27 6.82 10.18 4.12
N SER A 28 6.54 10.59 5.36
CA SER A 28 5.26 11.21 5.69
C SER A 28 5.39 12.72 5.76
N GLN A 29 4.27 13.41 5.57
CA GLN A 29 4.25 14.87 5.62
C GLN A 29 3.80 15.37 6.98
N TYR A 30 4.70 16.03 7.70
CA TYR A 30 4.38 16.56 9.02
C TYR A 30 4.23 18.07 8.98
N HIS A 31 5.21 18.75 8.39
CA HIS A 31 5.19 20.20 8.29
C HIS A 31 5.06 20.64 6.83
N ASP A 32 5.02 21.95 6.62
CA ASP A 32 4.91 22.50 5.27
C ASP A 32 6.24 23.03 4.78
N THR A 33 6.78 24.01 5.50
CA THR A 33 8.07 24.60 5.15
C THR A 33 9.22 23.64 5.43
N GLY A 34 9.32 23.19 6.67
CA GLY A 34 10.38 22.27 7.05
C GLY A 34 11.57 22.97 7.67
N PHE A 35 12.71 22.30 7.70
CA PHE A 35 13.93 22.87 8.26
C PHE A 35 15.08 22.80 7.28
N TYR A 36 15.76 23.92 7.08
CA TYR A 36 16.89 23.98 6.16
C TYR A 36 17.99 24.89 6.70
N GLY A 37 19.23 24.61 6.32
CA GLY A 37 20.35 25.42 6.77
C GLY A 37 20.72 26.51 5.77
N ASN A 38 20.98 27.71 6.29
CA ASN A 38 21.35 28.82 5.43
C ASN A 38 22.87 29.03 5.43
N GLY A 39 23.45 29.13 6.62
CA GLY A 39 24.88 29.33 6.73
C GLY A 39 25.46 28.72 7.98
N PHE A 40 25.96 29.58 8.87
CA PHE A 40 26.54 29.13 10.13
C PHE A 40 25.46 28.86 11.17
N GLN A 41 24.95 27.63 11.17
CA GLN A 41 23.90 27.23 12.11
C GLN A 41 24.33 26.00 12.91
N ASN A 42 24.52 26.18 14.21
CA ASN A 42 24.92 25.07 15.08
C ASN A 42 23.77 24.10 15.29
N ASN A 43 23.54 23.25 14.30
CA ASN A 43 22.46 22.26 14.37
C ASN A 43 23.00 20.85 14.18
N ASN A 44 23.50 20.25 15.26
CA ASN A 44 24.05 18.91 15.21
C ASN A 44 22.97 17.87 15.52
N GLY A 45 22.29 17.42 14.47
CA GLY A 45 21.24 16.43 14.66
C GLY A 45 21.79 15.02 14.84
N PRO A 46 21.20 14.23 15.76
CA PRO A 46 21.66 12.86 16.02
C PRO A 46 21.27 11.89 14.90
N THR A 47 21.75 10.67 14.99
CA THR A 47 21.46 9.65 13.99
C THR A 47 20.02 9.15 14.14
N ARG A 48 19.07 9.93 13.64
CA ARG A 48 17.66 9.57 13.73
C ARG A 48 16.87 10.17 12.57
N ASN A 49 15.69 9.61 12.30
CA ASN A 49 14.84 10.09 11.22
C ASN A 49 13.73 10.98 11.77
N ASP A 50 13.14 11.79 10.89
CA ASP A 50 12.06 12.68 11.28
C ASP A 50 10.73 11.93 11.39
N GLN A 51 10.32 11.30 10.30
CA GLN A 51 9.07 10.55 10.28
C GLN A 51 9.03 9.61 9.07
N LEU A 52 8.60 8.38 9.30
CA LEU A 52 8.51 7.39 8.23
C LEU A 52 7.14 6.70 8.26
N GLY A 53 6.72 6.19 7.10
CA GLY A 53 5.44 5.52 7.01
C GLY A 53 5.52 4.23 6.22
N ALA A 54 4.90 3.18 6.75
CA ALA A 54 4.89 1.88 6.09
C ALA A 54 3.52 1.57 5.51
N GLY A 55 3.50 0.92 4.35
CA GLY A 55 2.24 0.57 3.72
C GLY A 55 2.27 -0.79 3.06
N ALA A 56 1.41 -1.69 3.54
CA ALA A 56 1.33 -3.04 2.99
C ALA A 56 0.24 -3.13 1.94
N PHE A 57 0.55 -3.79 0.82
CA PHE A 57 -0.41 -3.94 -0.26
C PHE A 57 -0.59 -5.40 -0.64
N GLY A 58 -1.84 -5.82 -0.77
CA GLY A 58 -2.15 -7.20 -1.13
C GLY A 58 -3.46 -7.31 -1.88
N GLY A 59 -3.41 -7.92 -3.07
CA GLY A 59 -4.61 -8.09 -3.85
C GLY A 59 -4.53 -9.24 -4.83
N TYR A 60 -5.54 -9.37 -5.68
CA TYR A 60 -5.58 -10.44 -6.67
C TYR A 60 -6.30 -9.98 -7.94
N GLN A 61 -6.02 -10.65 -9.05
CA GLN A 61 -6.63 -10.32 -10.33
C GLN A 61 -7.68 -11.35 -10.73
N VAL A 62 -8.88 -10.88 -11.03
CA VAL A 62 -9.97 -11.76 -11.44
C VAL A 62 -10.78 -11.15 -12.58
N ASN A 63 -11.04 -9.85 -12.49
CA ASN A 63 -11.80 -9.15 -13.52
C ASN A 63 -11.21 -9.40 -14.90
N PRO A 64 -11.95 -9.04 -15.98
CA PRO A 64 -11.50 -9.23 -17.35
C PRO A 64 -10.09 -8.71 -17.60
N TYR A 65 -9.81 -7.50 -17.11
CA TYR A 65 -8.49 -6.90 -17.30
C TYR A 65 -8.12 -5.98 -16.15
N LEU A 66 -8.25 -6.48 -14.93
CA LEU A 66 -7.91 -5.70 -13.74
C LEU A 66 -8.15 -6.52 -12.48
N GLY A 67 -7.59 -6.07 -11.36
CA GLY A 67 -7.75 -6.77 -10.11
C GLY A 67 -8.01 -5.85 -8.94
N PHE A 68 -8.27 -6.43 -7.77
CA PHE A 68 -8.53 -5.66 -6.56
C PHE A 68 -7.44 -5.87 -5.52
N GLU A 69 -7.01 -4.79 -4.87
CA GLU A 69 -5.97 -4.88 -3.86
C GLU A 69 -6.28 -3.98 -2.67
N MET A 70 -5.94 -4.45 -1.48
CA MET A 70 -6.17 -3.69 -0.26
C MET A 70 -4.86 -3.22 0.34
N GLY A 71 -4.85 -2.02 0.88
CA GLY A 71 -3.64 -1.48 1.48
C GLY A 71 -3.73 -1.38 2.99
N TYR A 72 -2.58 -1.34 3.65
CA TYR A 72 -2.54 -1.25 5.10
C TYR A 72 -1.59 -0.14 5.54
N ASP A 73 -2.14 0.89 6.17
CA ASP A 73 -1.34 2.02 6.64
C ASP A 73 -0.86 1.78 8.07
N TRP A 74 0.45 1.75 8.24
CA TRP A 74 1.06 1.53 9.55
C TRP A 74 2.21 2.51 9.79
N LEU A 75 2.12 3.26 10.88
CA LEU A 75 3.15 4.23 11.22
C LEU A 75 4.11 3.67 12.27
N GLY A 76 3.60 3.47 13.47
CA GLY A 76 4.43 2.93 14.54
C GLY A 76 5.23 4.01 15.26
N ARG A 77 4.77 4.39 16.45
CA ARG A 77 5.45 5.41 17.24
C ARG A 77 5.48 6.74 16.48
N MET A 78 6.14 7.73 17.07
CA MET A 78 6.24 9.05 16.45
C MET A 78 7.64 9.63 16.66
N ALA A 79 7.88 10.16 17.86
CA ALA A 79 9.17 10.75 18.19
C ALA A 79 9.20 11.24 19.64
N TYR A 80 8.18 12.02 20.00
CA TYR A 80 8.10 12.55 21.36
C TYR A 80 7.82 11.43 22.37
N LYS A 81 8.19 11.69 23.62
CA LYS A 81 7.99 10.70 24.68
C LYS A 81 6.51 10.62 25.07
N GLY A 82 6.18 9.63 25.88
CA GLY A 82 4.80 9.45 26.31
C GLY A 82 4.62 8.25 27.21
N SER A 83 3.38 7.98 27.60
CA SER A 83 3.08 6.85 28.47
C SER A 83 2.11 5.88 27.79
N VAL A 84 2.63 4.74 27.34
CA VAL A 84 1.81 3.74 26.67
C VAL A 84 1.43 2.61 27.62
N ASP A 85 0.13 2.44 27.84
CA ASP A 85 -0.36 1.39 28.74
C ASP A 85 -1.46 0.58 28.06
N ASN A 86 -2.66 1.14 28.00
CA ASN A 86 -3.79 0.46 27.39
C ASN A 86 -4.02 0.97 25.97
N GLY A 87 -4.30 2.26 25.85
CA GLY A 87 -4.53 2.85 24.54
C GLY A 87 -4.57 4.37 24.59
N ALA A 88 -3.56 5.00 24.01
CA ALA A 88 -3.48 6.46 23.99
C ALA A 88 -3.80 7.00 22.61
N PHE A 89 -3.33 6.31 21.57
CA PHE A 89 -3.58 6.74 20.20
C PHE A 89 -3.28 5.59 19.23
N LYS A 90 -3.95 4.46 19.42
CA LYS A 90 -3.76 3.31 18.55
C LYS A 90 -4.75 3.33 17.39
N ALA A 91 -4.25 3.00 16.20
CA ALA A 91 -5.08 2.98 15.00
C ALA A 91 -4.52 2.04 13.95
N GLN A 92 -5.24 1.88 12.85
CA GLN A 92 -4.81 1.02 11.75
C GLN A 92 -5.42 1.47 10.43
N GLY A 93 -4.57 1.66 9.43
CA GLY A 93 -5.05 2.10 8.13
C GLY A 93 -5.44 0.96 7.23
N VAL A 94 -6.61 1.09 6.59
CA VAL A 94 -7.11 0.07 5.68
C VAL A 94 -7.50 0.70 4.35
N GLN A 95 -6.84 0.29 3.28
CA GLN A 95 -7.11 0.84 1.96
C GLN A 95 -7.81 -0.17 1.06
N LEU A 96 -8.63 0.34 0.16
CA LEU A 96 -9.37 -0.49 -0.79
C LEU A 96 -9.29 0.13 -2.18
N THR A 97 -8.61 -0.55 -3.11
CA THR A 97 -8.46 -0.03 -4.46
C THR A 97 -8.26 -1.16 -5.47
N ALA A 98 -8.40 -0.81 -6.75
CA ALA A 98 -8.22 -1.77 -7.82
C ALA A 98 -6.90 -1.50 -8.56
N LYS A 99 -6.15 -2.56 -8.82
CA LYS A 99 -4.88 -2.44 -9.52
C LYS A 99 -4.98 -2.94 -10.96
N LEU A 100 -4.50 -2.13 -11.89
CA LEU A 100 -4.53 -2.49 -13.30
C LEU A 100 -3.20 -2.16 -13.96
N GLY A 101 -2.57 -3.17 -14.58
CA GLY A 101 -1.29 -2.96 -15.23
C GLY A 101 -0.90 -4.11 -16.13
N TYR A 102 0.34 -4.09 -16.60
CA TYR A 102 0.85 -5.13 -17.48
C TYR A 102 2.37 -5.08 -17.57
N PRO A 103 3.01 -6.21 -17.94
CA PRO A 103 4.47 -6.30 -18.08
C PRO A 103 4.98 -5.68 -19.37
N ILE A 104 6.30 -5.54 -19.48
CA ILE A 104 6.91 -4.98 -20.68
C ILE A 104 7.50 -6.07 -21.56
N THR A 105 7.92 -7.16 -20.93
CA THR A 105 8.50 -8.30 -21.65
C THR A 105 8.38 -9.57 -20.82
N ASP A 106 8.99 -9.56 -19.64
CA ASP A 106 8.96 -10.72 -18.74
C ASP A 106 9.80 -10.46 -17.50
N ASP A 107 9.63 -9.28 -16.90
CA ASP A 107 10.38 -8.91 -15.71
C ASP A 107 10.06 -7.48 -15.28
N LEU A 108 9.77 -6.62 -16.24
CA LEU A 108 9.45 -5.22 -15.96
C LEU A 108 7.95 -4.99 -16.12
N ASP A 109 7.30 -4.56 -15.05
CA ASP A 109 5.85 -4.33 -15.09
C ASP A 109 5.47 -2.92 -14.65
N ILE A 110 4.40 -2.41 -15.26
CA ILE A 110 3.89 -1.08 -14.95
C ILE A 110 2.39 -1.17 -14.66
N TYR A 111 1.98 -0.69 -13.49
CA TYR A 111 0.58 -0.74 -13.11
C TYR A 111 0.16 0.51 -12.32
N THR A 112 -1.14 0.67 -12.13
CA THR A 112 -1.67 1.81 -11.39
C THR A 112 -2.84 1.37 -10.51
N ARG A 113 -2.91 1.92 -9.31
CA ARG A 113 -3.99 1.59 -8.38
C ARG A 113 -4.92 2.78 -8.16
N LEU A 114 -6.22 2.54 -8.34
CA LEU A 114 -7.22 3.59 -8.16
C LEU A 114 -8.28 3.15 -7.15
N GLY A 115 -8.48 3.96 -6.12
CA GLY A 115 -9.47 3.63 -5.10
C GLY A 115 -9.49 4.65 -3.97
N GLY A 116 -9.48 4.16 -2.73
CA GLY A 116 -9.50 5.06 -1.59
C GLY A 116 -8.88 4.46 -0.34
N MET A 117 -8.67 5.29 0.66
CA MET A 117 -8.08 4.85 1.92
C MET A 117 -8.97 5.23 3.10
N VAL A 118 -9.01 4.36 4.11
CA VAL A 118 -9.82 4.61 5.29
C VAL A 118 -9.02 4.40 6.57
N TRP A 119 -9.06 5.39 7.46
CA TRP A 119 -8.32 5.30 8.72
C TRP A 119 -9.25 5.53 9.91
N ARG A 120 -9.12 4.70 10.94
CA ARG A 120 -9.95 4.81 12.13
C ARG A 120 -9.08 4.79 13.39
N ALA A 121 -9.54 5.49 14.42
CA ALA A 121 -8.83 5.56 15.69
C ALA A 121 -9.78 5.44 16.87
N ASP A 122 -9.23 5.14 18.04
CA ASP A 122 -10.03 5.00 19.25
C ASP A 122 -9.25 5.43 20.48
N SER A 123 -9.84 6.32 21.28
CA SER A 123 -9.19 6.81 22.49
C SER A 123 -9.87 6.25 23.73
N LYS A 124 -9.97 4.92 23.78
CA LYS A 124 -10.59 4.26 24.92
C LYS A 124 -9.53 3.71 25.88
N GLY A 125 -9.11 4.55 26.82
CA GLY A 125 -8.10 4.14 27.78
C GLY A 125 -8.44 4.56 29.19
N ASN A 126 -7.50 4.36 30.10
CA ASN A 126 -7.71 4.72 31.51
C ASN A 126 -6.82 5.89 31.90
N TYR A 127 -7.35 7.11 31.76
CA TYR A 127 -6.60 8.31 32.10
C TYR A 127 -7.54 9.47 32.38
N ALA A 128 -8.16 9.46 33.56
CA ALA A 128 -9.09 10.51 33.94
C ALA A 128 -8.35 11.76 34.39
N SER A 129 -9.10 12.81 34.72
CA SER A 129 -8.51 14.06 35.17
C SER A 129 -9.10 14.49 36.50
N THR A 130 -10.39 14.81 36.49
CA THR A 130 -11.09 15.25 37.70
C THR A 130 -12.55 14.78 37.68
N GLY A 131 -13.35 15.38 36.80
CA GLY A 131 -14.74 15.02 36.71
C GLY A 131 -15.39 15.55 35.44
N VAL A 132 -14.73 15.33 34.31
CA VAL A 132 -15.24 15.79 33.02
C VAL A 132 -15.33 14.63 32.03
N SER A 133 -16.47 14.55 31.33
CA SER A 133 -16.68 13.49 30.35
C SER A 133 -16.69 14.05 28.94
N ARG A 134 -15.79 13.54 28.10
CA ARG A 134 -15.69 13.99 26.72
C ARG A 134 -15.36 12.82 25.79
N SER A 135 -15.78 12.93 24.54
CA SER A 135 -15.53 11.89 23.55
C SER A 135 -14.77 12.44 22.35
N GLU A 136 -13.70 11.74 21.98
CA GLU A 136 -12.88 12.16 20.84
C GLU A 136 -12.77 11.04 19.81
N HIS A 137 -13.24 11.32 18.60
CA HIS A 137 -13.19 10.35 17.52
C HIS A 137 -12.45 10.90 16.32
N ASP A 138 -11.43 10.17 15.86
CA ASP A 138 -10.64 10.59 14.72
C ASP A 138 -10.67 9.54 13.61
N THR A 139 -11.21 9.93 12.46
CA THR A 139 -11.30 9.02 11.32
C THR A 139 -10.97 9.75 10.01
N GLY A 140 -10.04 9.19 9.26
CA GLY A 140 -9.65 9.79 8.00
C GLY A 140 -9.94 8.90 6.81
N VAL A 141 -10.87 9.32 5.97
CA VAL A 141 -11.26 8.56 4.79
C VAL A 141 -11.28 9.44 3.55
N SER A 142 -10.51 9.05 2.53
CA SER A 142 -10.45 9.81 1.29
C SER A 142 -9.99 8.94 0.12
N PRO A 143 -10.47 9.24 -1.10
CA PRO A 143 -10.11 8.49 -2.30
C PRO A 143 -8.74 8.88 -2.83
N VAL A 144 -8.03 7.92 -3.43
CA VAL A 144 -6.70 8.18 -3.97
C VAL A 144 -6.35 7.19 -5.08
N PHE A 145 -5.40 7.59 -5.93
CA PHE A 145 -4.95 6.74 -7.02
C PHE A 145 -3.46 6.95 -7.28
N ALA A 146 -2.68 5.88 -7.14
CA ALA A 146 -1.25 5.95 -7.36
C ALA A 146 -0.79 5.01 -8.47
N GLY A 147 0.42 5.23 -8.97
CA GLY A 147 0.96 4.41 -10.03
C GLY A 147 2.43 4.11 -9.85
N GLY A 148 2.87 2.94 -10.29
CA GLY A 148 4.26 2.58 -10.16
C GLY A 148 4.65 1.41 -11.04
N VAL A 149 5.86 0.90 -10.85
CA VAL A 149 6.36 -0.23 -11.64
C VAL A 149 6.98 -1.29 -10.74
N GLU A 150 7.22 -2.47 -11.30
CA GLU A 150 7.81 -3.57 -10.54
C GLU A 150 8.92 -4.25 -11.32
N TRP A 151 9.89 -4.82 -10.59
CA TRP A 151 11.01 -5.51 -11.21
C TRP A 151 11.25 -6.85 -10.54
N ALA A 152 11.11 -7.93 -11.31
CA ALA A 152 11.30 -9.27 -10.78
C ALA A 152 12.78 -9.65 -10.74
N VAL A 153 13.26 -9.99 -9.55
CA VAL A 153 14.66 -10.37 -9.37
C VAL A 153 14.77 -11.83 -8.91
N THR A 154 14.23 -12.11 -7.74
CA THR A 154 14.27 -13.46 -7.18
C THR A 154 13.17 -14.33 -7.79
N ARG A 155 13.18 -15.61 -7.45
CA ARG A 155 12.19 -16.55 -7.98
C ARG A 155 10.78 -16.13 -7.57
N ASP A 156 10.65 -15.56 -6.38
CA ASP A 156 9.36 -15.11 -5.88
C ASP A 156 9.49 -13.87 -5.00
N ILE A 157 10.39 -12.98 -5.39
CA ILE A 157 10.62 -11.75 -4.64
C ILE A 157 11.03 -10.61 -5.56
N ALA A 158 10.08 -9.74 -5.88
CA ALA A 158 10.34 -8.59 -6.75
C ALA A 158 10.23 -7.28 -5.98
N THR A 159 10.68 -6.20 -6.61
CA THR A 159 10.63 -4.87 -6.01
C THR A 159 9.87 -3.91 -6.91
N ARG A 160 9.10 -3.01 -6.31
CA ARG A 160 8.33 -2.05 -7.08
C ARG A 160 8.39 -0.65 -6.48
N LEU A 161 8.35 0.35 -7.36
CA LEU A 161 8.38 1.74 -6.95
C LEU A 161 7.06 2.41 -7.28
N GLU A 162 6.44 3.03 -6.26
CA GLU A 162 5.15 3.70 -6.44
C GLU A 162 5.31 5.22 -6.36
N TYR A 163 4.60 5.91 -7.25
CA TYR A 163 4.64 7.37 -7.28
C TYR A 163 3.23 7.94 -7.41
N GLN A 164 3.06 9.18 -6.96
CA GLN A 164 1.76 9.84 -7.04
C GLN A 164 1.86 11.17 -7.79
N TRP A 165 2.52 11.14 -8.94
CA TRP A 165 2.70 12.33 -9.75
C TRP A 165 1.46 12.59 -10.61
N VAL A 166 0.48 13.28 -10.03
CA VAL A 166 -0.76 13.58 -10.74
C VAL A 166 -0.52 14.62 -11.83
N ASN A 167 -1.23 14.48 -12.95
CA ASN A 167 -1.10 15.39 -14.08
C ASN A 167 -2.07 16.56 -13.94
N ASN A 168 -1.60 17.75 -14.29
CA ASN A 168 -2.44 18.95 -14.21
C ASN A 168 -2.31 19.79 -15.48
N ILE A 169 -3.42 19.96 -16.18
CA ILE A 169 -3.44 20.74 -17.41
C ILE A 169 -3.53 22.24 -17.12
N GLY A 170 -3.56 23.04 -18.17
CA GLY A 170 -3.65 24.48 -18.01
C GLY A 170 -4.61 25.12 -18.99
N ASP A 171 -5.70 24.41 -19.30
CA ASP A 171 -6.69 24.91 -20.24
C ASP A 171 -7.97 25.32 -19.50
N ALA A 172 -8.36 24.52 -18.52
CA ALA A 172 -9.56 24.80 -17.74
C ALA A 172 -9.21 25.15 -16.29
N GLY A 173 -9.97 26.08 -15.72
CA GLY A 173 -9.72 26.49 -14.36
C GLY A 173 -11.00 26.75 -13.59
N THR A 174 -12.07 26.04 -13.97
CA THR A 174 -13.36 26.21 -13.32
C THR A 174 -13.62 25.05 -12.35
N VAL A 175 -12.56 24.56 -11.72
CA VAL A 175 -12.67 23.47 -10.77
C VAL A 175 -11.90 23.77 -9.48
N GLY A 176 -12.12 22.94 -8.46
CA GLY A 176 -11.44 23.13 -7.20
C GLY A 176 -9.93 22.97 -7.32
N THR A 177 -9.29 22.60 -6.21
CA THR A 177 -7.85 22.41 -6.20
C THR A 177 -7.49 20.99 -5.77
N ARG A 178 -6.75 20.28 -6.63
CA ARG A 178 -6.35 18.91 -6.35
C ARG A 178 -5.08 18.89 -5.51
N PRO A 179 -4.88 17.80 -4.75
CA PRO A 179 -3.69 17.65 -3.89
C PRO A 179 -2.40 17.57 -4.70
N ASP A 180 -1.62 18.65 -4.67
CA ASP A 180 -0.36 18.70 -5.40
C ASP A 180 0.81 18.43 -4.47
N ASN A 181 0.61 17.53 -3.51
CA ASN A 181 1.66 17.19 -2.55
C ASN A 181 2.64 16.19 -3.16
N GLY A 182 2.11 15.16 -3.80
CA GLY A 182 2.95 14.15 -4.41
C GLY A 182 3.77 13.39 -3.40
N MET A 183 3.93 12.09 -3.61
CA MET A 183 4.70 11.24 -2.70
C MET A 183 5.09 9.93 -3.38
N LEU A 184 6.29 9.46 -3.07
CA LEU A 184 6.79 8.21 -3.65
C LEU A 184 7.23 7.25 -2.54
N SER A 185 7.25 5.96 -2.85
CA SER A 185 7.66 4.95 -1.88
C SER A 185 8.26 3.72 -2.56
N LEU A 186 9.10 3.00 -1.82
CA LEU A 186 9.74 1.80 -2.35
C LEU A 186 9.26 0.58 -1.58
N GLY A 187 8.87 -0.47 -2.30
CA GLY A 187 8.40 -1.68 -1.63
C GLY A 187 8.74 -2.95 -2.37
N VAL A 188 8.56 -4.08 -1.70
CA VAL A 188 8.84 -5.38 -2.29
C VAL A 188 7.63 -6.30 -2.16
N SER A 189 7.36 -7.09 -3.19
CA SER A 189 6.21 -8.00 -3.16
C SER A 189 6.52 -9.31 -3.89
N TYR A 190 5.58 -10.24 -3.82
CA TYR A 190 5.73 -11.53 -4.47
C TYR A 190 4.38 -12.04 -4.98
N ARG A 191 4.43 -12.91 -5.99
CA ARG A 191 3.22 -13.48 -6.57
C ARG A 191 3.09 -14.95 -6.21
N PHE A 192 1.85 -15.43 -6.11
CA PHE A 192 1.58 -16.82 -5.78
C PHE A 192 1.79 -17.71 -7.00
N GLY A 193 2.71 -18.66 -6.88
CA GLY A 193 2.98 -19.57 -7.98
C GLY A 193 3.54 -20.90 -7.52
N GLN A 194 3.02 -21.99 -8.07
CA GLN A 194 3.47 -23.33 -7.70
C GLN A 194 4.94 -23.51 -8.03
N GLU A 195 5.82 -23.10 -7.12
CA GLU A 195 7.25 -23.22 -7.32
C GLU A 195 7.80 -24.46 -6.62
N ASP A 196 9.12 -24.65 -6.69
CA ASP A 196 9.77 -25.80 -6.06
C ASP A 196 9.95 -25.56 -4.56
N ALA A 197 10.75 -24.56 -4.21
CA ALA A 197 11.00 -24.24 -2.81
C ALA A 197 10.11 -23.08 -2.35
N ALA A 198 10.10 -22.84 -1.04
CA ALA A 198 9.30 -21.77 -0.47
C ALA A 198 10.03 -21.12 0.71
N PRO A 199 11.02 -20.26 0.42
CA PRO A 199 11.78 -19.57 1.46
C PRO A 199 11.06 -18.34 2.02
N VAL A 200 9.83 -18.12 1.57
CA VAL A 200 9.05 -16.98 2.03
C VAL A 200 8.52 -17.21 3.44
N VAL A 201 9.44 -17.32 4.40
CA VAL A 201 9.07 -17.54 5.80
C VAL A 201 9.14 -16.23 6.59
N ALA A 202 8.04 -15.90 7.26
CA ALA A 202 7.97 -14.68 8.06
C ALA A 202 8.83 -14.80 9.32
N PRO A 203 9.93 -14.03 9.39
CA PRO A 203 10.83 -14.05 10.54
C PRO A 203 10.20 -13.44 11.79
N ALA A 204 9.11 -14.05 12.25
CA ALA A 204 8.41 -13.56 13.43
C ALA A 204 9.09 -14.03 14.72
N PRO A 205 9.15 -15.36 14.93
CA PRO A 205 9.77 -15.93 16.13
C PRO A 205 11.30 -15.87 16.07
N ALA A 206 11.94 -15.93 17.24
CA ALA A 206 13.39 -15.89 17.33
C ALA A 206 13.99 -17.28 17.20
N PRO A 207 13.51 -18.24 18.03
CA PRO A 207 14.01 -19.62 18.00
C PRO A 207 14.00 -20.22 16.60
N ALA A 208 15.18 -20.63 16.13
CA ALA A 208 15.31 -21.21 14.80
C ALA A 208 15.38 -22.74 14.89
N PRO A 209 14.29 -23.43 14.50
CA PRO A 209 14.23 -24.90 14.54
C PRO A 209 15.16 -25.53 13.51
N GLU A 210 15.68 -26.71 13.84
CA GLU A 210 16.58 -27.42 12.94
C GLU A 210 15.81 -28.02 11.77
N ALA A 1 5.41 -29.49 -40.64
CA ALA A 1 6.52 -28.63 -40.16
C ALA A 1 6.05 -27.19 -39.93
N ARG A 2 5.19 -26.71 -40.82
CA ARG A 2 4.66 -25.35 -40.71
C ARG A 2 3.14 -25.36 -40.70
N ILE A 3 2.56 -26.45 -40.19
CA ILE A 3 1.12 -26.57 -40.11
C ILE A 3 0.70 -27.35 -38.88
N MET A 4 0.09 -26.66 -37.92
CA MET A 4 -0.36 -27.29 -36.68
C MET A 4 -1.25 -26.35 -35.88
N LYS A 5 -2.28 -26.91 -35.26
CA LYS A 5 -3.21 -26.13 -34.46
C LYS A 5 -2.77 -26.06 -33.00
N ALA A 6 -2.87 -27.21 -32.31
CA ALA A 6 -2.47 -27.29 -30.92
C ALA A 6 -1.00 -27.67 -30.77
N ILE A 7 -0.41 -27.32 -29.63
CA ILE A 7 0.99 -27.62 -29.38
C ILE A 7 1.15 -28.44 -28.10
N PHE A 8 0.42 -28.04 -27.05
CA PHE A 8 0.49 -28.73 -25.77
C PHE A 8 -0.90 -28.84 -25.15
N VAL A 9 -1.38 -30.06 -24.97
CA VAL A 9 -2.69 -30.29 -24.38
C VAL A 9 -2.62 -30.28 -22.86
N LEU A 10 -1.47 -30.71 -22.32
CA LEU A 10 -1.27 -30.75 -20.88
C LEU A 10 -1.13 -29.33 -20.31
N ASN A 11 -1.80 -29.08 -19.20
CA ASN A 11 -1.75 -27.77 -18.56
C ASN A 11 -0.33 -27.42 -18.14
N ALA A 12 0.23 -26.40 -18.79
CA ALA A 12 1.59 -25.97 -18.49
C ALA A 12 1.60 -24.53 -17.97
N ALA A 13 0.94 -23.64 -18.70
CA ALA A 13 0.88 -22.23 -18.33
C ALA A 13 0.14 -22.05 -17.01
N PRO A 14 0.48 -21.00 -16.24
CA PRO A 14 -0.15 -20.72 -14.95
C PRO A 14 -1.67 -20.61 -15.07
N LYS A 15 -2.32 -20.27 -13.96
CA LYS A 15 -3.77 -20.13 -13.94
C LYS A 15 -4.19 -18.71 -14.32
N ASP A 16 -5.49 -18.50 -14.45
CA ASP A 16 -6.02 -17.18 -14.81
C ASP A 16 -5.84 -16.20 -13.66
N ASN A 17 -6.48 -16.48 -12.53
CA ASN A 17 -6.39 -15.63 -11.36
C ASN A 17 -4.99 -15.66 -10.76
N THR A 18 -4.70 -14.70 -9.88
CA THR A 18 -3.39 -14.62 -9.23
C THR A 18 -3.45 -13.76 -7.98
N TRP A 19 -2.58 -14.05 -7.02
CA TRP A 19 -2.54 -13.29 -5.77
C TRP A 19 -1.18 -12.61 -5.61
N TYR A 20 -1.22 -11.32 -5.29
CA TYR A 20 0.01 -10.54 -5.10
C TYR A 20 0.00 -9.84 -3.75
N ALA A 21 1.13 -9.91 -3.05
CA ALA A 21 1.25 -9.28 -1.74
C ALA A 21 2.64 -8.66 -1.55
N GLY A 22 2.71 -7.65 -0.70
CA GLY A 22 3.97 -6.97 -0.43
C GLY A 22 3.81 -5.74 0.42
N GLY A 23 4.84 -4.91 0.46
CA GLY A 23 4.79 -3.69 1.25
C GLY A 23 5.82 -2.67 0.81
N LYS A 24 5.50 -1.39 1.02
CA LYS A 24 6.41 -0.31 0.64
C LYS A 24 6.55 0.70 1.77
N LEU A 25 7.65 1.45 1.74
CA LEU A 25 7.91 2.47 2.76
C LEU A 25 8.21 3.82 2.11
N GLY A 26 7.80 4.89 2.78
CA GLY A 26 8.04 6.22 2.25
C GLY A 26 8.25 7.25 3.35
N TRP A 27 8.30 8.52 2.96
CA TRP A 27 8.49 9.60 3.92
C TRP A 27 7.51 10.74 3.66
N SER A 28 6.84 11.19 4.72
CA SER A 28 5.87 12.26 4.61
C SER A 28 5.63 12.92 5.97
N GLN A 29 5.88 14.22 6.05
CA GLN A 29 5.69 14.96 7.29
C GLN A 29 5.55 16.46 7.02
N TYR A 30 4.50 17.05 7.55
CA TYR A 30 4.24 18.48 7.37
C TYR A 30 5.30 19.30 8.08
N HIS A 31 6.41 19.58 7.39
CA HIS A 31 7.50 20.36 7.96
C HIS A 31 7.92 21.48 7.00
N ASP A 32 8.72 22.42 7.51
CA ASP A 32 9.18 23.54 6.71
C ASP A 32 10.70 23.64 6.77
N THR A 33 11.24 24.68 6.14
CA THR A 33 12.68 24.91 6.11
C THR A 33 13.06 26.13 6.94
N GLY A 34 12.68 27.30 6.45
CA GLY A 34 12.99 28.54 7.15
C GLY A 34 14.36 29.07 6.80
N PHE A 35 14.41 30.12 5.99
CA PHE A 35 15.66 30.73 5.58
C PHE A 35 16.19 31.66 6.67
N TYR A 36 16.87 31.07 7.65
CA TYR A 36 17.44 31.84 8.75
C TYR A 36 18.96 31.83 8.70
N GLY A 37 19.53 30.72 8.24
CA GLY A 37 20.98 30.62 8.15
C GLY A 37 21.42 30.03 6.83
N ASN A 38 22.01 30.86 5.98
CA ASN A 38 22.49 30.41 4.67
C ASN A 38 23.79 29.64 4.81
N GLY A 39 24.59 29.99 5.82
CA GLY A 39 25.86 29.31 6.04
C GLY A 39 25.67 27.91 6.56
N PHE A 40 26.78 27.26 6.91
CA PHE A 40 26.74 25.90 7.43
C PHE A 40 26.82 25.88 8.95
N GLN A 41 26.20 24.90 9.57
CA GLN A 41 26.20 24.77 11.02
C GLN A 41 27.31 23.84 11.48
N ASN A 42 27.83 24.10 12.68
CA ASN A 42 28.90 23.28 13.24
C ASN A 42 28.36 22.28 14.24
N ASN A 43 28.22 21.02 13.81
CA ASN A 43 27.70 19.97 14.65
C ASN A 43 28.49 18.67 14.46
N ASN A 44 28.80 18.00 15.56
CA ASN A 44 29.54 16.75 15.51
C ASN A 44 29.04 15.77 16.56
N GLY A 45 27.75 15.85 16.88
CA GLY A 45 27.17 14.97 17.87
C GLY A 45 26.33 13.86 17.25
N PRO A 46 25.26 13.42 17.95
CA PRO A 46 24.38 12.36 17.44
C PRO A 46 23.56 12.83 16.24
N THR A 47 23.04 11.88 15.48
CA THR A 47 22.23 12.19 14.30
C THR A 47 20.94 11.37 14.30
N ARG A 48 19.93 11.87 15.00
CA ARG A 48 18.64 11.18 15.07
C ARG A 48 17.88 11.31 13.75
N ASN A 49 17.12 10.26 13.41
CA ASN A 49 16.35 10.26 12.18
C ASN A 49 14.87 10.46 12.47
N ASP A 50 14.12 10.90 11.46
CA ASP A 50 12.69 11.13 11.60
C ASP A 50 11.91 9.82 11.49
N GLN A 51 10.59 9.91 11.58
CA GLN A 51 9.74 8.74 11.49
C GLN A 51 9.19 8.57 10.07
N LEU A 52 9.34 7.37 9.52
CA LEU A 52 8.87 7.07 8.17
C LEU A 52 7.52 6.36 8.21
N GLY A 53 6.92 6.18 7.04
CA GLY A 53 5.63 5.52 6.96
C GLY A 53 5.71 4.17 6.27
N ALA A 54 5.11 3.15 6.89
CA ALA A 54 5.12 1.81 6.33
C ALA A 54 3.73 1.43 5.81
N GLY A 55 3.68 0.86 4.61
CA GLY A 55 2.41 0.46 4.03
C GLY A 55 2.48 -0.88 3.33
N ALA A 56 1.48 -1.72 3.58
CA ALA A 56 1.43 -3.04 2.96
C ALA A 56 0.42 -3.07 1.82
N PHE A 57 0.82 -3.68 0.70
CA PHE A 57 -0.07 -3.77 -0.46
C PHE A 57 -0.35 -5.23 -0.81
N GLY A 58 -1.62 -5.52 -1.07
CA GLY A 58 -2.02 -6.88 -1.42
C GLY A 58 -3.32 -6.91 -2.18
N GLY A 59 -3.31 -7.54 -3.36
CA GLY A 59 -4.52 -7.63 -4.16
C GLY A 59 -4.61 -8.93 -4.94
N TYR A 60 -5.67 -9.06 -5.72
CA TYR A 60 -5.88 -10.27 -6.52
C TYR A 60 -6.73 -9.95 -7.75
N GLN A 61 -6.67 -10.84 -8.74
CA GLN A 61 -7.42 -10.67 -9.97
C GLN A 61 -8.65 -11.57 -9.99
N VAL A 62 -9.78 -11.03 -10.42
CA VAL A 62 -11.03 -11.79 -10.48
C VAL A 62 -11.68 -11.67 -11.86
N ASN A 63 -10.88 -11.32 -12.86
CA ASN A 63 -11.38 -11.18 -14.23
C ASN A 63 -10.28 -10.66 -15.15
N PRO A 64 -10.26 -11.13 -16.41
CA PRO A 64 -9.25 -10.70 -17.38
C PRO A 64 -9.44 -9.24 -17.80
N TYR A 65 -9.29 -8.33 -16.85
CA TYR A 65 -9.44 -6.91 -17.11
C TYR A 65 -8.77 -6.07 -16.02
N LEU A 66 -8.97 -6.47 -14.76
CA LEU A 66 -8.40 -5.74 -13.64
C LEU A 66 -8.60 -6.51 -12.34
N GLY A 67 -7.85 -6.13 -11.31
CA GLY A 67 -7.95 -6.79 -10.02
C GLY A 67 -8.11 -5.80 -8.88
N PHE A 68 -8.42 -6.31 -7.70
CA PHE A 68 -8.60 -5.47 -6.52
C PHE A 68 -7.34 -5.47 -5.66
N GLU A 69 -6.98 -4.30 -5.15
CA GLU A 69 -5.79 -4.17 -4.31
C GLU A 69 -6.13 -3.51 -2.98
N MET A 70 -5.71 -4.15 -1.89
CA MET A 70 -5.97 -3.62 -0.55
C MET A 70 -4.66 -3.16 0.09
N GLY A 71 -4.67 -1.93 0.61
CA GLY A 71 -3.49 -1.38 1.24
C GLY A 71 -3.63 -1.25 2.74
N TYR A 72 -2.52 -1.35 3.45
CA TYR A 72 -2.54 -1.23 4.90
C TYR A 72 -1.58 -0.15 5.38
N ASP A 73 -2.12 0.91 5.96
CA ASP A 73 -1.30 2.01 6.46
C ASP A 73 -0.83 1.74 7.88
N TRP A 74 0.48 1.66 8.05
CA TRP A 74 1.08 1.40 9.35
C TRP A 74 2.22 2.36 9.64
N LEU A 75 2.27 2.88 10.87
CA LEU A 75 3.31 3.82 11.27
C LEU A 75 4.33 3.15 12.18
N GLY A 76 3.88 2.17 12.96
CA GLY A 76 4.76 1.47 13.87
C GLY A 76 4.22 1.42 15.29
N ARG A 77 4.74 2.29 16.15
CA ARG A 77 4.30 2.35 17.53
C ARG A 77 3.74 3.73 17.87
N MET A 78 4.54 4.77 17.63
CA MET A 78 4.13 6.14 17.91
C MET A 78 4.02 6.94 16.63
N ALA A 79 2.88 7.60 16.44
CA ALA A 79 2.65 8.41 15.25
C ALA A 79 3.70 9.52 15.13
N TYR A 80 3.64 10.48 16.03
CA TYR A 80 4.57 11.60 16.02
C TYR A 80 4.91 12.04 17.45
N LYS A 81 3.87 12.37 18.21
CA LYS A 81 4.04 12.80 19.60
C LYS A 81 2.72 12.79 20.34
N GLY A 82 2.79 12.98 21.66
CA GLY A 82 1.58 12.99 22.47
C GLY A 82 1.89 13.15 23.95
N SER A 83 0.85 13.41 24.73
CA SER A 83 1.01 13.58 26.17
C SER A 83 1.38 12.27 26.85
N VAL A 84 1.88 12.36 28.08
CA VAL A 84 2.28 11.18 28.84
C VAL A 84 1.15 10.69 29.73
N ASP A 85 -0.06 10.64 29.18
CA ASP A 85 -1.23 10.19 29.93
C ASP A 85 -1.61 8.76 29.56
N ASN A 86 -2.69 8.28 30.15
CA ASN A 86 -3.16 6.92 29.87
C ASN A 86 -3.92 6.86 28.56
N GLY A 87 -3.46 5.99 27.65
CA GLY A 87 -4.10 5.86 26.36
C GLY A 87 -3.20 5.23 25.32
N ALA A 88 -3.80 4.66 24.28
CA ALA A 88 -3.05 4.02 23.21
C ALA A 88 -3.50 4.53 21.84
N PHE A 89 -3.15 3.80 20.79
CA PHE A 89 -3.52 4.18 19.43
C PHE A 89 -4.57 3.23 18.87
N LYS A 90 -4.26 1.93 18.89
CA LYS A 90 -5.17 0.91 18.39
C LYS A 90 -5.75 1.31 17.03
N ALA A 91 -4.91 1.88 16.17
CA ALA A 91 -5.34 2.31 14.85
C ALA A 91 -4.71 1.46 13.75
N GLN A 92 -5.27 1.55 12.55
CA GLN A 92 -4.76 0.79 11.41
C GLN A 92 -5.41 1.28 10.12
N GLY A 93 -4.59 1.61 9.13
CA GLY A 93 -5.12 2.10 7.87
C GLY A 93 -5.52 0.98 6.93
N VAL A 94 -6.71 1.11 6.34
CA VAL A 94 -7.20 0.12 5.39
C VAL A 94 -7.56 0.79 4.07
N GLN A 95 -6.89 0.38 3.00
CA GLN A 95 -7.11 0.96 1.68
C GLN A 95 -7.81 -0.04 0.75
N LEU A 96 -8.78 0.48 -0.01
CA LEU A 96 -9.54 -0.33 -0.96
C LEU A 96 -9.50 0.32 -2.34
N THR A 97 -8.73 -0.25 -3.27
CA THR A 97 -8.62 0.32 -4.60
C THR A 97 -8.50 -0.76 -5.67
N ALA A 98 -8.75 -0.38 -6.91
CA ALA A 98 -8.65 -1.29 -8.04
C ALA A 98 -7.26 -1.20 -8.66
N LYS A 99 -6.60 -2.35 -8.79
CA LYS A 99 -5.25 -2.39 -9.35
C LYS A 99 -5.25 -2.93 -10.78
N LEU A 100 -4.57 -2.20 -11.66
CA LEU A 100 -4.46 -2.60 -13.06
C LEU A 100 -3.02 -2.42 -13.55
N GLY A 101 -2.43 -3.49 -14.07
CA GLY A 101 -1.07 -3.43 -14.55
C GLY A 101 -0.75 -4.52 -15.55
N TYR A 102 0.47 -4.50 -16.09
CA TYR A 102 0.88 -5.50 -17.07
C TYR A 102 2.39 -5.48 -17.28
N PRO A 103 2.98 -6.61 -17.70
CA PRO A 103 4.42 -6.72 -17.94
C PRO A 103 4.89 -5.76 -19.03
N ILE A 104 6.21 -5.66 -19.21
CA ILE A 104 6.77 -4.77 -20.22
C ILE A 104 7.70 -5.52 -21.17
N THR A 105 8.46 -6.47 -20.63
CA THR A 105 9.38 -7.26 -21.43
C THR A 105 9.40 -8.71 -20.98
N ASP A 106 9.68 -8.93 -19.70
CA ASP A 106 9.71 -10.28 -19.15
C ASP A 106 9.54 -10.27 -17.63
N ASP A 107 10.49 -9.65 -16.94
CA ASP A 107 10.44 -9.57 -15.48
C ASP A 107 10.23 -8.14 -15.01
N LEU A 108 9.55 -7.33 -15.83
CA LEU A 108 9.28 -5.94 -15.50
C LEU A 108 7.85 -5.59 -15.87
N ASP A 109 7.07 -5.15 -14.89
CA ASP A 109 5.67 -4.80 -15.14
C ASP A 109 5.29 -3.48 -14.45
N ILE A 110 4.22 -2.87 -14.93
CA ILE A 110 3.72 -1.62 -14.38
C ILE A 110 2.35 -1.82 -13.75
N TYR A 111 2.09 -1.11 -12.65
CA TYR A 111 0.81 -1.25 -11.96
C TYR A 111 0.31 0.09 -11.43
N THR A 112 -1.00 0.30 -11.53
CA THR A 112 -1.61 1.54 -11.05
C THR A 112 -2.90 1.22 -10.30
N ARG A 113 -3.01 1.72 -9.07
CA ARG A 113 -4.20 1.48 -8.26
C ARG A 113 -4.98 2.76 -8.00
N LEU A 114 -6.29 2.69 -8.22
CA LEU A 114 -7.16 3.85 -8.00
C LEU A 114 -8.34 3.46 -7.10
N GLY A 115 -8.50 4.16 -6.00
CA GLY A 115 -9.58 3.86 -5.07
C GLY A 115 -9.65 4.84 -3.92
N GLY A 116 -9.84 4.33 -2.70
CA GLY A 116 -9.92 5.18 -1.53
C GLY A 116 -9.21 4.61 -0.33
N MET A 117 -8.90 5.47 0.63
CA MET A 117 -8.23 5.05 1.86
C MET A 117 -9.07 5.37 3.08
N VAL A 118 -9.11 4.44 4.03
CA VAL A 118 -9.88 4.63 5.26
C VAL A 118 -9.03 4.33 6.49
N TRP A 119 -9.10 5.21 7.48
CA TRP A 119 -8.34 5.05 8.71
C TRP A 119 -9.19 5.39 9.93
N ARG A 120 -9.16 4.52 10.94
CA ARG A 120 -9.93 4.73 12.15
C ARG A 120 -9.02 5.17 13.29
N ALA A 121 -9.44 6.21 14.02
CA ALA A 121 -8.67 6.72 15.14
C ALA A 121 -9.32 6.38 16.47
N ASP A 122 -8.52 5.92 17.42
CA ASP A 122 -9.03 5.56 18.75
C ASP A 122 -8.47 6.49 19.82
N SER A 123 -9.27 6.76 20.84
CA SER A 123 -8.87 7.64 21.92
C SER A 123 -9.29 7.07 23.27
N LYS A 124 -8.38 7.08 24.24
CA LYS A 124 -8.66 6.57 25.58
C LYS A 124 -8.09 7.49 26.65
N GLY A 125 -8.74 7.52 27.80
CA GLY A 125 -8.29 8.37 28.89
C GLY A 125 -9.16 8.25 30.12
N ASN A 126 -8.76 8.91 31.20
CA ASN A 126 -9.52 8.87 32.45
C ASN A 126 -10.12 10.24 32.76
N TYR A 127 -11.21 10.57 32.10
CA TYR A 127 -11.88 11.85 32.30
C TYR A 127 -13.20 11.91 31.55
N ALA A 128 -14.31 11.80 32.29
CA ALA A 128 -15.63 11.84 31.70
C ALA A 128 -16.61 12.62 32.58
N SER A 129 -17.80 12.89 32.04
CA SER A 129 -18.81 13.63 32.77
C SER A 129 -19.84 12.68 33.37
N THR A 130 -20.59 12.00 32.51
CA THR A 130 -21.61 11.07 32.96
C THR A 130 -22.22 10.32 31.78
N GLY A 131 -22.63 11.06 30.75
CA GLY A 131 -23.23 10.45 29.58
C GLY A 131 -22.28 10.44 28.39
N VAL A 132 -22.19 11.57 27.71
CA VAL A 132 -21.32 11.70 26.54
C VAL A 132 -20.18 12.68 26.81
N SER A 133 -18.95 12.19 26.71
CA SER A 133 -17.78 13.03 26.93
C SER A 133 -17.67 14.12 25.88
N ARG A 134 -16.77 15.07 26.10
CA ARG A 134 -16.56 16.17 25.17
C ARG A 134 -15.83 15.70 23.92
N SER A 135 -14.97 14.70 24.09
CA SER A 135 -14.19 14.16 22.97
C SER A 135 -15.12 13.49 21.96
N GLU A 136 -14.74 13.58 20.68
CA GLU A 136 -15.54 12.99 19.61
C GLU A 136 -14.71 11.99 18.81
N HIS A 137 -15.38 11.18 18.00
CA HIS A 137 -14.70 10.19 17.16
C HIS A 137 -14.68 10.63 15.70
N ASP A 138 -13.49 10.63 15.10
CA ASP A 138 -13.34 11.02 13.72
C ASP A 138 -12.79 9.87 12.88
N THR A 139 -13.13 9.87 11.59
CA THR A 139 -12.68 8.82 10.69
C THR A 139 -11.97 9.42 9.48
N GLY A 140 -10.72 9.00 9.26
CA GLY A 140 -9.96 9.50 8.13
C GLY A 140 -10.24 8.74 6.86
N VAL A 141 -10.95 9.36 5.92
CA VAL A 141 -11.28 8.72 4.65
C VAL A 141 -11.09 9.69 3.49
N SER A 142 -10.34 9.25 2.47
CA SER A 142 -10.08 10.09 1.31
C SER A 142 -9.72 9.23 0.09
N PRO A 143 -10.15 9.67 -1.11
CA PRO A 143 -9.88 8.95 -2.36
C PRO A 143 -8.47 9.24 -2.88
N VAL A 144 -7.81 8.21 -3.40
CA VAL A 144 -6.45 8.38 -3.93
C VAL A 144 -6.12 7.28 -4.94
N PHE A 145 -5.08 7.52 -5.73
CA PHE A 145 -4.63 6.56 -6.73
C PHE A 145 -3.10 6.56 -6.82
N ALA A 146 -2.51 5.40 -6.58
CA ALA A 146 -1.06 5.27 -6.63
C ALA A 146 -0.61 4.53 -7.89
N GLY A 147 0.50 4.99 -8.46
CA GLY A 147 1.03 4.36 -9.67
C GLY A 147 2.52 4.10 -9.56
N GLY A 148 2.95 2.92 -9.95
CA GLY A 148 4.36 2.59 -9.88
C GLY A 148 4.75 1.44 -10.80
N VAL A 149 5.98 0.97 -10.67
CA VAL A 149 6.48 -0.13 -11.48
C VAL A 149 7.15 -1.19 -10.62
N GLU A 150 7.11 -2.43 -11.09
CA GLU A 150 7.71 -3.55 -10.36
C GLU A 150 8.76 -4.27 -11.20
N TRP A 151 9.91 -4.54 -10.60
CA TRP A 151 10.99 -5.23 -11.29
C TRP A 151 11.37 -6.51 -10.55
N ALA A 152 11.28 -7.64 -11.25
CA ALA A 152 11.61 -8.93 -10.67
C ALA A 152 13.11 -9.15 -10.60
N VAL A 153 13.59 -9.67 -9.48
CA VAL A 153 15.01 -9.95 -9.29
C VAL A 153 15.31 -11.43 -9.48
N THR A 154 14.33 -12.28 -9.17
CA THR A 154 14.49 -13.72 -9.31
C THR A 154 13.34 -14.31 -10.13
N ARG A 155 12.15 -14.34 -9.54
CA ARG A 155 10.97 -14.88 -10.20
C ARG A 155 9.76 -14.84 -9.28
N ASP A 156 9.99 -15.09 -7.99
CA ASP A 156 8.91 -15.08 -7.01
C ASP A 156 8.92 -13.80 -6.18
N ILE A 157 10.10 -13.21 -6.03
CA ILE A 157 10.23 -11.98 -5.25
C ILE A 157 10.69 -10.82 -6.13
N ALA A 158 9.90 -9.75 -6.14
CA ALA A 158 10.21 -8.57 -6.94
C ALA A 158 10.07 -7.29 -6.12
N THR A 159 10.68 -6.21 -6.62
CA THR A 159 10.62 -4.92 -5.95
C THR A 159 9.93 -3.90 -6.85
N ARG A 160 9.15 -3.00 -6.26
CA ARG A 160 8.45 -2.00 -7.04
C ARG A 160 8.51 -0.61 -6.40
N LEU A 161 8.47 0.41 -7.25
CA LEU A 161 8.50 1.79 -6.80
C LEU A 161 7.17 2.47 -7.11
N GLU A 162 6.52 3.02 -6.09
CA GLU A 162 5.24 3.67 -6.27
C GLU A 162 5.35 5.18 -6.15
N TYR A 163 4.62 5.89 -7.01
CA TYR A 163 4.63 7.35 -7.01
C TYR A 163 3.21 7.89 -7.11
N GLN A 164 3.04 9.16 -6.72
CA GLN A 164 1.72 9.80 -6.76
C GLN A 164 1.16 9.79 -8.18
N TRP A 165 1.97 10.23 -9.14
CA TRP A 165 1.54 10.28 -10.53
C TRP A 165 2.67 10.81 -11.42
N VAL A 166 3.39 11.80 -10.92
CA VAL A 166 4.49 12.40 -11.66
C VAL A 166 5.70 12.65 -10.77
N ASN A 167 6.83 12.97 -11.38
CA ASN A 167 8.06 13.22 -10.63
C ASN A 167 8.43 14.70 -10.69
N ASN A 168 8.21 15.31 -11.85
CA ASN A 168 8.53 16.72 -12.04
C ASN A 168 7.28 17.58 -11.92
N ILE A 169 7.42 18.73 -11.28
CA ILE A 169 6.29 19.65 -11.10
C ILE A 169 6.72 21.10 -11.31
N GLY A 170 5.76 21.95 -11.62
CA GLY A 170 6.05 23.35 -11.86
C GLY A 170 6.46 24.08 -10.58
N ASP A 171 7.56 24.81 -10.65
CA ASP A 171 8.06 25.55 -9.49
C ASP A 171 7.97 27.05 -9.73
N ALA A 172 8.56 27.51 -10.83
CA ALA A 172 8.54 28.93 -11.17
C ALA A 172 7.15 29.36 -11.64
N GLY A 173 6.26 29.60 -10.68
CA GLY A 173 4.91 30.01 -11.02
C GLY A 173 4.11 30.42 -9.79
N THR A 174 3.74 29.45 -8.97
CA THR A 174 2.97 29.71 -7.77
C THR A 174 3.57 28.98 -6.57
N VAL A 175 4.18 29.74 -5.67
CA VAL A 175 4.80 29.18 -4.47
C VAL A 175 4.98 30.24 -3.39
N GLY A 176 4.86 29.82 -2.13
CA GLY A 176 5.02 30.75 -1.03
C GLY A 176 5.14 30.06 0.31
N THR A 177 4.03 29.47 0.77
CA THR A 177 4.02 28.78 2.06
C THR A 177 3.84 27.27 1.88
N ARG A 178 3.34 26.87 0.71
CA ARG A 178 3.12 25.46 0.43
C ARG A 178 4.13 24.94 -0.59
N PRO A 179 5.18 24.23 -0.13
CA PRO A 179 6.21 23.68 -1.01
C PRO A 179 5.65 22.63 -1.97
N ASP A 180 6.51 21.78 -2.49
CA ASP A 180 6.10 20.73 -3.42
C ASP A 180 6.23 19.36 -2.79
N ASN A 181 5.12 18.84 -2.28
CA ASN A 181 5.10 17.53 -1.64
C ASN A 181 4.66 16.45 -2.62
N GLY A 182 5.18 15.24 -2.43
CA GLY A 182 4.82 14.14 -3.31
C GLY A 182 4.76 12.81 -2.57
N MET A 183 4.07 11.84 -3.18
CA MET A 183 3.94 10.52 -2.57
C MET A 183 4.77 9.48 -3.32
N LEU A 184 5.97 9.21 -2.81
CA LEU A 184 6.86 8.24 -3.43
C LEU A 184 7.43 7.29 -2.38
N SER A 185 7.28 5.99 -2.61
CA SER A 185 7.77 4.99 -1.68
C SER A 185 8.33 3.78 -2.41
N LEU A 186 9.17 3.02 -1.72
CA LEU A 186 9.78 1.82 -2.29
C LEU A 186 9.36 0.59 -1.49
N GLY A 187 8.98 -0.47 -2.19
CA GLY A 187 8.56 -1.68 -1.51
C GLY A 187 8.86 -2.95 -2.28
N VAL A 188 8.63 -4.09 -1.64
CA VAL A 188 8.86 -5.38 -2.25
C VAL A 188 7.62 -6.26 -2.12
N SER A 189 7.32 -7.02 -3.16
CA SER A 189 6.15 -7.89 -3.15
C SER A 189 6.46 -9.23 -3.80
N TYR A 190 5.51 -10.17 -3.68
CA TYR A 190 5.67 -11.50 -4.25
C TYR A 190 4.32 -12.06 -4.69
N ARG A 191 4.36 -13.02 -5.61
CA ARG A 191 3.14 -13.64 -6.12
C ARG A 191 2.81 -14.91 -5.34
N PHE A 192 1.52 -15.19 -5.20
CA PHE A 192 1.06 -16.38 -4.49
C PHE A 192 -0.08 -17.07 -5.22
N GLY A 193 -0.42 -18.27 -4.78
CA GLY A 193 -1.49 -19.02 -5.42
C GLY A 193 -2.26 -19.89 -4.43
N GLN A 194 -3.32 -20.52 -4.91
CA GLN A 194 -4.14 -21.38 -4.07
C GLN A 194 -3.84 -22.84 -4.36
N GLU A 195 -4.58 -23.73 -3.68
CA GLU A 195 -4.40 -25.17 -3.87
C GLU A 195 -4.98 -25.62 -5.21
N ASP A 196 -4.23 -26.44 -5.92
CA ASP A 196 -4.66 -26.96 -7.22
C ASP A 196 -5.79 -27.97 -7.05
N ALA A 197 -5.75 -28.71 -5.93
CA ALA A 197 -6.76 -29.72 -5.65
C ALA A 197 -7.83 -29.18 -4.72
N ALA A 198 -8.34 -27.99 -5.04
CA ALA A 198 -9.38 -27.35 -4.24
C ALA A 198 -10.64 -27.12 -5.07
N PRO A 199 -11.50 -28.15 -5.18
CA PRO A 199 -12.75 -28.05 -5.95
C PRO A 199 -13.59 -26.84 -5.52
N VAL A 200 -14.35 -26.29 -6.47
CA VAL A 200 -15.20 -25.15 -6.20
C VAL A 200 -16.67 -25.49 -6.37
N VAL A 201 -16.97 -26.32 -7.37
CA VAL A 201 -18.34 -26.72 -7.65
C VAL A 201 -18.44 -28.23 -7.86
N ALA A 202 -18.74 -28.96 -6.79
CA ALA A 202 -18.86 -30.41 -6.86
C ALA A 202 -20.29 -30.82 -7.20
N PRO A 203 -21.28 -30.34 -6.42
CA PRO A 203 -22.69 -30.67 -6.65
C PRO A 203 -23.13 -30.39 -8.09
N ALA A 204 -24.38 -30.73 -8.40
CA ALA A 204 -24.91 -30.52 -9.73
C ALA A 204 -25.79 -29.26 -9.78
N PRO A 205 -25.47 -28.31 -10.68
CA PRO A 205 -26.23 -27.07 -10.81
C PRO A 205 -27.58 -27.29 -11.48
N ALA A 206 -28.65 -26.91 -10.78
CA ALA A 206 -30.01 -27.07 -11.30
C ALA A 206 -30.33 -25.99 -12.33
N PRO A 207 -30.30 -24.71 -11.91
CA PRO A 207 -30.59 -23.59 -12.80
C PRO A 207 -29.44 -23.30 -13.76
N ALA A 208 -29.16 -24.24 -14.65
CA ALA A 208 -28.07 -24.08 -15.62
C ALA A 208 -28.48 -24.63 -16.98
N PRO A 209 -27.96 -24.02 -18.08
CA PRO A 209 -28.27 -24.45 -19.44
C PRO A 209 -27.60 -25.78 -19.78
N GLU A 210 -27.79 -26.24 -21.02
CA GLU A 210 -27.21 -27.49 -21.48
C GLU A 210 -25.70 -27.37 -21.61
N ALA A 1 -23.50 -3.61 -18.60
CA ALA A 1 -23.11 -2.59 -17.59
C ALA A 1 -23.57 -3.01 -16.19
N ARG A 2 -24.79 -3.51 -16.11
CA ARG A 2 -25.35 -3.94 -14.84
C ARG A 2 -26.51 -4.92 -15.05
N ILE A 3 -27.01 -5.49 -13.96
CA ILE A 3 -28.11 -6.44 -14.03
C ILE A 3 -29.11 -6.20 -12.91
N MET A 4 -30.31 -6.76 -13.06
CA MET A 4 -31.36 -6.61 -12.04
C MET A 4 -31.69 -7.95 -11.41
N LYS A 5 -30.67 -8.74 -11.11
CA LYS A 5 -30.85 -10.04 -10.50
C LYS A 5 -30.19 -10.11 -9.13
N ALA A 6 -30.65 -11.03 -8.29
CA ALA A 6 -30.10 -11.19 -6.94
C ALA A 6 -28.95 -12.19 -6.94
N ILE A 7 -29.18 -13.35 -7.54
CA ILE A 7 -28.16 -14.39 -7.60
C ILE A 7 -27.27 -14.21 -8.83
N PHE A 8 -25.96 -14.35 -8.62
CA PHE A 8 -25.00 -14.20 -9.70
C PHE A 8 -24.57 -15.57 -10.24
N VAL A 9 -24.48 -15.67 -11.56
CA VAL A 9 -24.09 -16.92 -12.21
C VAL A 9 -22.59 -17.16 -12.06
N LEU A 10 -22.22 -18.17 -11.27
CA LEU A 10 -20.82 -18.50 -11.06
C LEU A 10 -20.52 -19.91 -11.54
N ASN A 11 -20.71 -20.14 -12.83
CA ASN A 11 -20.46 -21.45 -13.43
C ASN A 11 -19.01 -21.56 -13.90
N ALA A 12 -18.08 -21.27 -13.00
CA ALA A 12 -16.66 -21.35 -13.33
C ALA A 12 -15.83 -21.62 -12.08
N ALA A 13 -14.53 -21.85 -12.28
CA ALA A 13 -13.62 -22.11 -11.17
C ALA A 13 -12.52 -21.06 -11.09
N PRO A 14 -12.79 -19.96 -10.35
CA PRO A 14 -11.82 -18.86 -10.19
C PRO A 14 -10.58 -19.30 -9.41
N LYS A 15 -9.82 -20.22 -9.97
CA LYS A 15 -8.61 -20.72 -9.32
C LYS A 15 -7.36 -20.26 -10.06
N ASP A 16 -7.50 -20.03 -11.37
CA ASP A 16 -6.37 -19.59 -12.19
C ASP A 16 -6.23 -18.07 -12.14
N ASN A 17 -6.12 -17.53 -10.94
CA ASN A 17 -5.98 -16.09 -10.76
C ASN A 17 -4.56 -15.73 -10.31
N THR A 18 -4.31 -14.45 -10.08
CA THR A 18 -3.00 -13.98 -9.65
C THR A 18 -3.09 -13.24 -8.32
N TRP A 19 -2.17 -13.54 -7.41
CA TRP A 19 -2.15 -12.90 -6.11
C TRP A 19 -0.82 -12.19 -5.87
N TYR A 20 -0.86 -11.07 -5.17
CA TYR A 20 0.34 -10.30 -4.86
C TYR A 20 0.28 -9.71 -3.46
N ALA A 21 1.38 -9.81 -2.73
CA ALA A 21 1.45 -9.30 -1.38
C ALA A 21 2.83 -8.72 -1.08
N GLY A 22 2.85 -7.60 -0.37
CA GLY A 22 4.11 -6.96 -0.02
C GLY A 22 3.92 -5.71 0.81
N GLY A 23 4.95 -4.86 0.84
CA GLY A 23 4.87 -3.63 1.61
C GLY A 23 5.72 -2.53 1.03
N LYS A 24 5.26 -1.29 1.16
CA LYS A 24 5.98 -0.13 0.65
C LYS A 24 6.35 0.83 1.77
N LEU A 25 7.42 1.59 1.56
CA LEU A 25 7.88 2.55 2.56
C LEU A 25 8.26 3.88 1.89
N GLY A 26 7.88 4.98 2.52
CA GLY A 26 8.19 6.29 1.97
C GLY A 26 7.82 7.42 2.91
N TRP A 27 7.71 8.62 2.36
CA TRP A 27 7.36 9.80 3.16
C TRP A 27 5.85 9.95 3.25
N SER A 28 5.37 10.33 4.43
CA SER A 28 3.94 10.51 4.65
C SER A 28 3.52 11.96 4.38
N GLN A 29 2.22 12.20 4.38
CA GLN A 29 1.70 13.54 4.13
C GLN A 29 0.31 13.70 4.73
N TYR A 30 0.13 14.74 5.53
CA TYR A 30 -1.15 15.01 6.18
C TYR A 30 -1.81 16.25 5.58
N HIS A 31 -2.92 16.68 6.18
CA HIS A 31 -3.64 17.84 5.70
C HIS A 31 -3.43 19.03 6.63
N ASP A 32 -3.56 20.24 6.08
CA ASP A 32 -3.38 21.45 6.87
C ASP A 32 -4.55 22.41 6.68
N THR A 33 -4.93 23.11 7.75
CA THR A 33 -6.03 24.05 7.70
C THR A 33 -5.53 25.48 7.64
N GLY A 34 -4.89 25.93 8.72
CA GLY A 34 -4.38 27.28 8.76
C GLY A 34 -5.24 28.22 9.59
N PHE A 35 -5.15 28.09 10.90
CA PHE A 35 -5.93 28.93 11.81
C PHE A 35 -5.05 29.96 12.50
N TYR A 36 -4.09 29.49 13.28
CA TYR A 36 -3.17 30.37 13.99
C TYR A 36 -1.72 29.96 13.76
N GLY A 37 -1.21 30.27 12.58
CA GLY A 37 0.16 29.92 12.25
C GLY A 37 0.91 31.06 11.57
N ASN A 38 2.23 31.01 11.62
CA ASN A 38 3.05 32.05 11.01
C ASN A 38 3.97 31.45 9.96
N GLY A 39 4.56 32.31 9.14
CA GLY A 39 5.46 31.86 8.10
C GLY A 39 6.73 32.70 8.01
N PHE A 40 7.35 32.95 9.15
CA PHE A 40 8.57 33.74 9.20
C PHE A 40 9.72 32.95 9.83
N GLN A 41 10.94 33.46 9.69
CA GLN A 41 12.11 32.81 10.24
C GLN A 41 12.33 33.21 11.69
N ASN A 42 11.72 32.45 12.61
CA ASN A 42 11.85 32.73 14.03
C ASN A 42 12.82 31.77 14.70
N ASN A 43 13.10 32.00 15.97
CA ASN A 43 14.02 31.15 16.72
C ASN A 43 13.28 29.98 17.36
N ASN A 44 13.67 28.76 17.00
CA ASN A 44 13.05 27.56 17.54
C ASN A 44 14.09 26.58 18.04
N GLY A 45 13.67 25.62 18.85
CA GLY A 45 14.58 24.63 19.38
C GLY A 45 14.67 23.39 18.51
N PRO A 46 14.01 22.28 18.90
CA PRO A 46 14.03 21.04 18.14
C PRO A 46 13.62 21.25 16.69
N THR A 47 14.00 20.31 15.82
CA THR A 47 13.67 20.38 14.41
C THR A 47 13.18 19.04 13.88
N ARG A 48 11.87 18.94 13.66
CA ARG A 48 11.28 17.70 13.16
C ARG A 48 10.33 17.98 11.99
N ASN A 49 10.88 17.95 10.79
CA ASN A 49 10.08 18.21 9.59
C ASN A 49 9.91 16.93 8.77
N ASP A 50 10.91 16.05 8.83
CA ASP A 50 10.87 14.79 8.09
C ASP A 50 9.98 13.78 8.80
N GLN A 51 9.17 13.07 8.02
CA GLN A 51 8.27 12.07 8.57
C GLN A 51 8.36 10.76 7.78
N LEU A 52 8.23 9.64 8.48
CA LEU A 52 8.30 8.33 7.85
C LEU A 52 6.94 7.64 7.87
N GLY A 53 6.59 6.98 6.76
CA GLY A 53 5.33 6.29 6.68
C GLY A 53 5.45 4.96 5.94
N ALA A 54 4.86 3.92 6.52
CA ALA A 54 4.92 2.59 5.92
C ALA A 54 3.51 2.10 5.58
N GLY A 55 3.39 1.40 4.46
CA GLY A 55 2.11 0.88 4.04
C GLY A 55 2.21 -0.49 3.39
N ALA A 56 1.32 -1.40 3.78
CA ALA A 56 1.31 -2.74 3.22
C ALA A 56 0.32 -2.85 2.07
N PHE A 57 0.72 -3.57 1.02
CA PHE A 57 -0.14 -3.75 -0.15
C PHE A 57 -0.33 -5.21 -0.48
N GLY A 58 -1.58 -5.60 -0.75
CA GLY A 58 -1.89 -6.97 -1.08
C GLY A 58 -3.22 -7.12 -1.77
N GLY A 59 -3.23 -7.76 -2.93
CA GLY A 59 -4.46 -7.95 -3.67
C GLY A 59 -4.39 -9.10 -4.65
N TYR A 60 -5.35 -9.17 -5.55
CA TYR A 60 -5.39 -10.23 -6.56
C TYR A 60 -6.08 -9.75 -7.83
N GLN A 61 -5.62 -10.26 -8.97
CA GLN A 61 -6.18 -9.89 -10.26
C GLN A 61 -6.96 -11.07 -10.87
N VAL A 62 -8.20 -10.80 -11.28
CA VAL A 62 -9.04 -11.82 -11.87
C VAL A 62 -9.42 -11.47 -13.31
N ASN A 63 -9.69 -10.19 -13.54
CA ASN A 63 -10.05 -9.72 -14.88
C ASN A 63 -8.81 -9.43 -15.70
N PRO A 64 -8.90 -9.61 -17.04
CA PRO A 64 -7.78 -9.36 -17.95
C PRO A 64 -7.15 -7.99 -17.74
N TYR A 65 -7.95 -7.05 -17.26
CA TYR A 65 -7.49 -5.69 -17.02
C TYR A 65 -8.22 -5.06 -15.83
N LEU A 66 -8.40 -5.83 -14.76
CA LEU A 66 -9.08 -5.35 -13.58
C LEU A 66 -8.72 -6.19 -12.36
N GLY A 67 -8.06 -5.57 -11.39
CA GLY A 67 -7.66 -6.28 -10.18
C GLY A 67 -7.99 -5.51 -8.92
N PHE A 68 -8.09 -6.21 -7.80
CA PHE A 68 -8.39 -5.59 -6.52
C PHE A 68 -7.14 -5.52 -5.65
N GLU A 69 -6.84 -4.33 -5.13
CA GLU A 69 -5.67 -4.14 -4.28
C GLU A 69 -6.06 -3.59 -2.91
N MET A 70 -5.59 -4.26 -1.87
CA MET A 70 -5.87 -3.84 -0.50
C MET A 70 -4.62 -3.25 0.16
N GLY A 71 -4.74 -2.06 0.70
CA GLY A 71 -3.61 -1.41 1.34
C GLY A 71 -3.77 -1.32 2.84
N TYR A 72 -2.66 -1.06 3.53
CA TYR A 72 -2.67 -0.95 4.99
C TYR A 72 -1.80 0.23 5.44
N ASP A 73 -2.43 1.23 6.04
CA ASP A 73 -1.71 2.41 6.50
C ASP A 73 -1.08 2.16 7.87
N TRP A 74 0.24 2.29 7.94
CA TRP A 74 0.96 2.07 9.19
C TRP A 74 2.02 3.15 9.39
N LEU A 75 1.95 3.84 10.52
CA LEU A 75 2.90 4.90 10.84
C LEU A 75 3.69 4.58 12.10
N GLY A 76 3.02 3.95 13.06
CA GLY A 76 3.69 3.59 14.30
C GLY A 76 3.83 4.77 15.24
N ARG A 77 4.73 4.65 16.21
CA ARG A 77 4.97 5.73 17.18
C ARG A 77 6.25 5.48 17.95
N MET A 78 6.90 6.57 18.36
CA MET A 78 8.15 6.47 19.10
C MET A 78 7.91 6.70 20.59
N ALA A 79 6.75 6.26 21.07
CA ALA A 79 6.40 6.42 22.47
C ALA A 79 6.83 5.20 23.29
N TYR A 80 6.96 5.38 24.60
CA TYR A 80 7.36 4.30 25.48
C TYR A 80 6.24 3.95 26.46
N LYS A 81 6.53 3.06 27.40
CA LYS A 81 5.54 2.64 28.39
C LYS A 81 5.67 3.46 29.68
N GLY A 82 6.16 4.69 29.54
CA GLY A 82 6.32 5.55 30.70
C GLY A 82 5.35 6.70 30.70
N SER A 83 4.21 6.52 30.05
CA SER A 83 3.19 7.56 29.97
C SER A 83 1.81 6.95 29.66
N VAL A 84 0.82 7.81 29.49
CA VAL A 84 -0.54 7.36 29.19
C VAL A 84 -1.19 8.24 28.14
N ASP A 85 -1.58 7.62 27.03
CA ASP A 85 -2.23 8.35 25.93
C ASP A 85 -3.42 7.57 25.38
N ASN A 86 -3.13 6.61 24.51
CA ASN A 86 -4.17 5.79 23.90
C ASN A 86 -3.70 4.34 23.71
N GLY A 87 -2.75 3.93 24.55
CA GLY A 87 -2.23 2.58 24.46
C GLY A 87 -1.09 2.46 23.47
N ALA A 88 -1.09 1.38 22.69
CA ALA A 88 -0.05 1.15 21.70
C ALA A 88 -0.65 1.02 20.29
N PHE A 89 -1.29 -0.11 20.04
CA PHE A 89 -1.90 -0.37 18.74
C PHE A 89 -3.25 0.33 18.63
N LYS A 90 -3.22 1.63 18.40
CA LYS A 90 -4.45 2.41 18.28
C LYS A 90 -4.62 2.94 16.85
N ALA A 91 -3.51 3.20 16.19
CA ALA A 91 -3.53 3.72 14.82
C ALA A 91 -3.38 2.59 13.79
N GLN A 92 -4.30 2.56 12.82
CA GLN A 92 -4.27 1.55 11.77
C GLN A 92 -5.24 1.91 10.67
N GLY A 93 -4.73 1.98 9.44
CA GLY A 93 -5.58 2.34 8.31
C GLY A 93 -5.73 1.21 7.30
N VAL A 94 -6.94 1.07 6.78
CA VAL A 94 -7.24 0.05 5.78
C VAL A 94 -7.51 0.70 4.43
N GLN A 95 -6.81 0.22 3.40
CA GLN A 95 -6.95 0.78 2.06
C GLN A 95 -7.69 -0.17 1.11
N LEU A 96 -8.48 0.40 0.21
CA LEU A 96 -9.23 -0.37 -0.76
C LEU A 96 -9.21 0.33 -2.12
N THR A 97 -8.61 -0.31 -3.11
CA THR A 97 -8.51 0.29 -4.44
C THR A 97 -8.42 -0.76 -5.53
N ALA A 98 -8.63 -0.32 -6.77
CA ALA A 98 -8.56 -1.20 -7.92
C ALA A 98 -7.22 -1.07 -8.62
N LYS A 99 -6.60 -2.20 -8.94
CA LYS A 99 -5.30 -2.21 -9.59
C LYS A 99 -5.40 -2.74 -11.02
N LEU A 100 -4.78 -2.03 -11.96
CA LEU A 100 -4.78 -2.43 -13.36
C LEU A 100 -3.39 -2.25 -13.97
N GLY A 101 -2.84 -3.34 -14.49
CA GLY A 101 -1.52 -3.28 -15.09
C GLY A 101 -1.21 -4.51 -15.94
N TYR A 102 0.01 -4.56 -16.46
CA TYR A 102 0.43 -5.68 -17.30
C TYR A 102 1.95 -5.68 -17.50
N PRO A 103 2.53 -6.84 -17.82
CA PRO A 103 3.98 -6.97 -18.05
C PRO A 103 4.45 -6.08 -19.19
N ILE A 104 5.76 -5.91 -19.30
CA ILE A 104 6.34 -5.08 -20.36
C ILE A 104 7.42 -5.80 -21.15
N THR A 105 7.77 -7.01 -20.73
CA THR A 105 8.79 -7.79 -21.40
C THR A 105 8.74 -9.26 -20.98
N ASP A 106 9.01 -9.51 -19.70
CA ASP A 106 8.98 -10.86 -19.16
C ASP A 106 9.03 -10.85 -17.63
N ASP A 107 9.88 -9.99 -17.08
CA ASP A 107 10.03 -9.87 -15.64
C ASP A 107 9.88 -8.41 -15.18
N LEU A 108 9.14 -7.64 -15.95
CA LEU A 108 8.92 -6.23 -15.63
C LEU A 108 7.48 -5.83 -16.00
N ASP A 109 6.71 -5.44 -15.00
CA ASP A 109 5.32 -5.05 -15.24
C ASP A 109 5.00 -3.68 -14.67
N ILE A 110 3.98 -3.04 -15.23
CA ILE A 110 3.54 -1.72 -14.79
C ILE A 110 2.06 -1.74 -14.43
N TYR A 111 1.70 -1.11 -13.31
CA TYR A 111 0.29 -1.08 -12.89
C TYR A 111 -0.02 0.18 -12.10
N THR A 112 -1.31 0.50 -12.03
CA THR A 112 -1.77 1.68 -11.31
C THR A 112 -2.93 1.33 -10.39
N ARG A 113 -3.04 2.04 -9.28
CA ARG A 113 -4.10 1.78 -8.31
C ARG A 113 -4.93 3.04 -8.05
N LEU A 114 -6.24 2.90 -8.18
CA LEU A 114 -7.17 4.01 -7.95
C LEU A 114 -8.26 3.60 -6.97
N GLY A 115 -8.38 4.34 -5.86
CA GLY A 115 -9.39 4.01 -4.87
C GLY A 115 -9.38 4.96 -3.69
N GLY A 116 -9.42 4.41 -2.48
CA GLY A 116 -9.42 5.25 -1.29
C GLY A 116 -8.90 4.53 -0.07
N MET A 117 -8.65 5.28 0.99
CA MET A 117 -8.14 4.71 2.24
C MET A 117 -9.03 5.09 3.41
N VAL A 118 -9.19 4.17 4.36
CA VAL A 118 -10.01 4.41 5.54
C VAL A 118 -9.22 4.16 6.81
N TRP A 119 -9.19 5.16 7.68
CA TRP A 119 -8.45 5.05 8.95
C TRP A 119 -9.41 4.79 10.11
N ARG A 120 -8.88 4.23 11.19
CA ARG A 120 -9.69 3.93 12.37
C ARG A 120 -8.86 4.07 13.65
N ALA A 121 -9.53 4.46 14.73
CA ALA A 121 -8.85 4.62 16.02
C ALA A 121 -9.44 3.70 17.06
N ASP A 122 -8.60 3.26 18.00
CA ASP A 122 -9.04 2.36 19.07
C ASP A 122 -8.87 3.01 20.43
N SER A 123 -9.85 2.81 21.30
CA SER A 123 -9.81 3.38 22.64
C SER A 123 -9.76 2.28 23.70
N LYS A 124 -8.83 2.42 24.65
CA LYS A 124 -8.69 1.44 25.71
C LYS A 124 -7.65 1.89 26.73
N GLY A 125 -6.56 2.46 26.23
CA GLY A 125 -5.50 2.93 27.11
C GLY A 125 -6.00 3.92 28.14
N ASN A 126 -5.76 5.21 27.89
CA ASN A 126 -6.20 6.26 28.80
C ASN A 126 -7.18 7.20 28.11
N TYR A 127 -8.47 6.94 28.30
CA TYR A 127 -9.51 7.76 27.70
C TYR A 127 -10.90 7.29 28.13
N ALA A 128 -11.90 8.13 27.90
CA ALA A 128 -13.28 7.79 28.27
C ALA A 128 -13.74 6.52 27.57
N SER A 129 -13.64 5.40 28.26
CA SER A 129 -14.05 4.12 27.71
C SER A 129 -14.48 3.15 28.82
N THR A 130 -15.78 3.03 29.01
CA THR A 130 -16.32 2.14 30.04
C THR A 130 -17.20 1.06 29.42
N GLY A 131 -18.06 1.48 28.48
CA GLY A 131 -18.95 0.54 27.83
C GLY A 131 -18.24 -0.31 26.78
N VAL A 132 -18.38 -1.62 26.90
CA VAL A 132 -17.74 -2.53 25.96
C VAL A 132 -18.73 -3.00 24.89
N SER A 133 -19.69 -2.13 24.55
CA SER A 133 -20.69 -2.45 23.54
C SER A 133 -20.72 -1.39 22.45
N ARG A 134 -20.78 -0.13 22.85
CA ARG A 134 -20.81 0.98 21.90
C ARG A 134 -19.76 2.02 22.25
N SER A 135 -18.94 2.39 21.26
CA SER A 135 -17.89 3.37 21.46
C SER A 135 -17.57 4.09 20.16
N GLU A 136 -18.15 5.27 19.98
CA GLU A 136 -17.92 6.06 18.77
C GLU A 136 -16.51 6.62 18.75
N HIS A 137 -15.74 6.23 17.74
CA HIS A 137 -14.35 6.69 17.60
C HIS A 137 -14.20 7.58 16.37
N ASP A 138 -12.98 8.06 16.15
CA ASP A 138 -12.69 8.93 15.01
C ASP A 138 -12.34 8.10 13.79
N THR A 139 -13.13 8.23 12.74
CA THR A 139 -12.89 7.49 11.50
C THR A 139 -12.37 8.42 10.40
N GLY A 140 -11.35 7.97 9.69
CA GLY A 140 -10.77 8.77 8.63
C GLY A 140 -11.01 8.17 7.25
N VAL A 141 -11.27 9.03 6.27
CA VAL A 141 -11.51 8.57 4.91
C VAL A 141 -10.97 9.57 3.88
N SER A 142 -10.20 9.07 2.93
CA SER A 142 -9.63 9.91 1.89
C SER A 142 -9.28 9.10 0.63
N PRO A 143 -9.71 9.57 -0.55
CA PRO A 143 -9.45 8.89 -1.81
C PRO A 143 -8.02 9.14 -2.30
N VAL A 144 -7.44 8.14 -2.97
CA VAL A 144 -6.09 8.26 -3.50
C VAL A 144 -5.85 7.31 -4.66
N PHE A 145 -4.95 7.71 -5.56
CA PHE A 145 -4.63 6.90 -6.72
C PHE A 145 -3.18 7.12 -7.14
N ALA A 146 -2.41 6.03 -7.21
CA ALA A 146 -1.00 6.13 -7.59
C ALA A 146 -0.63 5.06 -8.61
N GLY A 147 0.54 5.22 -9.22
CA GLY A 147 1.01 4.26 -10.21
C GLY A 147 2.45 3.87 -9.98
N GLY A 148 2.79 2.63 -10.29
CA GLY A 148 4.15 2.17 -10.11
C GLY A 148 4.51 1.00 -10.99
N VAL A 149 5.74 0.53 -10.88
CA VAL A 149 6.22 -0.59 -11.68
C VAL A 149 6.83 -1.68 -10.80
N GLU A 150 6.80 -2.92 -11.28
CA GLU A 150 7.34 -4.04 -10.54
C GLU A 150 8.43 -4.76 -11.33
N TRP A 151 9.49 -5.17 -10.64
CA TRP A 151 10.60 -5.87 -11.28
C TRP A 151 10.93 -7.14 -10.52
N ALA A 152 10.79 -8.28 -11.20
CA ALA A 152 11.08 -9.58 -10.60
C ALA A 152 12.57 -9.88 -10.63
N VAL A 153 13.08 -10.41 -9.52
CA VAL A 153 14.50 -10.75 -9.41
C VAL A 153 14.69 -12.26 -9.45
N THR A 154 14.27 -12.93 -8.38
CA THR A 154 14.41 -14.38 -8.29
C THR A 154 13.32 -15.08 -9.10
N ARG A 155 12.12 -15.16 -8.53
CA ARG A 155 11.00 -15.80 -9.20
C ARG A 155 9.68 -15.48 -8.50
N ASP A 156 9.71 -15.48 -7.17
CA ASP A 156 8.51 -15.19 -6.38
C ASP A 156 8.61 -13.83 -5.70
N ILE A 157 9.83 -13.34 -5.50
CA ILE A 157 10.04 -12.05 -4.86
C ILE A 157 10.44 -10.99 -5.87
N ALA A 158 9.74 -9.86 -5.84
CA ALA A 158 10.01 -8.77 -6.76
C ALA A 158 9.92 -7.41 -6.06
N THR A 159 10.60 -6.42 -6.61
CA THR A 159 10.58 -5.08 -6.05
C THR A 159 9.67 -4.17 -6.87
N ARG A 160 9.00 -3.23 -6.19
CA ARG A 160 8.09 -2.32 -6.89
C ARG A 160 8.24 -0.89 -6.39
N LEU A 161 8.19 0.05 -7.32
CA LEU A 161 8.30 1.47 -7.01
C LEU A 161 7.02 2.18 -7.37
N GLU A 162 6.49 2.97 -6.43
CA GLU A 162 5.24 3.69 -6.66
C GLU A 162 5.47 5.19 -6.80
N TYR A 163 4.71 5.81 -7.69
CA TYR A 163 4.81 7.24 -7.94
C TYR A 163 3.42 7.87 -7.99
N GLN A 164 3.24 8.96 -7.25
CA GLN A 164 1.95 9.65 -7.21
C GLN A 164 1.94 10.85 -8.15
N TRP A 165 2.53 11.96 -7.71
CA TRP A 165 2.59 13.17 -8.51
C TRP A 165 3.87 13.23 -9.33
N VAL A 166 3.71 13.37 -10.65
CA VAL A 166 4.87 13.44 -11.55
C VAL A 166 5.46 14.84 -11.56
N ASN A 167 6.79 14.91 -11.64
CA ASN A 167 7.50 16.18 -11.66
C ASN A 167 8.23 16.38 -12.98
N ASN A 168 8.24 17.62 -13.46
CA ASN A 168 8.91 17.95 -14.73
C ASN A 168 9.96 19.03 -14.52
N ILE A 169 11.11 18.87 -15.17
CA ILE A 169 12.18 19.84 -15.05
C ILE A 169 11.84 21.15 -15.75
N GLY A 170 11.00 21.06 -16.78
CA GLY A 170 10.60 22.24 -17.51
C GLY A 170 9.93 23.27 -16.63
N ASP A 171 8.88 22.86 -15.92
CA ASP A 171 8.15 23.76 -15.04
C ASP A 171 7.99 23.15 -13.65
N ALA A 172 8.82 23.61 -12.71
CA ALA A 172 8.76 23.10 -11.34
C ALA A 172 7.53 23.62 -10.61
N GLY A 173 7.18 24.87 -10.87
CA GLY A 173 6.02 25.47 -10.24
C GLY A 173 5.54 26.71 -10.95
N THR A 174 4.89 26.52 -12.10
CA THR A 174 4.37 27.65 -12.87
C THR A 174 2.88 27.84 -12.63
N VAL A 175 2.45 27.53 -11.41
CA VAL A 175 1.04 27.67 -11.04
C VAL A 175 0.90 28.20 -9.62
N GLY A 176 -0.35 28.36 -9.19
CA GLY A 176 -0.61 28.85 -7.84
C GLY A 176 -1.10 27.77 -6.91
N THR A 177 -0.39 26.65 -6.88
CA THR A 177 -0.76 25.54 -6.02
C THR A 177 0.16 25.45 -4.81
N ARG A 178 -0.37 24.93 -3.71
CA ARG A 178 0.40 24.80 -2.47
C ARG A 178 1.27 23.54 -2.50
N PRO A 179 0.66 22.38 -2.80
CA PRO A 179 1.38 21.10 -2.86
C PRO A 179 2.62 21.18 -3.73
N ASP A 180 3.78 20.93 -3.14
CA ASP A 180 5.04 20.97 -3.87
C ASP A 180 5.62 19.58 -4.04
N ASN A 181 6.26 19.34 -5.18
CA ASN A 181 6.87 18.04 -5.47
C ASN A 181 5.80 16.94 -5.47
N GLY A 182 6.22 15.73 -5.85
CA GLY A 182 5.30 14.62 -5.90
C GLY A 182 5.48 13.67 -4.72
N MET A 183 5.56 12.38 -5.01
CA MET A 183 5.73 11.36 -3.97
C MET A 183 6.24 10.06 -4.56
N LEU A 184 7.31 9.53 -3.99
CA LEU A 184 7.89 8.27 -4.45
C LEU A 184 8.10 7.31 -3.29
N SER A 185 7.61 6.09 -3.44
CA SER A 185 7.75 5.08 -2.40
C SER A 185 8.41 3.81 -2.93
N LEU A 186 9.11 3.09 -2.05
CA LEU A 186 9.79 1.86 -2.43
C LEU A 186 9.28 0.69 -1.60
N GLY A 187 8.88 -0.39 -2.26
CA GLY A 187 8.37 -1.54 -1.54
C GLY A 187 8.72 -2.85 -2.20
N VAL A 188 8.53 -3.95 -1.47
CA VAL A 188 8.82 -5.28 -2.00
C VAL A 188 7.62 -6.21 -1.78
N SER A 189 7.30 -7.00 -2.79
CA SER A 189 6.18 -7.93 -2.70
C SER A 189 6.50 -9.27 -3.34
N TYR A 190 5.58 -10.21 -3.23
CA TYR A 190 5.76 -11.54 -3.79
C TYR A 190 4.45 -12.07 -4.36
N ARG A 191 4.55 -13.05 -5.26
CA ARG A 191 3.37 -13.64 -5.88
C ARG A 191 3.06 -15.00 -5.27
N PHE A 192 1.80 -15.41 -5.35
CA PHE A 192 1.36 -16.69 -4.81
C PHE A 192 1.65 -17.83 -5.79
N GLY A 193 2.20 -18.92 -5.28
CA GLY A 193 2.52 -20.06 -6.13
C GLY A 193 1.66 -21.26 -5.82
N GLN A 194 2.04 -22.42 -6.36
CA GLN A 194 1.29 -23.66 -6.14
C GLN A 194 1.77 -24.36 -4.88
N GLU A 195 0.84 -24.95 -4.14
CA GLU A 195 1.17 -25.67 -2.91
C GLU A 195 1.57 -27.12 -3.21
N ASP A 196 0.80 -27.77 -4.09
CA ASP A 196 1.06 -29.14 -4.46
C ASP A 196 2.03 -29.22 -5.64
N ALA A 197 3.06 -30.05 -5.50
CA ALA A 197 4.05 -30.21 -6.55
C ALA A 197 3.96 -31.59 -7.18
N ALA A 198 4.23 -31.67 -8.49
CA ALA A 198 4.18 -32.94 -9.21
C ALA A 198 4.80 -32.80 -10.60
N PRO A 199 6.14 -32.74 -10.68
CA PRO A 199 6.85 -32.62 -11.95
C PRO A 199 6.76 -33.88 -12.80
N VAL A 200 5.77 -33.93 -13.69
CA VAL A 200 5.58 -35.09 -14.55
C VAL A 200 5.80 -34.72 -16.01
N VAL A 201 6.91 -34.04 -16.29
CA VAL A 201 7.23 -33.63 -17.65
C VAL A 201 8.55 -34.25 -18.10
N ALA A 202 8.57 -34.76 -19.33
CA ALA A 202 9.76 -35.37 -19.89
C ALA A 202 10.86 -34.34 -20.12
N PRO A 203 10.60 -33.33 -20.98
CA PRO A 203 11.58 -32.28 -21.28
C PRO A 203 11.81 -31.36 -20.09
N ALA A 204 13.07 -31.23 -19.68
CA ALA A 204 13.43 -30.37 -18.55
C ALA A 204 13.44 -28.90 -18.97
N PRO A 205 13.09 -28.00 -18.03
CA PRO A 205 13.07 -26.55 -18.30
C PRO A 205 14.46 -25.96 -18.44
N ALA A 206 14.57 -24.90 -19.23
CA ALA A 206 15.86 -24.24 -19.44
C ALA A 206 16.10 -23.15 -18.40
N PRO A 207 17.36 -22.76 -18.19
CA PRO A 207 17.72 -21.73 -17.21
C PRO A 207 16.91 -20.45 -17.41
N ALA A 208 17.08 -19.83 -18.57
CA ALA A 208 16.37 -18.60 -18.88
C ALA A 208 15.28 -18.84 -19.94
N PRO A 209 14.38 -17.87 -20.13
CA PRO A 209 13.29 -17.97 -21.11
C PRO A 209 13.81 -17.91 -22.54
N GLU A 210 12.93 -18.23 -23.49
CA GLU A 210 13.29 -18.22 -24.91
C GLU A 210 12.35 -17.31 -25.70
N ALA A 1 -33.63 -29.35 -7.87
CA ALA A 1 -33.82 -27.89 -8.06
C ALA A 1 -33.83 -27.17 -6.71
N ARG A 2 -33.01 -27.64 -5.78
CA ARG A 2 -32.92 -27.04 -4.45
C ARG A 2 -31.68 -26.18 -4.32
N ILE A 3 -30.60 -26.58 -5.00
CA ILE A 3 -29.35 -25.84 -4.95
C ILE A 3 -28.37 -26.36 -6.01
N MET A 4 -27.68 -25.44 -6.67
CA MET A 4 -26.71 -25.81 -7.70
C MET A 4 -25.63 -24.73 -7.84
N LYS A 5 -24.38 -25.15 -7.83
CA LYS A 5 -23.26 -24.22 -7.96
C LYS A 5 -22.28 -24.71 -9.03
N ALA A 6 -21.94 -26.00 -8.98
CA ALA A 6 -21.01 -26.58 -9.94
C ALA A 6 -21.62 -26.59 -11.34
N ILE A 7 -21.19 -25.64 -12.18
CA ILE A 7 -21.69 -25.54 -13.54
C ILE A 7 -21.02 -26.58 -14.44
N PHE A 8 -19.69 -26.52 -14.52
CA PHE A 8 -18.93 -27.45 -15.35
C PHE A 8 -17.49 -27.55 -14.88
N VAL A 9 -16.84 -28.67 -15.20
CA VAL A 9 -15.45 -28.88 -14.80
C VAL A 9 -14.52 -27.88 -15.48
N LEU A 10 -13.85 -27.07 -14.67
CA LEU A 10 -12.93 -26.07 -15.19
C LEU A 10 -11.98 -25.59 -14.09
N ASN A 11 -12.52 -24.89 -13.10
CA ASN A 11 -11.72 -24.38 -11.99
C ASN A 11 -11.57 -25.43 -10.90
N ALA A 12 -10.32 -25.78 -10.59
CA ALA A 12 -10.04 -26.77 -9.56
C ALA A 12 -10.18 -26.17 -8.16
N ALA A 13 -9.43 -25.11 -7.90
CA ALA A 13 -9.48 -24.44 -6.60
C ALA A 13 -10.02 -23.02 -6.74
N PRO A 14 -10.76 -22.54 -5.72
CA PRO A 14 -11.34 -21.19 -5.73
C PRO A 14 -10.29 -20.11 -5.97
N LYS A 15 -9.08 -20.36 -5.47
CA LYS A 15 -7.99 -19.41 -5.62
C LYS A 15 -7.11 -19.77 -6.82
N ASP A 16 -7.74 -19.87 -7.98
CA ASP A 16 -7.03 -20.21 -9.21
C ASP A 16 -6.32 -18.98 -9.77
N ASN A 17 -6.89 -17.81 -9.52
CA ASN A 17 -6.32 -16.56 -10.00
C ASN A 17 -4.97 -16.28 -9.32
N THR A 18 -4.41 -15.11 -9.60
CA THR A 18 -3.12 -14.74 -9.01
C THR A 18 -3.30 -13.62 -7.98
N TRP A 19 -2.36 -13.53 -7.04
CA TRP A 19 -2.42 -12.52 -6.00
C TRP A 19 -1.02 -12.10 -5.56
N TYR A 20 -0.80 -10.80 -5.47
CA TYR A 20 0.49 -10.26 -5.07
C TYR A 20 0.38 -9.53 -3.73
N ALA A 21 1.39 -9.69 -2.87
CA ALA A 21 1.39 -9.04 -1.57
C ALA A 21 2.80 -8.64 -1.16
N GLY A 22 2.91 -7.48 -0.52
CA GLY A 22 4.22 -7.00 -0.08
C GLY A 22 4.13 -5.77 0.81
N GLY A 23 5.27 -5.12 1.02
CA GLY A 23 5.30 -3.93 1.85
C GLY A 23 6.11 -2.81 1.22
N LYS A 24 5.63 -1.58 1.37
CA LYS A 24 6.30 -0.42 0.82
C LYS A 24 6.52 0.66 1.87
N LEU A 25 7.61 1.43 1.70
CA LEU A 25 7.94 2.50 2.63
C LEU A 25 8.14 3.81 1.87
N GLY A 26 7.84 4.92 2.54
CA GLY A 26 7.98 6.22 1.92
C GLY A 26 7.75 7.36 2.90
N TRP A 27 7.47 8.55 2.38
CA TRP A 27 7.24 9.72 3.22
C TRP A 27 5.83 9.70 3.81
N SER A 28 5.69 10.23 5.01
CA SER A 28 4.39 10.28 5.68
C SER A 28 3.78 11.67 5.59
N GLN A 29 4.47 12.65 6.16
CA GLN A 29 4.00 14.03 6.15
C GLN A 29 5.17 15.01 6.11
N TYR A 30 5.15 15.91 5.12
CA TYR A 30 6.20 16.89 4.96
C TYR A 30 5.73 18.27 5.40
N HIS A 31 4.86 18.31 6.41
CA HIS A 31 4.34 19.57 6.91
C HIS A 31 4.51 19.67 8.43
N ASP A 32 4.60 20.90 8.92
CA ASP A 32 4.77 21.13 10.36
C ASP A 32 3.44 21.06 11.09
N THR A 33 2.97 19.84 11.34
CA THR A 33 1.70 19.63 12.04
C THR A 33 1.79 20.10 13.49
N GLY A 34 0.68 20.61 14.01
CA GLY A 34 0.66 21.08 15.38
C GLY A 34 0.75 22.58 15.49
N PHE A 35 1.43 23.07 16.52
CA PHE A 35 1.59 24.51 16.73
C PHE A 35 2.56 25.10 15.71
N TYR A 36 2.45 26.41 15.50
CA TYR A 36 3.31 27.10 14.54
C TYR A 36 3.96 28.33 15.19
N GLY A 37 3.16 29.11 15.90
CA GLY A 37 3.67 30.30 16.56
C GLY A 37 3.73 30.14 18.07
N ASN A 38 2.76 29.44 18.62
CA ASN A 38 2.70 29.22 20.07
C ASN A 38 3.44 27.95 20.46
N GLY A 39 4.56 28.11 21.17
CA GLY A 39 5.34 26.97 21.59
C GLY A 39 6.61 27.38 22.32
N PHE A 40 7.12 26.48 23.16
CA PHE A 40 8.33 26.75 23.93
C PHE A 40 9.42 25.73 23.60
N GLN A 41 10.67 26.10 23.88
CA GLN A 41 11.79 25.20 23.62
C GLN A 41 12.99 25.58 24.49
N ASN A 42 13.19 24.81 25.57
CA ASN A 42 14.29 25.07 26.49
C ASN A 42 15.49 24.18 26.15
N ASN A 43 15.27 22.87 26.14
CA ASN A 43 16.32 21.92 25.83
C ASN A 43 15.82 20.82 24.89
N ASN A 44 16.07 20.99 23.60
CA ASN A 44 15.65 20.03 22.60
C ASN A 44 16.85 19.44 21.86
N GLY A 45 16.77 18.16 21.54
CA GLY A 45 17.84 17.49 20.85
C GLY A 45 17.35 16.60 19.72
N PRO A 46 16.94 17.18 18.58
CA PRO A 46 16.44 16.42 17.43
C PRO A 46 17.40 15.33 17.01
N THR A 47 17.09 14.09 17.37
CA THR A 47 17.94 12.96 17.02
C THR A 47 17.45 12.29 15.74
N ARG A 48 16.13 12.15 15.61
CA ARG A 48 15.54 11.54 14.43
C ARG A 48 14.31 12.31 13.97
N ASN A 49 14.56 13.38 13.20
CA ASN A 49 13.48 14.21 12.68
C ASN A 49 13.11 13.82 11.25
N ASP A 50 13.16 12.51 10.98
CA ASP A 50 12.83 12.00 9.65
C ASP A 50 11.52 11.22 9.68
N GLN A 51 10.41 11.93 9.59
CA GLN A 51 9.09 11.30 9.59
C GLN A 51 8.93 10.38 8.40
N LEU A 52 8.87 9.08 8.68
CA LEU A 52 8.71 8.08 7.62
C LEU A 52 7.53 7.16 7.91
N GLY A 53 6.81 6.78 6.86
CA GLY A 53 5.66 5.91 7.02
C GLY A 53 5.75 4.68 6.14
N ALA A 54 5.27 3.54 6.65
CA ALA A 54 5.30 2.30 5.91
C ALA A 54 3.89 1.78 5.67
N GLY A 55 3.77 0.76 4.82
CA GLY A 55 2.47 0.19 4.52
C GLY A 55 2.56 -1.08 3.71
N ALA A 56 1.51 -1.90 3.79
CA ALA A 56 1.46 -3.16 3.05
C ALA A 56 0.45 -3.08 1.91
N PHE A 57 0.81 -3.66 0.77
CA PHE A 57 -0.07 -3.66 -0.39
C PHE A 57 -0.30 -5.07 -0.91
N GLY A 58 -1.57 -5.43 -1.10
CA GLY A 58 -1.90 -6.74 -1.58
C GLY A 58 -3.13 -6.73 -2.47
N GLY A 59 -3.00 -7.25 -3.68
CA GLY A 59 -4.12 -7.27 -4.61
C GLY A 59 -4.22 -8.58 -5.36
N TYR A 60 -5.32 -8.74 -6.11
CA TYR A 60 -5.54 -9.95 -6.89
C TYR A 60 -6.14 -9.61 -8.25
N GLN A 61 -6.02 -10.55 -9.19
CA GLN A 61 -6.56 -10.35 -10.54
C GLN A 61 -7.72 -11.31 -10.82
N VAL A 62 -8.82 -10.76 -11.31
CA VAL A 62 -10.00 -11.57 -11.61
C VAL A 62 -10.54 -11.25 -13.01
N ASN A 63 -10.63 -9.95 -13.30
CA ASN A 63 -11.14 -9.51 -14.60
C ASN A 63 -10.00 -9.46 -15.62
N PRO A 64 -10.34 -9.55 -16.92
CA PRO A 64 -9.34 -9.51 -18.00
C PRO A 64 -8.58 -8.19 -18.03
N TYR A 65 -9.20 -7.14 -17.49
CA TYR A 65 -8.57 -5.82 -17.46
C TYR A 65 -9.05 -5.03 -16.24
N LEU A 66 -9.07 -5.68 -15.09
CA LEU A 66 -9.51 -5.04 -13.85
C LEU A 66 -9.05 -5.84 -12.64
N GLY A 67 -8.19 -5.22 -11.83
CA GLY A 67 -7.68 -5.89 -10.64
C GLY A 67 -7.99 -5.13 -9.37
N PHE A 68 -7.92 -5.83 -8.24
CA PHE A 68 -8.19 -5.22 -6.94
C PHE A 68 -6.94 -5.17 -6.08
N GLU A 69 -6.69 -4.03 -5.45
CA GLU A 69 -5.51 -3.87 -4.61
C GLU A 69 -5.89 -3.29 -3.25
N MET A 70 -5.41 -3.94 -2.19
CA MET A 70 -5.69 -3.50 -0.83
C MET A 70 -4.43 -2.90 -0.20
N GLY A 71 -4.61 -1.77 0.47
CA GLY A 71 -3.48 -1.11 1.10
C GLY A 71 -3.53 -1.18 2.62
N TYR A 72 -2.39 -1.02 3.25
CA TYR A 72 -2.30 -1.07 4.71
C TYR A 72 -1.38 0.03 5.23
N ASP A 73 -1.95 0.98 5.97
CA ASP A 73 -1.17 2.08 6.52
C ASP A 73 -0.59 1.70 7.88
N TRP A 74 0.75 1.77 7.98
CA TRP A 74 1.44 1.43 9.21
C TRP A 74 2.55 2.43 9.50
N LEU A 75 2.60 2.91 10.73
CA LEU A 75 3.62 3.88 11.14
C LEU A 75 4.92 3.19 11.52
N GLY A 76 4.88 2.41 12.59
CA GLY A 76 6.06 1.70 13.05
C GLY A 76 6.00 1.37 14.53
N ARG A 77 7.14 1.52 15.20
CA ARG A 77 7.22 1.24 16.63
C ARG A 77 6.75 2.44 17.46
N MET A 78 7.33 3.60 17.17
CA MET A 78 6.97 4.82 17.88
C MET A 78 5.51 5.16 17.68
N ALA A 79 4.65 4.66 18.58
CA ALA A 79 3.23 4.90 18.50
C ALA A 79 2.69 5.45 19.82
N TYR A 80 3.13 4.86 20.93
CA TYR A 80 2.69 5.29 22.25
C TYR A 80 2.98 6.77 22.46
N LYS A 81 1.99 7.61 22.21
CA LYS A 81 2.15 9.05 22.38
C LYS A 81 1.31 9.55 23.55
N GLY A 82 1.70 10.70 24.10
CA GLY A 82 0.96 11.27 25.22
C GLY A 82 1.43 12.67 25.57
N SER A 83 0.60 13.65 25.25
CA SER A 83 0.94 15.05 25.52
C SER A 83 -0.32 15.85 25.85
N VAL A 84 -1.36 15.69 25.04
CA VAL A 84 -2.62 16.40 25.25
C VAL A 84 -3.61 15.52 25.99
N ASP A 85 -3.74 14.27 25.56
CA ASP A 85 -4.66 13.33 26.18
C ASP A 85 -4.41 11.90 25.70
N ASN A 86 -4.45 10.95 26.61
CA ASN A 86 -4.22 9.56 26.28
C ASN A 86 -5.49 8.91 25.71
N GLY A 87 -5.57 8.83 24.39
CA GLY A 87 -6.74 8.25 23.75
C GLY A 87 -6.36 7.38 22.56
N ALA A 88 -5.36 6.52 22.73
CA ALA A 88 -4.91 5.65 21.66
C ALA A 88 -4.56 4.27 22.19
N PHE A 89 -4.95 3.24 21.45
CA PHE A 89 -4.68 1.85 21.85
C PHE A 89 -4.39 0.98 20.63
N LYS A 90 -5.41 0.76 19.81
CA LYS A 90 -5.26 -0.05 18.62
C LYS A 90 -5.60 0.76 17.36
N ALA A 91 -4.72 0.69 16.36
CA ALA A 91 -4.94 1.41 15.12
C ALA A 91 -4.28 0.69 13.93
N GLN A 92 -4.82 0.93 12.74
CA GLN A 92 -4.29 0.31 11.54
C GLN A 92 -5.01 0.85 10.30
N GLY A 93 -4.24 1.27 9.31
CA GLY A 93 -4.83 1.80 8.09
C GLY A 93 -5.20 0.73 7.09
N VAL A 94 -6.38 0.86 6.51
CA VAL A 94 -6.87 -0.10 5.51
C VAL A 94 -7.27 0.62 4.24
N GLN A 95 -6.61 0.26 3.13
CA GLN A 95 -6.88 0.90 1.85
C GLN A 95 -7.61 -0.06 0.89
N LEU A 96 -8.44 0.52 0.04
CA LEU A 96 -9.20 -0.25 -0.94
C LEU A 96 -9.21 0.48 -2.28
N THR A 97 -8.57 -0.11 -3.29
CA THR A 97 -8.49 0.52 -4.60
C THR A 97 -8.43 -0.50 -5.72
N ALA A 98 -8.69 -0.04 -6.94
CA ALA A 98 -8.64 -0.91 -8.11
C ALA A 98 -7.29 -0.78 -8.82
N LYS A 99 -6.69 -1.92 -9.15
CA LYS A 99 -5.39 -1.94 -9.81
C LYS A 99 -5.52 -2.35 -11.27
N LEU A 100 -4.88 -1.58 -12.15
CA LEU A 100 -4.89 -1.86 -13.59
C LEU A 100 -3.49 -1.70 -14.17
N GLY A 101 -2.99 -2.76 -14.82
CA GLY A 101 -1.67 -2.71 -15.40
C GLY A 101 -1.42 -3.86 -16.37
N TYR A 102 -0.18 -4.02 -16.79
CA TYR A 102 0.20 -5.06 -17.72
C TYR A 102 1.70 -5.34 -17.69
N PRO A 103 2.11 -6.61 -17.86
CA PRO A 103 3.51 -7.00 -17.84
C PRO A 103 4.17 -6.86 -19.21
N ILE A 104 5.49 -7.05 -19.26
CA ILE A 104 6.23 -6.94 -20.51
C ILE A 104 7.34 -7.98 -20.58
N THR A 105 6.96 -9.26 -20.56
CA THR A 105 7.92 -10.35 -20.62
C THR A 105 8.95 -10.27 -19.50
N ASP A 106 9.77 -11.31 -19.39
CA ASP A 106 10.81 -11.37 -18.37
C ASP A 106 10.21 -11.32 -16.96
N ASP A 107 9.98 -10.11 -16.45
CA ASP A 107 9.40 -9.94 -15.11
C ASP A 107 9.26 -8.46 -14.78
N LEU A 108 8.92 -7.66 -15.78
CA LEU A 108 8.73 -6.22 -15.60
C LEU A 108 7.33 -5.81 -16.00
N ASP A 109 6.56 -5.33 -15.04
CA ASP A 109 5.18 -4.92 -15.30
C ASP A 109 4.87 -3.54 -14.73
N ILE A 110 3.89 -2.88 -15.34
CA ILE A 110 3.46 -1.55 -14.90
C ILE A 110 2.00 -1.58 -14.47
N TYR A 111 1.63 -0.77 -13.48
CA TYR A 111 0.25 -0.73 -13.02
C TYR A 111 -0.05 0.52 -12.21
N THR A 112 -1.33 0.80 -12.03
CA THR A 112 -1.77 1.96 -11.28
C THR A 112 -2.99 1.62 -10.42
N ARG A 113 -3.01 2.14 -9.20
CA ARG A 113 -4.12 1.87 -8.28
C ARG A 113 -4.89 3.15 -7.97
N LEU A 114 -6.22 3.09 -8.15
CA LEU A 114 -7.07 4.23 -7.89
C LEU A 114 -8.22 3.84 -6.96
N GLY A 115 -8.34 4.53 -5.83
CA GLY A 115 -9.39 4.22 -4.88
C GLY A 115 -9.36 5.14 -3.67
N GLY A 116 -9.50 4.56 -2.48
CA GLY A 116 -9.49 5.36 -1.26
C GLY A 116 -8.92 4.61 -0.08
N MET A 117 -8.55 5.35 0.97
CA MET A 117 -7.99 4.76 2.17
C MET A 117 -8.89 5.03 3.38
N VAL A 118 -8.95 4.06 4.28
CA VAL A 118 -9.76 4.19 5.49
C VAL A 118 -8.94 3.92 6.74
N TRP A 119 -9.19 4.67 7.80
CA TRP A 119 -8.46 4.50 9.05
C TRP A 119 -9.42 4.43 10.23
N ARG A 120 -9.04 3.69 11.26
CA ARG A 120 -9.86 3.54 12.45
C ARG A 120 -9.13 4.07 13.69
N ALA A 121 -9.90 4.52 14.67
CA ALA A 121 -9.34 5.07 15.90
C ALA A 121 -10.38 5.13 17.00
N ASP A 122 -9.93 4.98 18.26
CA ASP A 122 -10.83 5.02 19.40
C ASP A 122 -10.66 6.31 20.19
N SER A 123 -11.77 6.97 20.48
CA SER A 123 -11.73 8.23 21.24
C SER A 123 -12.03 7.98 22.71
N LYS A 124 -10.98 7.95 23.53
CA LYS A 124 -11.13 7.73 24.96
C LYS A 124 -10.34 8.76 25.76
N GLY A 125 -10.56 8.78 27.07
CA GLY A 125 -9.87 9.73 27.92
C GLY A 125 -9.22 9.06 29.12
N ASN A 126 -8.66 9.86 30.02
CA ASN A 126 -8.01 9.34 31.22
C ASN A 126 -9.04 8.76 32.18
N TYR A 127 -10.23 9.34 32.19
CA TYR A 127 -11.30 8.88 33.07
C TYR A 127 -12.06 7.72 32.44
N ALA A 128 -12.74 6.94 33.27
CA ALA A 128 -13.52 5.80 32.79
C ALA A 128 -15.01 6.01 33.05
N SER A 129 -15.64 6.84 32.23
CA SER A 129 -17.07 7.12 32.37
C SER A 129 -17.90 6.05 31.65
N THR A 130 -18.75 5.37 32.41
CA THR A 130 -19.60 4.33 31.85
C THR A 130 -20.98 4.34 32.52
N GLY A 131 -22.02 4.47 31.70
CA GLY A 131 -23.37 4.50 32.22
C GLY A 131 -24.32 3.63 31.41
N VAL A 132 -25.05 4.26 30.48
CA VAL A 132 -26.00 3.54 29.64
C VAL A 132 -26.01 4.10 28.23
N SER A 133 -24.86 4.61 27.79
CA SER A 133 -24.74 5.18 26.46
C SER A 133 -23.68 4.44 25.65
N ARG A 134 -23.66 4.68 24.33
CA ARG A 134 -22.70 4.04 23.45
C ARG A 134 -21.52 4.96 23.17
N SER A 135 -20.38 4.37 22.82
CA SER A 135 -19.18 5.14 22.54
C SER A 135 -19.24 5.75 21.14
N GLU A 136 -18.35 6.69 20.86
CA GLU A 136 -18.31 7.36 19.57
C GLU A 136 -17.43 6.58 18.60
N HIS A 137 -17.84 6.55 17.33
CA HIS A 137 -17.09 5.85 16.30
C HIS A 137 -16.59 6.81 15.23
N ASP A 138 -15.27 6.98 15.17
CA ASP A 138 -14.65 7.87 14.21
C ASP A 138 -13.78 7.10 13.23
N THR A 139 -13.94 7.39 11.93
CA THR A 139 -13.17 6.71 10.90
C THR A 139 -12.69 7.72 9.85
N GLY A 140 -11.39 7.67 9.55
CA GLY A 140 -10.83 8.58 8.57
C GLY A 140 -10.87 8.01 7.16
N VAL A 141 -11.28 8.84 6.21
CA VAL A 141 -11.38 8.41 4.81
C VAL A 141 -10.73 9.44 3.89
N SER A 142 -9.96 8.95 2.92
CA SER A 142 -9.28 9.84 1.97
C SER A 142 -9.03 9.14 0.64
N PRO A 143 -9.62 9.64 -0.45
CA PRO A 143 -9.44 9.05 -1.79
C PRO A 143 -8.07 9.36 -2.36
N VAL A 144 -7.44 8.36 -2.98
CA VAL A 144 -6.11 8.53 -3.56
C VAL A 144 -5.85 7.50 -4.66
N PHE A 145 -4.83 7.76 -5.46
CA PHE A 145 -4.46 6.86 -6.55
C PHE A 145 -2.96 6.91 -6.81
N ALA A 146 -2.30 5.76 -6.70
CA ALA A 146 -0.86 5.67 -6.93
C ALA A 146 -0.55 4.84 -8.16
N GLY A 147 0.47 5.26 -8.90
CA GLY A 147 0.87 4.54 -10.09
C GLY A 147 2.37 4.33 -10.19
N GLY A 148 2.79 3.17 -10.67
CA GLY A 148 4.20 2.88 -10.78
C GLY A 148 4.51 1.62 -11.55
N VAL A 149 5.68 1.05 -11.31
CA VAL A 149 6.11 -0.16 -12.00
C VAL A 149 6.60 -1.20 -11.00
N GLU A 150 6.68 -2.45 -11.45
CA GLU A 150 7.14 -3.54 -10.59
C GLU A 150 8.18 -4.41 -11.32
N TRP A 151 9.31 -4.63 -10.67
CA TRP A 151 10.37 -5.45 -11.25
C TRP A 151 10.64 -6.68 -10.39
N ALA A 152 10.74 -7.84 -11.04
CA ALA A 152 10.98 -9.09 -10.34
C ALA A 152 12.44 -9.50 -10.42
N VAL A 153 13.00 -9.90 -9.28
CA VAL A 153 14.39 -10.32 -9.20
C VAL A 153 14.49 -11.79 -8.81
N THR A 154 13.59 -12.61 -9.37
CA THR A 154 13.58 -14.04 -9.09
C THR A 154 13.39 -14.31 -7.61
N ARG A 155 13.45 -15.59 -7.23
CA ARG A 155 13.29 -16.00 -5.84
C ARG A 155 11.92 -15.59 -5.30
N ASP A 156 10.95 -15.46 -6.20
CA ASP A 156 9.58 -15.07 -5.81
C ASP A 156 9.59 -13.75 -5.05
N ILE A 157 10.63 -12.95 -5.26
CA ILE A 157 10.73 -11.66 -4.59
C ILE A 157 10.94 -10.54 -5.62
N ALA A 158 9.92 -9.71 -5.78
CA ALA A 158 9.97 -8.60 -6.73
C ALA A 158 9.89 -7.25 -6.01
N THR A 159 10.44 -6.22 -6.63
CA THR A 159 10.42 -4.87 -6.07
C THR A 159 9.36 -4.02 -6.76
N ARG A 160 8.82 -3.05 -6.05
CA ARG A 160 7.79 -2.18 -6.61
C ARG A 160 8.01 -0.71 -6.26
N LEU A 161 7.93 0.15 -7.26
CA LEU A 161 8.10 1.58 -7.06
C LEU A 161 6.87 2.33 -7.57
N GLU A 162 6.22 3.07 -6.67
CA GLU A 162 5.01 3.81 -7.02
C GLU A 162 5.22 5.31 -6.89
N TYR A 163 4.59 6.06 -7.78
CA TYR A 163 4.67 7.52 -7.77
C TYR A 163 3.28 8.15 -7.75
N GLN A 164 3.22 9.43 -7.45
CA GLN A 164 1.94 10.15 -7.39
C GLN A 164 1.93 11.30 -8.40
N TRP A 165 0.76 11.56 -8.97
CA TRP A 165 0.60 12.64 -9.94
C TRP A 165 0.07 13.90 -9.27
N VAL A 166 0.66 15.05 -9.60
CA VAL A 166 0.23 16.32 -9.03
C VAL A 166 0.26 17.42 -10.09
N ASN A 167 -0.02 17.05 -11.33
CA ASN A 167 -0.03 18.01 -12.43
C ASN A 167 -1.43 18.09 -13.06
N ASN A 168 -1.73 19.24 -13.66
CA ASN A 168 -3.03 19.45 -14.28
C ASN A 168 -2.95 19.21 -15.79
N ILE A 169 -2.15 20.02 -16.47
CA ILE A 169 -1.99 19.89 -17.92
C ILE A 169 -0.64 20.45 -18.38
N GLY A 170 -0.31 21.64 -17.87
CA GLY A 170 0.94 22.26 -18.24
C GLY A 170 1.73 22.74 -17.03
N ASP A 171 2.88 23.37 -17.28
CA ASP A 171 3.71 23.88 -16.20
C ASP A 171 3.44 25.36 -15.96
N ALA A 172 3.21 25.71 -14.70
CA ALA A 172 2.93 27.09 -14.33
C ALA A 172 4.22 27.81 -13.91
N GLY A 173 5.02 27.16 -13.09
CA GLY A 173 6.26 27.75 -12.63
C GLY A 173 7.37 27.66 -13.66
N THR A 174 8.41 28.46 -13.48
CA THR A 174 9.53 28.47 -14.41
C THR A 174 10.74 27.78 -13.80
N VAL A 175 10.86 27.86 -12.48
CA VAL A 175 11.98 27.25 -11.77
C VAL A 175 11.49 26.14 -10.84
N GLY A 176 12.25 25.05 -10.76
CA GLY A 176 11.88 23.95 -9.90
C GLY A 176 13.08 23.26 -9.27
N THR A 177 13.24 23.42 -7.96
CA THR A 177 14.35 22.82 -7.25
C THR A 177 13.85 21.93 -6.11
N ARG A 178 13.04 22.51 -5.23
CA ARG A 178 12.49 21.78 -4.10
C ARG A 178 11.12 21.19 -4.44
N PRO A 179 10.82 19.98 -3.93
CA PRO A 179 9.54 19.31 -4.19
C PRO A 179 8.39 19.98 -3.46
N ASP A 180 7.34 20.31 -4.21
CA ASP A 180 6.16 20.97 -3.64
C ASP A 180 4.99 20.00 -3.55
N ASN A 181 4.90 19.09 -4.51
CA ASN A 181 3.83 18.10 -4.55
C ASN A 181 4.32 16.78 -5.12
N GLY A 182 3.70 15.69 -4.69
CA GLY A 182 4.09 14.37 -5.17
C GLY A 182 4.54 13.46 -4.04
N MET A 183 4.37 12.16 -4.24
CA MET A 183 4.75 11.17 -3.24
C MET A 183 5.31 9.91 -3.88
N LEU A 184 6.54 9.57 -3.54
CA LEU A 184 7.19 8.39 -4.09
C LEU A 184 7.45 7.35 -2.99
N SER A 185 7.10 6.09 -3.28
CA SER A 185 7.30 5.02 -2.32
C SER A 185 7.96 3.81 -2.96
N LEU A 186 8.79 3.12 -2.19
CA LEU A 186 9.49 1.93 -2.70
C LEU A 186 9.34 0.76 -1.72
N GLY A 187 9.09 -0.43 -2.26
CA GLY A 187 8.93 -1.59 -1.41
C GLY A 187 9.16 -2.90 -2.14
N VAL A 188 8.96 -4.01 -1.44
CA VAL A 188 9.14 -5.34 -2.02
C VAL A 188 7.88 -6.18 -1.84
N SER A 189 7.55 -6.97 -2.85
CA SER A 189 6.35 -7.81 -2.79
C SER A 189 6.62 -9.20 -3.35
N TYR A 190 5.77 -10.14 -2.96
CA TYR A 190 5.89 -11.52 -3.42
C TYR A 190 4.65 -11.93 -4.23
N ARG A 191 4.86 -12.78 -5.23
CA ARG A 191 3.77 -13.24 -6.07
C ARG A 191 3.57 -14.75 -5.93
N PHE A 192 2.32 -15.19 -5.98
CA PHE A 192 2.00 -16.60 -5.85
C PHE A 192 0.75 -16.95 -6.66
N GLY A 193 0.89 -17.92 -7.56
CA GLY A 193 -0.24 -18.32 -8.39
C GLY A 193 -0.18 -19.80 -8.77
N GLN A 194 -1.28 -20.31 -9.30
CA GLN A 194 -1.35 -21.71 -9.71
C GLN A 194 -1.57 -21.83 -11.21
N GLU A 195 -1.45 -23.05 -11.72
CA GLU A 195 -1.64 -23.29 -13.15
C GLU A 195 -3.06 -23.81 -13.43
N ASP A 196 -3.42 -23.86 -14.71
CA ASP A 196 -4.74 -24.33 -15.11
C ASP A 196 -4.96 -25.77 -14.66
N ALA A 197 -6.02 -26.39 -15.16
CA ALA A 197 -6.34 -27.76 -14.80
C ALA A 197 -5.84 -28.74 -15.88
N ALA A 198 -4.70 -28.42 -16.47
CA ALA A 198 -4.11 -29.26 -17.50
C ALA A 198 -2.68 -29.67 -17.14
N PRO A 199 -2.34 -30.96 -17.34
CA PRO A 199 -1.00 -31.47 -17.02
C PRO A 199 0.04 -31.03 -18.04
N VAL A 200 1.21 -31.64 -17.99
CA VAL A 200 2.29 -31.32 -18.91
C VAL A 200 2.27 -32.24 -20.12
N VAL A 201 1.81 -33.48 -19.91
CA VAL A 201 1.73 -34.45 -20.99
C VAL A 201 0.59 -34.13 -21.95
N ALA A 202 -0.49 -33.56 -21.40
CA ALA A 202 -1.65 -33.21 -22.21
C ALA A 202 -1.52 -31.79 -22.76
N PRO A 203 -2.24 -31.48 -23.85
CA PRO A 203 -2.20 -30.16 -24.47
C PRO A 203 -2.86 -29.09 -23.61
N ALA A 204 -2.19 -27.94 -23.49
CA ALA A 204 -2.71 -26.84 -22.68
C ALA A 204 -3.80 -26.08 -23.44
N PRO A 205 -3.51 -25.63 -24.66
CA PRO A 205 -4.47 -24.89 -25.48
C PRO A 205 -5.75 -25.69 -25.74
N ALA A 206 -6.48 -25.30 -26.78
CA ALA A 206 -7.72 -25.99 -27.13
C ALA A 206 -7.52 -26.90 -28.34
N PRO A 207 -8.12 -28.11 -28.31
CA PRO A 207 -8.00 -29.07 -29.42
C PRO A 207 -8.78 -28.63 -30.65
N ALA A 208 -8.11 -27.89 -31.53
CA ALA A 208 -8.74 -27.41 -32.76
C ALA A 208 -8.56 -28.42 -33.89
N PRO A 209 -9.57 -28.53 -34.77
CA PRO A 209 -9.52 -29.46 -35.91
C PRO A 209 -8.57 -28.98 -37.01
N GLU A 210 -7.33 -29.47 -36.96
CA GLU A 210 -6.33 -29.10 -37.96
C GLU A 210 -6.13 -30.21 -38.97
N ALA A 1 -10.97 -13.70 -49.94
CA ALA A 1 -10.71 -15.16 -49.72
C ALA A 1 -9.64 -15.36 -48.65
N ARG A 2 -8.54 -14.63 -48.77
CA ARG A 2 -7.45 -14.73 -47.81
C ARG A 2 -7.24 -13.41 -47.07
N ILE A 3 -8.33 -12.68 -46.88
CA ILE A 3 -8.27 -11.39 -46.18
C ILE A 3 -9.52 -11.17 -45.34
N MET A 4 -9.36 -10.51 -44.20
CA MET A 4 -10.48 -10.22 -43.32
C MET A 4 -10.08 -9.21 -42.25
N LYS A 5 -10.88 -8.15 -42.10
CA LYS A 5 -10.61 -7.12 -41.11
C LYS A 5 -10.90 -7.62 -39.70
N ALA A 6 -9.94 -7.41 -38.80
CA ALA A 6 -10.09 -7.85 -37.41
C ALA A 6 -10.24 -6.65 -36.48
N ILE A 7 -11.49 -6.32 -36.15
CA ILE A 7 -11.78 -5.20 -35.26
C ILE A 7 -13.05 -5.46 -34.45
N PHE A 8 -13.26 -6.71 -34.07
CA PHE A 8 -14.42 -7.08 -33.29
C PHE A 8 -14.02 -7.61 -31.92
N VAL A 9 -12.95 -8.41 -31.89
CA VAL A 9 -12.47 -8.98 -30.64
C VAL A 9 -10.94 -8.90 -30.56
N LEU A 10 -10.44 -8.63 -29.36
CA LEU A 10 -9.00 -8.53 -29.15
C LEU A 10 -8.59 -9.19 -27.84
N ASN A 11 -9.32 -8.87 -26.77
CA ASN A 11 -9.03 -9.44 -25.45
C ASN A 11 -9.40 -10.92 -25.41
N ALA A 12 -8.41 -11.76 -25.13
CA ALA A 12 -8.63 -13.20 -25.05
C ALA A 12 -7.89 -13.81 -23.86
N ALA A 13 -7.85 -13.06 -22.76
CA ALA A 13 -7.16 -13.53 -21.56
C ALA A 13 -8.12 -14.30 -20.65
N PRO A 14 -7.91 -15.62 -20.49
CA PRO A 14 -8.77 -16.46 -19.65
C PRO A 14 -8.85 -15.93 -18.22
N LYS A 15 -9.56 -16.66 -17.36
CA LYS A 15 -9.72 -16.27 -15.97
C LYS A 15 -8.69 -16.95 -15.08
N ASP A 16 -7.48 -16.41 -15.06
CA ASP A 16 -6.40 -16.96 -14.25
C ASP A 16 -6.43 -16.39 -12.84
N ASN A 17 -5.93 -17.16 -11.89
CA ASN A 17 -5.90 -16.73 -10.49
C ASN A 17 -4.49 -16.30 -10.09
N THR A 18 -4.26 -14.99 -10.06
CA THR A 18 -2.96 -14.45 -9.69
C THR A 18 -3.06 -13.58 -8.45
N TRP A 19 -2.19 -13.84 -7.48
CA TRP A 19 -2.18 -13.09 -6.23
C TRP A 19 -0.84 -12.41 -6.01
N TYR A 20 -0.87 -11.24 -5.38
CA TYR A 20 0.35 -10.49 -5.10
C TYR A 20 0.26 -9.80 -3.74
N ALA A 21 1.35 -9.89 -2.97
CA ALA A 21 1.39 -9.28 -1.64
C ALA A 21 2.79 -8.75 -1.32
N GLY A 22 2.84 -7.64 -0.60
CA GLY A 22 4.11 -7.04 -0.23
C GLY A 22 3.96 -5.81 0.63
N GLY A 23 5.05 -5.08 0.81
CA GLY A 23 5.00 -3.87 1.61
C GLY A 23 5.78 -2.73 0.99
N LYS A 24 5.30 -1.50 1.20
CA LYS A 24 5.96 -0.32 0.64
C LYS A 24 6.37 0.64 1.76
N LEU A 25 7.40 1.44 1.50
CA LEU A 25 7.90 2.40 2.48
C LEU A 25 8.13 3.76 1.82
N GLY A 26 7.76 4.82 2.52
CA GLY A 26 7.94 6.16 1.99
C GLY A 26 7.81 7.24 3.06
N TRP A 27 7.80 8.49 2.63
CA TRP A 27 7.68 9.62 3.55
C TRP A 27 6.22 10.02 3.73
N SER A 28 5.90 10.61 4.88
CA SER A 28 4.55 11.04 5.17
C SER A 28 4.46 12.56 5.23
N GLN A 29 3.76 13.15 4.25
CA GLN A 29 3.60 14.59 4.19
C GLN A 29 2.47 15.05 5.09
N TYR A 30 2.82 15.44 6.32
CA TYR A 30 1.83 15.92 7.28
C TYR A 30 2.32 17.16 8.01
N HIS A 31 3.56 17.11 8.49
CA HIS A 31 4.16 18.23 9.21
C HIS A 31 4.37 19.42 8.28
N ASP A 32 4.40 20.61 8.85
CA ASP A 32 4.60 21.83 8.07
C ASP A 32 4.68 23.05 8.97
N THR A 33 3.82 23.09 9.99
CA THR A 33 3.79 24.20 10.93
C THR A 33 4.28 23.75 12.31
N GLY A 34 4.58 24.73 13.16
CA GLY A 34 5.04 24.42 14.50
C GLY A 34 6.56 24.45 14.61
N PHE A 35 7.17 25.41 13.94
CA PHE A 35 8.63 25.55 13.96
C PHE A 35 9.03 27.02 14.09
N TYR A 36 8.21 27.80 14.78
CA TYR A 36 8.48 29.22 14.98
C TYR A 36 9.75 29.42 15.81
N GLY A 37 10.53 30.43 15.45
CA GLY A 37 11.75 30.72 16.17
C GLY A 37 12.38 32.02 15.77
N ASN A 38 11.70 33.13 16.06
CA ASN A 38 12.19 34.46 15.73
C ASN A 38 13.43 34.79 16.54
N GLY A 39 13.51 34.26 17.76
CA GLY A 39 14.65 34.52 18.61
C GLY A 39 15.92 33.86 18.10
N PHE A 40 16.71 33.31 19.01
CA PHE A 40 17.95 32.65 18.65
C PHE A 40 17.93 31.18 19.07
N GLN A 41 18.54 30.33 18.25
CA GLN A 41 18.60 28.90 18.53
C GLN A 41 20.03 28.39 18.49
N ASN A 42 20.71 28.43 19.63
CA ASN A 42 22.09 27.98 19.72
C ASN A 42 22.17 26.57 20.31
N ASN A 43 21.20 26.25 21.17
CA ASN A 43 21.14 24.94 21.81
C ASN A 43 21.07 23.83 20.76
N ASN A 44 21.41 22.61 21.18
CA ASN A 44 21.38 21.46 20.28
C ASN A 44 20.76 20.25 20.97
N GLY A 45 20.15 19.37 20.17
CA GLY A 45 19.53 18.19 20.72
C GLY A 45 20.21 16.90 20.27
N PRO A 46 19.84 15.75 20.86
CA PRO A 46 20.44 14.47 20.50
C PRO A 46 20.39 14.20 19.00
N THR A 47 19.17 14.12 18.45
CA THR A 47 18.98 13.87 17.04
C THR A 47 17.71 14.54 16.53
N ARG A 48 17.51 14.50 15.21
CA ARG A 48 16.33 15.10 14.60
C ARG A 48 15.15 14.15 14.66
N ASN A 49 13.96 14.70 14.87
CA ASN A 49 12.74 13.90 14.94
C ASN A 49 12.16 13.67 13.55
N ASP A 50 12.31 12.44 13.05
CA ASP A 50 11.79 12.08 11.74
C ASP A 50 10.45 11.38 11.86
N GLN A 51 9.77 11.22 10.72
CA GLN A 51 8.46 10.56 10.70
C GLN A 51 8.26 9.83 9.36
N LEU A 52 8.62 8.55 9.33
CA LEU A 52 8.47 7.74 8.12
C LEU A 52 7.15 6.97 8.16
N GLY A 53 6.71 6.51 6.99
CA GLY A 53 5.47 5.76 6.92
C GLY A 53 5.61 4.48 6.11
N ALA A 54 4.98 3.41 6.58
CA ALA A 54 5.03 2.13 5.89
C ALA A 54 3.62 1.58 5.65
N GLY A 55 3.50 0.67 4.69
CA GLY A 55 2.21 0.08 4.40
C GLY A 55 2.31 -1.25 3.70
N ALA A 56 1.26 -2.07 3.84
CA ALA A 56 1.22 -3.38 3.21
C ALA A 56 0.15 -3.44 2.13
N PHE A 57 0.54 -3.85 0.93
CA PHE A 57 -0.39 -3.94 -0.18
C PHE A 57 -0.55 -5.39 -0.64
N GLY A 58 -1.80 -5.80 -0.84
CA GLY A 58 -2.07 -7.15 -1.28
C GLY A 58 -3.37 -7.24 -2.07
N GLY A 59 -3.28 -7.79 -3.28
CA GLY A 59 -4.47 -7.90 -4.11
C GLY A 59 -4.40 -9.09 -5.06
N TYR A 60 -5.43 -9.23 -5.89
CA TYR A 60 -5.49 -10.33 -6.85
C TYR A 60 -6.36 -9.96 -8.05
N GLN A 61 -6.09 -10.60 -9.18
CA GLN A 61 -6.85 -10.35 -10.40
C GLN A 61 -7.84 -11.48 -10.66
N VAL A 62 -9.07 -11.11 -11.06
CA VAL A 62 -10.10 -12.10 -11.31
C VAL A 62 -10.62 -11.97 -12.75
N ASN A 63 -10.96 -10.76 -13.15
CA ASN A 63 -11.46 -10.50 -14.49
C ASN A 63 -10.33 -10.04 -15.40
N PRO A 64 -10.35 -10.47 -16.67
CA PRO A 64 -9.31 -10.10 -17.65
C PRO A 64 -9.38 -8.62 -18.00
N TYR A 65 -9.12 -7.77 -17.00
CA TYR A 65 -9.17 -6.33 -17.21
C TYR A 65 -8.58 -5.57 -16.03
N LEU A 66 -8.83 -6.07 -14.82
CA LEU A 66 -8.32 -5.41 -13.61
C LEU A 66 -8.53 -6.29 -12.39
N GLY A 67 -7.82 -5.97 -11.31
CA GLY A 67 -7.95 -6.73 -10.08
C GLY A 67 -8.17 -5.85 -8.87
N PHE A 68 -8.36 -6.48 -7.71
CA PHE A 68 -8.59 -5.73 -6.47
C PHE A 68 -7.33 -5.73 -5.61
N GLU A 69 -7.03 -4.57 -5.01
CA GLU A 69 -5.85 -4.45 -4.16
C GLU A 69 -6.18 -3.72 -2.86
N MET A 70 -5.86 -4.35 -1.74
CA MET A 70 -6.11 -3.76 -0.43
C MET A 70 -4.81 -3.30 0.20
N GLY A 71 -4.81 -2.08 0.74
CA GLY A 71 -3.62 -1.55 1.37
C GLY A 71 -3.75 -1.45 2.87
N TYR A 72 -2.62 -1.38 3.56
CA TYR A 72 -2.61 -1.27 5.01
C TYR A 72 -1.67 -0.15 5.47
N ASP A 73 -2.25 0.88 6.07
CA ASP A 73 -1.46 2.02 6.54
C ASP A 73 -0.92 1.76 7.94
N TRP A 74 0.41 1.78 8.07
CA TRP A 74 1.06 1.55 9.35
C TRP A 74 2.24 2.51 9.55
N LEU A 75 2.41 2.99 10.78
CA LEU A 75 3.50 3.91 11.10
C LEU A 75 4.49 3.26 12.05
N GLY A 76 5.48 4.04 12.49
CA GLY A 76 6.49 3.52 13.40
C GLY A 76 6.32 4.06 14.80
N ARG A 77 7.41 4.02 15.58
CA ARG A 77 7.38 4.51 16.95
C ARG A 77 6.37 3.73 17.78
N MET A 78 6.86 2.89 18.68
CA MET A 78 6.00 2.09 19.55
C MET A 78 5.81 2.77 20.89
N ALA A 79 4.66 2.50 21.53
CA ALA A 79 4.36 3.09 22.83
C ALA A 79 3.97 2.01 23.83
N TYR A 80 4.52 2.10 25.04
CA TYR A 80 4.22 1.13 26.09
C TYR A 80 3.49 1.80 27.25
N LYS A 81 2.69 2.81 26.94
CA LYS A 81 1.94 3.53 27.96
C LYS A 81 0.51 3.03 28.03
N GLY A 82 0.28 1.95 28.78
CA GLY A 82 -1.04 1.40 28.91
C GLY A 82 -1.27 0.77 30.27
N SER A 83 -1.53 1.60 31.27
CA SER A 83 -1.77 1.12 32.63
C SER A 83 -2.95 1.84 33.26
N VAL A 84 -2.77 3.11 33.56
CA VAL A 84 -3.83 3.91 34.18
C VAL A 84 -3.85 5.32 33.61
N ASP A 85 -3.50 5.45 32.33
CA ASP A 85 -3.47 6.74 31.67
C ASP A 85 -3.48 6.57 30.15
N ASN A 86 -4.54 7.10 29.51
CA ASN A 86 -4.67 7.00 28.06
C ASN A 86 -4.02 8.20 27.37
N GLY A 87 -3.15 7.93 26.41
CA GLY A 87 -2.48 8.99 25.69
C GLY A 87 -1.38 8.47 24.77
N ALA A 88 -1.66 7.36 24.09
CA ALA A 88 -0.69 6.76 23.18
C ALA A 88 -1.24 6.74 21.76
N PHE A 89 -0.32 6.69 20.79
CA PHE A 89 -0.70 6.66 19.39
C PHE A 89 -0.99 5.23 18.92
N LYS A 90 -2.27 4.93 18.70
CA LYS A 90 -2.67 3.60 18.27
C LYS A 90 -3.77 3.69 17.20
N ALA A 91 -3.50 3.07 16.05
CA ALA A 91 -4.46 3.08 14.95
C ALA A 91 -4.06 2.09 13.87
N GLN A 92 -4.90 1.98 12.85
CA GLN A 92 -4.63 1.07 11.74
C GLN A 92 -5.35 1.54 10.47
N GLY A 93 -4.58 1.66 9.38
CA GLY A 93 -5.17 2.11 8.14
C GLY A 93 -5.51 0.97 7.20
N VAL A 94 -6.74 0.99 6.68
CA VAL A 94 -7.20 -0.04 5.76
C VAL A 94 -7.59 0.59 4.42
N GLN A 95 -6.91 0.19 3.36
CA GLN A 95 -7.16 0.75 2.03
C GLN A 95 -7.85 -0.26 1.11
N LEU A 96 -8.74 0.25 0.28
CA LEU A 96 -9.48 -0.58 -0.68
C LEU A 96 -9.45 0.10 -2.04
N THR A 97 -8.76 -0.52 -3.00
CA THR A 97 -8.66 0.06 -4.33
C THR A 97 -8.58 -1.01 -5.42
N ALA A 98 -8.52 -0.55 -6.66
CA ALA A 98 -8.43 -1.44 -7.81
C ALA A 98 -7.12 -1.20 -8.55
N LYS A 99 -6.45 -2.29 -8.93
CA LYS A 99 -5.18 -2.19 -9.63
C LYS A 99 -5.31 -2.65 -11.08
N LEU A 100 -4.78 -1.84 -11.99
CA LEU A 100 -4.82 -2.13 -13.41
C LEU A 100 -3.46 -1.87 -14.06
N GLY A 101 -2.92 -2.86 -14.73
CA GLY A 101 -1.62 -2.71 -15.37
C GLY A 101 -1.29 -3.84 -16.31
N TYR A 102 -0.04 -3.87 -16.77
CA TYR A 102 0.42 -4.90 -17.68
C TYR A 102 1.94 -5.07 -17.60
N PRO A 103 2.45 -6.27 -17.91
CA PRO A 103 3.88 -6.56 -17.85
C PRO A 103 4.61 -6.12 -19.12
N ILE A 104 5.94 -6.07 -19.03
CA ILE A 104 6.78 -5.68 -20.16
C ILE A 104 8.06 -6.52 -20.19
N THR A 105 8.46 -6.91 -21.39
CA THR A 105 9.65 -7.71 -21.58
C THR A 105 9.50 -9.09 -20.93
N ASP A 106 9.62 -9.12 -19.60
CA ASP A 106 9.50 -10.38 -18.86
C ASP A 106 9.72 -10.14 -17.36
N ASP A 107 10.60 -9.21 -17.03
CA ASP A 107 10.90 -8.91 -15.64
C ASP A 107 10.62 -7.43 -15.31
N LEU A 108 9.81 -6.79 -16.14
CA LEU A 108 9.47 -5.38 -15.94
C LEU A 108 7.98 -5.16 -16.22
N ASP A 109 7.23 -4.83 -15.17
CA ASP A 109 5.79 -4.61 -15.32
C ASP A 109 5.35 -3.29 -14.72
N ILE A 110 4.36 -2.65 -15.35
CA ILE A 110 3.83 -1.38 -14.87
C ILE A 110 2.38 -1.54 -14.42
N TYR A 111 2.00 -0.85 -13.35
CA TYR A 111 0.64 -0.95 -12.83
C TYR A 111 0.20 0.36 -12.17
N THR A 112 -1.11 0.54 -12.07
CA THR A 112 -1.69 1.73 -11.46
C THR A 112 -2.76 1.34 -10.44
N ARG A 113 -2.81 2.07 -9.33
CA ARG A 113 -3.78 1.79 -8.28
C ARG A 113 -4.68 3.00 -8.02
N LEU A 114 -5.99 2.77 -8.05
CA LEU A 114 -6.97 3.83 -7.82
C LEU A 114 -8.09 3.36 -6.90
N GLY A 115 -8.28 4.06 -5.78
CA GLY A 115 -9.32 3.70 -4.84
C GLY A 115 -9.41 4.66 -3.68
N GLY A 116 -9.65 4.13 -2.48
CA GLY A 116 -9.76 4.96 -1.30
C GLY A 116 -9.11 4.36 -0.07
N MET A 117 -8.94 5.18 0.96
CA MET A 117 -8.32 4.73 2.20
C MET A 117 -9.18 5.11 3.40
N VAL A 118 -9.26 4.21 4.39
CA VAL A 118 -10.05 4.45 5.59
C VAL A 118 -9.20 4.25 6.84
N TRP A 119 -9.00 5.35 7.58
CA TRP A 119 -8.21 5.29 8.80
C TRP A 119 -9.08 5.48 10.04
N ARG A 120 -8.87 4.63 11.04
CA ARG A 120 -9.64 4.71 12.28
C ARG A 120 -8.82 5.36 13.39
N ALA A 121 -9.50 6.12 14.24
CA ALA A 121 -8.83 6.80 15.35
C ALA A 121 -9.29 6.22 16.69
N ASP A 122 -8.35 6.16 17.64
CA ASP A 122 -8.65 5.63 18.96
C ASP A 122 -8.23 6.61 20.05
N SER A 123 -9.18 6.94 20.94
CA SER A 123 -8.91 7.87 22.02
C SER A 123 -9.91 7.70 23.16
N LYS A 124 -10.29 6.45 23.41
CA LYS A 124 -11.25 6.14 24.47
C LYS A 124 -10.81 4.92 25.26
N GLY A 125 -10.58 5.11 26.56
CA GLY A 125 -10.17 4.01 27.41
C GLY A 125 -10.20 4.37 28.88
N ASN A 126 -9.61 5.51 29.23
CA ASN A 126 -9.58 5.97 30.61
C ASN A 126 -10.77 6.87 30.91
N TYR A 127 -10.94 7.21 32.19
CA TYR A 127 -12.04 8.07 32.61
C TYR A 127 -11.84 9.49 32.11
N ALA A 128 -10.59 9.92 31.99
CA ALA A 128 -10.26 11.25 31.51
C ALA A 128 -10.50 11.38 30.01
N SER A 129 -10.42 12.60 29.50
CA SER A 129 -10.63 12.86 28.08
C SER A 129 -9.85 14.09 27.63
N THR A 130 -9.72 14.24 26.31
CA THR A 130 -9.00 15.37 25.75
C THR A 130 -9.95 16.31 25.01
N GLY A 131 -10.97 16.79 25.71
CA GLY A 131 -11.93 17.68 25.11
C GLY A 131 -12.60 18.59 26.12
N VAL A 132 -13.87 18.89 25.89
CA VAL A 132 -14.63 19.76 26.79
C VAL A 132 -15.70 18.97 27.54
N SER A 133 -16.39 18.10 26.81
CA SER A 133 -17.44 17.28 27.40
C SER A 133 -17.34 15.84 26.94
N ARG A 134 -17.17 15.64 25.64
CA ARG A 134 -17.05 14.31 25.06
C ARG A 134 -16.26 14.35 23.77
N SER A 135 -15.14 13.63 23.74
CA SER A 135 -14.30 13.57 22.54
C SER A 135 -15.05 12.96 21.36
N GLU A 136 -15.43 13.81 20.42
CA GLU A 136 -16.16 13.34 19.24
C GLU A 136 -15.33 12.35 18.44
N HIS A 137 -15.98 11.33 17.90
CA HIS A 137 -15.30 10.31 17.12
C HIS A 137 -14.64 10.92 15.89
N ASP A 138 -13.46 10.41 15.54
CA ASP A 138 -12.72 10.92 14.39
C ASP A 138 -12.43 9.80 13.40
N THR A 139 -12.64 10.07 12.11
CA THR A 139 -12.40 9.08 11.07
C THR A 139 -11.66 9.71 9.90
N GLY A 140 -10.60 9.04 9.46
CA GLY A 140 -9.80 9.55 8.35
C GLY A 140 -10.05 8.76 7.07
N VAL A 141 -11.04 9.19 6.30
CA VAL A 141 -11.36 8.51 5.04
C VAL A 141 -11.20 9.46 3.86
N SER A 142 -10.42 9.04 2.86
CA SER A 142 -10.18 9.86 1.69
C SER A 142 -9.75 9.01 0.50
N PRO A 143 -10.12 9.44 -0.73
CA PRO A 143 -9.76 8.73 -1.96
C PRO A 143 -8.33 9.00 -2.41
N VAL A 144 -7.69 7.99 -2.98
CA VAL A 144 -6.31 8.14 -3.45
C VAL A 144 -5.97 7.13 -4.54
N PHE A 145 -4.97 7.46 -5.35
CA PHE A 145 -4.54 6.58 -6.43
C PHE A 145 -3.04 6.74 -6.68
N ALA A 146 -2.32 5.62 -6.67
CA ALA A 146 -0.88 5.64 -6.90
C ALA A 146 -0.49 4.75 -8.07
N GLY A 147 0.51 5.18 -8.83
CA GLY A 147 0.96 4.40 -9.96
C GLY A 147 2.47 4.21 -9.97
N GLY A 148 2.93 3.07 -10.46
CA GLY A 148 4.35 2.81 -10.49
C GLY A 148 4.72 1.61 -11.35
N VAL A 149 5.94 1.12 -11.17
CA VAL A 149 6.41 -0.03 -11.93
C VAL A 149 6.99 -1.10 -11.01
N GLU A 150 7.21 -2.30 -11.55
CA GLU A 150 7.75 -3.40 -10.76
C GLU A 150 8.85 -4.14 -11.52
N TRP A 151 9.81 -4.68 -10.78
CA TRP A 151 10.92 -5.41 -11.37
C TRP A 151 11.12 -6.75 -10.68
N ALA A 152 11.06 -7.84 -11.44
CA ALA A 152 11.23 -9.17 -10.89
C ALA A 152 12.71 -9.56 -10.84
N VAL A 153 13.14 -10.04 -9.68
CA VAL A 153 14.53 -10.45 -9.49
C VAL A 153 14.63 -11.96 -9.21
N THR A 154 14.17 -12.35 -8.02
CA THR A 154 14.21 -13.75 -7.63
C THR A 154 12.87 -14.43 -7.88
N ARG A 155 12.77 -15.70 -7.49
CA ARG A 155 11.54 -16.46 -7.69
C ARG A 155 10.46 -15.99 -6.71
N ASP A 156 9.37 -15.47 -7.26
CA ASP A 156 8.25 -14.99 -6.44
C ASP A 156 8.68 -13.83 -5.55
N ILE A 157 9.76 -13.15 -5.94
CA ILE A 157 10.27 -12.02 -5.17
C ILE A 157 10.64 -10.86 -6.09
N ALA A 158 9.83 -9.81 -6.08
CA ALA A 158 10.08 -8.65 -6.92
C ALA A 158 9.93 -7.35 -6.15
N THR A 159 10.51 -6.28 -6.69
CA THR A 159 10.44 -4.97 -6.05
C THR A 159 9.75 -3.98 -6.98
N ARG A 160 9.00 -3.05 -6.42
CA ARG A 160 8.28 -2.07 -7.22
C ARG A 160 8.38 -0.66 -6.63
N LEU A 161 8.40 0.33 -7.52
CA LEU A 161 8.47 1.73 -7.12
C LEU A 161 7.17 2.44 -7.50
N GLU A 162 6.51 3.04 -6.52
CA GLU A 162 5.25 3.73 -6.75
C GLU A 162 5.41 5.24 -6.68
N TYR A 163 4.67 5.94 -7.53
CA TYR A 163 4.71 7.40 -7.58
C TYR A 163 3.29 7.98 -7.55
N GLN A 164 3.19 9.26 -7.26
CA GLN A 164 1.90 9.94 -7.20
C GLN A 164 1.76 10.95 -8.32
N TRP A 165 2.52 12.03 -8.24
CA TRP A 165 2.47 13.08 -9.26
C TRP A 165 3.70 13.00 -10.18
N VAL A 166 3.48 12.56 -11.41
CA VAL A 166 4.57 12.43 -12.38
C VAL A 166 4.10 12.82 -13.78
N ASN A 167 5.04 13.19 -14.63
CA ASN A 167 4.72 13.59 -16.00
C ASN A 167 4.90 12.41 -16.96
N ASN A 168 6.15 12.00 -17.15
CA ASN A 168 6.45 10.88 -18.05
C ASN A 168 7.37 9.87 -17.36
N ILE A 169 6.85 8.68 -17.12
CA ILE A 169 7.63 7.62 -16.47
C ILE A 169 8.47 6.86 -17.48
N GLY A 170 9.57 6.29 -17.02
CA GLY A 170 10.45 5.54 -17.89
C GLY A 170 11.55 4.81 -17.15
N ASP A 171 12.80 5.15 -17.43
CA ASP A 171 13.94 4.52 -16.79
C ASP A 171 14.65 5.51 -15.86
N ALA A 172 13.89 6.43 -15.29
CA ALA A 172 14.44 7.42 -14.38
C ALA A 172 13.45 7.78 -13.27
N GLY A 173 13.84 8.69 -12.40
CA GLY A 173 12.99 9.09 -11.30
C GLY A 173 13.37 10.45 -10.73
N THR A 174 13.21 11.50 -11.54
CA THR A 174 13.55 12.85 -11.11
C THR A 174 12.65 13.87 -11.78
N VAL A 175 11.54 14.19 -11.14
CA VAL A 175 10.60 15.17 -11.68
C VAL A 175 10.31 16.27 -10.67
N GLY A 176 10.05 15.88 -9.43
CA GLY A 176 9.77 16.85 -8.38
C GLY A 176 9.52 16.20 -7.04
N THR A 177 9.92 16.88 -5.98
CA THR A 177 9.73 16.38 -4.62
C THR A 177 9.50 17.51 -3.64
N ARG A 178 10.42 18.47 -3.62
CA ARG A 178 10.31 19.62 -2.73
C ARG A 178 9.20 20.56 -3.17
N PRO A 179 9.30 21.12 -4.39
CA PRO A 179 8.29 22.03 -4.93
C PRO A 179 7.01 21.31 -5.33
N ASP A 180 7.15 20.18 -6.01
CA ASP A 180 6.00 19.40 -6.45
C ASP A 180 5.40 18.62 -5.29
N ASN A 181 4.08 18.44 -5.32
CA ASN A 181 3.38 17.71 -4.27
C ASN A 181 3.07 16.28 -4.72
N GLY A 182 4.06 15.41 -4.60
CA GLY A 182 3.88 14.02 -4.98
C GLY A 182 4.18 13.05 -3.86
N MET A 183 4.33 11.78 -4.20
CA MET A 183 4.63 10.75 -3.21
C MET A 183 5.34 9.56 -3.85
N LEU A 184 6.61 9.38 -3.50
CA LEU A 184 7.40 8.28 -4.04
C LEU A 184 7.74 7.28 -2.94
N SER A 185 7.43 6.01 -3.17
CA SER A 185 7.70 4.97 -2.18
C SER A 185 8.30 3.73 -2.83
N LEU A 186 9.08 2.99 -2.06
CA LEU A 186 9.71 1.76 -2.55
C LEU A 186 9.25 0.57 -1.73
N GLY A 187 8.78 -0.48 -2.41
CA GLY A 187 8.32 -1.66 -1.70
C GLY A 187 8.65 -2.95 -2.41
N VAL A 188 8.49 -4.06 -1.71
CA VAL A 188 8.77 -5.38 -2.28
C VAL A 188 7.58 -6.31 -2.07
N SER A 189 7.26 -7.11 -3.08
CA SER A 189 6.13 -8.02 -3.00
C SER A 189 6.47 -9.40 -3.55
N TYR A 190 5.58 -10.35 -3.30
CA TYR A 190 5.76 -11.72 -3.77
C TYR A 190 4.48 -12.23 -4.43
N ARG A 191 4.62 -13.24 -5.28
CA ARG A 191 3.47 -13.81 -5.98
C ARG A 191 2.91 -15.00 -5.22
N PHE A 192 1.60 -15.03 -5.06
CA PHE A 192 0.93 -16.13 -4.35
C PHE A 192 0.19 -17.04 -5.32
N GLY A 193 0.66 -18.28 -5.43
CA GLY A 193 0.04 -19.23 -6.33
C GLY A 193 -0.16 -20.59 -5.69
N GLN A 194 -1.00 -21.42 -6.30
CA GLN A 194 -1.27 -22.75 -5.78
C GLN A 194 -0.55 -23.81 -6.61
N GLU A 195 0.46 -24.43 -6.01
CA GLU A 195 1.24 -25.46 -6.68
C GLU A 195 0.51 -26.80 -6.66
N ASP A 196 0.95 -27.73 -7.50
CA ASP A 196 0.33 -29.05 -7.58
C ASP A 196 1.39 -30.15 -7.44
N ALA A 197 1.13 -31.09 -6.53
CA ALA A 197 2.05 -32.19 -6.31
C ALA A 197 1.90 -33.27 -7.38
N ALA A 198 0.68 -33.41 -7.90
CA ALA A 198 0.40 -34.40 -8.92
C ALA A 198 0.33 -33.75 -10.30
N PRO A 199 1.44 -33.78 -11.07
CA PRO A 199 1.50 -33.19 -12.41
C PRO A 199 0.62 -33.93 -13.40
N VAL A 200 -0.62 -33.48 -13.54
CA VAL A 200 -1.57 -34.12 -14.45
C VAL A 200 -1.42 -33.56 -15.87
N VAL A 201 -0.92 -32.33 -15.97
CA VAL A 201 -0.74 -31.69 -17.27
C VAL A 201 0.67 -31.93 -17.81
N ALA A 202 1.37 -32.90 -17.24
CA ALA A 202 2.72 -33.23 -17.68
C ALA A 202 2.94 -34.75 -17.70
N PRO A 203 2.18 -35.48 -18.53
CA PRO A 203 2.29 -36.93 -18.64
C PRO A 203 3.73 -37.38 -18.93
N ALA A 204 3.89 -38.66 -19.26
CA ALA A 204 5.20 -39.23 -19.56
C ALA A 204 5.24 -39.79 -20.98
N PRO A 205 6.06 -39.21 -21.87
CA PRO A 205 6.18 -39.67 -23.25
C PRO A 205 6.84 -41.04 -23.35
N ALA A 206 6.55 -41.75 -24.43
CA ALA A 206 7.12 -43.08 -24.65
C ALA A 206 8.62 -43.00 -24.96
N PRO A 207 8.99 -42.32 -26.06
CA PRO A 207 10.40 -42.18 -26.45
C PRO A 207 11.20 -41.36 -25.44
N ALA A 208 12.43 -41.78 -25.19
CA ALA A 208 13.30 -41.09 -24.25
C ALA A 208 14.31 -40.20 -24.98
N PRO A 209 14.93 -39.25 -24.26
CA PRO A 209 15.92 -38.34 -24.85
C PRO A 209 17.04 -39.09 -25.55
N GLU A 210 17.54 -40.15 -24.91
CA GLU A 210 18.60 -40.96 -25.48
C GLU A 210 18.18 -41.59 -26.80
N ALA A 1 -9.90 -58.31 -14.50
CA ALA A 1 -10.68 -57.24 -15.17
C ALA A 1 -9.85 -56.53 -16.23
N ARG A 2 -10.54 -55.83 -17.13
CA ARG A 2 -9.87 -55.09 -18.19
C ARG A 2 -9.86 -53.60 -17.90
N ILE A 3 -10.90 -53.13 -17.22
CA ILE A 3 -11.02 -51.71 -16.88
C ILE A 3 -10.39 -51.42 -15.52
N MET A 4 -9.60 -50.36 -15.45
CA MET A 4 -8.93 -49.98 -14.21
C MET A 4 -8.45 -48.54 -14.27
N LYS A 5 -7.71 -48.21 -15.32
CA LYS A 5 -7.19 -46.85 -15.50
C LYS A 5 -8.12 -46.02 -16.39
N ALA A 6 -8.83 -45.09 -15.78
CA ALA A 6 -9.75 -44.24 -16.50
C ALA A 6 -9.20 -42.83 -16.65
N ILE A 7 -8.99 -42.15 -15.52
CA ILE A 7 -8.45 -40.79 -15.52
C ILE A 7 -7.18 -40.71 -14.70
N PHE A 8 -6.36 -39.69 -14.99
CA PHE A 8 -5.11 -39.50 -14.27
C PHE A 8 -5.06 -38.11 -13.63
N VAL A 9 -4.21 -37.97 -12.61
CA VAL A 9 -4.08 -36.69 -11.91
C VAL A 9 -3.29 -35.69 -12.74
N LEU A 10 -3.86 -34.50 -12.91
CA LEU A 10 -3.22 -33.44 -13.69
C LEU A 10 -3.47 -32.07 -13.06
N ASN A 11 -2.76 -31.06 -13.55
CA ASN A 11 -2.92 -29.71 -13.04
C ASN A 11 -4.00 -28.96 -13.81
N ALA A 12 -4.66 -28.02 -13.14
CA ALA A 12 -5.72 -27.24 -13.75
C ALA A 12 -5.18 -26.36 -14.87
N ALA A 13 -6.06 -25.96 -15.79
CA ALA A 13 -5.67 -25.12 -16.91
C ALA A 13 -5.74 -23.63 -16.53
N PRO A 14 -6.90 -23.19 -16.00
CA PRO A 14 -7.09 -21.79 -15.60
C PRO A 14 -6.02 -21.32 -14.62
N LYS A 15 -5.01 -20.63 -15.14
CA LYS A 15 -3.92 -20.13 -14.31
C LYS A 15 -3.64 -18.67 -14.62
N ASP A 16 -4.70 -17.93 -14.94
CA ASP A 16 -4.57 -16.50 -15.25
C ASP A 16 -4.70 -15.65 -13.98
N ASN A 17 -5.52 -16.11 -13.05
CA ASN A 17 -5.72 -15.40 -11.79
C ASN A 17 -4.68 -15.79 -10.76
N THR A 18 -4.16 -14.80 -10.04
CA THR A 18 -3.15 -15.05 -9.02
C THR A 18 -3.27 -14.03 -7.88
N TRP A 19 -2.56 -14.29 -6.80
CA TRP A 19 -2.59 -13.41 -5.63
C TRP A 19 -1.21 -12.81 -5.36
N TYR A 20 -1.18 -11.50 -5.15
CA TYR A 20 0.07 -10.80 -4.88
C TYR A 20 0.01 -10.10 -3.52
N ALA A 21 1.09 -10.22 -2.75
CA ALA A 21 1.14 -9.61 -1.43
C ALA A 21 2.48 -8.93 -1.18
N GLY A 22 2.45 -7.77 -0.54
CA GLY A 22 3.67 -7.04 -0.25
C GLY A 22 3.40 -5.73 0.46
N GLY A 23 4.39 -4.85 0.47
CA GLY A 23 4.25 -3.56 1.13
C GLY A 23 5.29 -2.56 0.69
N LYS A 24 5.01 -1.28 0.93
CA LYS A 24 5.94 -0.22 0.55
C LYS A 24 6.09 0.80 1.68
N LEU A 25 7.17 1.58 1.62
CA LEU A 25 7.44 2.59 2.62
C LEU A 25 7.79 3.92 1.96
N GLY A 26 7.45 5.01 2.64
CA GLY A 26 7.73 6.34 2.11
C GLY A 26 7.76 7.40 3.19
N TRP A 27 8.06 8.63 2.80
CA TRP A 27 8.13 9.74 3.73
C TRP A 27 7.59 11.02 3.11
N SER A 28 6.88 11.80 3.92
CA SER A 28 6.29 13.06 3.45
C SER A 28 7.15 14.25 3.89
N GLN A 29 7.68 14.98 2.91
CA GLN A 29 8.52 16.14 3.20
C GLN A 29 8.23 17.27 2.21
N TYR A 30 8.43 18.51 2.66
CA TYR A 30 8.20 19.68 1.81
C TYR A 30 9.30 20.72 2.00
N HIS A 31 10.23 20.74 1.06
CA HIS A 31 11.34 21.69 1.12
C HIS A 31 11.00 22.98 0.37
N ASP A 32 11.73 24.04 0.67
CA ASP A 32 11.51 25.33 0.03
C ASP A 32 12.67 25.67 -0.90
N THR A 33 12.40 26.51 -1.90
CA THR A 33 13.42 26.93 -2.85
C THR A 33 14.05 28.25 -2.43
N GLY A 34 15.38 28.24 -2.26
CA GLY A 34 16.09 29.43 -1.86
C GLY A 34 16.35 29.48 -0.37
N PHE A 35 16.47 28.31 0.24
CA PHE A 35 16.72 28.22 1.67
C PHE A 35 17.64 27.04 1.99
N TYR A 36 18.63 27.28 2.84
CA TYR A 36 19.57 26.23 3.23
C TYR A 36 20.36 26.64 4.47
N GLY A 37 20.74 25.67 5.28
CA GLY A 37 21.49 25.95 6.48
C GLY A 37 22.27 24.74 6.97
N ASN A 38 23.58 24.91 7.14
CA ASN A 38 24.44 23.83 7.61
C ASN A 38 25.01 24.15 8.99
N GLY A 39 24.27 24.90 9.78
CA GLY A 39 24.73 25.27 11.10
C GLY A 39 23.99 24.52 12.20
N PHE A 40 24.60 24.46 13.38
CA PHE A 40 23.99 23.77 14.52
C PHE A 40 22.86 24.61 15.12
N GLN A 41 21.65 24.07 15.08
CA GLN A 41 20.48 24.77 15.62
C GLN A 41 19.54 23.79 16.33
N ASN A 42 19.80 23.55 17.61
CA ASN A 42 18.97 22.63 18.39
C ASN A 42 17.57 23.20 18.60
N ASN A 43 17.50 24.52 18.80
CA ASN A 43 16.21 25.18 19.01
C ASN A 43 16.20 26.54 18.31
N ASN A 44 15.78 26.53 17.05
CA ASN A 44 15.70 27.77 16.27
C ASN A 44 14.40 27.82 15.47
N GLY A 45 14.23 26.86 14.56
CA GLY A 45 13.03 26.82 13.74
C GLY A 45 12.75 25.44 13.20
N PRO A 46 11.53 24.90 13.43
CA PRO A 46 11.16 23.57 12.95
C PRO A 46 11.38 23.40 11.45
N THR A 47 12.55 22.92 11.08
CA THR A 47 12.89 22.72 9.67
C THR A 47 12.70 21.26 9.27
N ARG A 48 13.08 20.34 10.15
CA ARG A 48 12.96 18.92 9.89
C ARG A 48 11.50 18.48 9.96
N ASN A 49 11.06 17.73 8.95
CA ASN A 49 9.69 17.25 8.90
C ASN A 49 9.65 15.72 9.01
N ASP A 50 9.37 15.23 10.21
CA ASP A 50 9.29 13.79 10.45
C ASP A 50 7.93 13.24 10.04
N GLN A 51 7.92 12.42 8.99
CA GLN A 51 6.69 11.83 8.50
C GLN A 51 6.96 10.47 7.85
N LEU A 52 7.14 9.45 8.68
CA LEU A 52 7.41 8.10 8.18
C LEU A 52 6.11 7.33 7.99
N GLY A 53 5.94 6.74 6.81
CA GLY A 53 4.73 5.98 6.54
C GLY A 53 5.02 4.64 5.88
N ALA A 54 4.48 3.58 6.45
CA ALA A 54 4.68 2.24 5.93
C ALA A 54 3.36 1.48 5.83
N GLY A 55 3.12 0.86 4.69
CA GLY A 55 1.89 0.11 4.49
C GLY A 55 2.08 -1.16 3.70
N ALA A 56 1.16 -2.10 3.87
CA ALA A 56 1.23 -3.37 3.15
C ALA A 56 -0.08 -3.64 2.40
N PHE A 57 0.03 -4.07 1.15
CA PHE A 57 -1.15 -4.36 0.35
C PHE A 57 -0.95 -5.59 -0.54
N GLY A 58 -2.06 -6.09 -1.07
CA GLY A 58 -2.01 -7.25 -1.94
C GLY A 58 -2.96 -7.12 -3.11
N GLY A 59 -2.55 -7.58 -4.27
CA GLY A 59 -3.39 -7.50 -5.45
C GLY A 59 -3.82 -8.85 -5.97
N TYR A 60 -5.05 -8.93 -6.46
CA TYR A 60 -5.59 -10.18 -7.00
C TYR A 60 -6.51 -9.90 -8.17
N GLN A 61 -6.17 -10.47 -9.33
CA GLN A 61 -6.96 -10.28 -10.54
C GLN A 61 -7.98 -11.40 -10.70
N VAL A 62 -9.20 -11.03 -11.08
CA VAL A 62 -10.27 -12.00 -11.28
C VAL A 62 -10.85 -11.89 -12.69
N ASN A 63 -11.09 -10.66 -13.13
CA ASN A 63 -11.63 -10.42 -14.46
C ASN A 63 -10.52 -9.95 -15.40
N PRO A 64 -10.43 -10.53 -16.62
CA PRO A 64 -9.41 -10.17 -17.59
C PRO A 64 -9.49 -8.69 -17.98
N TYR A 65 -8.98 -7.82 -17.11
CA TYR A 65 -8.98 -6.38 -17.36
C TYR A 65 -8.39 -5.61 -16.19
N LEU A 66 -8.64 -6.10 -14.97
CA LEU A 66 -8.11 -5.45 -13.77
C LEU A 66 -8.36 -6.29 -12.53
N GLY A 67 -7.66 -5.97 -11.45
CA GLY A 67 -7.82 -6.72 -10.22
C GLY A 67 -8.04 -5.82 -9.02
N PHE A 68 -8.35 -6.41 -7.87
CA PHE A 68 -8.59 -5.65 -6.65
C PHE A 68 -7.34 -5.61 -5.79
N GLU A 69 -7.09 -4.46 -5.17
CA GLU A 69 -5.91 -4.30 -4.32
C GLU A 69 -6.29 -3.80 -2.94
N MET A 70 -5.95 -4.59 -1.92
CA MET A 70 -6.23 -4.22 -0.54
C MET A 70 -4.95 -3.80 0.17
N GLY A 71 -5.02 -2.76 0.97
CA GLY A 71 -3.84 -2.28 1.67
C GLY A 71 -4.07 -2.01 3.14
N TYR A 72 -2.97 -1.85 3.86
CA TYR A 72 -3.02 -1.58 5.30
C TYR A 72 -2.02 -0.50 5.67
N ASP A 73 -2.54 0.64 6.13
CA ASP A 73 -1.69 1.76 6.52
C ASP A 73 -1.13 1.58 7.92
N TRP A 74 0.19 1.74 8.06
CA TRP A 74 0.85 1.60 9.34
C TRP A 74 1.86 2.73 9.56
N LEU A 75 1.85 3.28 10.77
CA LEU A 75 2.76 4.37 11.11
C LEU A 75 3.19 4.29 12.57
N GLY A 76 4.26 5.00 12.91
CA GLY A 76 4.76 5.00 14.28
C GLY A 76 6.13 5.63 14.40
N ARG A 77 6.20 6.77 15.07
CA ARG A 77 7.45 7.48 15.26
C ARG A 77 7.50 8.16 16.62
N MET A 78 8.71 8.44 17.09
CA MET A 78 8.88 9.09 18.39
C MET A 78 9.20 10.58 18.20
N ALA A 79 8.17 11.42 18.33
CA ALA A 79 8.33 12.85 18.18
C ALA A 79 7.18 13.61 18.82
N TYR A 80 6.63 13.04 19.90
CA TYR A 80 5.51 13.66 20.61
C TYR A 80 5.88 13.94 22.05
N LYS A 81 5.43 15.08 22.57
CA LYS A 81 5.71 15.46 23.94
C LYS A 81 4.56 15.09 24.86
N GLY A 82 4.64 13.89 25.44
CA GLY A 82 3.60 13.43 26.34
C GLY A 82 4.07 13.28 27.77
N SER A 83 3.15 13.07 28.69
CA SER A 83 3.49 12.91 30.10
C SER A 83 2.28 12.41 30.90
N VAL A 84 1.15 13.10 30.74
CA VAL A 84 -0.07 12.73 31.44
C VAL A 84 -1.27 12.70 30.49
N ASP A 85 -1.98 11.58 30.48
CA ASP A 85 -3.14 11.42 29.62
C ASP A 85 -3.83 10.08 29.87
N ASN A 86 -4.99 9.89 29.24
CA ASN A 86 -5.74 8.65 29.40
C ASN A 86 -6.07 8.04 28.04
N GLY A 87 -5.47 6.90 27.76
CA GLY A 87 -5.71 6.23 26.49
C GLY A 87 -4.45 6.03 25.69
N ALA A 88 -3.95 4.80 25.64
CA ALA A 88 -2.75 4.48 24.90
C ALA A 88 -2.99 3.36 23.89
N PHE A 89 -3.75 3.66 22.85
CA PHE A 89 -4.06 2.69 21.81
C PHE A 89 -3.36 3.03 20.50
N LYS A 90 -3.10 2.01 19.70
CA LYS A 90 -2.43 2.21 18.41
C LYS A 90 -3.44 2.50 17.32
N ALA A 91 -2.96 2.65 16.09
CA ALA A 91 -3.82 2.94 14.95
C ALA A 91 -3.64 1.89 13.85
N GLN A 92 -4.60 1.85 12.93
CA GLN A 92 -4.55 0.90 11.82
C GLN A 92 -5.39 1.41 10.65
N GLY A 93 -4.77 1.50 9.48
CA GLY A 93 -5.49 1.97 8.32
C GLY A 93 -5.83 0.86 7.34
N VAL A 94 -7.02 0.94 6.76
CA VAL A 94 -7.48 -0.05 5.78
C VAL A 94 -7.68 0.60 4.43
N GLN A 95 -6.98 0.09 3.42
CA GLN A 95 -7.08 0.65 2.08
C GLN A 95 -7.83 -0.27 1.13
N LEU A 96 -8.59 0.35 0.22
CA LEU A 96 -9.38 -0.39 -0.77
C LEU A 96 -9.26 0.28 -2.13
N THR A 97 -8.64 -0.39 -3.09
CA THR A 97 -8.46 0.18 -4.41
C THR A 97 -8.31 -0.90 -5.48
N ALA A 98 -8.41 -0.48 -6.74
CA ALA A 98 -8.27 -1.40 -7.87
C ALA A 98 -6.92 -1.20 -8.54
N LYS A 99 -6.28 -2.29 -8.93
CA LYS A 99 -4.98 -2.22 -9.59
C LYS A 99 -5.02 -2.80 -10.99
N LEU A 100 -4.45 -2.06 -11.94
CA LEU A 100 -4.41 -2.51 -13.33
C LEU A 100 -3.02 -2.30 -13.92
N GLY A 101 -2.45 -3.36 -14.48
CA GLY A 101 -1.12 -3.28 -15.07
C GLY A 101 -0.77 -4.50 -15.90
N TYR A 102 0.44 -4.51 -16.44
CA TYR A 102 0.90 -5.63 -17.26
C TYR A 102 2.40 -5.58 -17.47
N PRO A 103 3.03 -6.73 -17.82
CA PRO A 103 4.47 -6.81 -18.06
C PRO A 103 4.92 -5.91 -19.20
N ILE A 104 6.23 -5.79 -19.39
CA ILE A 104 6.77 -4.96 -20.45
C ILE A 104 7.70 -5.75 -21.35
N THR A 105 8.48 -6.65 -20.76
CA THR A 105 9.42 -7.46 -21.53
C THR A 105 9.45 -8.90 -21.00
N ASP A 106 9.53 -9.05 -19.68
CA ASP A 106 9.56 -10.37 -19.06
C ASP A 106 9.39 -10.27 -17.55
N ASP A 107 10.40 -9.71 -16.88
CA ASP A 107 10.36 -9.56 -15.43
C ASP A 107 10.16 -8.11 -15.02
N LEU A 108 9.52 -7.33 -15.89
CA LEU A 108 9.27 -5.92 -15.62
C LEU A 108 7.84 -5.56 -16.03
N ASP A 109 7.06 -5.05 -15.08
CA ASP A 109 5.68 -4.69 -15.36
C ASP A 109 5.31 -3.34 -14.77
N ILE A 110 4.29 -2.71 -15.36
CA ILE A 110 3.81 -1.41 -14.90
C ILE A 110 2.33 -1.50 -14.52
N TYR A 111 1.96 -0.85 -13.42
CA TYR A 111 0.57 -0.89 -12.96
C TYR A 111 0.21 0.39 -12.20
N THR A 112 -1.09 0.61 -12.04
CA THR A 112 -1.60 1.78 -11.32
C THR A 112 -2.75 1.38 -10.41
N ARG A 113 -2.85 2.05 -9.27
CA ARG A 113 -3.91 1.76 -8.31
C ARG A 113 -4.78 3.00 -8.06
N LEU A 114 -6.09 2.82 -8.21
CA LEU A 114 -7.05 3.90 -7.99
C LEU A 114 -8.12 3.48 -7.01
N GLY A 115 -8.27 4.24 -5.92
CA GLY A 115 -9.28 3.91 -4.91
C GLY A 115 -9.25 4.89 -3.75
N GLY A 116 -9.26 4.36 -2.53
CA GLY A 116 -9.25 5.22 -1.37
C GLY A 116 -8.71 4.53 -0.13
N MET A 117 -8.45 5.30 0.92
CA MET A 117 -7.93 4.77 2.16
C MET A 117 -8.82 5.18 3.34
N VAL A 118 -9.01 4.25 4.27
CA VAL A 118 -9.84 4.50 5.44
C VAL A 118 -9.14 4.02 6.71
N TRP A 119 -8.87 4.94 7.62
CA TRP A 119 -8.20 4.61 8.87
C TRP A 119 -8.85 5.33 10.06
N ARG A 120 -8.36 5.04 11.25
CA ARG A 120 -8.89 5.66 12.46
C ARG A 120 -7.80 5.81 13.52
N ALA A 121 -7.94 6.82 14.37
CA ALA A 121 -6.96 7.06 15.42
C ALA A 121 -7.53 7.98 16.50
N ASP A 122 -6.87 8.05 17.64
CA ASP A 122 -7.31 8.88 18.75
C ASP A 122 -6.77 10.30 18.61
N SER A 123 -7.45 11.25 19.23
CA SER A 123 -7.03 12.65 19.17
C SER A 123 -7.41 13.38 20.46
N LYS A 124 -8.67 13.20 20.89
CA LYS A 124 -9.15 13.84 22.10
C LYS A 124 -9.18 12.86 23.26
N GLY A 125 -8.39 13.15 24.29
CA GLY A 125 -8.35 12.28 25.46
C GLY A 125 -8.99 12.90 26.68
N ASN A 126 -8.27 13.83 27.31
CA ASN A 126 -8.78 14.51 28.50
C ASN A 126 -8.72 16.03 28.32
N TYR A 127 -8.93 16.48 27.09
CA TYR A 127 -8.90 17.91 26.79
C TYR A 127 -10.31 18.49 26.75
N ALA A 128 -11.18 17.98 27.62
CA ALA A 128 -12.56 18.44 27.67
C ALA A 128 -12.84 19.16 28.99
N SER A 129 -14.12 19.46 29.23
CA SER A 129 -14.52 20.15 30.46
C SER A 129 -16.01 19.94 30.73
N THR A 130 -16.82 20.10 29.70
CA THR A 130 -18.26 19.92 29.83
C THR A 130 -18.68 18.50 29.50
N GLY A 131 -17.94 17.87 28.59
CA GLY A 131 -18.24 16.51 28.20
C GLY A 131 -17.33 15.49 28.87
N VAL A 132 -17.92 14.59 29.63
CA VAL A 132 -17.16 13.56 30.33
C VAL A 132 -17.64 12.16 29.96
N SER A 133 -18.96 11.99 29.91
CA SER A 133 -19.54 10.70 29.58
C SER A 133 -19.86 10.63 28.08
N ARG A 134 -20.35 11.73 27.53
CA ARG A 134 -20.68 11.79 26.11
C ARG A 134 -19.46 12.15 25.27
N SER A 135 -18.93 11.16 24.56
CA SER A 135 -17.76 11.36 23.72
C SER A 135 -17.83 10.50 22.46
N GLU A 136 -17.10 10.92 21.42
CA GLU A 136 -17.08 10.17 20.17
C GLU A 136 -15.65 9.97 19.68
N HIS A 137 -15.49 9.10 18.68
CA HIS A 137 -14.18 8.83 18.12
C HIS A 137 -14.02 9.47 16.75
N ASP A 138 -12.77 9.77 16.39
CA ASP A 138 -12.48 10.39 15.10
C ASP A 138 -12.09 9.34 14.07
N THR A 139 -12.38 9.62 12.80
CA THR A 139 -12.05 8.71 11.72
C THR A 139 -11.55 9.45 10.50
N GLY A 140 -10.50 8.91 9.86
CA GLY A 140 -9.94 9.54 8.68
C GLY A 140 -10.16 8.73 7.43
N VAL A 141 -10.71 9.37 6.39
CA VAL A 141 -10.97 8.68 5.13
C VAL A 141 -10.78 9.63 3.95
N SER A 142 -10.02 9.17 2.95
CA SER A 142 -9.77 9.99 1.76
C SER A 142 -9.40 9.12 0.56
N PRO A 143 -9.88 9.49 -0.64
CA PRO A 143 -9.59 8.74 -1.87
C PRO A 143 -8.20 9.06 -2.41
N VAL A 144 -7.59 8.08 -3.08
CA VAL A 144 -6.25 8.29 -3.65
C VAL A 144 -5.99 7.33 -4.81
N PHE A 145 -5.04 7.71 -5.66
CA PHE A 145 -4.67 6.90 -6.81
C PHE A 145 -3.19 7.10 -7.14
N ALA A 146 -2.42 6.02 -7.08
CA ALA A 146 -0.99 6.10 -7.37
C ALA A 146 -0.57 5.07 -8.41
N GLY A 147 0.57 5.31 -9.05
CA GLY A 147 1.06 4.39 -10.05
C GLY A 147 2.52 4.05 -9.84
N GLY A 148 2.93 2.86 -10.27
CA GLY A 148 4.31 2.45 -10.11
C GLY A 148 4.70 1.29 -11.01
N VAL A 149 5.93 0.83 -10.87
CA VAL A 149 6.44 -0.28 -11.66
C VAL A 149 7.04 -1.36 -10.78
N GLU A 150 7.05 -2.59 -11.28
CA GLU A 150 7.60 -3.72 -10.52
C GLU A 150 8.67 -4.44 -11.32
N TRP A 151 9.73 -4.85 -10.63
CA TRP A 151 10.83 -5.57 -11.27
C TRP A 151 11.20 -6.82 -10.48
N ALA A 152 11.25 -7.95 -11.16
CA ALA A 152 11.59 -9.22 -10.52
C ALA A 152 13.10 -9.40 -10.39
N VAL A 153 13.54 -9.88 -9.23
CA VAL A 153 14.96 -10.10 -8.99
C VAL A 153 15.30 -11.58 -9.06
N THR A 154 14.78 -12.35 -8.11
CA THR A 154 15.02 -13.78 -8.06
C THR A 154 14.11 -14.52 -9.03
N ARG A 155 12.85 -14.69 -8.64
CA ARG A 155 11.88 -15.38 -9.47
C ARG A 155 10.48 -15.30 -8.87
N ASP A 156 10.41 -15.39 -7.54
CA ASP A 156 9.13 -15.34 -6.84
C ASP A 156 8.94 -14.00 -6.14
N ILE A 157 10.04 -13.32 -5.81
CA ILE A 157 9.97 -12.04 -5.13
C ILE A 157 10.47 -10.91 -6.03
N ALA A 158 9.73 -9.81 -6.03
CA ALA A 158 10.09 -8.66 -6.85
C ALA A 158 9.93 -7.36 -6.07
N THR A 159 10.52 -6.29 -6.59
CA THR A 159 10.46 -4.97 -5.95
C THR A 159 9.77 -3.98 -6.88
N ARG A 160 9.01 -3.05 -6.30
CA ARG A 160 8.30 -2.06 -7.11
C ARG A 160 8.38 -0.67 -6.50
N LEU A 161 8.30 0.33 -7.37
CA LEU A 161 8.34 1.73 -6.96
C LEU A 161 7.02 2.41 -7.34
N GLU A 162 6.37 3.02 -6.36
CA GLU A 162 5.10 3.69 -6.59
C GLU A 162 5.18 5.19 -6.31
N TYR A 163 4.59 5.98 -7.20
CA TYR A 163 4.58 7.44 -7.05
C TYR A 163 3.19 7.99 -7.30
N GLN A 164 2.89 9.13 -6.68
CA GLN A 164 1.58 9.76 -6.83
C GLN A 164 1.63 10.83 -7.93
N TRP A 165 0.88 10.58 -9.00
CA TRP A 165 0.83 11.52 -10.13
C TRP A 165 -0.47 12.32 -10.11
N VAL A 166 -0.35 13.63 -10.27
CA VAL A 166 -1.51 14.51 -10.29
C VAL A 166 -1.37 15.60 -11.34
N ASN A 167 -0.21 16.23 -11.38
CA ASN A 167 0.06 17.29 -12.34
C ASN A 167 1.27 16.95 -13.20
N ASN A 168 1.03 16.69 -14.48
CA ASN A 168 2.10 16.36 -15.41
C ASN A 168 2.56 17.59 -16.19
N ILE A 169 2.65 18.72 -15.50
CA ILE A 169 3.08 19.96 -16.11
C ILE A 169 3.79 20.86 -15.12
N GLY A 170 5.09 21.07 -15.33
CA GLY A 170 5.87 21.90 -14.43
C GLY A 170 5.75 23.38 -14.77
N ASP A 171 6.28 24.22 -13.89
CA ASP A 171 6.24 25.67 -14.10
C ASP A 171 7.43 26.14 -14.93
N ALA A 172 7.41 27.40 -15.33
CA ALA A 172 8.49 27.98 -16.13
C ALA A 172 8.88 29.35 -15.62
N GLY A 173 10.16 29.49 -15.25
CA GLY A 173 10.64 30.76 -14.74
C GLY A 173 12.10 30.99 -15.07
N THR A 174 12.95 30.05 -14.68
CA THR A 174 14.38 30.16 -14.94
C THR A 174 14.99 28.78 -15.22
N VAL A 175 14.79 27.86 -14.28
CA VAL A 175 15.33 26.50 -14.43
C VAL A 175 14.53 25.52 -13.59
N GLY A 176 14.46 24.28 -14.06
CA GLY A 176 13.72 23.25 -13.34
C GLY A 176 14.43 21.90 -13.37
N THR A 177 13.75 20.87 -12.87
CA THR A 177 14.33 19.54 -12.84
C THR A 177 13.25 18.48 -13.10
N ARG A 178 12.32 18.35 -12.17
CA ARG A 178 11.23 17.37 -12.30
C ARG A 178 9.89 18.03 -11.99
N PRO A 179 8.96 18.03 -12.97
CA PRO A 179 7.62 18.62 -12.79
C PRO A 179 6.89 18.04 -11.58
N ASP A 180 7.13 18.63 -10.41
CA ASP A 180 6.50 18.17 -9.18
C ASP A 180 6.83 16.70 -8.91
N ASN A 181 6.27 16.17 -7.82
CA ASN A 181 6.50 14.78 -7.45
C ASN A 181 5.29 14.20 -6.73
N GLY A 182 4.94 14.82 -5.60
CA GLY A 182 3.80 14.35 -4.83
C GLY A 182 4.20 13.42 -3.71
N MET A 183 4.06 12.12 -3.93
CA MET A 183 4.41 11.12 -2.92
C MET A 183 5.02 9.88 -3.58
N LEU A 184 6.25 9.56 -3.19
CA LEU A 184 6.94 8.40 -3.72
C LEU A 184 7.30 7.41 -2.61
N SER A 185 7.20 6.12 -2.91
CA SER A 185 7.50 5.08 -1.93
C SER A 185 8.06 3.83 -2.60
N LEU A 186 8.86 3.08 -1.86
CA LEU A 186 9.45 1.85 -2.37
C LEU A 186 8.96 0.65 -1.58
N GLY A 187 8.60 -0.43 -2.28
CA GLY A 187 8.11 -1.61 -1.60
C GLY A 187 8.47 -2.90 -2.31
N VAL A 188 8.23 -4.01 -1.63
CA VAL A 188 8.52 -5.33 -2.19
C VAL A 188 7.32 -6.27 -2.01
N SER A 189 7.13 -7.19 -2.95
CA SER A 189 6.01 -8.12 -2.88
C SER A 189 6.34 -9.44 -3.58
N TYR A 190 5.43 -10.39 -3.48
CA TYR A 190 5.61 -11.69 -4.09
C TYR A 190 4.26 -12.25 -4.57
N ARG A 191 4.32 -13.16 -5.55
CA ARG A 191 3.11 -13.77 -6.10
C ARG A 191 2.88 -15.15 -5.49
N PHE A 192 1.61 -15.50 -5.33
CA PHE A 192 1.24 -16.79 -4.77
C PHE A 192 1.31 -17.89 -5.83
N GLY A 193 2.34 -18.72 -5.74
CA GLY A 193 2.50 -19.81 -6.69
C GLY A 193 3.04 -21.06 -6.05
N GLN A 194 2.65 -22.22 -6.59
CA GLN A 194 3.11 -23.50 -6.06
C GLN A 194 4.07 -24.17 -7.04
N GLU A 195 5.24 -24.56 -6.53
CA GLU A 195 6.25 -25.21 -7.35
C GLU A 195 6.33 -26.70 -7.03
N ASP A 196 6.30 -27.02 -5.75
CA ASP A 196 6.35 -28.42 -5.31
C ASP A 196 5.07 -28.83 -4.62
N ALA A 197 4.18 -29.48 -5.37
CA ALA A 197 2.90 -29.93 -4.82
C ALA A 197 2.96 -31.40 -4.43
N ALA A 198 3.99 -31.76 -3.66
CA ALA A 198 4.16 -33.14 -3.21
C ALA A 198 3.17 -33.48 -2.11
N PRO A 199 3.01 -34.79 -1.80
CA PRO A 199 2.08 -35.24 -0.76
C PRO A 199 2.52 -34.82 0.63
N VAL A 200 1.99 -33.69 1.10
CA VAL A 200 2.33 -33.17 2.42
C VAL A 200 1.11 -33.12 3.32
N VAL A 201 1.35 -33.09 4.63
CA VAL A 201 0.26 -33.05 5.60
C VAL A 201 0.12 -31.65 6.19
N ALA A 202 -0.06 -30.66 5.32
CA ALA A 202 -0.21 -29.27 5.76
C ALA A 202 -1.67 -28.85 5.73
N PRO A 203 -2.31 -28.72 6.91
CA PRO A 203 -3.72 -28.31 7.01
C PRO A 203 -3.99 -26.99 6.30
N ALA A 204 -5.26 -26.67 6.12
CA ALA A 204 -5.66 -25.44 5.45
C ALA A 204 -6.64 -24.64 6.31
N PRO A 205 -6.34 -23.35 6.57
CA PRO A 205 -7.21 -22.49 7.38
C PRO A 205 -8.65 -22.48 6.89
N ALA A 206 -9.53 -23.16 7.62
CA ALA A 206 -10.93 -23.23 7.25
C ALA A 206 -11.61 -21.86 7.38
N PRO A 207 -12.79 -21.69 6.78
CA PRO A 207 -13.53 -20.43 6.83
C PRO A 207 -14.03 -20.11 8.24
N ALA A 208 -13.81 -18.88 8.68
CA ALA A 208 -14.23 -18.44 10.00
C ALA A 208 -14.31 -16.92 10.10
N PRO A 209 -13.19 -16.21 9.86
CA PRO A 209 -13.17 -14.75 9.93
C PRO A 209 -14.27 -14.11 9.07
N GLU A 210 -15.43 -13.89 9.67
CA GLU A 210 -16.55 -13.29 8.96
C GLU A 210 -16.41 -11.77 8.90
N ALA A 1 -2.06 -34.39 -41.17
CA ALA A 1 -1.94 -34.98 -39.82
C ALA A 1 -3.24 -34.83 -39.03
N ARG A 2 -3.57 -35.85 -38.25
CA ARG A 2 -4.79 -35.83 -37.45
C ARG A 2 -4.52 -36.35 -36.04
N ILE A 3 -3.31 -36.13 -35.55
CA ILE A 3 -2.92 -36.58 -34.23
C ILE A 3 -1.89 -35.65 -33.61
N MET A 4 -2.03 -35.40 -32.30
CA MET A 4 -1.09 -34.53 -31.59
C MET A 4 -0.92 -34.99 -30.15
N LYS A 5 0.10 -34.46 -29.48
CA LYS A 5 0.38 -34.81 -28.09
C LYS A 5 0.71 -33.57 -27.27
N ALA A 6 1.65 -32.77 -27.77
CA ALA A 6 2.06 -31.55 -27.09
C ALA A 6 1.65 -30.31 -27.88
N ILE A 7 0.89 -29.44 -27.23
CA ILE A 7 0.43 -28.21 -27.89
C ILE A 7 0.58 -27.01 -26.95
N PHE A 8 0.96 -25.87 -27.52
CA PHE A 8 1.13 -24.65 -26.75
C PHE A 8 -0.09 -23.74 -26.86
N VAL A 9 -0.69 -23.43 -25.73
CA VAL A 9 -1.87 -22.57 -25.69
C VAL A 9 -1.49 -21.11 -25.93
N LEU A 10 -2.45 -20.34 -26.44
CA LEU A 10 -2.21 -18.92 -26.71
C LEU A 10 -3.29 -18.06 -26.06
N ASN A 11 -4.53 -18.26 -26.48
CA ASN A 11 -5.65 -17.50 -25.93
C ASN A 11 -6.14 -18.11 -24.62
N ALA A 12 -5.24 -18.20 -23.64
CA ALA A 12 -5.58 -18.78 -22.34
C ALA A 12 -4.45 -18.58 -21.34
N ALA A 13 -4.71 -17.79 -20.30
CA ALA A 13 -3.70 -17.51 -19.28
C ALA A 13 -3.38 -18.78 -18.48
N PRO A 14 -2.10 -19.13 -18.34
CA PRO A 14 -1.68 -20.32 -17.58
C PRO A 14 -2.23 -20.32 -16.16
N LYS A 15 -2.39 -19.13 -15.59
CA LYS A 15 -2.90 -18.99 -14.23
C LYS A 15 -4.00 -17.94 -14.17
N ASP A 16 -5.23 -18.39 -13.93
CA ASP A 16 -6.37 -17.49 -13.84
C ASP A 16 -6.40 -16.78 -12.49
N ASN A 17 -6.18 -17.52 -11.42
CA ASN A 17 -6.19 -16.97 -10.07
C ASN A 17 -4.78 -16.54 -9.66
N THR A 18 -4.58 -15.24 -9.53
CA THR A 18 -3.29 -14.69 -9.14
C THR A 18 -3.43 -13.72 -7.97
N TRP A 19 -2.55 -13.83 -7.00
CA TRP A 19 -2.58 -12.95 -5.83
C TRP A 19 -1.18 -12.45 -5.48
N TYR A 20 -1.07 -11.16 -5.20
CA TYR A 20 0.21 -10.56 -4.85
C TYR A 20 0.14 -9.90 -3.47
N ALA A 21 1.23 -9.95 -2.74
CA ALA A 21 1.29 -9.36 -1.40
C ALA A 21 2.67 -8.80 -1.10
N GLY A 22 2.71 -7.66 -0.43
CA GLY A 22 3.98 -7.03 -0.09
C GLY A 22 3.81 -5.78 0.76
N GLY A 23 4.88 -5.00 0.88
CA GLY A 23 4.82 -3.78 1.66
C GLY A 23 5.57 -2.63 1.00
N LYS A 24 5.06 -1.42 1.19
CA LYS A 24 5.69 -0.23 0.61
C LYS A 24 5.93 0.84 1.67
N LEU A 25 6.99 1.63 1.47
CA LEU A 25 7.34 2.69 2.41
C LEU A 25 7.62 3.99 1.66
N GLY A 26 7.25 5.11 2.28
CA GLY A 26 7.48 6.41 1.65
C GLY A 26 7.63 7.53 2.67
N TRP A 27 8.02 8.71 2.20
CA TRP A 27 8.20 9.86 3.07
C TRP A 27 7.17 10.94 2.75
N SER A 28 6.79 11.72 3.76
CA SER A 28 5.83 12.78 3.60
C SER A 28 6.47 14.14 3.83
N GLN A 29 5.76 15.21 3.45
CA GLN A 29 6.27 16.57 3.61
C GLN A 29 5.36 17.38 4.52
N TYR A 30 5.67 17.38 5.81
CA TYR A 30 4.88 18.12 6.79
C TYR A 30 5.58 19.40 7.21
N HIS A 31 4.83 20.49 7.30
CA HIS A 31 5.38 21.79 7.68
C HIS A 31 5.49 21.90 9.20
N ASP A 32 4.34 21.93 9.86
CA ASP A 32 4.30 22.04 11.32
C ASP A 32 3.90 20.70 11.96
N THR A 33 4.56 20.35 13.05
CA THR A 33 4.27 19.11 13.75
C THR A 33 2.99 19.23 14.57
N GLY A 34 2.78 20.40 15.14
CA GLY A 34 1.58 20.62 15.94
C GLY A 34 1.82 20.41 17.42
N PHE A 35 1.51 21.42 18.23
CA PHE A 35 1.69 21.32 19.68
C PHE A 35 0.56 22.03 20.41
N TYR A 36 0.14 21.46 21.54
CA TYR A 36 -0.93 22.04 22.34
C TYR A 36 -0.36 22.77 23.56
N GLY A 37 0.54 22.10 24.28
CA GLY A 37 1.14 22.70 25.45
C GLY A 37 2.47 23.36 25.16
N ASN A 38 2.43 24.65 24.83
CA ASN A 38 3.64 25.40 24.52
C ASN A 38 4.19 26.09 25.76
N GLY A 39 5.36 25.65 26.22
CA GLY A 39 5.97 26.25 27.39
C GLY A 39 7.47 26.09 27.40
N PHE A 40 8.02 25.70 28.55
CA PHE A 40 9.45 25.51 28.69
C PHE A 40 9.77 24.14 29.26
N GLN A 41 9.75 23.13 28.39
CA GLN A 41 10.03 21.75 28.81
C GLN A 41 10.91 21.05 27.78
N ASN A 42 11.85 20.25 28.26
CA ASN A 42 12.76 19.52 27.39
C ASN A 42 12.02 18.41 26.65
N ASN A 43 11.79 18.62 25.36
CA ASN A 43 11.09 17.64 24.53
C ASN A 43 11.74 17.52 23.16
N ASN A 44 12.61 16.52 23.02
CA ASN A 44 13.30 16.29 21.76
C ASN A 44 12.49 15.36 20.85
N GLY A 45 12.15 15.84 19.68
CA GLY A 45 11.37 15.05 18.74
C GLY A 45 11.20 15.73 17.39
N PRO A 46 10.53 16.89 17.36
CA PRO A 46 10.30 17.63 16.11
C PRO A 46 11.61 18.04 15.43
N THR A 47 12.67 18.16 16.23
CA THR A 47 13.97 18.54 15.70
C THR A 47 15.05 17.56 16.15
N ARG A 48 14.67 16.29 16.25
CA ARG A 48 15.61 15.25 16.66
C ARG A 48 15.46 14.00 15.80
N ASN A 49 14.23 13.52 15.66
CA ASN A 49 13.96 12.34 14.86
C ASN A 49 13.21 12.71 13.58
N ASP A 50 12.84 11.70 12.79
CA ASP A 50 12.12 11.92 11.54
C ASP A 50 10.75 11.28 11.60
N GLN A 51 9.99 11.41 10.51
CA GLN A 51 8.66 10.84 10.43
C GLN A 51 8.40 10.25 9.04
N LEU A 52 8.28 8.93 8.98
CA LEU A 52 8.03 8.24 7.71
C LEU A 52 6.71 7.49 7.75
N GLY A 53 6.24 7.08 6.58
CA GLY A 53 4.98 6.35 6.51
C GLY A 53 5.08 5.11 5.63
N ALA A 54 4.48 4.02 6.09
CA ALA A 54 4.50 2.77 5.34
C ALA A 54 3.13 2.10 5.34
N GLY A 55 3.00 1.02 4.57
CA GLY A 55 1.74 0.32 4.50
C GLY A 55 1.84 -0.98 3.74
N ALA A 56 0.91 -1.90 4.01
CA ALA A 56 0.90 -3.19 3.34
C ALA A 56 -0.04 -3.18 2.15
N PHE A 57 0.16 -4.12 1.23
CA PHE A 57 -0.68 -4.22 0.03
C PHE A 57 -0.83 -5.66 -0.41
N GLY A 58 -2.09 -6.09 -0.57
CA GLY A 58 -2.35 -7.45 -0.99
C GLY A 58 -3.67 -7.57 -1.74
N GLY A 59 -3.66 -8.34 -2.83
CA GLY A 59 -4.87 -8.52 -3.61
C GLY A 59 -4.72 -9.58 -4.68
N TYR A 60 -5.65 -9.60 -5.63
CA TYR A 60 -5.63 -10.58 -6.70
C TYR A 60 -6.12 -9.97 -8.01
N GLN A 61 -5.78 -10.61 -9.12
CA GLN A 61 -6.19 -10.14 -10.43
C GLN A 61 -7.04 -11.19 -11.14
N VAL A 62 -8.13 -10.74 -11.76
CA VAL A 62 -9.03 -11.65 -12.47
C VAL A 62 -9.15 -11.27 -13.94
N ASN A 63 -9.25 -9.97 -14.21
CA ASN A 63 -9.36 -9.48 -15.58
C ASN A 63 -7.99 -9.15 -16.15
N PRO A 64 -7.88 -9.07 -17.49
CA PRO A 64 -6.61 -8.76 -18.17
C PRO A 64 -6.16 -7.33 -17.90
N TYR A 65 -7.06 -6.50 -17.39
CA TYR A 65 -6.74 -5.10 -17.09
C TYR A 65 -7.54 -4.59 -15.91
N LEU A 66 -7.91 -5.49 -15.00
CA LEU A 66 -8.69 -5.12 -13.83
C LEU A 66 -8.29 -5.98 -12.62
N GLY A 67 -7.73 -5.32 -11.60
CA GLY A 67 -7.33 -6.04 -10.41
C GLY A 67 -7.88 -5.40 -9.14
N PHE A 68 -7.98 -6.19 -8.08
CA PHE A 68 -8.51 -5.70 -6.81
C PHE A 68 -7.56 -6.05 -5.66
N GLU A 69 -7.19 -5.05 -4.87
CA GLU A 69 -6.28 -5.27 -3.74
C GLU A 69 -6.60 -4.33 -2.58
N MET A 70 -6.25 -4.78 -1.38
CA MET A 70 -6.47 -4.00 -0.18
C MET A 70 -5.14 -3.69 0.49
N GLY A 71 -5.00 -2.45 0.97
CA GLY A 71 -3.76 -2.06 1.62
C GLY A 71 -3.92 -1.85 3.11
N TYR A 72 -2.82 -1.57 3.80
CA TYR A 72 -2.84 -1.35 5.23
C TYR A 72 -2.01 -0.14 5.61
N ASP A 73 -2.68 0.89 6.12
CA ASP A 73 -2.00 2.13 6.51
C ASP A 73 -1.29 1.96 7.86
N TRP A 74 0.02 2.18 7.85
CA TRP A 74 0.82 2.06 9.07
C TRP A 74 1.86 3.18 9.16
N LEU A 75 1.72 4.01 10.18
CA LEU A 75 2.65 5.12 10.38
C LEU A 75 4.00 4.63 10.89
N GLY A 76 3.98 3.94 12.02
CA GLY A 76 5.20 3.41 12.60
C GLY A 76 5.11 3.25 14.11
N ARG A 77 6.17 2.70 14.70
CA ARG A 77 6.20 2.49 16.14
C ARG A 77 6.53 3.78 16.88
N MET A 78 5.50 4.56 17.20
CA MET A 78 5.69 5.82 17.90
C MET A 78 5.26 5.70 19.36
N ALA A 79 5.36 6.81 20.09
CA ALA A 79 4.98 6.83 21.50
C ALA A 79 4.71 8.25 21.98
N TYR A 80 3.69 8.39 22.82
CA TYR A 80 3.31 9.70 23.34
C TYR A 80 3.99 9.97 24.68
N LYS A 81 4.39 11.22 24.89
CA LYS A 81 5.05 11.61 26.13
C LYS A 81 4.26 12.69 26.86
N GLY A 82 3.75 13.66 26.11
CA GLY A 82 2.97 14.73 26.69
C GLY A 82 1.48 14.52 26.54
N SER A 83 1.05 13.26 26.66
CA SER A 83 -0.36 12.92 26.54
C SER A 83 -0.68 11.63 27.28
N VAL A 84 -0.82 11.73 28.60
CA VAL A 84 -1.12 10.57 29.42
C VAL A 84 -2.61 10.25 29.40
N ASP A 85 -2.94 9.04 28.97
CA ASP A 85 -4.33 8.61 28.89
C ASP A 85 -4.45 7.11 29.14
N ASN A 86 -5.61 6.69 29.66
CA ASN A 86 -5.84 5.28 29.94
C ASN A 86 -6.47 4.59 28.74
N GLY A 87 -6.00 3.39 28.43
CA GLY A 87 -6.53 2.64 27.30
C GLY A 87 -5.61 2.66 26.10
N ALA A 88 -4.40 2.13 26.28
CA ALA A 88 -3.43 2.09 25.19
C ALA A 88 -3.93 1.27 24.02
N PHE A 89 -4.22 1.95 22.91
CA PHE A 89 -4.71 1.27 21.71
C PHE A 89 -3.85 1.62 20.49
N LYS A 90 -3.66 0.64 19.62
CA LYS A 90 -2.86 0.84 18.42
C LYS A 90 -3.75 1.14 17.22
N ALA A 91 -3.32 2.08 16.38
CA ALA A 91 -4.07 2.46 15.19
C ALA A 91 -3.71 1.58 14.00
N GLN A 92 -4.61 1.52 13.02
CA GLN A 92 -4.38 0.73 11.82
C GLN A 92 -5.35 1.14 10.72
N GLY A 93 -4.81 1.39 9.53
CA GLY A 93 -5.64 1.81 8.42
C GLY A 93 -5.86 0.70 7.40
N VAL A 94 -7.08 0.62 6.87
CA VAL A 94 -7.42 -0.38 5.86
C VAL A 94 -7.67 0.29 4.52
N GLN A 95 -6.97 -0.18 3.49
CA GLN A 95 -7.10 0.39 2.15
C GLN A 95 -7.82 -0.55 1.19
N LEU A 96 -8.57 0.04 0.28
CA LEU A 96 -9.33 -0.70 -0.73
C LEU A 96 -9.22 0.01 -2.07
N THR A 97 -8.61 -0.65 -3.07
CA THR A 97 -8.44 -0.02 -4.37
C THR A 97 -8.31 -1.06 -5.48
N ALA A 98 -8.36 -0.58 -6.72
CA ALA A 98 -8.23 -1.44 -7.89
C ALA A 98 -6.89 -1.21 -8.58
N LYS A 99 -6.36 -2.25 -9.21
CA LYS A 99 -5.08 -2.15 -9.89
C LYS A 99 -5.18 -2.54 -11.36
N LEU A 100 -4.62 -1.71 -12.22
CA LEU A 100 -4.63 -1.96 -13.66
C LEU A 100 -3.24 -1.73 -14.24
N GLY A 101 -2.71 -2.74 -14.92
CA GLY A 101 -1.39 -2.63 -15.51
C GLY A 101 -1.12 -3.69 -16.56
N TYR A 102 0.13 -3.78 -17.00
CA TYR A 102 0.53 -4.74 -18.02
C TYR A 102 2.03 -5.04 -17.94
N PRO A 103 2.43 -6.30 -18.23
CA PRO A 103 3.84 -6.71 -18.18
C PRO A 103 4.59 -6.35 -19.46
N ILE A 104 5.92 -6.46 -19.41
CA ILE A 104 6.75 -6.15 -20.56
C ILE A 104 7.48 -7.40 -21.06
N THR A 105 7.82 -8.30 -20.13
CA THR A 105 8.52 -9.52 -20.49
C THR A 105 8.60 -10.48 -19.31
N ASP A 106 7.46 -10.68 -18.64
CA ASP A 106 7.39 -11.58 -17.49
C ASP A 106 8.50 -11.28 -16.48
N ASP A 107 8.86 -10.00 -16.40
CA ASP A 107 9.91 -9.56 -15.47
C ASP A 107 9.71 -8.10 -15.09
N LEU A 108 9.37 -7.28 -16.08
CA LEU A 108 9.15 -5.85 -15.86
C LEU A 108 7.72 -5.50 -16.25
N ASP A 109 6.94 -5.01 -15.27
CA ASP A 109 5.55 -4.66 -15.53
C ASP A 109 5.18 -3.31 -14.92
N ILE A 110 4.21 -2.65 -15.53
CA ILE A 110 3.73 -1.35 -15.07
C ILE A 110 2.28 -1.47 -14.59
N TYR A 111 1.91 -0.67 -13.59
CA TYR A 111 0.54 -0.73 -13.07
C TYR A 111 0.16 0.55 -12.35
N THR A 112 -1.13 0.71 -12.10
CA THR A 112 -1.65 1.89 -11.40
C THR A 112 -2.79 1.50 -10.47
N ARG A 113 -2.73 1.99 -9.24
CA ARG A 113 -3.75 1.69 -8.24
C ARG A 113 -4.59 2.91 -7.93
N LEU A 114 -5.91 2.75 -7.99
CA LEU A 114 -6.85 3.85 -7.73
C LEU A 114 -7.96 3.39 -6.79
N GLY A 115 -8.14 4.10 -5.68
CA GLY A 115 -9.17 3.75 -4.73
C GLY A 115 -9.21 4.69 -3.54
N GLY A 116 -9.33 4.12 -2.35
CA GLY A 116 -9.37 4.94 -1.14
C GLY A 116 -8.84 4.23 0.08
N MET A 117 -8.64 4.97 1.16
CA MET A 117 -8.14 4.40 2.40
C MET A 117 -9.03 4.78 3.57
N VAL A 118 -9.23 3.84 4.48
CA VAL A 118 -10.06 4.07 5.67
C VAL A 118 -9.34 3.62 6.93
N TRP A 119 -8.96 4.58 7.78
CA TRP A 119 -8.27 4.27 9.01
C TRP A 119 -8.95 4.92 10.21
N ARG A 120 -8.44 4.65 11.40
CA ARG A 120 -9.00 5.21 12.63
C ARG A 120 -7.96 6.05 13.37
N ALA A 121 -8.33 7.28 13.69
CA ALA A 121 -7.43 8.20 14.39
C ALA A 121 -7.56 8.04 15.90
N ASP A 122 -6.48 8.34 16.63
CA ASP A 122 -6.48 8.23 18.07
C ASP A 122 -6.01 9.54 18.71
N SER A 123 -6.36 9.73 19.98
CA SER A 123 -6.00 10.94 20.70
C SER A 123 -6.46 10.88 22.15
N LYS A 124 -7.66 10.35 22.36
CA LYS A 124 -8.22 10.24 23.70
C LYS A 124 -8.53 8.78 24.03
N GLY A 125 -9.15 8.56 25.18
CA GLY A 125 -9.50 7.21 25.60
C GLY A 125 -10.56 7.19 26.68
N ASN A 126 -10.54 6.14 27.50
CA ASN A 126 -11.51 6.01 28.58
C ASN A 126 -11.09 6.82 29.80
N TYR A 127 -12.07 7.28 30.57
CA TYR A 127 -11.80 8.06 31.76
C TYR A 127 -11.42 7.16 32.94
N ALA A 128 -12.37 6.31 33.35
CA ALA A 128 -12.12 5.39 34.47
C ALA A 128 -12.82 4.06 34.23
N SER A 129 -14.13 4.11 34.02
CA SER A 129 -14.91 2.90 33.78
C SER A 129 -16.11 3.19 32.88
N THR A 130 -16.18 2.52 31.74
CA THR A 130 -17.27 2.71 30.80
C THR A 130 -17.34 1.55 29.81
N GLY A 131 -18.42 1.49 29.03
CA GLY A 131 -18.58 0.44 28.06
C GLY A 131 -18.98 0.96 26.69
N VAL A 132 -20.12 1.65 26.63
CA VAL A 132 -20.61 2.20 25.38
C VAL A 132 -21.09 3.64 25.56
N SER A 133 -20.79 4.49 24.58
CA SER A 133 -21.20 5.89 24.64
C SER A 133 -21.71 6.36 23.29
N ARG A 134 -22.26 7.57 23.25
CA ARG A 134 -22.79 8.14 22.02
C ARG A 134 -21.67 8.71 21.17
N SER A 135 -20.62 9.20 21.82
CA SER A 135 -19.48 9.78 21.12
C SER A 135 -18.52 8.68 20.65
N GLU A 136 -18.46 8.48 19.33
CA GLU A 136 -17.59 7.48 18.74
C GLU A 136 -16.19 8.02 18.55
N HIS A 137 -15.23 7.11 18.40
CA HIS A 137 -13.83 7.50 18.21
C HIS A 137 -13.65 8.21 16.87
N ASP A 138 -12.45 8.77 16.67
CA ASP A 138 -12.15 9.48 15.43
C ASP A 138 -11.86 8.51 14.30
N THR A 139 -12.42 8.79 13.13
CA THR A 139 -12.22 7.94 11.95
C THR A 139 -11.67 8.74 10.78
N GLY A 140 -10.67 8.19 10.10
CA GLY A 140 -10.08 8.86 8.96
C GLY A 140 -10.33 8.13 7.66
N VAL A 141 -10.79 8.87 6.65
CA VAL A 141 -11.07 8.28 5.34
C VAL A 141 -10.75 9.27 4.22
N SER A 142 -9.97 8.82 3.24
CA SER A 142 -9.60 9.67 2.13
C SER A 142 -9.20 8.85 0.90
N PRO A 143 -9.48 9.35 -0.31
CA PRO A 143 -9.14 8.66 -1.55
C PRO A 143 -7.66 8.80 -1.91
N VAL A 144 -7.13 7.81 -2.62
CA VAL A 144 -5.73 7.84 -3.03
C VAL A 144 -5.49 6.96 -4.26
N PHE A 145 -4.42 7.26 -4.97
CA PHE A 145 -4.06 6.52 -6.18
C PHE A 145 -2.54 6.49 -6.36
N ALA A 146 -1.99 5.28 -6.46
CA ALA A 146 -0.55 5.13 -6.64
C ALA A 146 -0.23 4.42 -7.95
N GLY A 147 0.59 5.06 -8.78
CA GLY A 147 0.97 4.47 -10.05
C GLY A 147 2.46 4.37 -10.23
N GLY A 148 2.93 3.24 -10.75
CA GLY A 148 4.35 3.06 -10.96
C GLY A 148 4.68 1.81 -11.76
N VAL A 149 5.85 1.23 -11.49
CA VAL A 149 6.30 0.03 -12.20
C VAL A 149 6.79 -1.03 -11.23
N GLU A 150 6.99 -2.24 -11.74
CA GLU A 150 7.47 -3.34 -10.91
C GLU A 150 8.58 -4.12 -11.62
N TRP A 151 9.63 -4.46 -10.87
CA TRP A 151 10.75 -5.20 -11.42
C TRP A 151 10.93 -6.53 -10.69
N ALA A 152 11.01 -7.62 -11.45
CA ALA A 152 11.17 -8.95 -10.87
C ALA A 152 12.64 -9.36 -10.81
N VAL A 153 13.07 -9.85 -9.65
CA VAL A 153 14.44 -10.28 -9.46
C VAL A 153 14.51 -11.77 -9.17
N THR A 154 14.03 -12.17 -8.00
CA THR A 154 14.04 -13.58 -7.59
C THR A 154 12.98 -14.37 -8.36
N ARG A 155 12.72 -15.59 -7.90
CA ARG A 155 11.73 -16.44 -8.54
C ARG A 155 10.32 -16.09 -8.09
N ASP A 156 10.19 -15.71 -6.83
CA ASP A 156 8.88 -15.34 -6.27
C ASP A 156 8.99 -14.07 -5.42
N ILE A 157 9.88 -13.17 -5.82
CA ILE A 157 10.07 -11.93 -5.10
C ILE A 157 10.48 -10.80 -6.05
N ALA A 158 9.71 -9.71 -6.03
CA ALA A 158 9.98 -8.57 -6.90
C ALA A 158 9.84 -7.25 -6.15
N THR A 159 10.39 -6.19 -6.71
CA THR A 159 10.32 -4.87 -6.11
C THR A 159 9.41 -3.96 -6.93
N ARG A 160 8.76 -3.01 -6.28
CA ARG A 160 7.85 -2.10 -6.97
C ARG A 160 8.04 -0.66 -6.51
N LEU A 161 8.04 0.26 -7.48
CA LEU A 161 8.18 1.68 -7.20
C LEU A 161 6.95 2.42 -7.70
N GLU A 162 6.26 3.09 -6.79
CA GLU A 162 5.04 3.82 -7.14
C GLU A 162 5.18 5.32 -6.91
N TYR A 163 4.55 6.11 -7.78
CA TYR A 163 4.59 7.55 -7.67
C TYR A 163 3.19 8.14 -7.85
N GLN A 164 3.02 9.40 -7.50
CA GLN A 164 1.73 10.07 -7.61
C GLN A 164 1.78 11.16 -8.69
N TRP A 165 2.94 11.79 -8.84
CA TRP A 165 3.12 12.84 -9.82
C TRP A 165 4.58 12.95 -10.26
N VAL A 166 4.87 12.41 -11.44
CA VAL A 166 6.23 12.44 -11.98
C VAL A 166 6.29 11.80 -13.36
N ASN A 167 5.55 10.70 -13.53
CA ASN A 167 5.53 9.99 -14.80
C ASN A 167 4.74 10.78 -15.85
N ASN A 168 3.68 11.44 -15.40
CA ASN A 168 2.84 12.22 -16.30
C ASN A 168 2.51 13.59 -15.69
N ILE A 169 2.54 14.62 -16.52
CA ILE A 169 2.24 15.98 -16.06
C ILE A 169 1.21 16.65 -16.96
N GLY A 170 1.36 16.48 -18.27
CA GLY A 170 0.44 17.09 -19.20
C GLY A 170 0.08 16.15 -20.35
N ASP A 171 -1.21 16.00 -20.60
CA ASP A 171 -1.68 15.13 -21.67
C ASP A 171 -2.37 15.94 -22.77
N ALA A 172 -3.15 16.93 -22.37
CA ALA A 172 -3.85 17.78 -23.31
C ALA A 172 -4.35 19.07 -22.65
N GLY A 173 -5.08 18.91 -21.55
CA GLY A 173 -5.60 20.06 -20.83
C GLY A 173 -4.93 20.25 -19.48
N THR A 174 -4.96 21.48 -18.98
CA THR A 174 -4.36 21.80 -17.70
C THR A 174 -5.42 22.14 -16.66
N VAL A 175 -5.62 21.24 -15.71
CA VAL A 175 -6.61 21.45 -14.66
C VAL A 175 -6.06 21.01 -13.30
N GLY A 176 -6.41 21.78 -12.26
CA GLY A 176 -5.95 21.45 -10.93
C GLY A 176 -7.09 21.13 -9.98
N THR A 177 -6.92 20.08 -9.18
CA THR A 177 -7.95 19.68 -8.23
C THR A 177 -7.32 19.14 -6.95
N ARG A 178 -6.36 18.24 -7.10
CA ARG A 178 -5.67 17.65 -5.95
C ARG A 178 -4.53 18.55 -5.48
N PRO A 179 -4.64 19.11 -4.27
CA PRO A 179 -3.61 20.00 -3.71
C PRO A 179 -2.22 19.37 -3.78
N ASP A 180 -2.12 18.11 -3.37
CA ASP A 180 -0.85 17.40 -3.37
C ASP A 180 -0.65 16.67 -4.71
N ASN A 181 0.61 16.47 -5.08
CA ASN A 181 0.94 15.78 -6.32
C ASN A 181 2.19 14.94 -6.17
N GLY A 182 3.23 15.53 -5.57
CA GLY A 182 4.48 14.82 -5.38
C GLY A 182 4.39 13.78 -4.28
N MET A 183 4.44 12.51 -4.66
CA MET A 183 4.36 11.42 -3.68
C MET A 183 4.86 10.12 -4.30
N LEU A 184 5.99 9.62 -3.77
CA LEU A 184 6.57 8.38 -4.26
C LEU A 184 6.88 7.44 -3.10
N SER A 185 6.96 6.14 -3.40
CA SER A 185 7.25 5.14 -2.37
C SER A 185 7.86 3.88 -2.97
N LEU A 186 8.70 3.22 -2.18
CA LEU A 186 9.36 1.99 -2.62
C LEU A 186 8.91 0.81 -1.76
N GLY A 187 8.62 -0.31 -2.40
CA GLY A 187 8.18 -1.48 -1.66
C GLY A 187 8.53 -2.78 -2.36
N VAL A 188 8.35 -3.89 -1.66
CA VAL A 188 8.64 -5.21 -2.21
C VAL A 188 7.48 -6.16 -1.96
N SER A 189 7.18 -6.99 -2.95
CA SER A 189 6.08 -7.95 -2.84
C SER A 189 6.39 -9.25 -3.57
N TYR A 190 5.50 -10.22 -3.43
CA TYR A 190 5.66 -11.52 -4.06
C TYR A 190 4.32 -12.06 -4.56
N ARG A 191 4.38 -12.99 -5.50
CA ARG A 191 3.18 -13.59 -6.06
C ARG A 191 2.93 -14.96 -5.45
N PHE A 192 1.66 -15.25 -5.14
CA PHE A 192 1.28 -16.52 -4.56
C PHE A 192 -0.13 -16.92 -4.97
N GLY A 193 -0.48 -18.18 -4.73
CA GLY A 193 -1.80 -18.66 -5.09
C GLY A 193 -2.12 -20.00 -4.47
N GLN A 194 -3.30 -20.53 -4.79
CA GLN A 194 -3.73 -21.82 -4.25
C GLN A 194 -4.21 -22.74 -5.37
N GLU A 195 -3.35 -23.64 -5.80
CA GLU A 195 -3.69 -24.58 -6.87
C GLU A 195 -3.99 -25.96 -6.30
N ASP A 196 -3.12 -26.44 -5.42
CA ASP A 196 -3.30 -27.75 -4.80
C ASP A 196 -4.35 -27.69 -3.69
N ALA A 197 -5.34 -28.58 -3.77
CA ALA A 197 -6.40 -28.62 -2.77
C ALA A 197 -5.96 -29.37 -1.52
N ALA A 198 -6.87 -29.52 -0.58
CA ALA A 198 -6.57 -30.22 0.67
C ALA A 198 -7.84 -30.46 1.49
N PRO A 199 -8.49 -31.62 1.28
CA PRO A 199 -9.72 -31.97 2.00
C PRO A 199 -9.47 -32.21 3.50
N VAL A 200 -10.55 -32.45 4.24
CA VAL A 200 -10.43 -32.70 5.68
C VAL A 200 -11.60 -33.56 6.17
N VAL A 201 -11.32 -34.41 7.14
CA VAL A 201 -12.34 -35.29 7.71
C VAL A 201 -12.94 -34.70 8.98
N ALA A 202 -12.90 -33.38 9.09
CA ALA A 202 -13.44 -32.69 10.26
C ALA A 202 -14.18 -31.42 9.86
N PRO A 203 -15.46 -31.54 9.48
CA PRO A 203 -16.29 -30.39 9.07
C PRO A 203 -16.24 -29.25 10.08
N ALA A 204 -16.00 -29.60 11.34
CA ALA A 204 -15.93 -28.60 12.41
C ALA A 204 -14.55 -28.57 13.04
N PRO A 205 -14.10 -27.39 13.49
CA PRO A 205 -12.78 -27.21 14.12
C PRO A 205 -12.71 -27.87 15.50
N ALA A 206 -11.60 -28.56 15.76
CA ALA A 206 -11.41 -29.22 17.04
C ALA A 206 -10.97 -28.23 18.11
N PRO A 207 -11.29 -28.50 19.38
CA PRO A 207 -10.93 -27.63 20.50
C PRO A 207 -9.43 -27.64 20.77
N ALA A 208 -8.83 -28.81 20.72
CA ALA A 208 -7.39 -28.96 20.97
C ALA A 208 -6.73 -29.76 19.85
N PRO A 209 -6.59 -29.15 18.66
CA PRO A 209 -5.96 -29.81 17.51
C PRO A 209 -4.60 -30.40 17.85
N GLU A 210 -4.01 -31.14 16.92
CA GLU A 210 -2.71 -31.76 17.11
C GLU A 210 -1.59 -30.86 16.58
N ALA A 1 18.32 -23.66 -45.68
CA ALA A 1 16.87 -23.72 -45.39
C ALA A 1 16.59 -23.51 -43.91
N ARG A 2 16.41 -22.24 -43.52
CA ARG A 2 16.15 -21.91 -42.12
C ARG A 2 14.76 -21.28 -41.98
N ILE A 3 14.30 -21.17 -40.75
CA ILE A 3 12.99 -20.59 -40.46
C ILE A 3 13.10 -19.46 -39.44
N MET A 4 12.31 -18.41 -39.65
CA MET A 4 12.31 -17.28 -38.74
C MET A 4 11.03 -17.24 -37.90
N LYS A 5 11.18 -16.86 -36.63
CA LYS A 5 10.04 -16.78 -35.72
C LYS A 5 9.98 -15.43 -35.03
N ALA A 6 8.79 -15.04 -34.58
CA ALA A 6 8.61 -13.76 -33.91
C ALA A 6 8.43 -13.97 -32.41
N ILE A 7 8.14 -12.88 -31.70
CA ILE A 7 7.95 -12.93 -30.25
C ILE A 7 6.47 -12.91 -29.90
N PHE A 8 5.99 -13.98 -29.27
CA PHE A 8 4.60 -14.09 -28.88
C PHE A 8 4.47 -14.30 -27.37
N VAL A 9 5.44 -13.77 -26.62
CA VAL A 9 5.44 -13.91 -25.17
C VAL A 9 4.35 -13.04 -24.54
N LEU A 10 3.15 -13.62 -24.40
CA LEU A 10 2.03 -12.90 -23.81
C LEU A 10 1.19 -13.84 -22.93
N ASN A 11 1.29 -13.64 -21.62
CA ASN A 11 0.55 -14.47 -20.68
C ASN A 11 -0.92 -14.10 -20.67
N ALA A 12 -1.79 -15.10 -20.54
CA ALA A 12 -3.23 -14.88 -20.52
C ALA A 12 -3.94 -15.92 -19.67
N ALA A 13 -4.16 -15.60 -18.40
CA ALA A 13 -4.83 -16.50 -17.48
C ALA A 13 -6.20 -15.97 -17.07
N PRO A 14 -7.18 -16.05 -17.98
CA PRO A 14 -8.54 -15.56 -17.71
C PRO A 14 -9.28 -16.44 -16.70
N LYS A 15 -9.19 -17.75 -16.89
CA LYS A 15 -9.85 -18.70 -16.01
C LYS A 15 -9.09 -18.83 -14.70
N ASP A 16 -7.76 -18.92 -14.80
CA ASP A 16 -6.92 -19.06 -13.61
C ASP A 16 -6.62 -17.69 -13.01
N ASN A 17 -6.94 -17.54 -11.72
CA ASN A 17 -6.71 -16.29 -11.02
C ASN A 17 -5.29 -16.23 -10.46
N THR A 18 -4.90 -15.07 -9.95
CA THR A 18 -3.57 -14.89 -9.39
C THR A 18 -3.64 -14.18 -8.04
N TRP A 19 -2.49 -13.98 -7.42
CA TRP A 19 -2.42 -13.32 -6.11
C TRP A 19 -1.11 -12.57 -5.95
N TYR A 20 -1.19 -11.30 -5.54
CA TYR A 20 0.01 -10.49 -5.34
C TYR A 20 -0.05 -9.79 -3.99
N ALA A 21 1.07 -9.79 -3.27
CA ALA A 21 1.14 -9.16 -1.97
C ALA A 21 2.55 -8.67 -1.65
N GLY A 22 2.65 -7.51 -1.04
CA GLY A 22 3.95 -6.95 -0.70
C GLY A 22 3.85 -5.75 0.23
N GLY A 23 5.00 -5.27 0.68
CA GLY A 23 5.03 -4.12 1.57
C GLY A 23 5.92 -3.01 1.06
N LYS A 24 5.48 -1.77 1.22
CA LYS A 24 6.25 -0.61 0.77
C LYS A 24 6.39 0.43 1.86
N LEU A 25 7.50 1.16 1.84
CA LEU A 25 7.78 2.20 2.82
C LEU A 25 8.13 3.50 2.12
N GLY A 26 7.88 4.63 2.80
CA GLY A 26 8.18 5.93 2.22
C GLY A 26 8.42 6.98 3.29
N TRP A 27 9.07 8.07 2.89
CA TRP A 27 9.37 9.16 3.82
C TRP A 27 9.26 10.51 3.12
N SER A 28 8.99 11.55 3.91
CA SER A 28 8.86 12.89 3.37
C SER A 28 10.21 13.50 3.07
N GLN A 29 10.21 14.60 2.31
CA GLN A 29 11.45 15.28 1.95
C GLN A 29 12.07 15.98 3.16
N TYR A 30 13.34 15.69 3.43
CA TYR A 30 14.04 16.29 4.56
C TYR A 30 15.10 17.27 4.08
N HIS A 31 15.72 17.97 5.02
CA HIS A 31 16.76 18.94 4.69
C HIS A 31 18.04 18.65 5.47
N ASP A 32 19.13 19.30 5.07
CA ASP A 32 20.41 19.11 5.74
C ASP A 32 20.54 20.04 6.95
N THR A 33 20.39 21.34 6.71
CA THR A 33 20.48 22.33 7.78
C THR A 33 19.17 22.44 8.54
N GLY A 34 18.14 22.92 7.84
CA GLY A 34 16.83 23.07 8.47
C GLY A 34 16.71 24.35 9.28
N PHE A 35 15.53 24.59 9.82
CA PHE A 35 15.29 25.79 10.62
C PHE A 35 14.49 25.46 11.87
N TYR A 36 15.12 25.62 13.03
CA TYR A 36 14.47 25.34 14.31
C TYR A 36 15.27 25.91 15.47
N GLY A 37 15.88 27.06 15.25
CA GLY A 37 16.68 27.70 16.28
C GLY A 37 15.84 28.14 17.47
N ASN A 38 16.49 28.76 18.45
CA ASN A 38 15.79 29.23 19.64
C ASN A 38 15.33 30.67 19.47
N GLY A 39 14.18 31.00 20.07
CA GLY A 39 13.66 32.35 19.97
C GLY A 39 12.57 32.62 20.99
N PHE A 40 11.38 32.07 20.73
CA PHE A 40 10.24 32.25 21.63
C PHE A 40 9.48 30.95 21.81
N GLN A 41 8.87 30.79 22.99
CA GLN A 41 8.12 29.58 23.29
C GLN A 41 6.75 29.93 23.90
N ASN A 42 6.21 31.07 23.49
CA ASN A 42 4.91 31.52 23.99
C ASN A 42 3.77 30.92 23.18
N ASN A 43 3.93 30.92 21.86
CA ASN A 43 2.92 30.37 20.96
C ASN A 43 3.06 28.85 20.84
N ASN A 44 2.13 28.24 20.12
CA ASN A 44 2.15 26.78 19.94
C ASN A 44 2.91 26.41 18.67
N GLY A 45 4.10 25.87 18.84
CA GLY A 45 4.92 25.48 17.71
C GLY A 45 4.88 23.98 17.45
N PRO A 46 5.44 23.52 16.33
CA PRO A 46 5.47 22.09 15.98
C PRO A 46 6.01 21.23 17.11
N THR A 47 5.23 20.23 17.52
CA THR A 47 5.63 19.33 18.59
C THR A 47 5.36 17.88 18.21
N ARG A 48 5.45 17.57 16.92
CA ARG A 48 5.22 16.23 16.43
C ARG A 48 6.54 15.51 16.15
N ASN A 49 6.45 14.20 15.89
CA ASN A 49 7.64 13.41 15.60
C ASN A 49 7.73 13.09 14.12
N ASP A 50 8.76 13.62 13.46
CA ASP A 50 8.95 13.39 12.03
C ASP A 50 9.44 11.96 11.78
N GLN A 51 8.49 11.05 11.58
CA GLN A 51 8.82 9.65 11.32
C GLN A 51 8.33 9.21 9.96
N LEU A 52 8.91 8.15 9.42
CA LEU A 52 8.53 7.63 8.11
C LEU A 52 7.22 6.86 8.20
N GLY A 53 6.65 6.55 7.04
CA GLY A 53 5.40 5.81 7.00
C GLY A 53 5.50 4.54 6.19
N ALA A 54 4.93 3.45 6.72
CA ALA A 54 4.97 2.18 6.03
C ALA A 54 3.56 1.67 5.73
N GLY A 55 3.42 0.93 4.64
CA GLY A 55 2.12 0.40 4.26
C GLY A 55 2.23 -0.87 3.45
N ALA A 56 1.21 -1.72 3.53
CA ALA A 56 1.20 -2.98 2.78
C ALA A 56 0.24 -2.91 1.62
N PHE A 57 0.57 -3.61 0.54
CA PHE A 57 -0.28 -3.62 -0.65
C PHE A 57 -0.44 -5.04 -1.19
N GLY A 58 -1.69 -5.52 -1.20
CA GLY A 58 -1.97 -6.85 -1.70
C GLY A 58 -3.28 -6.92 -2.46
N GLY A 59 -3.25 -7.47 -3.66
CA GLY A 59 -4.46 -7.57 -4.46
C GLY A 59 -4.60 -8.91 -5.14
N TYR A 60 -5.78 -9.15 -5.71
CA TYR A 60 -6.07 -10.40 -6.40
C TYR A 60 -6.76 -10.14 -7.74
N GLN A 61 -6.30 -10.81 -8.78
CA GLN A 61 -6.87 -10.67 -10.11
C GLN A 61 -8.06 -11.61 -10.30
N VAL A 62 -9.13 -11.09 -10.91
CA VAL A 62 -10.32 -11.88 -11.16
C VAL A 62 -10.92 -11.56 -12.52
N ASN A 63 -11.07 -10.28 -12.80
CA ASN A 63 -11.62 -9.84 -14.07
C ASN A 63 -10.52 -9.77 -15.13
N PRO A 64 -10.82 -10.17 -16.38
CA PRO A 64 -9.83 -10.14 -17.47
C PRO A 64 -9.49 -8.72 -17.89
N TYR A 65 -8.96 -7.93 -16.96
CA TYR A 65 -8.57 -6.55 -17.24
C TYR A 65 -8.01 -5.85 -16.01
N LEU A 66 -8.52 -6.22 -14.82
CA LEU A 66 -8.07 -5.61 -13.59
C LEU A 66 -8.42 -6.47 -12.37
N GLY A 67 -7.79 -6.18 -11.25
CA GLY A 67 -8.05 -6.93 -10.04
C GLY A 67 -8.23 -6.04 -8.83
N PHE A 68 -8.58 -6.63 -7.69
CA PHE A 68 -8.80 -5.87 -6.47
C PHE A 68 -7.47 -5.62 -5.75
N GLU A 69 -7.34 -4.47 -5.12
CA GLU A 69 -6.12 -4.12 -4.41
C GLU A 69 -6.43 -3.66 -2.98
N MET A 70 -5.79 -4.32 -2.03
CA MET A 70 -5.98 -3.98 -0.62
C MET A 70 -4.76 -3.25 -0.07
N GLY A 71 -5.00 -2.10 0.55
CA GLY A 71 -3.90 -1.32 1.11
C GLY A 71 -3.91 -1.31 2.63
N TYR A 72 -2.71 -1.24 3.21
CA TYR A 72 -2.57 -1.22 4.66
C TYR A 72 -1.74 -0.03 5.11
N ASP A 73 -2.34 0.84 5.92
CA ASP A 73 -1.65 2.02 6.42
C ASP A 73 -1.08 1.77 7.81
N TRP A 74 0.23 1.96 7.95
CA TRP A 74 0.90 1.76 9.23
C TRP A 74 1.94 2.84 9.48
N LEU A 75 1.76 3.60 10.54
CA LEU A 75 2.69 4.67 10.89
C LEU A 75 3.61 4.25 12.03
N GLY A 76 4.55 5.12 12.38
CA GLY A 76 5.48 4.82 13.46
C GLY A 76 5.11 5.52 14.75
N ARG A 77 4.73 4.74 15.76
CA ARG A 77 4.35 5.29 17.05
C ARG A 77 4.81 4.39 18.19
N MET A 78 5.76 4.87 18.98
CA MET A 78 6.29 4.11 20.10
C MET A 78 5.28 4.05 21.24
N ALA A 79 5.53 3.17 22.21
CA ALA A 79 4.65 3.01 23.35
C ALA A 79 5.20 3.74 24.57
N TYR A 80 4.32 4.06 25.52
CA TYR A 80 4.71 4.76 26.72
C TYR A 80 3.68 4.58 27.83
N LYS A 81 4.14 4.45 29.07
CA LYS A 81 3.25 4.26 30.20
C LYS A 81 2.54 5.56 30.55
N GLY A 82 1.41 5.80 29.89
CA GLY A 82 0.65 7.02 30.15
C GLY A 82 -0.46 6.80 31.16
N SER A 83 -1.68 6.61 30.66
CA SER A 83 -2.83 6.39 31.53
C SER A 83 -4.05 5.96 30.72
N VAL A 84 -5.07 5.47 31.41
CA VAL A 84 -6.29 5.02 30.76
C VAL A 84 -7.44 6.00 31.00
N ASP A 85 -7.67 6.88 30.04
CA ASP A 85 -8.74 7.87 30.14
C ASP A 85 -9.52 7.97 28.84
N ASN A 86 -8.88 8.51 27.81
CA ASN A 86 -9.51 8.66 26.50
C ASN A 86 -8.85 7.77 25.47
N GLY A 87 -9.66 7.16 24.61
CA GLY A 87 -9.13 6.27 23.58
C GLY A 87 -9.20 4.82 23.98
N ALA A 88 -8.87 3.93 23.05
CA ALA A 88 -8.90 2.50 23.31
C ALA A 88 -7.70 1.79 22.66
N PHE A 89 -6.65 2.56 22.38
CA PHE A 89 -5.45 2.00 21.76
C PHE A 89 -5.80 1.23 20.48
N LYS A 90 -5.88 1.95 19.36
CA LYS A 90 -6.20 1.34 18.09
C LYS A 90 -5.67 2.19 16.93
N ALA A 91 -4.92 1.55 16.03
CA ALA A 91 -4.35 2.24 14.88
C ALA A 91 -4.07 1.27 13.75
N GLN A 92 -4.80 1.41 12.64
CA GLN A 92 -4.61 0.55 11.48
C GLN A 92 -5.40 1.07 10.29
N GLY A 93 -4.71 1.26 9.16
CA GLY A 93 -5.37 1.76 7.97
C GLY A 93 -5.70 0.66 6.98
N VAL A 94 -6.88 0.75 6.37
CA VAL A 94 -7.32 -0.23 5.38
C VAL A 94 -7.74 0.47 4.10
N GLN A 95 -7.10 0.10 2.99
CA GLN A 95 -7.40 0.71 1.70
C GLN A 95 -8.15 -0.25 0.78
N LEU A 96 -9.17 0.26 0.10
CA LEU A 96 -9.95 -0.52 -0.83
C LEU A 96 -9.88 0.12 -2.21
N THR A 97 -9.11 -0.48 -3.12
CA THR A 97 -8.95 0.07 -4.46
C THR A 97 -8.79 -1.01 -5.51
N ALA A 98 -8.83 -0.59 -6.77
CA ALA A 98 -8.66 -1.49 -7.89
C ALA A 98 -7.28 -1.31 -8.51
N LYS A 99 -6.58 -2.41 -8.74
CA LYS A 99 -5.24 -2.35 -9.30
C LYS A 99 -5.17 -3.05 -10.65
N LEU A 100 -4.56 -2.36 -11.62
CA LEU A 100 -4.40 -2.90 -12.97
C LEU A 100 -2.93 -2.80 -13.38
N GLY A 101 -2.38 -3.90 -13.89
CA GLY A 101 -0.99 -3.90 -14.30
C GLY A 101 -0.77 -4.49 -15.67
N TYR A 102 0.47 -4.42 -16.13
CA TYR A 102 0.84 -4.96 -17.44
C TYR A 102 2.36 -5.07 -17.58
N PRO A 103 2.86 -6.21 -18.08
CA PRO A 103 4.30 -6.43 -18.26
C PRO A 103 4.87 -5.68 -19.46
N ILE A 104 6.20 -5.64 -19.56
CA ILE A 104 6.85 -4.96 -20.67
C ILE A 104 7.64 -5.94 -21.53
N THR A 105 8.51 -6.72 -20.89
CA THR A 105 9.32 -7.70 -21.59
C THR A 105 9.32 -9.04 -20.86
N ASP A 106 9.53 -8.99 -19.55
CA ASP A 106 9.55 -10.20 -18.74
C ASP A 106 9.85 -9.88 -17.27
N ASP A 107 10.73 -8.90 -17.06
CA ASP A 107 11.10 -8.50 -15.71
C ASP A 107 10.73 -7.04 -15.42
N LEU A 108 9.86 -6.47 -16.25
CA LEU A 108 9.42 -5.09 -16.06
C LEU A 108 7.93 -4.99 -16.28
N ASP A 109 7.21 -4.44 -15.30
CA ASP A 109 5.77 -4.30 -15.40
C ASP A 109 5.29 -2.97 -14.83
N ILE A 110 4.08 -2.59 -15.21
CA ILE A 110 3.47 -1.36 -14.75
C ILE A 110 2.24 -1.66 -13.88
N TYR A 111 2.01 -0.84 -12.87
CA TYR A 111 0.88 -1.05 -11.97
C TYR A 111 0.24 0.28 -11.56
N THR A 112 -1.09 0.30 -11.55
CA THR A 112 -1.83 1.50 -11.18
C THR A 112 -2.98 1.15 -10.23
N ARG A 113 -3.04 1.85 -9.10
CA ARG A 113 -4.10 1.60 -8.12
C ARG A 113 -4.97 2.85 -7.92
N LEU A 114 -6.29 2.67 -8.03
CA LEU A 114 -7.23 3.77 -7.85
C LEU A 114 -8.39 3.32 -6.96
N GLY A 115 -8.61 4.04 -5.87
CA GLY A 115 -9.70 3.70 -4.96
C GLY A 115 -9.78 4.64 -3.78
N GLY A 116 -10.02 4.09 -2.59
CA GLY A 116 -10.12 4.91 -1.41
C GLY A 116 -9.43 4.31 -0.20
N MET A 117 -9.14 5.14 0.78
CA MET A 117 -8.47 4.69 2.00
C MET A 117 -9.33 4.98 3.23
N VAL A 118 -9.40 4.02 4.14
CA VAL A 118 -10.19 4.16 5.36
C VAL A 118 -9.38 3.75 6.59
N TRP A 119 -9.07 4.72 7.44
CA TRP A 119 -8.30 4.46 8.65
C TRP A 119 -8.88 5.23 9.84
N ARG A 120 -8.38 4.92 11.03
CA ARG A 120 -8.85 5.57 12.25
C ARG A 120 -7.68 6.25 12.97
N ALA A 121 -7.93 7.45 13.49
CA ALA A 121 -6.91 8.20 14.20
C ALA A 121 -7.27 8.35 15.67
N ASP A 122 -6.32 8.01 16.55
CA ASP A 122 -6.54 8.11 17.99
C ASP A 122 -5.99 9.42 18.54
N SER A 123 -6.80 10.11 19.32
CA SER A 123 -6.40 11.39 19.91
C SER A 123 -5.45 11.17 21.08
N LYS A 124 -4.97 12.27 21.66
CA LYS A 124 -4.06 12.19 22.80
C LYS A 124 -4.81 11.85 24.07
N GLY A 125 -5.57 12.81 24.59
CA GLY A 125 -6.33 12.59 25.81
C GLY A 125 -7.35 13.69 26.06
N ASN A 126 -7.89 13.72 27.28
CA ASN A 126 -8.87 14.73 27.65
C ASN A 126 -8.24 16.11 27.70
N TYR A 127 -9.07 17.14 27.49
CA TYR A 127 -8.60 18.51 27.51
C TYR A 127 -9.77 19.50 27.51
N ALA A 128 -9.93 20.21 28.61
CA ALA A 128 -11.01 21.18 28.74
C ALA A 128 -10.48 22.61 28.70
N SER A 129 -11.21 23.49 28.02
CA SER A 129 -10.81 24.89 27.90
C SER A 129 -11.90 25.81 28.40
N THR A 130 -13.00 25.88 27.65
CA THR A 130 -14.12 26.74 28.02
C THR A 130 -15.44 26.12 27.56
N GLY A 131 -15.49 25.70 26.31
CA GLY A 131 -16.70 25.09 25.77
C GLY A 131 -16.44 24.34 24.48
N VAL A 132 -15.91 23.13 24.59
CA VAL A 132 -15.64 22.31 23.42
C VAL A 132 -16.60 21.15 23.32
N SER A 133 -17.33 21.08 22.21
CA SER A 133 -18.29 20.01 21.99
C SER A 133 -17.71 18.93 21.08
N ARG A 134 -16.47 18.53 21.36
CA ARG A 134 -15.80 17.51 20.57
C ARG A 134 -15.36 16.35 21.45
N SER A 135 -16.08 15.24 21.36
CA SER A 135 -15.77 14.06 22.15
C SER A 135 -16.10 12.79 21.38
N GLU A 136 -15.97 12.84 20.06
CA GLU A 136 -16.25 11.70 19.21
C GLU A 136 -14.97 11.18 18.56
N HIS A 137 -15.00 9.93 18.12
CA HIS A 137 -13.85 9.31 17.47
C HIS A 137 -13.68 9.81 16.04
N ASP A 138 -12.46 10.19 15.69
CA ASP A 138 -12.17 10.69 14.36
C ASP A 138 -12.12 9.55 13.35
N THR A 139 -12.58 9.83 12.13
CA THR A 139 -12.60 8.83 11.08
C THR A 139 -11.86 9.33 9.83
N GLY A 140 -10.75 8.67 9.52
CA GLY A 140 -9.97 9.06 8.36
C GLY A 140 -10.35 8.29 7.11
N VAL A 141 -11.05 8.96 6.20
CA VAL A 141 -11.48 8.32 4.95
C VAL A 141 -11.37 9.28 3.78
N SER A 142 -10.61 8.89 2.76
CA SER A 142 -10.42 9.74 1.58
C SER A 142 -10.01 8.91 0.36
N PRO A 143 -10.41 9.36 -0.84
CA PRO A 143 -10.08 8.68 -2.10
C PRO A 143 -8.67 9.00 -2.57
N VAL A 144 -7.98 7.99 -3.10
CA VAL A 144 -6.62 8.18 -3.59
C VAL A 144 -6.25 7.13 -4.63
N PHE A 145 -5.22 7.43 -5.42
CA PHE A 145 -4.74 6.51 -6.46
C PHE A 145 -3.24 6.68 -6.66
N ALA A 146 -2.51 5.57 -6.66
CA ALA A 146 -1.06 5.61 -6.84
C ALA A 146 -0.65 4.88 -8.10
N GLY A 147 0.52 5.25 -8.64
CA GLY A 147 1.01 4.62 -9.85
C GLY A 147 2.51 4.38 -9.79
N GLY A 148 2.93 3.20 -10.24
CA GLY A 148 4.34 2.88 -10.22
C GLY A 148 4.68 1.70 -11.11
N VAL A 149 5.88 1.15 -10.91
CA VAL A 149 6.34 0.01 -11.70
C VAL A 149 6.95 -1.06 -10.81
N GLU A 150 7.24 -2.23 -11.39
CA GLU A 150 7.82 -3.33 -10.62
C GLU A 150 8.77 -4.16 -11.49
N TRP A 151 9.78 -4.74 -10.86
CA TRP A 151 10.76 -5.57 -11.55
C TRP A 151 11.07 -6.83 -10.74
N ALA A 152 11.04 -7.98 -11.41
CA ALA A 152 11.32 -9.25 -10.75
C ALA A 152 12.82 -9.52 -10.67
N VAL A 153 13.27 -9.98 -9.50
CA VAL A 153 14.67 -10.29 -9.30
C VAL A 153 14.86 -11.78 -9.01
N THR A 154 14.28 -12.25 -7.91
CA THR A 154 14.39 -13.65 -7.52
C THR A 154 13.07 -14.39 -7.80
N ARG A 155 13.00 -15.63 -7.34
CA ARG A 155 11.80 -16.43 -7.53
C ARG A 155 10.68 -15.99 -6.60
N ASP A 156 9.61 -15.46 -7.19
CA ASP A 156 8.46 -14.99 -6.42
C ASP A 156 8.85 -13.84 -5.49
N ILE A 157 9.80 -13.02 -5.94
CA ILE A 157 10.26 -11.89 -5.15
C ILE A 157 10.68 -10.74 -6.06
N ALA A 158 9.85 -9.71 -6.12
CA ALA A 158 10.14 -8.54 -6.96
C ALA A 158 10.06 -7.26 -6.16
N THR A 159 10.55 -6.17 -6.75
CA THR A 159 10.52 -4.86 -6.09
C THR A 159 9.56 -3.93 -6.82
N ARG A 160 8.88 -3.07 -6.07
CA ARG A 160 7.92 -2.15 -6.67
C ARG A 160 8.13 -0.72 -6.17
N LEU A 161 8.15 0.21 -7.11
CA LEU A 161 8.31 1.62 -6.80
C LEU A 161 7.04 2.39 -7.19
N GLU A 162 6.38 2.97 -6.21
CA GLU A 162 5.14 3.71 -6.45
C GLU A 162 5.35 5.21 -6.33
N TYR A 163 4.62 5.96 -7.16
CA TYR A 163 4.71 7.41 -7.17
C TYR A 163 3.32 8.03 -7.20
N GLN A 164 3.22 9.27 -6.77
CA GLN A 164 1.93 9.98 -6.75
C GLN A 164 1.89 11.04 -7.85
N TRP A 165 0.87 10.95 -8.70
CA TRP A 165 0.70 11.89 -9.79
C TRP A 165 -0.68 12.55 -9.73
N VAL A 166 -0.71 13.83 -9.36
CA VAL A 166 -1.97 14.56 -9.24
C VAL A 166 -2.62 14.72 -10.62
N ASN A 167 -3.83 15.27 -10.63
CA ASN A 167 -4.56 15.49 -11.87
C ASN A 167 -5.57 16.63 -11.72
N ASN A 168 -6.44 16.52 -10.73
CA ASN A 168 -7.45 17.54 -10.48
C ASN A 168 -7.88 17.54 -9.01
N ILE A 169 -6.95 17.20 -8.13
CA ILE A 169 -7.23 17.16 -6.70
C ILE A 169 -7.42 18.56 -6.14
N GLY A 170 -6.77 19.54 -6.75
CA GLY A 170 -6.88 20.91 -6.30
C GLY A 170 -7.31 21.86 -7.40
N ASP A 171 -7.03 23.14 -7.22
CA ASP A 171 -7.40 24.15 -8.20
C ASP A 171 -6.18 24.96 -8.62
N ALA A 172 -5.37 25.36 -7.65
CA ALA A 172 -4.16 26.14 -7.92
C ALA A 172 -3.20 25.36 -8.81
N GLY A 173 -2.02 25.93 -9.04
CA GLY A 173 -1.03 25.28 -9.87
C GLY A 173 0.39 25.63 -9.47
N THR A 174 0.94 26.67 -10.11
CA THR A 174 2.29 27.11 -9.82
C THR A 174 2.40 28.63 -9.88
N VAL A 175 2.52 29.26 -8.72
CA VAL A 175 2.63 30.71 -8.65
C VAL A 175 3.63 31.13 -7.57
N GLY A 176 4.65 30.30 -7.36
CA GLY A 176 5.65 30.60 -6.37
C GLY A 176 6.92 29.80 -6.57
N THR A 177 6.94 28.57 -6.06
CA THR A 177 8.10 27.70 -6.18
C THR A 177 7.85 26.61 -7.22
N ARG A 178 8.84 26.37 -8.08
CA ARG A 178 8.74 25.36 -9.12
C ARG A 178 8.75 23.95 -8.51
N PRO A 179 9.76 23.65 -7.67
CA PRO A 179 9.88 22.34 -7.02
C PRO A 179 8.63 21.95 -6.25
N ASP A 180 8.12 20.74 -6.50
CA ASP A 180 6.93 20.25 -5.84
C ASP A 180 7.27 19.11 -4.88
N ASN A 181 6.52 19.01 -3.80
CA ASN A 181 6.72 17.96 -2.81
C ASN A 181 5.95 16.70 -3.18
N GLY A 182 6.51 15.91 -4.09
CA GLY A 182 5.87 14.68 -4.52
C GLY A 182 6.04 13.56 -3.51
N MET A 183 5.41 12.42 -3.79
CA MET A 183 5.50 11.26 -2.90
C MET A 183 6.14 10.08 -3.62
N LEU A 184 7.14 9.48 -2.98
CA LEU A 184 7.84 8.33 -3.55
C LEU A 184 7.99 7.22 -2.52
N SER A 185 7.51 6.03 -2.86
CA SER A 185 7.59 4.88 -1.97
C SER A 185 8.22 3.68 -2.67
N LEU A 186 8.98 2.89 -1.91
CA LEU A 186 9.63 1.69 -2.45
C LEU A 186 9.40 0.51 -1.53
N GLY A 187 9.09 -0.65 -2.13
CA GLY A 187 8.85 -1.84 -1.34
C GLY A 187 9.11 -3.12 -2.11
N VAL A 188 8.85 -4.25 -1.46
CA VAL A 188 9.03 -5.56 -2.09
C VAL A 188 7.76 -6.38 -2.00
N SER A 189 7.39 -7.04 -3.10
CA SER A 189 6.19 -7.86 -3.12
C SER A 189 6.45 -9.24 -3.69
N TYR A 190 5.50 -10.14 -3.48
CA TYR A 190 5.60 -11.50 -3.97
C TYR A 190 4.38 -11.86 -4.82
N ARG A 191 4.60 -12.63 -5.87
CA ARG A 191 3.53 -13.04 -6.77
C ARG A 191 3.20 -14.51 -6.59
N PHE A 192 1.93 -14.86 -6.77
CA PHE A 192 1.48 -16.24 -6.63
C PHE A 192 1.22 -16.88 -7.99
N GLY A 193 1.81 -18.05 -8.20
CA GLY A 193 1.64 -18.74 -9.47
C GLY A 193 1.13 -20.16 -9.29
N GLN A 194 0.64 -20.75 -10.38
CA GLN A 194 0.13 -22.12 -10.34
C GLN A 194 1.26 -23.12 -10.10
N GLU A 195 2.45 -22.79 -10.58
CA GLU A 195 3.61 -23.65 -10.42
C GLU A 195 4.59 -23.08 -9.41
N ASP A 196 5.47 -23.92 -8.90
CA ASP A 196 6.46 -23.49 -7.92
C ASP A 196 7.81 -23.21 -8.59
N ALA A 197 8.11 -23.99 -9.63
CA ALA A 197 9.36 -23.83 -10.36
C ALA A 197 9.15 -24.02 -11.85
N ALA A 198 10.20 -23.75 -12.63
CA ALA A 198 10.13 -23.89 -14.08
C ALA A 198 11.16 -24.90 -14.59
N PRO A 199 10.72 -25.88 -15.40
CA PRO A 199 11.62 -26.90 -15.96
C PRO A 199 12.82 -26.30 -16.67
N VAL A 200 13.93 -27.03 -16.68
CA VAL A 200 15.16 -26.57 -17.32
C VAL A 200 15.44 -27.37 -18.59
N VAL A 201 14.92 -26.88 -19.72
CA VAL A 201 15.12 -27.55 -21.00
C VAL A 201 15.95 -26.70 -21.94
N ALA A 202 15.78 -25.39 -21.87
CA ALA A 202 16.51 -24.47 -22.72
C ALA A 202 17.57 -23.70 -21.92
N PRO A 203 18.86 -24.01 -22.12
CA PRO A 203 19.95 -23.34 -21.41
C PRO A 203 20.13 -21.89 -21.86
N ALA A 204 20.08 -21.68 -23.17
CA ALA A 204 20.23 -20.35 -23.73
C ALA A 204 18.97 -19.92 -24.47
N PRO A 205 18.05 -19.22 -23.79
CA PRO A 205 16.80 -18.75 -24.40
C PRO A 205 17.03 -17.70 -25.47
N ALA A 206 17.83 -16.68 -25.14
CA ALA A 206 18.11 -15.61 -26.07
C ALA A 206 19.60 -15.24 -26.05
N PRO A 207 20.34 -15.58 -27.11
CA PRO A 207 21.78 -15.28 -27.19
C PRO A 207 22.08 -13.81 -26.91
N ALA A 208 23.29 -13.54 -26.44
CA ALA A 208 23.70 -12.17 -26.14
C ALA A 208 25.23 -12.04 -26.08
N PRO A 209 25.89 -12.80 -25.19
CA PRO A 209 27.35 -12.75 -25.05
C PRO A 209 28.05 -12.95 -26.39
N GLU A 210 28.37 -11.84 -27.05
CA GLU A 210 29.04 -11.89 -28.34
C GLU A 210 28.20 -12.63 -29.38
N ALA A 1 5.75 -26.14 -5.70
CA ALA A 1 6.07 -27.10 -6.80
C ALA A 1 5.89 -26.44 -8.16
N ARG A 2 5.95 -27.26 -9.21
CA ARG A 2 5.80 -26.75 -10.58
C ARG A 2 5.68 -27.90 -11.57
N ILE A 3 4.45 -28.23 -11.94
CA ILE A 3 4.18 -29.31 -12.88
C ILE A 3 3.22 -28.87 -13.98
N MET A 4 3.77 -28.55 -15.15
CA MET A 4 2.96 -28.11 -16.28
C MET A 4 3.38 -28.82 -17.56
N LYS A 5 2.41 -29.37 -18.27
CA LYS A 5 2.68 -30.08 -19.51
C LYS A 5 2.90 -29.09 -20.67
N ALA A 6 4.15 -28.86 -21.01
CA ALA A 6 4.49 -27.94 -22.09
C ALA A 6 4.32 -28.61 -23.45
N ILE A 7 3.06 -28.82 -23.84
CA ILE A 7 2.77 -29.45 -25.12
C ILE A 7 1.26 -29.54 -25.34
N PHE A 8 0.53 -29.86 -24.28
CA PHE A 8 -0.93 -29.97 -24.37
C PHE A 8 -1.57 -29.69 -23.01
N VAL A 9 -2.74 -29.07 -23.04
CA VAL A 9 -3.47 -28.74 -21.81
C VAL A 9 -4.69 -29.63 -21.64
N LEU A 10 -4.92 -30.09 -20.42
CA LEU A 10 -6.05 -30.95 -20.12
C LEU A 10 -6.95 -30.32 -19.06
N ASN A 11 -6.34 -29.76 -18.03
CA ASN A 11 -7.08 -29.12 -16.95
C ASN A 11 -7.92 -27.96 -17.48
N ALA A 12 -9.03 -27.68 -16.80
CA ALA A 12 -9.93 -26.61 -17.20
C ALA A 12 -9.75 -25.39 -16.30
N ALA A 13 -9.36 -24.27 -16.89
CA ALA A 13 -9.16 -23.04 -16.14
C ALA A 13 -10.07 -21.93 -16.66
N PRO A 14 -11.32 -21.87 -16.17
CA PRO A 14 -12.29 -20.86 -16.59
C PRO A 14 -11.93 -19.46 -16.08
N LYS A 15 -11.42 -19.42 -14.86
CA LYS A 15 -11.04 -18.15 -14.24
C LYS A 15 -9.70 -18.27 -13.53
N ASP A 16 -8.71 -17.49 -13.99
CA ASP A 16 -7.38 -17.51 -13.40
C ASP A 16 -7.32 -16.61 -12.17
N ASN A 17 -7.21 -17.22 -11.00
CA ASN A 17 -7.14 -16.48 -9.74
C ASN A 17 -5.72 -16.46 -9.20
N THR A 18 -5.25 -15.27 -8.82
CA THR A 18 -3.91 -15.11 -8.28
C THR A 18 -3.92 -14.18 -7.08
N TRP A 19 -3.00 -14.43 -6.14
CA TRP A 19 -2.90 -13.61 -4.93
C TRP A 19 -1.62 -12.77 -4.94
N TYR A 20 -1.76 -11.50 -4.62
CA TYR A 20 -0.62 -10.59 -4.59
C TYR A 20 -0.51 -9.95 -3.21
N ALA A 21 0.72 -9.88 -2.69
CA ALA A 21 0.95 -9.30 -1.37
C ALA A 21 2.35 -8.73 -1.25
N GLY A 22 2.49 -7.64 -0.49
CA GLY A 22 3.78 -7.02 -0.30
C GLY A 22 3.71 -5.78 0.56
N GLY A 23 4.82 -5.06 0.67
CA GLY A 23 4.86 -3.85 1.47
C GLY A 23 5.80 -2.81 0.91
N LYS A 24 5.47 -1.54 1.12
CA LYS A 24 6.31 -0.45 0.63
C LYS A 24 6.43 0.66 1.66
N LEU A 25 7.56 1.37 1.62
CA LEU A 25 7.82 2.48 2.54
C LEU A 25 8.07 3.76 1.76
N GLY A 26 7.63 4.88 2.31
CA GLY A 26 7.82 6.17 1.65
C GLY A 26 8.10 7.29 2.62
N TRP A 27 8.30 8.49 2.08
CA TRP A 27 8.58 9.66 2.91
C TRP A 27 7.36 10.58 2.95
N SER A 28 7.32 11.45 3.97
CA SER A 28 6.21 12.39 4.12
C SER A 28 6.61 13.78 3.66
N GLN A 29 7.63 14.35 4.31
CA GLN A 29 8.10 15.68 3.95
C GLN A 29 9.41 15.60 3.17
N TYR A 30 9.60 16.53 2.25
CA TYR A 30 10.81 16.56 1.43
C TYR A 30 11.24 18.00 1.15
N HIS A 31 12.33 18.15 0.40
CA HIS A 31 12.84 19.47 0.06
C HIS A 31 13.28 19.53 -1.40
N ASP A 32 12.41 20.08 -2.25
CA ASP A 32 12.70 20.19 -3.67
C ASP A 32 13.88 21.12 -3.92
N THR A 33 13.67 22.40 -3.64
CA THR A 33 14.72 23.40 -3.83
C THR A 33 15.73 23.36 -2.68
N GLY A 34 15.27 23.72 -1.48
CA GLY A 34 16.15 23.72 -0.33
C GLY A 34 16.82 25.06 -0.10
N PHE A 35 17.18 25.33 1.15
CA PHE A 35 17.83 26.59 1.50
C PHE A 35 19.33 26.51 1.25
N TYR A 36 20.04 27.60 1.53
CA TYR A 36 21.49 27.66 1.34
C TYR A 36 22.15 28.44 2.47
N GLY A 37 22.64 27.72 3.47
CA GLY A 37 23.30 28.37 4.59
C GLY A 37 24.73 27.90 4.78
N ASN A 38 25.31 28.22 5.93
CA ASN A 38 26.68 27.82 6.23
C ASN A 38 26.75 26.36 6.67
N GLY A 39 25.70 25.91 7.35
CA GLY A 39 25.66 24.54 7.82
C GLY A 39 24.24 24.02 7.96
N PHE A 40 23.83 23.18 7.02
CA PHE A 40 22.49 22.60 7.04
C PHE A 40 22.54 21.08 6.96
N GLN A 41 23.61 20.50 7.52
CA GLN A 41 23.78 19.05 7.51
C GLN A 41 24.38 18.57 8.83
N ASN A 42 25.42 19.26 9.30
CA ASN A 42 26.07 18.90 10.55
C ASN A 42 25.09 18.93 11.71
N ASN A 43 24.47 20.08 11.92
CA ASN A 43 23.50 20.24 13.00
C ASN A 43 22.29 19.35 12.78
N ASN A 44 21.96 19.10 11.51
CA ASN A 44 20.82 18.26 11.17
C ASN A 44 21.27 16.84 10.84
N GLY A 45 22.34 16.41 11.48
CA GLY A 45 22.86 15.06 11.26
C GLY A 45 22.39 14.08 12.32
N PRO A 46 23.25 13.78 13.31
CA PRO A 46 22.90 12.85 14.39
C PRO A 46 22.03 13.49 15.47
N THR A 47 20.91 14.05 15.05
CA THR A 47 19.98 14.70 15.98
C THR A 47 18.62 14.93 15.32
N ARG A 48 18.64 15.45 14.10
CA ARG A 48 17.42 15.72 13.36
C ARG A 48 16.67 14.43 13.05
N ASN A 49 15.35 14.47 13.16
CA ASN A 49 14.52 13.31 12.89
C ASN A 49 13.81 13.46 11.55
N ASP A 50 13.61 12.33 10.86
CA ASP A 50 12.93 12.33 9.57
C ASP A 50 11.49 11.88 9.71
N GLN A 51 10.68 12.18 8.69
CA GLN A 51 9.27 11.79 8.71
C GLN A 51 8.96 10.82 7.57
N LEU A 52 8.76 9.56 7.92
CA LEU A 52 8.46 8.53 6.94
C LEU A 52 7.30 7.66 7.39
N GLY A 53 6.73 6.90 6.46
CA GLY A 53 5.62 6.02 6.77
C GLY A 53 5.70 4.70 6.05
N ALA A 54 5.24 3.64 6.69
CA ALA A 54 5.26 2.31 6.08
C ALA A 54 3.85 1.79 5.86
N GLY A 55 3.64 1.09 4.76
CA GLY A 55 2.33 0.55 4.46
C GLY A 55 2.38 -0.72 3.63
N ALA A 56 1.46 -1.64 3.92
CA ALA A 56 1.40 -2.90 3.20
C ALA A 56 0.35 -2.85 2.10
N PHE A 57 0.40 -3.78 1.18
CA PHE A 57 -0.56 -3.83 0.08
C PHE A 57 -0.77 -5.25 -0.43
N GLY A 58 -2.01 -5.57 -0.76
CA GLY A 58 -2.34 -6.90 -1.26
C GLY A 58 -3.23 -6.84 -2.49
N GLY A 59 -2.79 -7.47 -3.57
CA GLY A 59 -3.57 -7.45 -4.80
C GLY A 59 -4.41 -8.70 -4.97
N TYR A 60 -5.58 -8.53 -5.58
CA TYR A 60 -6.49 -9.65 -5.81
C TYR A 60 -6.99 -9.64 -7.26
N GLN A 61 -6.58 -10.64 -8.02
CA GLN A 61 -6.98 -10.74 -9.42
C GLN A 61 -8.26 -11.56 -9.57
N VAL A 62 -9.16 -11.08 -10.41
CA VAL A 62 -10.43 -11.77 -10.64
C VAL A 62 -10.92 -11.53 -12.07
N ASN A 63 -9.99 -11.21 -12.97
CA ASN A 63 -10.31 -10.96 -14.36
C ASN A 63 -9.08 -10.44 -15.11
N PRO A 64 -8.85 -10.94 -16.34
CA PRO A 64 -7.69 -10.51 -17.14
C PRO A 64 -7.80 -9.06 -17.58
N TYR A 65 -7.71 -8.14 -16.63
CA TYR A 65 -7.80 -6.71 -16.94
C TYR A 65 -7.41 -5.86 -15.73
N LEU A 66 -7.84 -6.27 -14.54
CA LEU A 66 -7.52 -5.54 -13.32
C LEU A 66 -7.88 -6.34 -12.08
N GLY A 67 -7.35 -5.92 -10.94
CA GLY A 67 -7.61 -6.61 -9.70
C GLY A 67 -7.78 -5.65 -8.53
N PHE A 68 -8.43 -6.11 -7.47
CA PHE A 68 -8.65 -5.28 -6.29
C PHE A 68 -7.42 -5.32 -5.38
N GLU A 69 -6.93 -4.14 -5.02
CA GLU A 69 -5.75 -4.04 -4.16
C GLU A 69 -6.10 -3.41 -2.82
N MET A 70 -5.73 -4.10 -1.74
CA MET A 70 -5.99 -3.62 -0.39
C MET A 70 -4.70 -3.09 0.21
N GLY A 71 -4.75 -1.86 0.73
CA GLY A 71 -3.57 -1.26 1.32
C GLY A 71 -3.66 -1.14 2.83
N TYR A 72 -2.51 -1.05 3.49
CA TYR A 72 -2.45 -0.92 4.94
C TYR A 72 -1.49 0.20 5.33
N ASP A 73 -2.02 1.21 6.03
CA ASP A 73 -1.20 2.34 6.47
C ASP A 73 -0.68 2.13 7.88
N TRP A 74 0.63 2.26 8.05
CA TRP A 74 1.26 2.09 9.35
C TRP A 74 2.35 3.14 9.57
N LEU A 75 2.24 3.87 10.68
CA LEU A 75 3.22 4.91 11.00
C LEU A 75 4.40 4.32 11.76
N GLY A 76 5.53 5.01 11.71
CA GLY A 76 6.72 4.55 12.40
C GLY A 76 6.88 5.17 13.77
N ARG A 77 6.76 4.34 14.82
CA ARG A 77 6.89 4.82 16.19
C ARG A 77 6.94 3.66 17.17
N MET A 78 7.32 3.95 18.41
CA MET A 78 7.42 2.93 19.44
C MET A 78 6.72 3.38 20.72
N ALA A 79 6.51 2.44 21.63
CA ALA A 79 5.85 2.74 22.90
C ALA A 79 6.87 2.92 24.01
N TYR A 80 6.42 3.45 25.14
CA TYR A 80 7.28 3.69 26.29
C TYR A 80 6.56 3.41 27.60
N LYS A 81 5.37 3.98 27.74
CA LYS A 81 4.56 3.80 28.94
C LYS A 81 3.38 2.87 28.66
N GLY A 82 3.46 1.65 29.17
CA GLY A 82 2.38 0.69 28.97
C GLY A 82 2.65 -0.62 29.68
N SER A 83 2.61 -0.59 31.01
CA SER A 83 2.84 -1.80 31.80
C SER A 83 1.56 -2.61 31.95
N VAL A 84 0.59 -2.06 32.67
CA VAL A 84 -0.68 -2.73 32.89
C VAL A 84 -1.84 -1.73 32.88
N ASP A 85 -1.71 -0.70 32.05
CA ASP A 85 -2.74 0.33 31.94
C ASP A 85 -3.01 0.67 30.48
N ASN A 86 -4.11 1.40 30.24
CA ASN A 86 -4.47 1.80 28.89
C ASN A 86 -3.37 2.65 28.26
N GLY A 87 -3.43 2.80 26.94
CA GLY A 87 -2.44 3.59 26.24
C GLY A 87 -2.94 4.98 25.88
N ALA A 88 -2.77 5.36 24.62
CA ALA A 88 -3.21 6.67 24.15
C ALA A 88 -3.61 6.62 22.68
N PHE A 89 -2.70 6.11 21.85
CA PHE A 89 -2.96 6.01 20.42
C PHE A 89 -3.18 4.56 20.00
N LYS A 90 -4.17 4.34 19.14
CA LYS A 90 -4.49 3.00 18.67
C LYS A 90 -5.33 3.06 17.40
N ALA A 91 -4.75 2.62 16.29
CA ALA A 91 -5.46 2.63 15.01
C ALA A 91 -4.64 1.94 13.92
N GLN A 92 -5.27 1.71 12.77
CA GLN A 92 -4.60 1.07 11.65
C GLN A 92 -5.18 1.55 10.34
N GLY A 93 -4.32 1.81 9.35
CA GLY A 93 -4.78 2.28 8.07
C GLY A 93 -5.27 1.16 7.17
N VAL A 94 -6.49 1.32 6.65
CA VAL A 94 -7.07 0.32 5.76
C VAL A 94 -7.67 0.99 4.53
N GLN A 95 -7.13 0.66 3.36
CA GLN A 95 -7.62 1.26 2.11
C GLN A 95 -8.06 0.19 1.11
N LEU A 96 -9.04 0.56 0.29
CA LEU A 96 -9.57 -0.34 -0.74
C LEU A 96 -9.47 0.35 -2.10
N THR A 97 -8.75 -0.28 -3.04
CA THR A 97 -8.58 0.31 -4.37
C THR A 97 -8.44 -0.76 -5.44
N ALA A 98 -8.45 -0.31 -6.69
CA ALA A 98 -8.31 -1.21 -7.83
C ALA A 98 -6.93 -1.03 -8.46
N LYS A 99 -6.17 -2.12 -8.54
CA LYS A 99 -4.83 -2.06 -9.11
C LYS A 99 -4.72 -2.86 -10.40
N LEU A 100 -4.13 -2.25 -11.41
CA LEU A 100 -3.95 -2.90 -12.70
C LEU A 100 -2.49 -2.83 -13.13
N GLY A 101 -1.91 -3.98 -13.43
CA GLY A 101 -0.51 -4.04 -13.84
C GLY A 101 -0.26 -5.11 -14.88
N TYR A 102 0.85 -4.98 -15.61
CA TYR A 102 1.20 -5.96 -16.64
C TYR A 102 2.64 -5.80 -17.10
N PRO A 103 3.30 -6.91 -17.49
CA PRO A 103 4.69 -6.89 -17.96
C PRO A 103 4.82 -6.32 -19.38
N ILE A 104 6.05 -6.12 -19.82
CA ILE A 104 6.29 -5.59 -21.16
C ILE A 104 7.36 -6.40 -21.88
N THR A 105 8.60 -6.29 -21.43
CA THR A 105 9.71 -7.01 -22.05
C THR A 105 9.74 -8.46 -21.56
N ASP A 106 10.06 -8.64 -20.29
CA ASP A 106 10.13 -9.98 -19.69
C ASP A 106 10.04 -9.91 -18.18
N ASP A 107 10.88 -9.06 -17.58
CA ASP A 107 10.90 -8.90 -16.13
C ASP A 107 10.62 -7.45 -15.74
N LEU A 108 9.92 -6.73 -16.61
CA LEU A 108 9.57 -5.34 -16.34
C LEU A 108 8.07 -5.14 -16.46
N ASP A 109 7.42 -4.84 -15.34
CA ASP A 109 5.97 -4.66 -15.32
C ASP A 109 5.57 -3.30 -14.75
N ILE A 110 4.40 -2.82 -15.15
CA ILE A 110 3.87 -1.55 -14.67
C ILE A 110 2.60 -1.79 -13.86
N TYR A 111 2.33 -0.90 -12.91
CA TYR A 111 1.13 -1.04 -12.08
C TYR A 111 0.56 0.31 -11.68
N THR A 112 -0.77 0.35 -11.56
CA THR A 112 -1.47 1.58 -11.19
C THR A 112 -2.65 1.26 -10.28
N ARG A 113 -2.75 1.97 -9.15
CA ARG A 113 -3.83 1.74 -8.20
C ARG A 113 -4.63 3.00 -7.95
N LEU A 114 -5.96 2.88 -8.05
CA LEU A 114 -6.87 4.00 -7.82
C LEU A 114 -8.02 3.57 -6.92
N GLY A 115 -8.19 4.27 -5.79
CA GLY A 115 -9.26 3.94 -4.87
C GLY A 115 -9.34 4.91 -3.71
N GLY A 116 -9.61 4.38 -2.52
CA GLY A 116 -9.71 5.23 -1.34
C GLY A 116 -9.14 4.59 -0.09
N MET A 117 -8.85 5.42 0.91
CA MET A 117 -8.29 4.93 2.16
C MET A 117 -9.22 5.26 3.33
N VAL A 118 -9.25 4.37 4.32
CA VAL A 118 -10.09 4.57 5.49
C VAL A 118 -9.28 4.39 6.78
N TRP A 119 -9.61 5.19 7.80
CA TRP A 119 -8.92 5.10 9.07
C TRP A 119 -9.92 5.01 10.22
N ARG A 120 -9.58 4.20 11.24
CA ARG A 120 -10.45 4.03 12.39
C ARG A 120 -9.64 4.03 13.68
N ALA A 121 -10.27 4.47 14.77
CA ALA A 121 -9.61 4.52 16.07
C ALA A 121 -10.04 3.35 16.95
N ASP A 122 -9.33 3.16 18.06
CA ASP A 122 -9.63 2.07 18.98
C ASP A 122 -9.86 2.60 20.39
N SER A 123 -10.92 2.13 21.03
CA SER A 123 -11.26 2.55 22.39
C SER A 123 -10.32 1.90 23.40
N LYS A 124 -9.95 2.67 24.43
CA LYS A 124 -9.05 2.17 25.47
C LYS A 124 -9.84 1.40 26.53
N GLY A 125 -9.45 0.15 26.75
CA GLY A 125 -10.13 -0.67 27.73
C GLY A 125 -9.33 -1.91 28.10
N ASN A 126 -8.50 -1.81 29.12
CA ASN A 126 -7.68 -2.92 29.57
C ASN A 126 -8.56 -4.10 29.99
N TYR A 127 -9.57 -3.82 30.81
CA TYR A 127 -10.48 -4.86 31.29
C TYR A 127 -11.93 -4.50 30.95
N ALA A 128 -12.60 -5.41 30.26
CA ALA A 128 -13.99 -5.20 29.88
C ALA A 128 -14.88 -6.35 30.36
N SER A 129 -16.13 -6.03 30.66
CA SER A 129 -17.08 -7.04 31.14
C SER A 129 -18.14 -7.33 30.07
N THR A 130 -18.72 -6.27 29.52
CA THR A 130 -19.75 -6.41 28.49
C THR A 130 -19.50 -5.45 27.34
N GLY A 131 -20.31 -5.57 26.29
CA GLY A 131 -20.17 -4.70 25.14
C GLY A 131 -20.48 -3.25 25.45
N VAL A 132 -20.71 -2.46 24.40
CA VAL A 132 -21.03 -1.06 24.57
C VAL A 132 -22.08 -0.61 23.55
N SER A 133 -23.16 -0.01 24.05
CA SER A 133 -24.24 0.47 23.19
C SER A 133 -23.95 1.87 22.68
N ARG A 134 -23.35 2.69 23.54
CA ARG A 134 -23.01 4.06 23.17
C ARG A 134 -21.93 4.09 22.09
N SER A 135 -22.34 3.90 20.84
CA SER A 135 -21.40 3.90 19.72
C SER A 135 -21.19 5.32 19.19
N GLU A 136 -20.07 5.93 19.58
CA GLU A 136 -19.75 7.28 19.15
C GLU A 136 -18.25 7.41 18.85
N HIS A 137 -17.91 7.43 17.58
CA HIS A 137 -16.52 7.55 17.16
C HIS A 137 -16.41 8.29 15.83
N ASP A 138 -15.18 8.44 15.34
CA ASP A 138 -14.95 9.13 14.08
C ASP A 138 -13.95 8.37 13.22
N THR A 139 -14.30 8.15 11.95
CA THR A 139 -13.42 7.44 11.03
C THR A 139 -12.93 8.35 9.92
N GLY A 140 -11.68 8.15 9.50
CA GLY A 140 -11.11 8.97 8.46
C GLY A 140 -11.24 8.34 7.09
N VAL A 141 -11.46 9.17 6.07
CA VAL A 141 -11.61 8.69 4.70
C VAL A 141 -11.04 9.69 3.71
N SER A 142 -10.23 9.19 2.77
CA SER A 142 -9.63 10.05 1.76
C SER A 142 -9.23 9.25 0.51
N PRO A 143 -9.63 9.73 -0.69
CA PRO A 143 -9.31 9.05 -1.95
C PRO A 143 -7.84 9.22 -2.34
N VAL A 144 -7.27 8.21 -2.99
CA VAL A 144 -5.88 8.25 -3.41
C VAL A 144 -5.62 7.31 -4.58
N PHE A 145 -4.59 7.65 -5.37
CA PHE A 145 -4.22 6.83 -6.52
C PHE A 145 -2.73 6.92 -6.79
N ALA A 146 -2.05 5.78 -6.82
CA ALA A 146 -0.62 5.73 -7.06
C ALA A 146 -0.29 4.97 -8.34
N GLY A 147 0.75 5.41 -9.02
CA GLY A 147 1.15 4.76 -10.26
C GLY A 147 2.65 4.62 -10.38
N GLY A 148 3.11 3.43 -10.74
CA GLY A 148 4.54 3.20 -10.86
C GLY A 148 4.87 1.95 -11.66
N VAL A 149 6.05 1.38 -11.39
CA VAL A 149 6.49 0.19 -12.08
C VAL A 149 7.14 -0.80 -11.11
N GLU A 150 7.41 -2.02 -11.58
CA GLU A 150 8.02 -3.03 -10.74
C GLU A 150 8.93 -3.95 -11.54
N TRP A 151 9.96 -4.48 -10.89
CA TRP A 151 10.91 -5.38 -11.53
C TRP A 151 11.03 -6.69 -10.76
N ALA A 152 11.10 -7.79 -11.48
CA ALA A 152 11.22 -9.11 -10.87
C ALA A 152 12.68 -9.53 -10.72
N VAL A 153 13.01 -10.09 -9.56
CA VAL A 153 14.37 -10.55 -9.29
C VAL A 153 14.43 -12.07 -9.29
N THR A 154 13.49 -12.69 -8.58
CA THR A 154 13.43 -14.14 -8.49
C THR A 154 12.23 -14.66 -9.26
N ARG A 155 11.87 -15.92 -9.01
CA ARG A 155 10.73 -16.54 -9.69
C ARG A 155 9.51 -16.54 -8.78
N ASP A 156 9.29 -15.44 -8.06
CA ASP A 156 8.14 -15.33 -7.16
C ASP A 156 8.13 -13.99 -6.42
N ILE A 157 9.31 -13.41 -6.21
CA ILE A 157 9.41 -12.13 -5.51
C ILE A 157 9.93 -11.03 -6.42
N ALA A 158 9.27 -9.87 -6.37
CA ALA A 158 9.67 -8.74 -7.19
C ALA A 158 9.55 -7.43 -6.40
N THR A 159 10.23 -6.40 -6.88
CA THR A 159 10.19 -5.10 -6.22
C THR A 159 9.35 -4.12 -7.03
N ARG A 160 8.74 -3.16 -6.36
CA ARG A 160 7.89 -2.18 -7.04
C ARG A 160 8.13 -0.76 -6.51
N LEU A 161 8.08 0.20 -7.43
CA LEU A 161 8.27 1.60 -7.10
C LEU A 161 7.06 2.40 -7.57
N GLU A 162 6.36 3.02 -6.63
CA GLU A 162 5.17 3.80 -6.97
C GLU A 162 5.43 5.30 -6.82
N TYR A 163 4.86 6.07 -7.74
CA TYR A 163 5.02 7.52 -7.72
C TYR A 163 3.68 8.21 -7.96
N GLN A 164 3.63 9.51 -7.69
CA GLN A 164 2.40 10.28 -7.87
C GLN A 164 2.19 10.62 -9.34
N TRP A 165 0.99 10.33 -9.84
CA TRP A 165 0.65 10.59 -11.23
C TRP A 165 0.52 12.10 -11.47
N VAL A 166 1.53 12.68 -12.10
CA VAL A 166 1.54 14.10 -12.40
C VAL A 166 2.65 14.46 -13.39
N ASN A 167 2.26 15.06 -14.51
CA ASN A 167 3.22 15.44 -15.54
C ASN A 167 3.84 16.80 -15.21
N ASN A 168 3.06 17.69 -14.62
CA ASN A 168 3.53 19.02 -14.26
C ASN A 168 4.31 18.97 -12.94
N ILE A 169 5.40 19.72 -12.89
CA ILE A 169 6.24 19.77 -11.69
C ILE A 169 6.17 21.14 -11.03
N GLY A 170 5.95 22.17 -11.84
CA GLY A 170 5.87 23.52 -11.30
C GLY A 170 5.62 24.56 -12.39
N ASP A 171 4.48 24.45 -13.06
CA ASP A 171 4.13 25.38 -14.13
C ASP A 171 2.89 26.19 -13.75
N ALA A 172 1.83 25.49 -13.37
CA ALA A 172 0.58 26.13 -12.99
C ALA A 172 0.78 27.06 -11.79
N GLY A 173 -0.31 27.67 -11.33
CA GLY A 173 -0.22 28.58 -10.20
C GLY A 173 -1.56 29.21 -9.87
N THR A 174 -2.35 29.50 -10.90
CA THR A 174 -3.66 30.11 -10.70
C THR A 174 -4.77 29.15 -11.11
N VAL A 175 -4.61 28.52 -12.28
CA VAL A 175 -5.60 27.58 -12.77
C VAL A 175 -5.34 26.17 -12.25
N GLY A 176 -4.07 25.87 -12.00
CA GLY A 176 -3.71 24.56 -11.49
C GLY A 176 -3.86 24.46 -9.99
N THR A 177 -5.09 24.31 -9.53
CA THR A 177 -5.36 24.20 -8.10
C THR A 177 -6.17 22.94 -7.79
N ARG A 178 -5.48 21.81 -7.74
CA ARG A 178 -6.12 20.54 -7.45
C ARG A 178 -5.43 19.82 -6.29
N PRO A 179 -5.93 20.03 -5.05
CA PRO A 179 -5.36 19.40 -3.86
C PRO A 179 -5.56 17.89 -3.84
N ASP A 180 -4.56 17.16 -4.30
CA ASP A 180 -4.62 15.70 -4.34
C ASP A 180 -3.51 15.08 -3.50
N ASN A 181 -3.54 13.75 -3.38
CA ASN A 181 -2.52 13.04 -2.60
C ASN A 181 -1.66 12.17 -3.51
N GLY A 182 -0.42 11.94 -3.10
CA GLY A 182 0.49 11.12 -3.88
C GLY A 182 1.94 11.36 -3.53
N MET A 183 2.71 10.28 -3.44
CA MET A 183 4.12 10.38 -3.11
C MET A 183 4.90 9.19 -3.67
N LEU A 184 6.23 9.25 -3.58
CA LEU A 184 7.08 8.18 -4.08
C LEU A 184 7.43 7.20 -2.95
N SER A 185 7.20 5.93 -3.20
CA SER A 185 7.49 4.88 -2.22
C SER A 185 8.06 3.64 -2.87
N LEU A 186 8.90 2.92 -2.14
CA LEU A 186 9.52 1.70 -2.65
C LEU A 186 9.18 0.52 -1.76
N GLY A 187 8.87 -0.63 -2.37
CA GLY A 187 8.52 -1.80 -1.61
C GLY A 187 8.73 -3.10 -2.37
N VAL A 188 8.52 -4.22 -1.69
CA VAL A 188 8.68 -5.53 -2.32
C VAL A 188 7.41 -6.36 -2.16
N SER A 189 7.02 -7.05 -3.23
CA SER A 189 5.81 -7.87 -3.20
C SER A 189 6.03 -9.20 -3.91
N TYR A 190 5.04 -10.09 -3.79
CA TYR A 190 5.12 -11.40 -4.42
C TYR A 190 3.73 -11.88 -4.82
N ARG A 191 3.67 -12.78 -5.79
CA ARG A 191 2.40 -13.32 -6.27
C ARG A 191 2.38 -14.84 -6.18
N PHE A 192 1.18 -15.40 -6.12
CA PHE A 192 1.02 -16.86 -6.02
C PHE A 192 -0.17 -17.32 -6.87
N GLY A 193 -0.19 -18.61 -7.18
CA GLY A 193 -1.26 -19.17 -7.98
C GLY A 193 -2.14 -20.11 -7.19
N GLN A 194 -3.39 -19.72 -6.97
CA GLN A 194 -4.33 -20.55 -6.22
C GLN A 194 -5.69 -20.60 -6.92
N GLU A 195 -6.13 -21.80 -7.27
CA GLU A 195 -7.41 -21.98 -7.94
C GLU A 195 -8.51 -22.31 -6.93
N ASP A 196 -9.76 -22.30 -7.40
CA ASP A 196 -10.89 -22.61 -6.53
C ASP A 196 -10.82 -24.04 -6.02
N ALA A 197 -10.90 -24.19 -4.70
CA ALA A 197 -10.84 -25.51 -4.08
C ALA A 197 -12.17 -25.87 -3.44
N ALA A 198 -12.77 -26.97 -3.90
CA ALA A 198 -14.04 -27.43 -3.37
C ALA A 198 -14.42 -28.80 -3.93
N PRO A 199 -14.62 -28.88 -5.26
CA PRO A 199 -14.99 -30.15 -5.91
C PRO A 199 -13.82 -31.13 -5.97
N VAL A 200 -14.11 -32.41 -5.74
CA VAL A 200 -13.09 -33.44 -5.77
C VAL A 200 -12.42 -33.51 -7.13
N VAL A 201 -11.28 -32.83 -7.26
CA VAL A 201 -10.53 -32.82 -8.52
C VAL A 201 -9.16 -33.49 -8.35
N ALA A 202 -9.07 -34.41 -7.40
CA ALA A 202 -7.83 -35.13 -7.14
C ALA A 202 -7.62 -36.25 -8.15
N PRO A 203 -8.53 -37.24 -8.18
CA PRO A 203 -8.44 -38.38 -9.10
C PRO A 203 -8.82 -38.00 -10.52
N ALA A 204 -8.24 -38.71 -11.49
CA ALA A 204 -8.52 -38.45 -12.91
C ALA A 204 -9.12 -39.67 -13.58
N PRO A 205 -10.44 -39.87 -13.45
CA PRO A 205 -11.14 -41.00 -14.05
C PRO A 205 -11.20 -40.92 -15.57
N ALA A 206 -10.96 -39.73 -16.10
CA ALA A 206 -10.98 -39.51 -17.55
C ALA A 206 -10.04 -40.47 -18.27
N PRO A 207 -10.39 -40.88 -19.49
CA PRO A 207 -9.56 -41.80 -20.28
C PRO A 207 -8.11 -41.31 -20.41
N ALA A 208 -7.31 -42.06 -21.16
CA ALA A 208 -5.90 -41.70 -21.36
C ALA A 208 -5.55 -41.71 -22.85
N PRO A 209 -5.52 -40.53 -23.48
CA PRO A 209 -5.19 -40.42 -24.91
C PRO A 209 -3.73 -40.76 -25.20
N GLU A 210 -3.48 -41.35 -26.37
CA GLU A 210 -2.12 -41.72 -26.76
C GLU A 210 -1.26 -40.48 -26.97
N ALA A 1 -32.61 -34.91 -6.03
CA ALA A 1 -31.39 -34.12 -5.74
C ALA A 1 -30.34 -34.30 -6.84
N ARG A 2 -30.81 -34.52 -8.07
CA ARG A 2 -29.92 -34.71 -9.20
C ARG A 2 -29.85 -33.45 -10.06
N ILE A 3 -28.66 -33.16 -10.58
CA ILE A 3 -28.47 -31.99 -11.41
C ILE A 3 -29.20 -32.14 -12.75
N MET A 4 -29.90 -31.07 -13.16
CA MET A 4 -30.64 -31.09 -14.41
C MET A 4 -30.46 -29.78 -15.17
N LYS A 5 -29.28 -29.18 -15.01
CA LYS A 5 -28.98 -27.92 -15.68
C LYS A 5 -27.72 -28.05 -16.54
N ALA A 6 -27.45 -27.04 -17.35
CA ALA A 6 -26.28 -27.04 -18.22
C ALA A 6 -25.03 -26.61 -17.46
N ILE A 7 -24.09 -27.54 -17.29
CA ILE A 7 -22.86 -27.26 -16.58
C ILE A 7 -21.74 -26.88 -17.55
N PHE A 8 -21.32 -25.62 -17.52
CA PHE A 8 -20.26 -25.13 -18.39
C PHE A 8 -18.90 -25.26 -17.71
N VAL A 9 -18.88 -25.13 -16.39
CA VAL A 9 -17.65 -25.23 -15.63
C VAL A 9 -17.69 -26.41 -14.65
N LEU A 10 -16.68 -27.25 -14.72
CA LEU A 10 -16.60 -28.42 -13.85
C LEU A 10 -15.20 -29.05 -13.90
N ASN A 11 -14.71 -29.28 -15.11
CA ASN A 11 -13.40 -29.87 -15.30
C ASN A 11 -12.31 -28.80 -15.35
N ALA A 12 -12.63 -27.68 -15.98
CA ALA A 12 -11.69 -26.57 -16.11
C ALA A 12 -12.07 -25.41 -15.21
N ALA A 13 -11.41 -25.31 -14.06
CA ALA A 13 -11.69 -24.24 -13.11
C ALA A 13 -10.86 -23.00 -13.42
N PRO A 14 -11.21 -21.85 -12.82
CA PRO A 14 -10.49 -20.59 -13.05
C PRO A 14 -9.03 -20.69 -12.63
N LYS A 15 -8.20 -21.20 -13.52
CA LYS A 15 -6.78 -21.35 -13.25
C LYS A 15 -5.99 -20.10 -13.66
N ASP A 16 -6.67 -19.17 -14.33
CA ASP A 16 -6.02 -17.93 -14.77
C ASP A 16 -6.11 -16.84 -13.70
N ASN A 17 -5.83 -17.21 -12.45
CA ASN A 17 -5.87 -16.26 -11.35
C ASN A 17 -4.47 -15.93 -10.85
N THR A 18 -4.34 -14.76 -10.22
CA THR A 18 -3.05 -14.33 -9.70
C THR A 18 -3.23 -13.52 -8.41
N TRP A 19 -2.27 -13.65 -7.50
CA TRP A 19 -2.32 -12.93 -6.23
C TRP A 19 -0.99 -12.26 -5.93
N TYR A 20 -1.04 -10.98 -5.59
CA TYR A 20 0.16 -10.22 -5.27
C TYR A 20 0.08 -9.64 -3.86
N ALA A 21 1.17 -9.75 -3.11
CA ALA A 21 1.22 -9.25 -1.75
C ALA A 21 2.61 -8.76 -1.39
N GLY A 22 2.68 -7.64 -0.67
CA GLY A 22 3.96 -7.09 -0.26
C GLY A 22 3.80 -5.86 0.61
N GLY A 23 4.85 -5.04 0.66
CA GLY A 23 4.81 -3.83 1.46
C GLY A 23 5.69 -2.73 0.91
N LYS A 24 5.29 -1.49 1.13
CA LYS A 24 6.06 -0.35 0.65
C LYS A 24 6.29 0.67 1.76
N LEU A 25 7.36 1.46 1.61
CA LEU A 25 7.71 2.47 2.59
C LEU A 25 7.88 3.83 1.91
N GLY A 26 7.43 4.89 2.57
CA GLY A 26 7.55 6.23 2.02
C GLY A 26 7.71 7.29 3.09
N TRP A 27 8.01 8.51 2.66
CA TRP A 27 8.18 9.62 3.59
C TRP A 27 6.91 10.47 3.68
N SER A 28 6.51 10.79 4.90
CA SER A 28 5.32 11.59 5.12
C SER A 28 5.31 12.18 6.54
N GLN A 29 5.24 13.51 6.61
CA GLN A 29 5.23 14.19 7.90
C GLN A 29 4.26 15.37 7.87
N TYR A 30 2.98 15.09 8.10
CA TYR A 30 1.95 16.11 8.10
C TYR A 30 0.68 15.61 8.77
N HIS A 31 0.62 15.71 10.09
CA HIS A 31 -0.54 15.27 10.85
C HIS A 31 -1.36 16.45 11.33
N ASP A 32 -0.68 17.52 11.74
CA ASP A 32 -1.36 18.71 12.23
C ASP A 32 -0.46 19.93 12.09
N THR A 33 -1.07 21.12 12.02
CA THR A 33 -0.32 22.36 11.89
C THR A 33 0.05 22.92 13.26
N GLY A 34 1.35 23.01 13.52
CA GLY A 34 1.81 23.52 14.80
C GLY A 34 1.78 22.48 15.90
N PHE A 35 2.14 22.89 17.11
CA PHE A 35 2.15 21.98 18.25
C PHE A 35 1.53 22.64 19.48
N TYR A 36 0.72 21.87 20.22
CA TYR A 36 0.07 22.39 21.42
C TYR A 36 0.70 21.79 22.67
N GLY A 37 2.01 21.60 22.64
CA GLY A 37 2.71 21.04 23.78
C GLY A 37 3.43 22.10 24.59
N ASN A 38 3.42 21.94 25.91
CA ASN A 38 4.08 22.89 26.80
C ASN A 38 5.15 22.19 27.64
N GLY A 39 6.03 22.97 28.23
CA GLY A 39 7.10 22.41 29.06
C GLY A 39 6.79 22.53 30.54
N PHE A 40 7.21 21.52 31.30
CA PHE A 40 6.99 21.51 32.74
C PHE A 40 8.31 21.30 33.49
N GLN A 41 8.92 20.14 33.27
CA GLN A 41 10.18 19.81 33.93
C GLN A 41 11.22 19.32 32.92
N ASN A 42 10.85 18.28 32.17
CA ASN A 42 11.74 17.71 31.17
C ASN A 42 11.68 18.50 29.87
N ASN A 43 12.48 18.10 28.90
CA ASN A 43 12.51 18.77 27.60
C ASN A 43 12.43 17.76 26.46
N ASN A 44 13.23 16.71 26.54
CA ASN A 44 13.25 15.68 25.52
C ASN A 44 12.05 14.73 25.68
N GLY A 45 11.61 14.14 24.57
CA GLY A 45 10.49 13.23 24.62
C GLY A 45 10.88 11.82 24.21
N PRO A 46 10.12 10.80 24.66
CA PRO A 46 10.39 9.41 24.32
C PRO A 46 10.55 9.19 22.82
N THR A 47 9.49 9.46 22.08
CA THR A 47 9.51 9.31 20.63
C THR A 47 10.21 10.47 19.96
N ARG A 48 10.60 10.29 18.70
CA ARG A 48 11.29 11.33 17.95
C ARG A 48 10.28 12.28 17.31
N ASN A 49 10.79 13.25 16.57
CA ASN A 49 9.93 14.24 15.91
C ASN A 49 9.54 13.76 14.52
N ASP A 50 10.50 13.19 13.79
CA ASP A 50 10.24 12.69 12.45
C ASP A 50 9.88 11.20 12.49
N GLN A 51 9.09 10.77 11.50
CA GLN A 51 8.67 9.38 11.42
C GLN A 51 8.26 9.01 10.00
N LEU A 52 8.71 7.86 9.53
CA LEU A 52 8.39 7.39 8.19
C LEU A 52 7.09 6.60 8.18
N GLY A 53 6.57 6.34 6.99
CA GLY A 53 5.33 5.58 6.87
C GLY A 53 5.52 4.25 6.18
N ALA A 54 4.86 3.22 6.70
CA ALA A 54 4.97 1.89 6.13
C ALA A 54 3.59 1.27 5.93
N GLY A 55 3.40 0.60 4.80
CA GLY A 55 2.11 -0.02 4.54
C GLY A 55 2.23 -1.29 3.70
N ALA A 56 1.24 -2.16 3.81
CA ALA A 56 1.22 -3.41 3.06
C ALA A 56 0.23 -3.34 1.91
N PHE A 57 0.66 -3.79 0.74
CA PHE A 57 -0.20 -3.77 -0.45
C PHE A 57 -0.41 -5.18 -0.99
N GLY A 58 -1.67 -5.56 -1.17
CA GLY A 58 -1.99 -6.87 -1.69
C GLY A 58 -3.23 -6.85 -2.57
N GLY A 59 -3.10 -7.34 -3.80
CA GLY A 59 -4.22 -7.35 -4.71
C GLY A 59 -4.45 -8.71 -5.33
N TYR A 60 -5.55 -8.85 -6.08
CA TYR A 60 -5.89 -10.10 -6.72
C TYR A 60 -6.75 -9.85 -7.96
N GLN A 61 -6.38 -10.48 -9.07
CA GLN A 61 -7.11 -10.33 -10.31
C GLN A 61 -8.14 -11.44 -10.49
N VAL A 62 -9.34 -11.08 -10.94
CA VAL A 62 -10.40 -12.05 -11.14
C VAL A 62 -10.85 -12.07 -12.61
N ASN A 63 -11.03 -10.89 -13.18
CA ASN A 63 -11.45 -10.76 -14.56
C ASN A 63 -10.31 -10.24 -15.43
N PRO A 64 -10.23 -10.69 -16.69
CA PRO A 64 -9.17 -10.25 -17.62
C PRO A 64 -9.31 -8.78 -17.99
N TYR A 65 -9.12 -7.91 -17.00
CA TYR A 65 -9.22 -6.48 -17.22
C TYR A 65 -8.62 -5.70 -16.05
N LEU A 66 -8.90 -6.14 -14.83
CA LEU A 66 -8.39 -5.48 -13.65
C LEU A 66 -8.65 -6.31 -12.39
N GLY A 67 -7.95 -5.98 -11.30
CA GLY A 67 -8.13 -6.70 -10.06
C GLY A 67 -8.32 -5.77 -8.88
N PHE A 68 -8.59 -6.35 -7.72
CA PHE A 68 -8.82 -5.57 -6.50
C PHE A 68 -7.52 -5.45 -5.69
N GLU A 69 -7.24 -4.23 -5.22
CA GLU A 69 -6.04 -3.99 -4.43
C GLU A 69 -6.39 -3.58 -3.01
N MET A 70 -5.79 -4.27 -2.04
CA MET A 70 -6.03 -3.98 -0.63
C MET A 70 -4.75 -3.45 0.02
N GLY A 71 -4.82 -2.22 0.54
CA GLY A 71 -3.66 -1.63 1.18
C GLY A 71 -3.80 -1.51 2.68
N TYR A 72 -2.68 -1.48 3.38
CA TYR A 72 -2.68 -1.37 4.83
C TYR A 72 -1.74 -0.27 5.29
N ASP A 73 -2.30 0.78 5.89
CA ASP A 73 -1.50 1.91 6.36
C ASP A 73 -1.05 1.68 7.80
N TRP A 74 0.27 1.79 8.00
CA TRP A 74 0.84 1.60 9.33
C TRP A 74 1.95 2.62 9.60
N LEU A 75 2.00 3.13 10.83
CA LEU A 75 3.00 4.11 11.21
C LEU A 75 3.01 4.34 12.72
N GLY A 76 2.99 3.24 13.46
CA GLY A 76 3.00 3.33 14.91
C GLY A 76 3.27 1.99 15.57
N ARG A 77 3.84 2.03 16.77
CA ARG A 77 4.14 0.81 17.51
C ARG A 77 3.31 0.72 18.78
N MET A 78 2.44 -0.29 18.85
CA MET A 78 1.58 -0.48 20.02
C MET A 78 2.42 -0.72 21.27
N ALA A 79 1.81 -0.52 22.43
CA ALA A 79 2.48 -0.72 23.71
C ALA A 79 1.96 -1.95 24.43
N TYR A 80 2.67 -2.37 25.47
CA TYR A 80 2.27 -3.54 26.24
C TYR A 80 0.97 -3.28 27.00
N LYS A 81 0.76 -2.03 27.38
CA LYS A 81 -0.45 -1.64 28.11
C LYS A 81 -1.69 -1.80 27.23
N GLY A 82 -2.86 -1.69 27.84
CA GLY A 82 -4.10 -1.82 27.10
C GLY A 82 -5.32 -1.52 27.95
N SER A 83 -6.44 -1.26 27.29
CA SER A 83 -7.69 -0.96 28.00
C SER A 83 -8.32 -2.22 28.56
N VAL A 84 -9.21 -2.05 29.53
CA VAL A 84 -9.88 -3.18 30.16
C VAL A 84 -11.40 -2.99 30.16
N ASP A 85 -11.89 -2.31 29.12
CA ASP A 85 -13.33 -2.06 29.00
C ASP A 85 -13.73 -1.93 27.54
N ASN A 86 -13.25 -0.87 26.90
CA ASN A 86 -13.55 -0.62 25.49
C ASN A 86 -12.45 -1.16 24.59
N GLY A 87 -12.58 -2.42 24.19
CA GLY A 87 -11.58 -3.02 23.33
C GLY A 87 -12.19 -4.00 22.33
N ALA A 88 -13.16 -3.53 21.56
CA ALA A 88 -13.82 -4.36 20.57
C ALA A 88 -12.88 -4.68 19.41
N PHE A 89 -12.20 -3.65 18.91
CA PHE A 89 -11.26 -3.83 17.80
C PHE A 89 -10.11 -2.84 17.90
N LYS A 90 -9.02 -3.14 17.20
CA LYS A 90 -7.85 -2.28 17.21
C LYS A 90 -7.94 -1.20 16.13
N ALA A 91 -6.83 -0.52 15.88
CA ALA A 91 -6.80 0.53 14.88
C ALA A 91 -5.70 0.28 13.84
N GLN A 92 -5.99 0.60 12.59
CA GLN A 92 -5.03 0.41 11.50
C GLN A 92 -5.57 0.99 10.20
N GLY A 93 -4.67 1.30 9.28
CA GLY A 93 -5.08 1.84 8.00
C GLY A 93 -5.52 0.78 7.01
N VAL A 94 -6.68 0.98 6.41
CA VAL A 94 -7.22 0.03 5.43
C VAL A 94 -7.53 0.74 4.11
N GLN A 95 -6.87 0.30 3.04
CA GLN A 95 -7.07 0.89 1.73
C GLN A 95 -7.84 -0.04 0.80
N LEU A 96 -8.74 0.54 0.02
CA LEU A 96 -9.55 -0.23 -0.93
C LEU A 96 -9.49 0.43 -2.31
N THR A 97 -8.83 -0.22 -3.26
CA THR A 97 -8.72 0.33 -4.61
C THR A 97 -8.61 -0.76 -5.67
N ALA A 98 -8.73 -0.37 -6.92
CA ALA A 98 -8.63 -1.30 -8.04
C ALA A 98 -7.27 -1.17 -8.72
N LYS A 99 -6.56 -2.28 -8.85
CA LYS A 99 -5.24 -2.28 -9.47
C LYS A 99 -5.27 -2.85 -10.89
N LEU A 100 -4.66 -2.14 -11.82
CA LEU A 100 -4.60 -2.56 -13.21
C LEU A 100 -3.19 -2.41 -13.76
N GLY A 101 -2.56 -3.52 -14.11
CA GLY A 101 -1.21 -3.48 -14.64
C GLY A 101 -0.77 -4.82 -15.23
N TYR A 102 0.36 -4.80 -15.93
CA TYR A 102 0.88 -6.02 -16.55
C TYR A 102 2.32 -5.83 -17.01
N PRO A 103 3.02 -6.93 -17.35
CA PRO A 103 4.41 -6.88 -17.80
C PRO A 103 4.59 -5.91 -18.97
N ILE A 104 5.84 -5.59 -19.30
CA ILE A 104 6.12 -4.67 -20.39
C ILE A 104 6.98 -5.33 -21.47
N THR A 105 7.89 -6.21 -21.06
CA THR A 105 8.76 -6.90 -22.00
C THR A 105 9.29 -8.20 -21.40
N ASP A 106 9.89 -8.10 -20.22
CA ASP A 106 10.43 -9.28 -19.54
C ASP A 106 10.95 -8.91 -18.15
N ASP A 107 10.25 -9.38 -17.12
CA ASP A 107 10.63 -9.11 -15.74
C ASP A 107 10.39 -7.67 -15.35
N LEU A 108 9.49 -6.99 -16.08
CA LEU A 108 9.17 -5.60 -15.79
C LEU A 108 7.69 -5.35 -16.02
N ASP A 109 6.98 -4.97 -14.95
CA ASP A 109 5.54 -4.75 -15.06
C ASP A 109 5.15 -3.36 -14.56
N ILE A 110 4.04 -2.84 -15.11
CA ILE A 110 3.53 -1.53 -14.72
C ILE A 110 2.07 -1.67 -14.28
N TYR A 111 1.74 -1.09 -13.13
CA TYR A 111 0.38 -1.15 -12.61
C TYR A 111 -0.02 0.14 -11.90
N THR A 112 -1.32 0.41 -11.88
CA THR A 112 -1.84 1.61 -11.23
C THR A 112 -3.09 1.28 -10.42
N ARG A 113 -3.14 1.77 -9.18
CA ARG A 113 -4.28 1.52 -8.31
C ARG A 113 -5.07 2.80 -8.07
N LEU A 114 -6.39 2.73 -8.29
CA LEU A 114 -7.27 3.88 -8.09
C LEU A 114 -8.40 3.53 -7.13
N GLY A 115 -8.52 4.29 -6.04
CA GLY A 115 -9.56 4.04 -5.07
C GLY A 115 -9.52 5.00 -3.90
N GLY A 116 -9.60 4.47 -2.68
CA GLY A 116 -9.56 5.32 -1.50
C GLY A 116 -8.92 4.64 -0.31
N MET A 117 -8.64 5.42 0.72
CA MET A 117 -8.03 4.89 1.93
C MET A 117 -8.82 5.30 3.18
N VAL A 118 -8.95 4.37 4.12
CA VAL A 118 -9.69 4.64 5.35
C VAL A 118 -8.83 4.33 6.57
N TRP A 119 -8.81 5.24 7.54
CA TRP A 119 -8.01 5.04 8.75
C TRP A 119 -8.83 5.41 9.99
N ARG A 120 -8.67 4.61 11.04
CA ARG A 120 -9.38 4.85 12.29
C ARG A 120 -8.41 5.23 13.41
N ALA A 121 -8.95 5.78 14.49
CA ALA A 121 -8.14 6.18 15.63
C ALA A 121 -8.18 5.15 16.74
N ASP A 122 -7.12 5.09 17.54
CA ASP A 122 -7.05 4.14 18.64
C ASP A 122 -8.14 4.41 19.67
N SER A 123 -8.85 3.36 20.07
CA SER A 123 -9.92 3.49 21.04
C SER A 123 -9.46 3.01 22.42
N LYS A 124 -9.86 3.74 23.46
CA LYS A 124 -9.49 3.39 24.82
C LYS A 124 -10.62 3.74 25.79
N GLY A 125 -10.96 2.78 26.65
CA GLY A 125 -12.03 3.00 27.62
C GLY A 125 -11.56 2.80 29.05
N ASN A 126 -10.28 3.03 29.29
CA ASN A 126 -9.69 2.86 30.62
C ASN A 126 -9.47 4.22 31.29
N TYR A 127 -10.34 5.18 30.98
CA TYR A 127 -10.23 6.52 31.55
C TYR A 127 -10.85 6.56 32.94
N ALA A 128 -10.00 6.73 33.95
CA ALA A 128 -10.46 6.79 35.33
C ALA A 128 -10.57 8.24 35.81
N SER A 129 -10.89 9.14 34.88
CA SER A 129 -11.03 10.56 35.20
C SER A 129 -11.52 11.34 33.99
N THR A 130 -12.46 12.25 34.23
CA THR A 130 -13.02 13.07 33.15
C THR A 130 -12.94 14.56 33.51
N GLY A 131 -11.85 14.95 34.15
CA GLY A 131 -11.68 16.33 34.54
C GLY A 131 -10.24 16.81 34.39
N VAL A 132 -9.52 16.20 33.46
CA VAL A 132 -8.13 16.57 33.22
C VAL A 132 -7.70 16.18 31.81
N SER A 133 -8.02 14.96 31.41
CA SER A 133 -7.66 14.46 30.08
C SER A 133 -8.83 14.59 29.12
N ARG A 134 -8.62 14.18 27.88
CA ARG A 134 -9.65 14.25 26.86
C ARG A 134 -9.49 13.13 25.84
N SER A 135 -10.55 12.87 25.08
CA SER A 135 -10.53 11.82 24.06
C SER A 135 -10.63 12.42 22.67
N GLU A 136 -9.51 12.44 21.95
CA GLU A 136 -9.48 12.98 20.61
C GLU A 136 -9.94 11.95 19.58
N HIS A 137 -11.23 11.97 19.26
CA HIS A 137 -11.80 11.03 18.31
C HIS A 137 -11.81 11.63 16.90
N ASP A 138 -11.02 11.06 16.00
CA ASP A 138 -10.94 11.53 14.63
C ASP A 138 -10.83 10.36 13.65
N THR A 139 -11.09 10.62 12.38
CA THR A 139 -11.02 9.61 11.35
C THR A 139 -10.36 10.15 10.09
N GLY A 140 -9.62 9.28 9.39
CA GLY A 140 -8.95 9.69 8.17
C GLY A 140 -9.36 8.86 6.97
N VAL A 141 -10.24 9.41 6.13
CA VAL A 141 -10.70 8.71 4.94
C VAL A 141 -10.71 9.63 3.73
N SER A 142 -10.01 9.23 2.68
CA SER A 142 -9.95 10.03 1.45
C SER A 142 -9.60 9.18 0.24
N PRO A 143 -10.09 9.58 -0.95
CA PRO A 143 -9.82 8.86 -2.20
C PRO A 143 -8.42 9.16 -2.76
N VAL A 144 -7.76 8.14 -3.29
CA VAL A 144 -6.43 8.32 -3.85
C VAL A 144 -6.11 7.23 -4.88
N PHE A 145 -5.12 7.50 -5.72
CA PHE A 145 -4.71 6.56 -6.75
C PHE A 145 -3.18 6.58 -6.91
N ALA A 146 -2.56 5.42 -6.73
CA ALA A 146 -1.11 5.31 -6.85
C ALA A 146 -0.71 4.49 -8.07
N GLY A 147 0.32 4.96 -8.77
CA GLY A 147 0.79 4.26 -9.95
C GLY A 147 2.28 4.00 -9.89
N GLY A 148 2.71 2.81 -10.29
CA GLY A 148 4.12 2.48 -10.26
C GLY A 148 4.47 1.28 -11.10
N VAL A 149 5.68 0.76 -10.88
CA VAL A 149 6.14 -0.42 -11.62
C VAL A 149 6.81 -1.42 -10.70
N GLU A 150 7.04 -2.63 -11.20
CA GLU A 150 7.67 -3.67 -10.40
C GLU A 150 8.72 -4.42 -11.21
N TRP A 151 9.83 -4.75 -10.55
CA TRP A 151 10.93 -5.46 -11.19
C TRP A 151 11.22 -6.77 -10.46
N ALA A 152 11.16 -7.88 -11.19
CA ALA A 152 11.41 -9.20 -10.61
C ALA A 152 12.90 -9.50 -10.55
N VAL A 153 13.37 -9.95 -9.39
CA VAL A 153 14.78 -10.27 -9.20
C VAL A 153 15.02 -11.78 -9.31
N THR A 154 14.43 -12.55 -8.38
CA THR A 154 14.60 -14.00 -8.40
C THR A 154 13.78 -14.67 -7.29
N ARG A 155 13.77 -15.99 -7.30
CA ARG A 155 13.04 -16.79 -6.31
C ARG A 155 11.53 -16.58 -6.44
N ASP A 156 11.01 -15.54 -5.78
CA ASP A 156 9.58 -15.24 -5.83
C ASP A 156 9.28 -13.94 -5.10
N ILE A 157 10.23 -13.00 -5.16
CA ILE A 157 10.07 -11.70 -4.53
C ILE A 157 10.61 -10.60 -5.41
N ALA A 158 9.74 -9.68 -5.82
CA ALA A 158 10.13 -8.57 -6.67
C ALA A 158 10.00 -7.23 -5.94
N THR A 159 10.63 -6.20 -6.50
CA THR A 159 10.58 -4.87 -5.92
C THR A 159 9.78 -3.93 -6.82
N ARG A 160 9.01 -3.03 -6.22
CA ARG A 160 8.20 -2.10 -6.99
C ARG A 160 8.27 -0.69 -6.44
N LEU A 161 8.19 0.28 -7.34
CA LEU A 161 8.22 1.69 -6.97
C LEU A 161 6.89 2.35 -7.36
N GLU A 162 6.25 2.97 -6.38
CA GLU A 162 4.96 3.63 -6.62
C GLU A 162 5.04 5.14 -6.39
N TYR A 163 4.36 5.89 -7.26
CA TYR A 163 4.34 7.34 -7.16
C TYR A 163 2.92 7.87 -7.31
N GLN A 164 2.68 9.07 -6.80
CA GLN A 164 1.35 9.69 -6.89
C GLN A 164 1.15 10.37 -8.24
N TRP A 165 1.89 11.45 -8.45
CA TRP A 165 1.79 12.21 -9.70
C TRP A 165 3.17 12.68 -10.16
N VAL A 166 3.73 12.00 -11.15
CA VAL A 166 5.04 12.35 -11.68
C VAL A 166 4.98 12.61 -13.18
N ASN A 167 5.38 13.81 -13.58
CA ASN A 167 5.38 14.18 -14.99
C ASN A 167 6.71 14.83 -15.39
N ASN A 168 7.78 14.40 -14.73
CA ASN A 168 9.11 14.94 -15.02
C ASN A 168 9.68 14.33 -16.28
N ILE A 169 10.27 15.17 -17.13
CA ILE A 169 10.86 14.72 -18.39
C ILE A 169 12.38 14.73 -18.31
N GLY A 170 12.93 15.60 -17.47
CA GLY A 170 14.38 15.69 -17.33
C GLY A 170 15.01 14.36 -16.96
N ASP A 171 15.81 13.81 -17.87
CA ASP A 171 16.49 12.55 -17.63
C ASP A 171 17.91 12.76 -17.13
N ALA A 172 18.08 13.76 -16.27
CA ALA A 172 19.40 14.09 -15.73
C ALA A 172 19.64 13.34 -14.42
N GLY A 173 18.56 13.09 -13.68
CA GLY A 173 18.68 12.39 -12.41
C GLY A 173 17.44 11.58 -12.08
N THR A 174 17.43 10.31 -12.47
CA THR A 174 16.30 9.44 -12.22
C THR A 174 16.42 8.78 -10.84
N VAL A 175 17.64 8.55 -10.40
CA VAL A 175 17.89 7.94 -9.10
C VAL A 175 18.86 8.77 -8.28
N GLY A 176 18.33 9.55 -7.34
CA GLY A 176 19.18 10.38 -6.49
C GLY A 176 19.35 9.80 -5.11
N THR A 177 18.71 10.45 -4.12
CA THR A 177 18.80 9.98 -2.74
C THR A 177 17.42 9.84 -2.13
N ARG A 178 16.75 10.97 -1.89
CA ARG A 178 15.41 10.95 -1.30
C ARG A 178 14.47 11.86 -2.09
N PRO A 179 13.67 11.29 -3.00
CA PRO A 179 12.72 12.06 -3.82
C PRO A 179 11.58 12.64 -2.99
N ASP A 180 11.28 13.91 -3.23
CA ASP A 180 10.21 14.58 -2.51
C ASP A 180 9.22 15.23 -3.48
N ASN A 181 9.04 14.60 -4.63
CA ASN A 181 8.12 15.12 -5.64
C ASN A 181 6.76 14.44 -5.53
N GLY A 182 5.95 14.89 -4.57
CA GLY A 182 4.64 14.31 -4.38
C GLY A 182 4.64 13.17 -3.36
N MET A 183 4.06 12.04 -3.74
CA MET A 183 4.00 10.88 -2.86
C MET A 183 4.61 9.66 -3.53
N LEU A 184 5.86 9.39 -3.21
CA LEU A 184 6.57 8.24 -3.78
C LEU A 184 7.07 7.32 -2.69
N SER A 185 6.99 6.02 -2.93
CA SER A 185 7.44 5.02 -1.96
C SER A 185 8.01 3.78 -2.64
N LEU A 186 8.87 3.06 -1.92
CA LEU A 186 9.47 1.85 -2.45
C LEU A 186 9.06 0.64 -1.62
N GLY A 187 8.78 -0.47 -2.28
CA GLY A 187 8.36 -1.66 -1.57
C GLY A 187 8.68 -2.94 -2.31
N VAL A 188 8.49 -4.07 -1.63
CA VAL A 188 8.75 -5.37 -2.23
C VAL A 188 7.55 -6.30 -2.02
N SER A 189 7.19 -7.04 -3.06
CA SER A 189 6.06 -7.95 -2.98
C SER A 189 6.34 -9.25 -3.72
N TYR A 190 5.41 -10.19 -3.62
CA TYR A 190 5.55 -11.48 -4.27
C TYR A 190 4.23 -11.90 -4.92
N ARG A 191 4.32 -12.78 -5.92
CA ARG A 191 3.14 -13.27 -6.62
C ARG A 191 2.92 -14.75 -6.36
N PHE A 192 1.73 -15.10 -5.88
CA PHE A 192 1.40 -16.49 -5.59
C PHE A 192 1.36 -17.32 -6.87
N GLY A 193 2.51 -17.86 -7.24
CA GLY A 193 2.59 -18.67 -8.45
C GLY A 193 3.14 -20.06 -8.18
N GLN A 194 2.53 -21.06 -8.81
CA GLN A 194 2.97 -22.45 -8.64
C GLN A 194 2.83 -23.22 -9.94
N GLU A 195 3.00 -22.53 -11.06
CA GLU A 195 2.89 -23.16 -12.37
C GLU A 195 4.17 -22.96 -13.17
N ASP A 196 4.38 -23.83 -14.16
CA ASP A 196 5.56 -23.76 -15.00
C ASP A 196 5.19 -23.79 -16.48
N ALA A 197 5.94 -23.05 -17.30
CA ALA A 197 5.67 -22.99 -18.73
C ALA A 197 5.92 -24.35 -19.38
N ALA A 198 4.91 -24.86 -20.06
CA ALA A 198 5.02 -26.15 -20.75
C ALA A 198 3.78 -26.43 -21.60
N PRO A 199 2.60 -26.56 -20.95
CA PRO A 199 1.34 -26.83 -21.67
C PRO A 199 1.02 -25.75 -22.70
N VAL A 200 0.71 -24.55 -22.22
CA VAL A 200 0.38 -23.44 -23.09
C VAL A 200 0.71 -22.10 -22.43
N VAL A 201 0.46 -21.01 -23.16
CA VAL A 201 0.73 -19.67 -22.64
C VAL A 201 -0.52 -18.80 -22.71
N ALA A 202 -0.39 -17.55 -22.26
CA ALA A 202 -1.50 -16.61 -22.27
C ALA A 202 -2.02 -16.39 -23.69
N PRO A 203 -1.16 -15.88 -24.59
CA PRO A 203 -1.54 -15.62 -25.98
C PRO A 203 -1.69 -16.91 -26.79
N ALA A 204 -2.68 -16.93 -27.67
CA ALA A 204 -2.94 -18.10 -28.51
C ALA A 204 -2.94 -17.73 -29.99
N PRO A 205 -2.49 -18.65 -30.86
CA PRO A 205 -2.46 -18.40 -32.30
C PRO A 205 -3.84 -18.44 -32.94
N ALA A 206 -4.15 -17.44 -33.75
CA ALA A 206 -5.44 -17.35 -34.42
C ALA A 206 -5.27 -17.20 -35.93
N PRO A 207 -5.16 -18.31 -36.66
CA PRO A 207 -4.99 -18.29 -38.11
C PRO A 207 -6.05 -17.45 -38.81
N ALA A 208 -7.30 -17.85 -38.66
CA ALA A 208 -8.42 -17.14 -39.27
C ALA A 208 -9.03 -16.13 -38.29
N PRO A 209 -9.57 -15.02 -38.81
CA PRO A 209 -10.18 -13.98 -37.97
C PRO A 209 -11.23 -14.55 -37.03
N GLU A 210 -11.86 -15.65 -37.42
CA GLU A 210 -12.88 -16.29 -36.61
C GLU A 210 -12.57 -17.77 -36.41
N ALA A 1 -3.57 -38.03 -32.94
CA ALA A 1 -3.11 -39.18 -32.13
C ALA A 1 -1.68 -39.58 -32.50
N ARG A 2 -0.84 -38.58 -32.72
CA ARG A 2 0.55 -38.82 -33.09
C ARG A 2 1.48 -37.84 -32.37
N ILE A 3 1.31 -36.55 -32.64
CA ILE A 3 2.13 -35.53 -32.02
C ILE A 3 1.28 -34.55 -31.21
N MET A 4 0.13 -34.18 -31.76
CA MET A 4 -0.78 -33.25 -31.09
C MET A 4 -2.19 -33.81 -31.03
N LYS A 5 -2.51 -34.49 -29.93
CA LYS A 5 -3.84 -35.07 -29.75
C LYS A 5 -4.52 -34.51 -28.52
N ALA A 6 -3.74 -34.21 -27.48
CA ALA A 6 -4.28 -33.66 -26.25
C ALA A 6 -4.32 -32.13 -26.31
N ILE A 7 -5.08 -31.61 -27.27
CA ILE A 7 -5.20 -30.16 -27.43
C ILE A 7 -6.54 -29.67 -26.87
N PHE A 8 -7.63 -30.13 -27.46
CA PHE A 8 -8.96 -29.73 -27.03
C PHE A 8 -10.04 -30.53 -27.76
N VAL A 9 -10.93 -31.16 -27.00
CA VAL A 9 -12.00 -31.97 -27.58
C VAL A 9 -13.29 -31.80 -26.79
N LEU A 10 -13.19 -31.88 -25.46
CA LEU A 10 -14.35 -31.74 -24.60
C LEU A 10 -13.96 -31.12 -23.26
N ASN A 11 -13.00 -31.74 -22.58
CA ASN A 11 -12.54 -31.26 -21.28
C ASN A 11 -11.91 -29.87 -21.41
N ALA A 12 -12.44 -28.91 -20.65
CA ALA A 12 -11.93 -27.54 -20.69
C ALA A 12 -11.58 -27.05 -19.28
N ALA A 13 -10.41 -26.42 -19.15
CA ALA A 13 -9.97 -25.91 -17.87
C ALA A 13 -10.49 -24.49 -17.63
N PRO A 14 -10.81 -24.16 -16.37
CA PRO A 14 -11.33 -22.84 -16.01
C PRO A 14 -10.24 -21.78 -16.02
N LYS A 15 -10.56 -20.60 -15.47
CA LYS A 15 -9.61 -19.50 -15.41
C LYS A 15 -8.96 -19.42 -14.04
N ASP A 16 -7.67 -19.73 -13.98
CA ASP A 16 -6.92 -19.69 -12.72
C ASP A 16 -6.85 -18.27 -12.18
N ASN A 17 -6.73 -18.15 -10.87
CA ASN A 17 -6.64 -16.85 -10.21
C ASN A 17 -5.23 -16.58 -9.71
N THR A 18 -4.86 -15.31 -9.64
CA THR A 18 -3.55 -14.92 -9.17
C THR A 18 -3.64 -14.07 -7.90
N TRP A 19 -2.56 -14.04 -7.13
CA TRP A 19 -2.52 -13.26 -5.90
C TRP A 19 -1.18 -12.56 -5.72
N TYR A 20 -1.22 -11.32 -5.27
CA TYR A 20 0.00 -10.55 -5.06
C TYR A 20 -0.03 -9.88 -3.68
N ALA A 21 1.10 -9.95 -2.98
CA ALA A 21 1.21 -9.35 -1.65
C ALA A 21 2.62 -8.81 -1.40
N GLY A 22 2.69 -7.72 -0.64
CA GLY A 22 3.98 -7.12 -0.34
C GLY A 22 3.85 -5.86 0.50
N GLY A 23 4.98 -5.23 0.78
CA GLY A 23 4.97 -4.01 1.58
C GLY A 23 5.95 -2.97 1.06
N LYS A 24 5.62 -1.70 1.26
CA LYS A 24 6.47 -0.61 0.81
C LYS A 24 6.63 0.46 1.88
N LEU A 25 7.74 1.18 1.83
CA LEU A 25 8.02 2.23 2.79
C LEU A 25 8.29 3.56 2.08
N GLY A 26 7.92 4.66 2.72
CA GLY A 26 8.12 5.97 2.13
C GLY A 26 8.29 7.06 3.17
N TRP A 27 8.58 8.27 2.71
CA TRP A 27 8.77 9.40 3.61
C TRP A 27 7.83 10.56 3.26
N SER A 28 7.37 11.26 4.28
CA SER A 28 6.46 12.39 4.07
C SER A 28 7.20 13.71 4.20
N GLN A 29 6.54 14.80 3.80
CA GLN A 29 7.14 16.13 3.87
C GLN A 29 7.24 16.60 5.31
N TYR A 30 8.11 17.57 5.55
CA TYR A 30 8.30 18.13 6.88
C TYR A 30 7.61 19.48 7.02
N HIS A 31 6.86 19.65 8.11
CA HIS A 31 6.14 20.88 8.36
C HIS A 31 7.11 22.06 8.48
N ASP A 32 6.57 23.25 8.67
CA ASP A 32 7.38 24.45 8.80
C ASP A 32 7.24 25.06 10.20
N THR A 33 8.27 24.91 11.01
CA THR A 33 8.26 25.44 12.37
C THR A 33 8.89 26.82 12.41
N GLY A 34 10.07 26.95 11.81
CA GLY A 34 10.76 28.22 11.79
C GLY A 34 11.71 28.39 12.96
N PHE A 35 11.17 28.36 14.17
CA PHE A 35 11.98 28.50 15.38
C PHE A 35 12.31 27.14 15.97
N TYR A 36 13.57 26.96 16.36
CA TYR A 36 14.02 25.71 16.95
C TYR A 36 15.14 25.94 17.94
N GLY A 37 16.13 26.75 17.54
CA GLY A 37 17.25 27.05 18.41
C GLY A 37 17.15 28.43 19.03
N ASN A 38 17.24 28.49 20.36
CA ASN A 38 17.16 29.76 21.08
C ASN A 38 18.35 30.64 20.74
N GLY A 39 19.55 30.14 20.98
CA GLY A 39 20.76 30.89 20.69
C GLY A 39 21.84 30.05 20.05
N PHE A 40 22.06 28.86 20.59
CA PHE A 40 23.06 27.95 20.06
C PHE A 40 22.45 26.60 19.70
N GLN A 41 23.26 25.73 19.10
CA GLN A 41 22.80 24.41 18.71
C GLN A 41 23.98 23.44 18.54
N ASN A 42 23.90 22.31 19.24
CA ASN A 42 24.95 21.31 19.16
C ASN A 42 24.50 20.08 18.38
N ASN A 43 25.45 19.34 17.84
CA ASN A 43 25.15 18.14 17.06
C ASN A 43 25.84 16.91 17.65
N ASN A 44 26.04 16.92 18.97
CA ASN A 44 26.70 15.81 19.65
C ASN A 44 25.68 14.96 20.41
N GLY A 45 24.46 14.92 19.89
CA GLY A 45 23.41 14.14 20.52
C GLY A 45 22.51 13.44 19.51
N PRO A 46 21.19 13.46 19.73
CA PRO A 46 20.24 12.81 18.82
C PRO A 46 20.17 13.51 17.46
N THR A 47 19.54 12.86 16.50
CA THR A 47 19.41 13.42 15.16
C THR A 47 17.96 13.31 14.66
N ARG A 48 17.37 14.47 14.35
CA ARG A 48 16.00 14.50 13.86
C ARG A 48 15.91 13.95 12.44
N ASN A 49 15.14 12.88 12.28
CA ASN A 49 14.96 12.25 10.98
C ASN A 49 13.58 12.57 10.40
N ASP A 50 13.45 12.46 9.09
CA ASP A 50 12.19 12.73 8.41
C ASP A 50 11.13 11.70 8.82
N GLN A 51 9.87 12.11 8.76
CA GLN A 51 8.76 11.24 9.12
C GLN A 51 8.66 10.07 8.15
N LEU A 52 8.86 8.86 8.65
CA LEU A 52 8.78 7.66 7.81
C LEU A 52 7.42 6.97 7.97
N GLY A 53 6.97 6.35 6.89
CA GLY A 53 5.69 5.66 6.92
C GLY A 53 5.73 4.31 6.24
N ALA A 54 5.24 3.28 6.92
CA ALA A 54 5.22 1.94 6.37
C ALA A 54 3.82 1.53 5.96
N GLY A 55 3.69 0.96 4.76
CA GLY A 55 2.39 0.54 4.28
C GLY A 55 2.43 -0.79 3.56
N ALA A 56 1.44 -1.63 3.83
CA ALA A 56 1.36 -2.94 3.19
C ALA A 56 0.37 -2.91 2.04
N PHE A 57 0.66 -3.66 0.98
CA PHE A 57 -0.21 -3.70 -0.19
C PHE A 57 -0.39 -5.12 -0.69
N GLY A 58 -1.64 -5.49 -0.96
CA GLY A 58 -1.94 -6.81 -1.46
C GLY A 58 -3.16 -6.82 -2.36
N GLY A 59 -3.01 -7.37 -3.57
CA GLY A 59 -4.11 -7.42 -4.51
C GLY A 59 -4.41 -8.82 -5.00
N TYR A 60 -5.53 -8.97 -5.69
CA TYR A 60 -5.94 -10.26 -6.23
C TYR A 60 -6.69 -10.08 -7.55
N GLN A 61 -6.35 -10.91 -8.53
CA GLN A 61 -7.00 -10.85 -9.83
C GLN A 61 -8.24 -11.74 -9.86
N VAL A 62 -9.32 -11.22 -10.45
CA VAL A 62 -10.56 -11.96 -10.55
C VAL A 62 -11.10 -11.95 -11.97
N ASN A 63 -11.12 -10.78 -12.58
CA ASN A 63 -11.59 -10.62 -13.94
C ASN A 63 -10.42 -10.38 -14.89
N PRO A 64 -10.48 -10.94 -16.12
CA PRO A 64 -9.42 -10.78 -17.11
C PRO A 64 -9.32 -9.35 -17.62
N TYR A 65 -9.01 -8.42 -16.72
CA TYR A 65 -8.88 -7.01 -17.08
C TYR A 65 -8.24 -6.20 -15.96
N LEU A 66 -8.58 -6.52 -14.72
CA LEU A 66 -8.03 -5.80 -13.57
C LEU A 66 -8.21 -6.61 -12.28
N GLY A 67 -7.47 -6.22 -11.25
CA GLY A 67 -7.57 -6.91 -9.97
C GLY A 67 -7.76 -5.96 -8.81
N PHE A 68 -8.26 -6.48 -7.70
CA PHE A 68 -8.50 -5.67 -6.50
C PHE A 68 -7.21 -5.50 -5.71
N GLU A 69 -7.04 -4.33 -5.10
CA GLU A 69 -5.84 -4.05 -4.31
C GLU A 69 -6.21 -3.43 -2.97
N MET A 70 -5.70 -4.03 -1.89
CA MET A 70 -5.96 -3.54 -0.55
C MET A 70 -4.71 -2.92 0.05
N GLY A 71 -4.85 -1.74 0.64
CA GLY A 71 -3.72 -1.06 1.22
C GLY A 71 -3.77 -1.03 2.74
N TYR A 72 -2.59 -0.98 3.36
CA TYR A 72 -2.51 -0.94 4.82
C TYR A 72 -1.58 0.20 5.27
N ASP A 73 -2.15 1.15 6.01
CA ASP A 73 -1.37 2.29 6.49
C ASP A 73 -0.85 2.04 7.91
N TRP A 74 0.46 2.11 8.07
CA TRP A 74 1.09 1.89 9.37
C TRP A 74 2.22 2.88 9.60
N LEU A 75 2.16 3.60 10.71
CA LEU A 75 3.18 4.58 11.06
C LEU A 75 4.16 4.02 12.08
N GLY A 76 3.64 3.15 12.96
CA GLY A 76 4.48 2.55 13.98
C GLY A 76 4.75 3.49 15.14
N ARG A 77 5.89 3.32 15.81
CA ARG A 77 6.26 4.16 16.93
C ARG A 77 7.35 5.13 16.56
N MET A 78 7.18 6.39 16.93
CA MET A 78 8.15 7.44 16.62
C MET A 78 8.03 8.60 17.60
N ALA A 79 6.85 9.21 17.64
CA ALA A 79 6.61 10.34 18.53
C ALA A 79 6.37 9.87 19.96
N TYR A 80 6.99 10.55 20.91
CA TYR A 80 6.84 10.20 22.33
C TYR A 80 5.70 10.98 22.96
N LYS A 81 4.53 10.95 22.32
CA LYS A 81 3.36 11.65 22.82
C LYS A 81 2.08 10.85 22.55
N GLY A 82 1.42 10.44 23.62
CA GLY A 82 0.20 9.67 23.50
C GLY A 82 -0.78 9.92 24.63
N SER A 83 -2.01 9.45 24.45
CA SER A 83 -3.04 9.64 25.47
C SER A 83 -2.92 8.57 26.55
N VAL A 84 -2.50 8.99 27.75
CA VAL A 84 -2.34 8.07 28.87
C VAL A 84 -3.04 8.60 30.12
N ASP A 85 -4.13 9.34 29.91
CA ASP A 85 -4.89 9.91 31.02
C ASP A 85 -6.22 9.18 31.19
N ASN A 86 -7.15 9.42 30.28
CA ASN A 86 -8.46 8.80 30.33
C ASN A 86 -8.87 8.25 28.97
N GLY A 87 -8.76 6.94 28.80
CA GLY A 87 -9.12 6.32 27.53
C GLY A 87 -7.91 6.05 26.66
N ALA A 88 -8.09 5.19 25.66
CA ALA A 88 -7.00 4.86 24.75
C ALA A 88 -7.51 4.80 23.31
N PHE A 89 -6.58 4.58 22.37
CA PHE A 89 -6.92 4.51 20.96
C PHE A 89 -5.84 3.78 20.17
N LYS A 90 -6.19 3.35 18.96
CA LYS A 90 -5.24 2.64 18.10
C LYS A 90 -5.05 3.38 16.78
N ALA A 91 -4.23 2.81 15.90
CA ALA A 91 -3.96 3.42 14.60
C ALA A 91 -3.71 2.35 13.54
N GLN A 92 -4.67 2.18 12.64
CA GLN A 92 -4.55 1.20 11.56
C GLN A 92 -5.26 1.70 10.30
N GLY A 93 -4.54 1.73 9.20
CA GLY A 93 -5.11 2.19 7.95
C GLY A 93 -5.50 1.05 7.03
N VAL A 94 -6.69 1.15 6.44
CA VAL A 94 -7.19 0.14 5.52
C VAL A 94 -7.66 0.79 4.22
N GLN A 95 -7.00 0.44 3.11
CA GLN A 95 -7.34 1.01 1.82
C GLN A 95 -8.02 0.00 0.91
N LEU A 96 -8.96 0.50 0.10
CA LEU A 96 -9.70 -0.32 -0.85
C LEU A 96 -9.66 0.32 -2.22
N THR A 97 -8.94 -0.30 -3.15
CA THR A 97 -8.81 0.27 -4.48
C THR A 97 -8.63 -0.80 -5.55
N ALA A 98 -8.71 -0.39 -6.81
CA ALA A 98 -8.54 -1.29 -7.93
C ALA A 98 -7.15 -1.11 -8.54
N LYS A 99 -6.48 -2.22 -8.82
CA LYS A 99 -5.14 -2.17 -9.39
C LYS A 99 -5.08 -2.85 -10.75
N LEU A 100 -4.47 -2.15 -11.70
CA LEU A 100 -4.32 -2.68 -13.06
C LEU A 100 -2.88 -2.51 -13.53
N GLY A 101 -2.25 -3.61 -13.88
CA GLY A 101 -0.87 -3.55 -14.32
C GLY A 101 -0.69 -3.99 -15.77
N TYR A 102 0.57 -4.02 -16.21
CA TYR A 102 0.89 -4.41 -17.57
C TYR A 102 2.39 -4.69 -17.71
N PRO A 103 2.78 -5.90 -18.15
CA PRO A 103 4.19 -6.27 -18.32
C PRO A 103 4.85 -5.52 -19.48
N ILE A 104 6.17 -5.62 -19.56
CA ILE A 104 6.93 -4.95 -20.62
C ILE A 104 7.64 -5.97 -21.49
N THR A 105 8.26 -6.97 -20.86
CA THR A 105 8.97 -8.01 -21.59
C THR A 105 8.88 -9.35 -20.86
N ASP A 106 9.74 -9.54 -19.87
CA ASP A 106 9.76 -10.77 -19.09
C ASP A 106 10.36 -10.54 -17.70
N ASP A 107 10.35 -9.30 -17.24
CA ASP A 107 10.89 -8.97 -15.93
C ASP A 107 10.68 -7.49 -15.58
N LEU A 108 9.67 -6.88 -16.18
CA LEU A 108 9.35 -5.48 -15.92
C LEU A 108 7.87 -5.20 -16.19
N ASP A 109 7.18 -4.68 -15.19
CA ASP A 109 5.75 -4.39 -15.35
C ASP A 109 5.36 -3.10 -14.62
N ILE A 110 4.23 -2.53 -15.04
CA ILE A 110 3.73 -1.31 -14.43
C ILE A 110 2.40 -1.58 -13.72
N TYR A 111 2.07 -0.76 -12.73
CA TYR A 111 0.85 -0.93 -11.97
C TYR A 111 0.22 0.40 -11.60
N THR A 112 -1.10 0.48 -11.72
CA THR A 112 -1.85 1.69 -11.39
C THR A 112 -2.94 1.38 -10.37
N ARG A 113 -2.96 2.14 -9.28
CA ARG A 113 -3.95 1.93 -8.22
C ARG A 113 -4.86 3.14 -8.06
N LEU A 114 -6.17 2.91 -8.11
CA LEU A 114 -7.15 3.99 -7.95
C LEU A 114 -8.31 3.54 -7.05
N GLY A 115 -8.53 4.28 -5.98
CA GLY A 115 -9.60 3.94 -5.05
C GLY A 115 -9.68 4.89 -3.88
N GLY A 116 -9.89 4.35 -2.68
CA GLY A 116 -10.00 5.19 -1.50
C GLY A 116 -9.33 4.57 -0.28
N MET A 117 -9.06 5.41 0.72
CA MET A 117 -8.43 4.94 1.95
C MET A 117 -9.34 5.21 3.15
N VAL A 118 -9.35 4.27 4.10
CA VAL A 118 -10.16 4.40 5.30
C VAL A 118 -9.36 4.06 6.54
N TRP A 119 -9.29 4.99 7.50
CA TRP A 119 -8.55 4.77 8.73
C TRP A 119 -9.38 5.18 9.94
N ARG A 120 -8.98 4.70 11.12
CA ARG A 120 -9.69 5.02 12.35
C ARG A 120 -8.71 5.53 13.41
N ALA A 121 -9.23 6.40 14.29
CA ALA A 121 -8.40 6.96 15.35
C ALA A 121 -9.25 7.79 16.32
N ASP A 122 -8.83 7.85 17.57
CA ASP A 122 -9.54 8.62 18.58
C ASP A 122 -8.62 9.63 19.26
N SER A 123 -8.98 10.90 19.18
CA SER A 123 -8.18 11.97 19.78
C SER A 123 -8.99 12.72 20.82
N LYS A 124 -9.91 12.02 21.47
CA LYS A 124 -10.77 12.63 22.50
C LYS A 124 -10.60 11.91 23.83
N GLY A 125 -10.52 12.69 24.92
CA GLY A 125 -10.36 12.11 26.23
C GLY A 125 -11.10 12.89 27.30
N ASN A 126 -10.35 13.72 28.04
CA ASN A 126 -10.94 14.54 29.10
C ASN A 126 -11.66 15.74 28.51
N TYR A 127 -12.91 15.54 28.10
CA TYR A 127 -13.70 16.61 27.52
C TYR A 127 -15.18 16.45 27.88
N ALA A 128 -15.44 15.90 29.06
CA ALA A 128 -16.80 15.68 29.52
C ALA A 128 -17.50 17.01 29.81
N SER A 129 -18.61 17.26 29.11
CA SER A 129 -19.37 18.50 29.28
C SER A 129 -20.37 18.34 30.42
N THR A 130 -21.24 17.35 30.31
CA THR A 130 -22.26 17.09 31.32
C THR A 130 -22.54 15.60 31.45
N GLY A 131 -22.76 14.95 30.31
CA GLY A 131 -23.04 13.53 30.32
C GLY A 131 -23.01 12.92 28.92
N VAL A 132 -22.02 13.33 28.13
CA VAL A 132 -21.88 12.83 26.77
C VAL A 132 -21.33 11.40 26.78
N SER A 133 -21.72 10.62 25.77
CA SER A 133 -21.28 9.24 25.67
C SER A 133 -20.85 8.91 24.23
N ARG A 134 -20.15 7.81 24.06
CA ARG A 134 -19.68 7.38 22.75
C ARG A 134 -20.70 6.46 22.08
N SER A 135 -21.51 7.02 21.18
CA SER A 135 -22.52 6.25 20.47
C SER A 135 -22.00 5.79 19.11
N GLU A 136 -21.21 6.64 18.47
CA GLU A 136 -20.65 6.31 17.16
C GLU A 136 -19.22 6.81 17.05
N HIS A 137 -18.31 5.91 16.67
CA HIS A 137 -16.90 6.25 16.52
C HIS A 137 -16.68 7.10 15.27
N ASP A 138 -15.42 7.47 15.04
CA ASP A 138 -15.06 8.28 13.89
C ASP A 138 -13.99 7.60 13.04
N THR A 139 -14.23 7.52 11.74
CA THR A 139 -13.29 6.89 10.82
C THR A 139 -12.98 7.80 9.64
N GLY A 140 -11.70 8.13 9.47
CA GLY A 140 -11.31 9.00 8.37
C GLY A 140 -11.43 8.31 7.02
N VAL A 141 -11.75 9.08 5.99
CA VAL A 141 -11.90 8.54 4.64
C VAL A 141 -11.46 9.55 3.59
N SER A 142 -10.67 9.09 2.63
CA SER A 142 -10.16 9.96 1.56
C SER A 142 -9.78 9.16 0.33
N PRO A 143 -10.15 9.66 -0.87
CA PRO A 143 -9.83 9.00 -2.14
C PRO A 143 -8.40 9.27 -2.60
N VAL A 144 -7.77 8.26 -3.19
CA VAL A 144 -6.40 8.42 -3.68
C VAL A 144 -6.08 7.40 -4.77
N PHE A 145 -5.00 7.67 -5.51
CA PHE A 145 -4.57 6.79 -6.59
C PHE A 145 -3.05 6.84 -6.74
N ALA A 146 -2.43 5.66 -6.71
CA ALA A 146 -0.97 5.57 -6.85
C ALA A 146 -0.58 4.91 -8.16
N GLY A 147 0.60 5.26 -8.66
CA GLY A 147 1.08 4.69 -9.90
C GLY A 147 2.58 4.48 -9.91
N GLY A 148 3.01 3.29 -10.30
CA GLY A 148 4.44 3.00 -10.33
C GLY A 148 4.78 1.82 -11.21
N VAL A 149 5.95 1.23 -10.99
CA VAL A 149 6.39 0.09 -11.77
C VAL A 149 6.97 -1.01 -10.86
N GLU A 150 7.18 -2.19 -11.42
CA GLU A 150 7.70 -3.31 -10.64
C GLU A 150 8.81 -4.04 -11.41
N TRP A 151 9.88 -4.37 -10.71
CA TRP A 151 11.01 -5.08 -11.31
C TRP A 151 11.16 -6.48 -10.70
N ALA A 152 11.12 -7.49 -11.56
CA ALA A 152 11.24 -8.87 -11.10
C ALA A 152 12.69 -9.32 -11.07
N VAL A 153 13.10 -9.91 -9.94
CA VAL A 153 14.47 -10.40 -9.78
C VAL A 153 14.49 -11.91 -9.61
N THR A 154 13.78 -12.40 -8.59
CA THR A 154 13.71 -13.82 -8.33
C THR A 154 12.55 -14.46 -9.07
N ARG A 155 12.18 -15.68 -8.68
CA ARG A 155 11.09 -16.40 -9.33
C ARG A 155 9.75 -16.03 -8.69
N ASP A 156 9.78 -15.68 -7.41
CA ASP A 156 8.56 -15.30 -6.69
C ASP A 156 8.80 -14.10 -5.78
N ILE A 157 9.88 -13.36 -6.03
CA ILE A 157 10.21 -12.19 -5.22
C ILE A 157 10.66 -11.03 -6.11
N ALA A 158 9.90 -9.94 -6.08
CA ALA A 158 10.23 -8.77 -6.88
C ALA A 158 10.10 -7.49 -6.07
N THR A 159 10.60 -6.38 -6.62
CA THR A 159 10.53 -5.09 -5.96
C THR A 159 9.61 -4.15 -6.74
N ARG A 160 9.01 -3.19 -6.04
CA ARG A 160 8.12 -2.25 -6.67
C ARG A 160 8.35 -0.82 -6.19
N LEU A 161 8.25 0.13 -7.12
CA LEU A 161 8.42 1.54 -6.83
C LEU A 161 7.16 2.31 -7.21
N GLU A 162 6.51 2.92 -6.22
CA GLU A 162 5.28 3.66 -6.47
C GLU A 162 5.49 5.16 -6.36
N TYR A 163 4.79 5.92 -7.21
CA TYR A 163 4.88 7.37 -7.22
C TYR A 163 3.49 7.99 -7.30
N GLN A 164 3.40 9.28 -6.96
CA GLN A 164 2.13 9.98 -7.00
C GLN A 164 1.77 10.37 -8.43
N TRP A 165 2.75 10.88 -9.17
CA TRP A 165 2.53 11.29 -10.55
C TRP A 165 3.82 11.76 -11.19
N VAL A 166 3.82 11.85 -12.51
CA VAL A 166 5.01 12.30 -13.24
C VAL A 166 5.43 13.70 -12.81
N ASN A 167 6.74 13.92 -12.75
CA ASN A 167 7.27 15.22 -12.34
C ASN A 167 7.93 15.92 -13.52
N ASN A 168 8.12 17.23 -13.40
CA ASN A 168 8.74 18.02 -14.45
C ASN A 168 9.85 18.90 -13.89
N ILE A 169 10.43 19.74 -14.74
CA ILE A 169 11.50 20.63 -14.33
C ILE A 169 11.16 22.09 -14.64
N GLY A 170 10.49 22.31 -15.78
CA GLY A 170 10.11 23.65 -16.16
C GLY A 170 8.69 24.01 -15.75
N ASP A 171 8.22 23.38 -14.68
CA ASP A 171 6.87 23.63 -14.19
C ASP A 171 6.87 24.74 -13.15
N ALA A 172 7.74 24.62 -12.16
CA ALA A 172 7.83 25.62 -11.09
C ALA A 172 8.69 26.80 -11.53
N GLY A 173 8.92 27.74 -10.62
CA GLY A 173 9.72 28.90 -10.93
C GLY A 173 10.78 29.18 -9.89
N THR A 174 10.89 30.43 -9.46
CA THR A 174 11.87 30.82 -8.45
C THR A 174 11.42 30.38 -7.07
N VAL A 175 10.32 30.96 -6.59
CA VAL A 175 9.79 30.63 -5.28
C VAL A 175 8.75 29.52 -5.37
N GLY A 176 9.04 28.38 -4.74
CA GLY A 176 8.12 27.27 -4.76
C GLY A 176 7.61 26.91 -3.39
N THR A 177 6.44 27.42 -3.04
CA THR A 177 5.84 27.15 -1.73
C THR A 177 4.77 26.05 -1.84
N ARG A 178 3.68 26.37 -2.53
CA ARG A 178 2.58 25.42 -2.71
C ARG A 178 2.97 24.32 -3.70
N PRO A 179 3.47 24.71 -4.89
CA PRO A 179 3.86 23.74 -5.92
C PRO A 179 4.93 22.77 -5.42
N ASP A 180 4.50 21.70 -4.78
CA ASP A 180 5.41 20.70 -4.24
C ASP A 180 4.67 19.40 -3.93
N ASN A 181 4.56 18.53 -4.93
CA ASN A 181 3.88 17.25 -4.76
C ASN A 181 4.76 16.10 -5.23
N GLY A 182 5.37 15.40 -4.27
CA GLY A 182 6.23 14.28 -4.60
C GLY A 182 6.20 13.19 -3.54
N MET A 183 5.67 12.04 -3.90
CA MET A 183 5.59 10.91 -2.99
C MET A 183 6.14 9.65 -3.63
N LEU A 184 7.40 9.33 -3.34
CA LEU A 184 8.05 8.15 -3.90
C LEU A 184 8.30 7.11 -2.81
N SER A 185 7.66 5.95 -2.94
CA SER A 185 7.83 4.88 -1.97
C SER A 185 8.40 3.63 -2.63
N LEU A 186 9.20 2.88 -1.88
CA LEU A 186 9.82 1.66 -2.40
C LEU A 186 9.51 0.47 -1.49
N GLY A 187 9.22 -0.68 -2.11
CA GLY A 187 8.91 -1.87 -1.33
C GLY A 187 9.17 -3.16 -2.08
N VAL A 188 8.85 -4.27 -1.45
CA VAL A 188 9.03 -5.58 -2.07
C VAL A 188 7.77 -6.42 -1.93
N SER A 189 7.46 -7.20 -2.97
CA SER A 189 6.26 -8.04 -2.95
C SER A 189 6.51 -9.37 -3.64
N TYR A 190 5.54 -10.28 -3.52
CA TYR A 190 5.64 -11.60 -4.12
C TYR A 190 4.31 -12.01 -4.73
N ARG A 191 4.36 -12.90 -5.72
CA ARG A 191 3.16 -13.37 -6.39
C ARG A 191 3.31 -14.82 -6.84
N PHE A 192 2.20 -15.52 -6.96
CA PHE A 192 2.22 -16.91 -7.38
C PHE A 192 1.95 -17.04 -8.88
N GLY A 193 3.02 -17.13 -9.66
CA GLY A 193 2.88 -17.25 -11.10
C GLY A 193 2.60 -18.67 -11.55
N GLN A 194 2.69 -18.91 -12.85
CA GLN A 194 2.44 -20.24 -13.40
C GLN A 194 3.76 -20.98 -13.63
N GLU A 195 3.90 -22.13 -12.99
CA GLU A 195 5.11 -22.94 -13.12
C GLU A 195 5.18 -23.58 -14.50
N ASP A 196 6.27 -24.31 -14.76
CA ASP A 196 6.46 -24.97 -16.04
C ASP A 196 6.84 -26.43 -15.84
N ALA A 197 6.76 -27.22 -16.91
CA ALA A 197 7.10 -28.63 -16.86
C ALA A 197 8.19 -28.98 -17.86
N ALA A 198 9.10 -28.03 -18.09
CA ALA A 198 10.19 -28.23 -19.04
C ALA A 198 11.50 -28.52 -18.30
N PRO A 199 11.96 -29.78 -18.29
CA PRO A 199 13.19 -30.17 -17.61
C PRO A 199 14.43 -29.60 -18.30
N VAL A 200 14.44 -29.65 -19.63
CA VAL A 200 15.56 -29.13 -20.41
C VAL A 200 15.08 -28.37 -21.63
N VAL A 201 15.45 -27.09 -21.70
CA VAL A 201 15.05 -26.24 -22.82
C VAL A 201 16.20 -26.04 -23.80
N ALA A 202 17.02 -27.08 -23.97
CA ALA A 202 18.16 -27.02 -24.87
C ALA A 202 18.09 -28.12 -25.93
N PRO A 203 17.35 -27.87 -27.03
CA PRO A 203 17.20 -28.84 -28.11
C PRO A 203 18.54 -29.24 -28.73
N ALA A 204 19.16 -28.31 -29.44
CA ALA A 204 20.44 -28.56 -30.08
C ALA A 204 21.57 -28.61 -29.05
N PRO A 205 21.79 -27.50 -28.33
CA PRO A 205 22.84 -27.41 -27.31
C PRO A 205 22.50 -28.21 -26.05
N ALA A 206 23.34 -28.08 -25.03
CA ALA A 206 23.13 -28.79 -23.77
C ALA A 206 22.80 -27.82 -22.64
N PRO A 207 22.05 -28.29 -21.63
CA PRO A 207 21.67 -27.46 -20.49
C PRO A 207 22.85 -27.12 -19.60
N ALA A 208 23.67 -28.12 -19.28
CA ALA A 208 24.84 -27.94 -18.45
C ALA A 208 25.94 -28.92 -18.81
N PRO A 209 27.22 -28.50 -18.69
CA PRO A 209 28.36 -29.36 -19.00
C PRO A 209 28.31 -30.69 -18.26
N GLU A 210 28.40 -31.78 -19.02
CA GLU A 210 28.36 -33.12 -18.44
C GLU A 210 29.77 -33.60 -18.08
N ALA A 1 16.72 -24.33 -27.60
CA ALA A 1 16.53 -23.41 -28.75
C ALA A 1 15.51 -23.98 -29.74
N ARG A 2 14.55 -24.73 -29.22
CA ARG A 2 13.52 -25.34 -30.06
C ARG A 2 12.24 -24.50 -30.05
N ILE A 3 11.80 -24.09 -31.24
CA ILE A 3 10.60 -23.28 -31.37
C ILE A 3 9.91 -23.53 -32.70
N MET A 4 8.58 -23.44 -32.70
CA MET A 4 7.80 -23.66 -33.92
C MET A 4 6.99 -22.41 -34.27
N LYS A 5 6.18 -21.96 -33.32
CA LYS A 5 5.35 -20.77 -33.53
C LYS A 5 4.93 -20.17 -32.21
N ALA A 6 5.02 -18.84 -32.10
CA ALA A 6 4.65 -18.13 -30.89
C ALA A 6 3.50 -17.17 -31.14
N ILE A 7 3.57 -16.44 -32.25
CA ILE A 7 2.53 -15.49 -32.61
C ILE A 7 1.23 -16.19 -32.96
N PHE A 8 0.17 -15.85 -32.23
CA PHE A 8 -1.14 -16.46 -32.47
C PHE A 8 -2.24 -15.39 -32.49
N VAL A 9 -3.45 -15.80 -32.87
CA VAL A 9 -4.58 -14.88 -32.92
C VAL A 9 -5.79 -15.46 -32.20
N LEU A 10 -6.08 -14.92 -31.03
CA LEU A 10 -7.21 -15.38 -30.22
C LEU A 10 -7.38 -14.51 -28.98
N ASN A 11 -8.64 -14.24 -28.62
CA ASN A 11 -8.94 -13.43 -27.45
C ASN A 11 -8.43 -14.10 -26.18
N ALA A 12 -8.18 -13.29 -25.16
CA ALA A 12 -7.68 -13.81 -23.88
C ALA A 12 -8.73 -14.69 -23.21
N ALA A 13 -8.74 -15.97 -23.57
CA ALA A 13 -9.68 -16.93 -23.02
C ALA A 13 -9.27 -17.34 -21.60
N PRO A 14 -8.01 -17.80 -21.44
CA PRO A 14 -7.50 -18.23 -20.13
C PRO A 14 -7.63 -17.15 -19.07
N LYS A 15 -8.78 -17.10 -18.41
CA LYS A 15 -9.03 -16.11 -17.37
C LYS A 15 -8.74 -16.68 -15.99
N ASP A 16 -7.52 -17.18 -15.81
CA ASP A 16 -7.12 -17.75 -14.53
C ASP A 16 -6.90 -16.67 -13.49
N ASN A 17 -7.19 -16.99 -12.23
CA ASN A 17 -7.01 -16.03 -11.14
C ASN A 17 -5.56 -15.98 -10.70
N THR A 18 -5.23 -14.94 -9.93
CA THR A 18 -3.87 -14.77 -9.43
C THR A 18 -3.87 -14.10 -8.05
N TRP A 19 -2.68 -13.89 -7.51
CA TRP A 19 -2.55 -13.25 -6.20
C TRP A 19 -1.23 -12.50 -6.08
N TYR A 20 -1.30 -11.25 -5.65
CA TYR A 20 -0.11 -10.42 -5.49
C TYR A 20 -0.06 -9.83 -4.09
N ALA A 21 1.13 -9.86 -3.49
CA ALA A 21 1.31 -9.32 -2.14
C ALA A 21 2.69 -8.71 -1.97
N GLY A 22 2.77 -7.65 -1.18
CA GLY A 22 4.04 -6.99 -0.93
C GLY A 22 3.92 -5.79 -0.03
N GLY A 23 5.06 -5.27 0.43
CA GLY A 23 5.04 -4.10 1.30
C GLY A 23 5.99 -3.01 0.83
N LYS A 24 5.58 -1.76 1.01
CA LYS A 24 6.39 -0.63 0.59
C LYS A 24 6.50 0.42 1.71
N LEU A 25 7.65 1.08 1.76
CA LEU A 25 7.90 2.10 2.76
C LEU A 25 8.22 3.44 2.10
N GLY A 26 7.91 4.53 2.79
CA GLY A 26 8.17 5.85 2.25
C GLY A 26 7.98 6.95 3.27
N TRP A 27 7.88 8.19 2.80
CA TRP A 27 7.69 9.32 3.69
C TRP A 27 6.42 10.09 3.33
N SER A 28 5.49 10.17 4.28
CA SER A 28 4.24 10.88 4.07
C SER A 28 3.58 11.24 5.39
N GLN A 29 2.86 12.35 5.40
CA GLN A 29 2.18 12.81 6.62
C GLN A 29 0.76 13.26 6.30
N TYR A 30 -0.21 12.47 6.71
CA TYR A 30 -1.62 12.79 6.47
C TYR A 30 -2.45 12.57 7.74
N HIS A 31 -2.40 13.54 8.65
CA HIS A 31 -3.14 13.45 9.90
C HIS A 31 -4.25 14.50 9.94
N ASP A 32 -5.46 14.06 10.28
CA ASP A 32 -6.61 14.95 10.35
C ASP A 32 -6.90 15.33 11.80
N THR A 33 -6.55 16.57 12.17
CA THR A 33 -6.78 17.06 13.52
C THR A 33 -7.75 18.24 13.52
N GLY A 34 -7.42 19.25 12.73
CA GLY A 34 -8.27 20.42 12.65
C GLY A 34 -7.79 21.55 13.54
N PHE A 35 -7.12 21.19 14.64
CA PHE A 35 -6.62 22.17 15.58
C PHE A 35 -5.62 23.12 14.90
N TYR A 36 -5.39 24.27 15.53
CA TYR A 36 -4.47 25.25 14.99
C TYR A 36 -3.53 25.77 16.07
N GLY A 37 -2.49 26.50 15.66
CA GLY A 37 -1.54 27.03 16.60
C GLY A 37 -1.26 28.51 16.36
N ASN A 38 -2.24 29.21 15.81
CA ASN A 38 -2.09 30.64 15.52
C ASN A 38 -2.70 31.48 16.64
N GLY A 39 -1.97 32.49 17.08
CA GLY A 39 -2.46 33.36 18.14
C GLY A 39 -1.55 34.55 18.39
N PHE A 40 -0.31 34.27 18.78
CA PHE A 40 0.66 35.32 19.05
C PHE A 40 1.79 35.31 18.01
N GLN A 41 2.56 36.38 17.98
CA GLN A 41 3.67 36.49 17.04
C GLN A 41 4.76 35.48 17.36
N ASN A 42 5.01 34.56 16.43
CA ASN A 42 6.04 33.54 16.61
C ASN A 42 7.43 34.11 16.35
N ASN A 43 8.44 33.47 16.94
CA ASN A 43 9.82 33.91 16.77
C ASN A 43 10.58 32.97 15.84
N ASN A 44 10.37 31.67 16.04
CA ASN A 44 11.04 30.66 15.23
C ASN A 44 10.26 30.39 13.94
N GLY A 45 10.96 29.93 12.90
CA GLY A 45 10.32 29.65 11.64
C GLY A 45 9.67 28.28 11.62
N PRO A 46 8.64 28.09 10.78
CA PRO A 46 7.93 26.80 10.68
C PRO A 46 8.78 25.74 10.01
N THR A 47 8.99 24.62 10.71
CA THR A 47 9.78 23.52 10.19
C THR A 47 9.10 22.18 10.44
N ARG A 48 8.48 21.63 9.40
CA ARG A 48 7.79 20.36 9.52
C ARG A 48 8.76 19.19 9.38
N ASN A 49 8.60 18.19 10.23
CA ASN A 49 9.48 17.02 10.21
C ASN A 49 9.01 16.01 9.15
N ASP A 50 9.93 15.22 8.64
CA ASP A 50 9.62 14.22 7.63
C ASP A 50 9.33 12.87 8.26
N GLN A 51 8.05 12.61 8.54
CA GLN A 51 7.65 11.35 9.15
C GLN A 51 7.61 10.23 8.12
N LEU A 52 8.24 9.11 8.45
CA LEU A 52 8.27 7.96 7.54
C LEU A 52 7.25 6.92 7.96
N GLY A 53 6.57 6.32 6.97
CA GLY A 53 5.56 5.32 7.25
C GLY A 53 5.65 4.14 6.30
N ALA A 54 5.07 3.01 6.70
CA ALA A 54 5.08 1.81 5.89
C ALA A 54 3.69 1.48 5.38
N GLY A 55 3.61 0.84 4.22
CA GLY A 55 2.33 0.49 3.64
C GLY A 55 2.36 -0.85 2.94
N ALA A 56 1.49 -1.76 3.36
CA ALA A 56 1.41 -3.09 2.77
C ALA A 56 0.34 -3.14 1.69
N PHE A 57 0.67 -3.76 0.56
CA PHE A 57 -0.28 -3.86 -0.55
C PHE A 57 -0.47 -5.32 -0.96
N GLY A 58 -1.73 -5.74 -1.03
CA GLY A 58 -2.05 -7.09 -1.41
C GLY A 58 -3.41 -7.21 -2.07
N GLY A 59 -3.46 -7.76 -3.27
CA GLY A 59 -4.71 -7.89 -3.97
C GLY A 59 -4.76 -9.12 -4.87
N TYR A 60 -5.82 -9.23 -5.66
CA TYR A 60 -5.99 -10.36 -6.55
C TYR A 60 -6.79 -9.96 -7.79
N GLN A 61 -6.61 -10.70 -8.88
CA GLN A 61 -7.32 -10.42 -10.12
C GLN A 61 -8.51 -11.35 -10.28
N VAL A 62 -9.64 -10.80 -10.72
CA VAL A 62 -10.85 -11.58 -10.91
C VAL A 62 -11.39 -11.39 -12.33
N ASN A 63 -11.50 -10.14 -12.75
CA ASN A 63 -12.00 -9.82 -14.08
C ASN A 63 -10.83 -9.70 -15.07
N PRO A 64 -11.00 -10.18 -16.31
CA PRO A 64 -9.97 -10.11 -17.33
C PRO A 64 -9.69 -8.67 -17.78
N TYR A 65 -9.20 -7.86 -16.86
CA TYR A 65 -8.90 -6.46 -17.17
C TYR A 65 -8.34 -5.73 -15.96
N LEU A 66 -8.80 -6.10 -14.76
CA LEU A 66 -8.34 -5.45 -13.54
C LEU A 66 -8.63 -6.29 -12.31
N GLY A 67 -7.97 -5.96 -11.20
CA GLY A 67 -8.18 -6.69 -9.97
C GLY A 67 -8.36 -5.77 -8.77
N PHE A 68 -8.61 -6.35 -7.61
CA PHE A 68 -8.82 -5.57 -6.39
C PHE A 68 -7.55 -5.56 -5.55
N GLU A 69 -7.18 -4.38 -5.05
CA GLU A 69 -5.98 -4.23 -4.23
C GLU A 69 -6.31 -3.60 -2.88
N MET A 70 -5.81 -4.22 -1.82
CA MET A 70 -6.05 -3.73 -0.47
C MET A 70 -4.75 -3.20 0.14
N GLY A 71 -4.82 -2.00 0.69
CA GLY A 71 -3.63 -1.40 1.29
C GLY A 71 -3.74 -1.32 2.80
N TYR A 72 -2.59 -1.32 3.47
CA TYR A 72 -2.55 -1.24 4.92
C TYR A 72 -1.51 -0.22 5.38
N ASP A 73 -1.97 0.85 6.01
CA ASP A 73 -1.07 1.89 6.51
C ASP A 73 -0.66 1.62 7.95
N TRP A 74 0.64 1.52 8.16
CA TRP A 74 1.19 1.26 9.49
C TRP A 74 2.41 2.14 9.76
N LEU A 75 2.63 2.46 11.03
CA LEU A 75 3.77 3.29 11.43
C LEU A 75 4.63 2.57 12.46
N GLY A 76 5.95 2.63 12.26
CA GLY A 76 6.87 1.99 13.18
C GLY A 76 7.61 2.97 14.06
N ARG A 77 8.67 2.51 14.70
CA ARG A 77 9.48 3.37 15.57
C ARG A 77 8.64 3.92 16.72
N MET A 78 8.66 3.20 17.85
CA MET A 78 7.90 3.62 19.02
C MET A 78 8.77 4.45 19.96
N ALA A 79 8.12 5.28 20.78
CA ALA A 79 8.84 6.12 21.72
C ALA A 79 9.12 5.37 23.02
N TYR A 80 10.17 5.79 23.72
CA TYR A 80 10.57 5.15 24.97
C TYR A 80 11.13 6.18 25.95
N LYS A 81 10.23 6.83 26.69
CA LYS A 81 10.63 7.84 27.67
C LYS A 81 10.40 7.34 29.08
N GLY A 82 9.37 6.51 29.26
CA GLY A 82 9.05 5.99 30.57
C GLY A 82 8.92 4.47 30.57
N SER A 83 8.83 3.89 31.76
CA SER A 83 8.69 2.44 31.90
C SER A 83 7.22 2.03 31.95
N VAL A 84 6.48 2.66 32.87
CA VAL A 84 5.06 2.36 33.03
C VAL A 84 4.26 2.78 31.80
N ASP A 85 4.36 1.98 30.75
CA ASP A 85 3.64 2.26 29.51
C ASP A 85 3.86 1.15 28.49
N ASN A 86 2.79 0.40 28.21
CA ASN A 86 2.87 -0.70 27.25
C ASN A 86 3.13 -0.17 25.84
N GLY A 87 2.17 0.57 25.30
CA GLY A 87 2.31 1.11 23.97
C GLY A 87 1.12 1.96 23.55
N ALA A 88 1.39 3.05 22.85
CA ALA A 88 0.34 3.95 22.39
C ALA A 88 -0.08 3.60 20.97
N PHE A 89 -1.34 3.17 20.81
CA PHE A 89 -1.86 2.81 19.51
C PHE A 89 -2.43 4.04 18.79
N LYS A 90 -1.71 4.51 17.79
CA LYS A 90 -2.14 5.67 17.02
C LYS A 90 -3.40 5.36 16.21
N ALA A 91 -3.25 4.48 15.22
CA ALA A 91 -4.38 4.09 14.38
C ALA A 91 -3.94 3.08 13.32
N GLN A 92 -4.92 2.43 12.70
CA GLN A 92 -4.65 1.44 11.66
C GLN A 92 -5.18 1.92 10.31
N GLY A 93 -4.35 1.83 9.29
CA GLY A 93 -4.76 2.26 7.96
C GLY A 93 -5.26 1.12 7.10
N VAL A 94 -6.44 1.30 6.52
CA VAL A 94 -7.04 0.30 5.65
C VAL A 94 -7.45 0.93 4.33
N GLN A 95 -6.84 0.46 3.24
CA GLN A 95 -7.13 1.00 1.91
C GLN A 95 -7.85 -0.01 1.02
N LEU A 96 -8.74 0.51 0.19
CA LEU A 96 -9.50 -0.32 -0.74
C LEU A 96 -9.51 0.34 -2.12
N THR A 97 -8.85 -0.30 -3.10
CA THR A 97 -8.77 0.28 -4.43
C THR A 97 -8.66 -0.79 -5.50
N ALA A 98 -8.72 -0.35 -6.76
CA ALA A 98 -8.61 -1.24 -7.90
C ALA A 98 -7.21 -1.14 -8.50
N LYS A 99 -6.58 -2.28 -8.75
CA LYS A 99 -5.24 -2.30 -9.29
C LYS A 99 -5.20 -3.02 -10.64
N LEU A 100 -4.54 -2.38 -11.60
CA LEU A 100 -4.39 -2.94 -12.95
C LEU A 100 -2.96 -2.77 -13.42
N GLY A 101 -2.39 -3.84 -13.98
CA GLY A 101 -1.03 -3.76 -14.45
C GLY A 101 -0.76 -4.64 -15.66
N TYR A 102 0.48 -4.63 -16.13
CA TYR A 102 0.87 -5.43 -17.29
C TYR A 102 2.40 -5.48 -17.40
N PRO A 103 2.97 -6.69 -17.54
CA PRO A 103 4.43 -6.87 -17.65
C PRO A 103 4.97 -6.30 -18.96
N ILE A 104 6.29 -6.24 -19.08
CA ILE A 104 6.93 -5.73 -20.29
C ILE A 104 7.71 -6.83 -21.01
N THR A 105 8.42 -7.64 -20.23
CA THR A 105 9.20 -8.74 -20.79
C THR A 105 9.19 -9.94 -19.84
N ASP A 106 9.47 -9.68 -18.58
CA ASP A 106 9.49 -10.74 -17.56
C ASP A 106 9.90 -10.18 -16.20
N ASP A 107 10.82 -9.23 -16.19
CA ASP A 107 11.29 -8.62 -14.96
C ASP A 107 10.92 -7.14 -14.88
N LEU A 108 9.91 -6.74 -15.64
CA LEU A 108 9.47 -5.36 -15.65
C LEU A 108 7.95 -5.29 -15.89
N ASP A 109 7.25 -4.58 -15.00
CA ASP A 109 5.80 -4.47 -15.11
C ASP A 109 5.30 -3.10 -14.68
N ILE A 110 4.14 -2.71 -15.20
CA ILE A 110 3.52 -1.43 -14.86
C ILE A 110 2.22 -1.65 -14.10
N TYR A 111 2.04 -0.94 -12.99
CA TYR A 111 0.84 -1.09 -12.18
C TYR A 111 0.25 0.26 -11.80
N THR A 112 -1.09 0.29 -11.68
CA THR A 112 -1.80 1.52 -11.31
C THR A 112 -2.94 1.19 -10.36
N ARG A 113 -3.01 1.93 -9.25
CA ARG A 113 -4.05 1.70 -8.26
C ARG A 113 -4.88 2.96 -8.03
N LEU A 114 -6.20 2.82 -8.11
CA LEU A 114 -7.11 3.95 -7.90
C LEU A 114 -8.26 3.53 -6.99
N GLY A 115 -8.43 4.26 -5.88
CA GLY A 115 -9.50 3.94 -4.94
C GLY A 115 -9.55 4.91 -3.78
N GLY A 116 -9.75 4.40 -2.57
CA GLY A 116 -9.83 5.25 -1.41
C GLY A 116 -9.19 4.63 -0.19
N MET A 117 -8.87 5.47 0.80
CA MET A 117 -8.25 5.00 2.03
C MET A 117 -9.13 5.33 3.24
N VAL A 118 -9.16 4.42 4.21
CA VAL A 118 -9.96 4.61 5.41
C VAL A 118 -9.13 4.36 6.66
N TRP A 119 -9.30 5.20 7.67
CA TRP A 119 -8.57 5.05 8.93
C TRP A 119 -9.41 5.49 10.11
N ARG A 120 -9.07 4.99 11.29
CA ARG A 120 -9.79 5.34 12.51
C ARG A 120 -8.84 5.67 13.64
N ALA A 121 -9.27 6.57 14.53
CA ALA A 121 -8.45 6.97 15.67
C ALA A 121 -9.01 6.43 16.98
N ASP A 122 -8.18 5.70 17.72
CA ASP A 122 -8.59 5.12 18.98
C ASP A 122 -7.40 4.95 19.92
N SER A 123 -7.65 5.09 21.22
CA SER A 123 -6.59 4.95 22.22
C SER A 123 -6.88 3.78 23.15
N LYS A 124 -5.81 3.21 23.71
CA LYS A 124 -5.94 2.08 24.62
C LYS A 124 -4.61 1.75 25.27
N GLY A 125 -4.52 1.94 26.58
CA GLY A 125 -3.29 1.66 27.31
C GLY A 125 -3.47 1.73 28.81
N ASN A 126 -2.44 2.18 29.50
CA ASN A 126 -2.48 2.31 30.96
C ASN A 126 -2.86 3.72 31.37
N TYR A 127 -4.04 3.86 31.98
CA TYR A 127 -4.52 5.16 32.43
C TYR A 127 -5.51 5.01 33.57
N ALA A 128 -6.20 6.10 33.91
CA ALA A 128 -7.17 6.09 34.99
C ALA A 128 -8.53 6.61 34.51
N SER A 129 -9.50 5.71 34.40
CA SER A 129 -10.84 6.09 33.97
C SER A 129 -11.73 6.40 35.16
N THR A 130 -12.19 7.65 35.24
CA THR A 130 -13.06 8.08 36.33
C THR A 130 -14.46 8.38 35.82
N GLY A 131 -14.57 9.40 34.97
CA GLY A 131 -15.87 9.77 34.43
C GLY A 131 -16.11 9.18 33.05
N VAL A 132 -15.49 9.77 32.04
CA VAL A 132 -15.64 9.30 30.67
C VAL A 132 -14.34 9.45 29.89
N SER A 133 -14.25 8.77 28.75
CA SER A 133 -13.06 8.83 27.91
C SER A 133 -13.40 9.36 26.53
N ARG A 134 -14.36 8.70 25.86
CA ARG A 134 -14.78 9.11 24.53
C ARG A 134 -16.29 9.07 24.40
N SER A 135 -16.83 9.95 23.55
CA SER A 135 -18.27 10.00 23.33
C SER A 135 -18.66 9.29 22.04
N GLU A 136 -18.05 9.70 20.94
CA GLU A 136 -18.34 9.10 19.64
C GLU A 136 -17.09 8.43 19.07
N HIS A 137 -17.23 7.90 17.85
CA HIS A 137 -16.11 7.24 17.18
C HIS A 137 -15.58 8.09 16.04
N ASP A 138 -14.26 8.08 15.87
CA ASP A 138 -13.62 8.85 14.80
C ASP A 138 -13.48 8.01 13.53
N THR A 139 -13.78 8.61 12.38
CA THR A 139 -13.68 7.92 11.11
C THR A 139 -13.06 8.83 10.04
N GLY A 140 -12.03 8.32 9.38
CA GLY A 140 -11.38 9.10 8.34
C GLY A 140 -11.45 8.43 6.98
N VAL A 141 -11.69 9.24 5.94
CA VAL A 141 -11.80 8.72 4.59
C VAL A 141 -11.22 9.71 3.57
N SER A 142 -10.44 9.20 2.64
CA SER A 142 -9.82 10.04 1.61
C SER A 142 -9.48 9.23 0.36
N PRO A 143 -9.89 9.72 -0.83
CA PRO A 143 -9.62 9.04 -2.10
C PRO A 143 -8.18 9.27 -2.58
N VAL A 144 -7.58 8.24 -3.16
CA VAL A 144 -6.21 8.35 -3.66
C VAL A 144 -5.93 7.31 -4.74
N PHE A 145 -4.86 7.55 -5.50
CA PHE A 145 -4.47 6.64 -6.56
C PHE A 145 -2.95 6.63 -6.72
N ALA A 146 -2.36 5.44 -6.63
CA ALA A 146 -0.92 5.30 -6.75
C ALA A 146 -0.53 4.51 -8.00
N GLY A 147 0.49 4.99 -8.70
CA GLY A 147 0.95 4.32 -9.90
C GLY A 147 2.46 4.17 -9.95
N GLY A 148 2.93 2.99 -10.30
CA GLY A 148 4.35 2.75 -10.36
C GLY A 148 4.73 1.57 -11.23
N VAL A 149 5.90 1.00 -10.98
CA VAL A 149 6.37 -0.14 -11.75
C VAL A 149 6.96 -1.21 -10.84
N GLU A 150 7.20 -2.40 -11.40
CA GLU A 150 7.76 -3.51 -10.64
C GLU A 150 8.93 -4.15 -11.39
N TRP A 151 9.97 -4.52 -10.65
CA TRP A 151 11.15 -5.14 -11.24
C TRP A 151 11.44 -6.48 -10.56
N ALA A 152 11.54 -7.52 -11.38
CA ALA A 152 11.82 -8.86 -10.85
C ALA A 152 13.32 -9.12 -10.75
N VAL A 153 13.72 -9.73 -9.64
CA VAL A 153 15.13 -10.04 -9.41
C VAL A 153 15.39 -11.55 -9.52
N THR A 154 14.88 -12.30 -8.54
CA THR A 154 15.06 -13.75 -8.53
C THR A 154 13.94 -14.44 -9.32
N ARG A 155 12.79 -14.63 -8.68
CA ARG A 155 11.66 -15.29 -9.32
C ARG A 155 10.36 -14.95 -8.60
N ASP A 156 10.27 -15.31 -7.33
CA ASP A 156 9.08 -15.04 -6.54
C ASP A 156 9.31 -13.87 -5.59
N ILE A 157 10.21 -12.97 -5.98
CA ILE A 157 10.52 -11.79 -5.16
C ILE A 157 10.97 -10.63 -6.05
N ALA A 158 10.07 -9.70 -6.30
CA ALA A 158 10.38 -8.54 -7.13
C ALA A 158 10.25 -7.24 -6.34
N THR A 159 10.84 -6.18 -6.87
CA THR A 159 10.79 -4.87 -6.22
C THR A 159 9.75 -3.99 -6.90
N ARG A 160 9.16 -3.07 -6.14
CA ARG A 160 8.14 -2.19 -6.69
C ARG A 160 8.32 -0.75 -6.21
N LEU A 161 8.24 0.18 -7.17
CA LEU A 161 8.37 1.59 -6.87
C LEU A 161 7.09 2.32 -7.27
N GLU A 162 6.41 2.94 -6.31
CA GLU A 162 5.16 3.63 -6.56
C GLU A 162 5.31 5.14 -6.46
N TYR A 163 4.57 5.85 -7.30
CA TYR A 163 4.59 7.31 -7.31
C TYR A 163 3.17 7.86 -7.32
N GLN A 164 2.98 9.02 -6.69
CA GLN A 164 1.65 9.64 -6.62
C GLN A 164 1.22 10.18 -7.98
N TRP A 165 1.74 11.35 -8.34
CA TRP A 165 1.41 11.98 -9.61
C TRP A 165 2.20 11.37 -10.76
N VAL A 166 2.02 11.91 -11.96
CA VAL A 166 2.72 11.42 -13.14
C VAL A 166 3.51 12.54 -13.81
N ASN A 167 4.50 12.16 -14.60
CA ASN A 167 5.33 13.14 -15.31
C ASN A 167 4.54 13.82 -16.43
N ASN A 168 3.61 14.68 -16.04
CA ASN A 168 2.79 15.40 -17.00
C ASN A 168 2.56 16.84 -16.56
N ILE A 169 2.52 17.75 -17.52
CA ILE A 169 2.31 19.17 -17.23
C ILE A 169 1.89 19.93 -18.49
N GLY A 170 0.66 20.46 -18.46
CA GLY A 170 0.17 21.21 -19.60
C GLY A 170 0.49 22.68 -19.51
N ASP A 171 -0.51 23.49 -19.17
CA ASP A 171 -0.33 24.93 -19.07
C ASP A 171 -0.27 25.35 -17.60
N ALA A 172 0.07 26.62 -17.38
CA ALA A 172 0.16 27.15 -16.01
C ALA A 172 -0.92 28.20 -15.76
N GLY A 173 -1.15 28.52 -14.49
CA GLY A 173 -2.16 29.50 -14.15
C GLY A 173 -2.07 29.92 -12.70
N THR A 174 -2.82 29.24 -11.84
CA THR A 174 -2.83 29.54 -10.41
C THR A 174 -1.92 28.58 -9.63
N VAL A 175 -1.05 29.15 -8.80
CA VAL A 175 -0.13 28.34 -8.02
C VAL A 175 -0.20 28.72 -6.53
N GLY A 176 -0.31 27.71 -5.68
CA GLY A 176 -0.39 27.96 -4.25
C GLY A 176 0.49 27.02 -3.45
N THR A 177 0.02 25.80 -3.23
CA THR A 177 0.77 24.82 -2.46
C THR A 177 1.58 23.92 -3.40
N ARG A 178 2.89 24.12 -3.43
CA ARG A 178 3.77 23.33 -4.28
C ARG A 178 3.93 21.91 -3.73
N PRO A 179 4.47 21.78 -2.50
CA PRO A 179 4.66 20.46 -1.87
C PRO A 179 3.34 19.81 -1.46
N ASP A 180 2.57 19.39 -2.45
CA ASP A 180 1.28 18.76 -2.20
C ASP A 180 1.25 17.34 -2.77
N ASN A 181 1.60 17.21 -4.05
CA ASN A 181 1.62 15.92 -4.71
C ASN A 181 3.01 15.59 -5.23
N GLY A 182 3.61 14.54 -4.67
CA GLY A 182 4.94 14.13 -5.08
C GLY A 182 5.64 13.25 -4.07
N MET A 183 5.06 12.08 -3.82
CA MET A 183 5.63 11.14 -2.86
C MET A 183 6.04 9.84 -3.54
N LEU A 184 7.27 9.39 -3.26
CA LEU A 184 7.78 8.16 -3.85
C LEU A 184 8.01 7.11 -2.78
N SER A 185 7.46 5.92 -3.00
CA SER A 185 7.61 4.82 -2.05
C SER A 185 8.26 3.61 -2.71
N LEU A 186 9.05 2.87 -1.93
CA LEU A 186 9.74 1.68 -2.43
C LEU A 186 9.42 0.47 -1.58
N GLY A 187 9.25 -0.68 -2.21
CA GLY A 187 8.93 -1.90 -1.48
C GLY A 187 9.20 -3.15 -2.27
N VAL A 188 8.87 -4.30 -1.68
CA VAL A 188 9.07 -5.59 -2.33
C VAL A 188 7.78 -6.41 -2.29
N SER A 189 7.48 -7.11 -3.38
CA SER A 189 6.28 -7.93 -3.45
C SER A 189 6.54 -9.25 -4.16
N TYR A 190 5.53 -10.11 -4.18
CA TYR A 190 5.63 -11.41 -4.80
C TYR A 190 4.28 -11.82 -5.41
N ARG A 191 4.35 -12.63 -6.46
CA ARG A 191 3.14 -13.10 -7.14
C ARG A 191 3.15 -14.61 -7.29
N PHE A 192 1.96 -15.22 -7.34
CA PHE A 192 1.84 -16.66 -7.48
C PHE A 192 2.24 -17.11 -8.88
N GLY A 193 3.51 -17.49 -9.03
CA GLY A 193 4.00 -17.94 -10.33
C GLY A 193 3.52 -19.34 -10.67
N GLN A 194 3.63 -19.69 -11.95
CA GLN A 194 3.21 -21.01 -12.41
C GLN A 194 4.18 -21.55 -13.46
N GLU A 195 4.40 -22.87 -13.44
CA GLU A 195 5.29 -23.50 -14.40
C GLU A 195 4.76 -23.39 -15.82
N ASP A 196 5.45 -22.61 -16.64
CA ASP A 196 5.04 -22.41 -18.02
C ASP A 196 5.27 -23.68 -18.84
N ALA A 197 6.30 -24.43 -18.49
CA ALA A 197 6.63 -25.67 -19.19
C ALA A 197 5.99 -26.87 -18.50
N ALA A 198 5.11 -27.56 -19.20
CA ALA A 198 4.43 -28.73 -18.66
C ALA A 198 4.31 -29.84 -19.70
N PRO A 199 5.37 -30.66 -19.84
CA PRO A 199 5.38 -31.76 -20.82
C PRO A 199 4.18 -32.69 -20.65
N VAL A 200 3.08 -32.36 -21.33
CA VAL A 200 1.86 -33.16 -21.26
C VAL A 200 1.05 -33.03 -22.53
N VAL A 201 -0.08 -33.72 -22.58
CA VAL A 201 -0.96 -33.68 -23.75
C VAL A 201 -2.42 -33.71 -23.33
N ALA A 202 -2.94 -32.54 -22.93
CA ALA A 202 -4.34 -32.44 -22.52
C ALA A 202 -5.13 -31.55 -23.48
N PRO A 203 -6.28 -32.04 -23.99
CA PRO A 203 -7.11 -31.28 -24.92
C PRO A 203 -7.52 -29.93 -24.34
N ALA A 204 -8.30 -29.96 -23.26
CA ALA A 204 -8.76 -28.73 -22.63
C ALA A 204 -8.44 -28.73 -21.13
N PRO A 205 -7.54 -27.82 -20.69
CA PRO A 205 -7.15 -27.73 -19.28
C PRO A 205 -8.26 -27.14 -18.41
N ALA A 206 -8.41 -27.67 -17.20
CA ALA A 206 -9.43 -27.20 -16.28
C ALA A 206 -8.90 -27.15 -14.85
N PRO A 207 -9.17 -26.05 -14.12
CA PRO A 207 -8.71 -25.88 -12.74
C PRO A 207 -9.56 -26.68 -11.75
N ALA A 208 -10.87 -26.63 -11.93
CA ALA A 208 -11.78 -27.35 -11.05
C ALA A 208 -12.44 -28.52 -11.78
N PRO A 209 -11.86 -29.73 -11.66
CA PRO A 209 -12.40 -30.93 -12.32
C PRO A 209 -13.72 -31.37 -11.70
N GLU A 210 -13.80 -31.33 -10.37
CA GLU A 210 -15.01 -31.73 -9.66
C GLU A 210 -15.35 -33.19 -9.95
N ALA A 1 -20.61 -39.76 -28.92
CA ALA A 1 -21.84 -39.33 -29.66
C ALA A 1 -23.01 -39.11 -28.70
N ARG A 2 -23.09 -39.95 -27.68
CA ARG A 2 -24.15 -39.85 -26.70
C ARG A 2 -23.84 -38.79 -25.66
N ILE A 3 -23.94 -37.52 -26.06
CA ILE A 3 -23.66 -36.40 -25.16
C ILE A 3 -24.53 -35.19 -25.50
N MET A 4 -25.19 -34.65 -24.49
CA MET A 4 -26.05 -33.49 -24.68
C MET A 4 -26.44 -32.86 -23.35
N LYS A 5 -26.80 -33.71 -22.38
CA LYS A 5 -27.19 -33.24 -21.06
C LYS A 5 -26.03 -33.36 -20.07
N ALA A 6 -24.81 -33.23 -20.58
CA ALA A 6 -23.63 -33.33 -19.74
C ALA A 6 -23.49 -32.12 -18.82
N ILE A 7 -23.07 -31.00 -19.40
CA ILE A 7 -22.91 -29.77 -18.63
C ILE A 7 -24.25 -29.25 -18.12
N PHE A 8 -24.24 -28.65 -16.93
CA PHE A 8 -25.45 -28.12 -16.34
C PHE A 8 -25.19 -26.77 -15.68
N VAL A 9 -24.12 -26.70 -14.89
CA VAL A 9 -23.75 -25.47 -14.20
C VAL A 9 -22.65 -24.74 -14.95
N LEU A 10 -22.79 -23.42 -15.07
CA LEU A 10 -21.81 -22.60 -15.76
C LEU A 10 -20.47 -22.63 -15.03
N ASN A 11 -19.54 -23.43 -15.55
CA ASN A 11 -18.21 -23.56 -14.95
C ASN A 11 -17.32 -22.39 -15.36
N ALA A 12 -16.55 -21.87 -14.40
CA ALA A 12 -15.66 -20.75 -14.66
C ALA A 12 -14.25 -21.24 -14.98
N ALA A 13 -14.05 -21.73 -16.20
CA ALA A 13 -12.75 -22.23 -16.62
C ALA A 13 -11.78 -21.08 -16.88
N PRO A 14 -12.10 -20.20 -17.84
CA PRO A 14 -11.26 -19.06 -18.18
C PRO A 14 -11.29 -17.96 -17.13
N LYS A 15 -10.43 -18.10 -16.12
CA LYS A 15 -10.37 -17.12 -15.04
C LYS A 15 -8.98 -17.08 -14.42
N ASP A 16 -8.15 -16.15 -14.90
CA ASP A 16 -6.79 -16.01 -14.40
C ASP A 16 -6.80 -15.65 -12.91
N ASN A 17 -6.32 -16.58 -12.09
CA ASN A 17 -6.28 -16.36 -10.64
C ASN A 17 -4.85 -16.09 -10.17
N THR A 18 -4.62 -14.90 -9.64
CA THR A 18 -3.30 -14.52 -9.15
C THR A 18 -3.40 -13.79 -7.81
N TRP A 19 -2.33 -13.84 -7.04
CA TRP A 19 -2.30 -13.19 -5.73
C TRP A 19 -0.89 -12.73 -5.38
N TYR A 20 -0.77 -11.47 -4.96
CA TYR A 20 0.52 -10.91 -4.58
C TYR A 20 0.40 -10.04 -3.35
N ALA A 21 1.33 -10.19 -2.41
CA ALA A 21 1.32 -9.41 -1.18
C ALA A 21 2.72 -8.94 -0.80
N GLY A 22 2.81 -7.73 -0.26
CA GLY A 22 4.09 -7.19 0.14
C GLY A 22 3.95 -5.95 1.00
N GLY A 23 5.00 -5.13 1.04
CA GLY A 23 4.98 -3.92 1.84
C GLY A 23 5.76 -2.80 1.20
N LYS A 24 5.29 -1.56 1.39
CA LYS A 24 5.95 -0.40 0.84
C LYS A 24 6.37 0.58 1.93
N LEU A 25 7.36 1.41 1.64
CA LEU A 25 7.86 2.39 2.60
C LEU A 25 8.08 3.74 1.91
N GLY A 26 7.70 4.82 2.58
CA GLY A 26 7.88 6.14 2.02
C GLY A 26 8.52 7.12 2.99
N TRP A 27 9.17 8.14 2.45
CA TRP A 27 9.83 9.15 3.29
C TRP A 27 9.49 10.55 2.80
N SER A 28 8.55 11.20 3.48
CA SER A 28 8.13 12.55 3.12
C SER A 28 7.40 13.22 4.28
N GLN A 29 8.11 14.10 4.99
CA GLN A 29 7.52 14.81 6.12
C GLN A 29 8.13 16.20 6.26
N TYR A 30 7.42 17.21 5.76
CA TYR A 30 7.90 18.59 5.83
C TYR A 30 6.93 19.45 6.65
N HIS A 31 7.24 19.60 7.93
CA HIS A 31 6.41 20.40 8.83
C HIS A 31 7.23 20.94 9.99
N ASP A 32 8.00 20.06 10.62
CA ASP A 32 8.84 20.46 11.76
C ASP A 32 9.96 21.39 11.31
N THR A 33 9.97 22.59 11.86
CA THR A 33 10.99 23.58 11.52
C THR A 33 12.08 23.63 12.59
N GLY A 34 13.21 24.23 12.24
CA GLY A 34 14.32 24.33 13.19
C GLY A 34 15.25 23.14 13.12
N PHE A 35 15.66 22.78 11.91
CA PHE A 35 16.56 21.65 11.71
C PHE A 35 17.99 22.14 11.49
N TYR A 36 18.87 21.84 12.44
CA TYR A 36 20.27 22.24 12.34
C TYR A 36 21.14 21.43 13.28
N GLY A 37 20.66 21.23 14.52
CA GLY A 37 21.42 20.47 15.49
C GLY A 37 20.56 20.03 16.67
N ASN A 38 20.65 18.76 17.03
CA ASN A 38 19.89 18.22 18.15
C ASN A 38 20.64 18.41 19.46
N GLY A 39 19.88 18.59 20.54
CA GLY A 39 20.49 18.79 21.85
C GLY A 39 20.64 17.49 22.62
N PHE A 40 20.68 17.60 23.95
CA PHE A 40 20.81 16.43 24.80
C PHE A 40 19.62 15.48 24.62
N GLN A 41 19.80 14.24 25.04
CA GLN A 41 18.74 13.24 24.92
C GLN A 41 18.81 12.24 26.07
N ASN A 42 18.17 12.57 27.18
CA ASN A 42 18.17 11.70 28.35
C ASN A 42 16.88 10.90 28.43
N ASN A 43 15.77 11.59 28.69
CA ASN A 43 14.47 10.94 28.77
C ASN A 43 13.44 11.66 27.91
N ASN A 44 13.31 12.96 28.11
CA ASN A 44 12.36 13.77 27.34
C ASN A 44 12.73 13.78 25.87
N GLY A 45 12.16 12.84 25.12
CA GLY A 45 12.45 12.76 23.69
C GLY A 45 11.32 13.32 22.84
N PRO A 46 11.42 14.59 22.42
CA PRO A 46 10.39 15.23 21.59
C PRO A 46 10.31 14.62 20.20
N THR A 47 9.25 14.96 19.47
CA THR A 47 9.06 14.46 18.11
C THR A 47 9.59 15.44 17.08
N ARG A 48 10.78 15.98 17.34
CA ARG A 48 11.40 16.93 16.43
C ARG A 48 12.01 16.22 15.22
N ASN A 49 12.46 15.00 15.43
CA ASN A 49 13.06 14.20 14.36
C ASN A 49 11.98 13.70 13.39
N ASP A 50 12.40 13.33 12.19
CA ASP A 50 11.48 12.83 11.17
C ASP A 50 11.25 11.34 11.34
N GLN A 51 10.26 10.81 10.62
CA GLN A 51 9.93 9.40 10.70
C GLN A 51 9.57 8.85 9.32
N LEU A 52 9.63 7.54 9.17
CA LEU A 52 9.31 6.89 7.91
C LEU A 52 7.95 6.20 7.97
N GLY A 53 7.27 6.12 6.83
CA GLY A 53 5.97 5.50 6.78
C GLY A 53 6.00 4.16 6.05
N ALA A 54 5.21 3.21 6.54
CA ALA A 54 5.14 1.89 5.93
C ALA A 54 3.70 1.44 5.73
N GLY A 55 3.50 0.52 4.79
CA GLY A 55 2.17 0.02 4.52
C GLY A 55 2.18 -1.33 3.84
N ALA A 56 1.10 -2.08 4.01
CA ALA A 56 0.99 -3.41 3.39
C ALA A 56 0.23 -3.32 2.07
N PHE A 57 0.85 -3.82 1.01
CA PHE A 57 0.23 -3.80 -0.31
C PHE A 57 -0.11 -5.21 -0.78
N GLY A 58 -1.39 -5.46 -1.00
CA GLY A 58 -1.82 -6.76 -1.46
C GLY A 58 -2.90 -6.68 -2.51
N GLY A 59 -2.67 -7.31 -3.66
CA GLY A 59 -3.64 -7.27 -4.73
C GLY A 59 -3.80 -8.61 -5.41
N TYR A 60 -4.88 -8.75 -6.19
CA TYR A 60 -5.15 -9.98 -6.91
C TYR A 60 -5.99 -9.71 -8.15
N GLN A 61 -5.60 -10.34 -9.26
CA GLN A 61 -6.31 -10.17 -10.53
C GLN A 61 -7.17 -11.39 -10.83
N VAL A 62 -8.40 -11.15 -11.29
CA VAL A 62 -9.31 -12.23 -11.62
C VAL A 62 -9.50 -12.37 -13.13
N ASN A 63 -9.37 -11.26 -13.84
CA ASN A 63 -9.52 -11.26 -15.29
C ASN A 63 -8.62 -10.22 -15.94
N PRO A 64 -8.22 -10.45 -17.20
CA PRO A 64 -7.34 -9.52 -17.94
C PRO A 64 -8.01 -8.17 -18.17
N TYR A 65 -8.18 -7.40 -17.10
CA TYR A 65 -8.81 -6.08 -17.19
C TYR A 65 -8.44 -5.23 -15.99
N LEU A 66 -8.53 -5.82 -14.80
CA LEU A 66 -8.21 -5.09 -13.57
C LEU A 66 -8.35 -6.01 -12.35
N GLY A 67 -7.55 -5.76 -11.33
CA GLY A 67 -7.59 -6.55 -10.12
C GLY A 67 -7.85 -5.72 -8.88
N PHE A 68 -8.12 -6.38 -7.77
CA PHE A 68 -8.37 -5.69 -6.51
C PHE A 68 -7.07 -5.34 -5.81
N GLU A 69 -6.97 -4.10 -5.31
CA GLU A 69 -5.77 -3.66 -4.62
C GLU A 69 -6.10 -3.26 -3.18
N MET A 70 -5.59 -4.04 -2.24
CA MET A 70 -5.82 -3.78 -0.82
C MET A 70 -4.58 -3.18 -0.17
N GLY A 71 -4.72 -1.96 0.33
CA GLY A 71 -3.59 -1.30 0.96
C GLY A 71 -3.77 -1.17 2.47
N TYR A 72 -2.64 -1.13 3.19
CA TYR A 72 -2.68 -1.01 4.64
C TYR A 72 -1.74 0.12 5.10
N ASP A 73 -2.32 1.16 5.67
CA ASP A 73 -1.55 2.29 6.16
C ASP A 73 -0.95 2.00 7.54
N TRP A 74 0.37 2.10 7.64
CA TRP A 74 1.06 1.85 8.89
C TRP A 74 2.04 2.98 9.20
N LEU A 75 1.70 3.78 10.22
CA LEU A 75 2.55 4.90 10.62
C LEU A 75 3.00 4.74 12.07
N GLY A 76 3.91 5.62 12.50
CA GLY A 76 4.40 5.56 13.86
C GLY A 76 3.79 6.63 14.74
N ARG A 77 2.86 6.21 15.60
CA ARG A 77 2.19 7.13 16.52
C ARG A 77 2.77 7.03 17.92
N MET A 78 3.50 8.08 18.31
CA MET A 78 4.12 8.11 19.64
C MET A 78 3.08 8.33 20.72
N ALA A 79 2.78 7.26 21.47
CA ALA A 79 1.80 7.33 22.54
C ALA A 79 1.76 6.03 23.33
N TYR A 80 2.02 6.13 24.63
CA TYR A 80 2.00 4.95 25.51
C TYR A 80 2.11 5.36 26.98
N LYS A 81 1.48 4.58 27.84
CA LYS A 81 1.51 4.86 29.27
C LYS A 81 1.94 3.64 30.06
N GLY A 82 2.75 3.85 31.09
CA GLY A 82 3.22 2.76 31.91
C GLY A 82 2.17 2.24 32.87
N SER A 83 1.69 3.12 33.75
CA SER A 83 0.67 2.76 34.72
C SER A 83 -0.65 2.43 34.03
N VAL A 84 -1.61 1.95 34.81
CA VAL A 84 -2.92 1.60 34.27
C VAL A 84 -3.66 2.83 33.77
N ASP A 85 -3.68 3.01 32.44
CA ASP A 85 -4.35 4.15 31.84
C ASP A 85 -4.88 3.80 30.46
N ASN A 86 -5.86 4.57 29.99
CA ASN A 86 -6.46 4.33 28.68
C ASN A 86 -5.93 5.32 27.66
N GLY A 87 -6.35 5.15 26.41
CA GLY A 87 -5.90 6.03 25.34
C GLY A 87 -6.15 5.45 23.96
N ALA A 88 -5.20 4.68 23.47
CA ALA A 88 -5.32 4.07 22.15
C ALA A 88 -5.39 2.54 22.26
N PHE A 89 -6.30 1.94 21.50
CA PHE A 89 -6.47 0.50 21.50
C PHE A 89 -6.30 -0.08 20.11
N LYS A 90 -6.99 0.52 19.14
CA LYS A 90 -6.92 0.07 17.76
C LYS A 90 -6.48 1.19 16.83
N ALA A 91 -5.55 0.89 15.94
CA ALA A 91 -5.04 1.88 15.00
C ALA A 91 -4.40 1.22 13.78
N GLN A 92 -5.00 1.45 12.62
CA GLN A 92 -4.49 0.87 11.37
C GLN A 92 -5.28 1.39 10.18
N GLY A 93 -4.58 1.64 9.08
CA GLY A 93 -5.23 2.13 7.88
C GLY A 93 -5.58 1.03 6.91
N VAL A 94 -6.81 1.08 6.39
CA VAL A 94 -7.27 0.09 5.42
C VAL A 94 -7.67 0.76 4.11
N GLN A 95 -6.99 0.41 3.03
CA GLN A 95 -7.26 1.01 1.73
C GLN A 95 -7.92 0.00 0.79
N LEU A 96 -8.92 0.48 0.05
CA LEU A 96 -9.65 -0.35 -0.91
C LEU A 96 -9.64 0.33 -2.28
N THR A 97 -8.92 -0.27 -3.23
CA THR A 97 -8.83 0.33 -4.57
C THR A 97 -8.66 -0.74 -5.65
N ALA A 98 -8.85 -0.33 -6.90
CA ALA A 98 -8.71 -1.22 -8.03
C ALA A 98 -7.40 -0.94 -8.76
N LYS A 99 -6.60 -1.99 -8.97
CA LYS A 99 -5.31 -1.82 -9.64
C LYS A 99 -5.28 -2.55 -10.98
N LEU A 100 -4.81 -1.85 -12.01
CA LEU A 100 -4.72 -2.42 -13.35
C LEU A 100 -3.32 -2.18 -13.93
N GLY A 101 -2.70 -3.24 -14.44
CA GLY A 101 -1.38 -3.10 -15.01
C GLY A 101 -1.07 -4.15 -16.06
N TYR A 102 0.18 -4.17 -16.52
CA TYR A 102 0.61 -5.14 -17.54
C TYR A 102 2.14 -5.17 -17.64
N PRO A 103 2.71 -6.33 -17.99
CA PRO A 103 4.16 -6.50 -18.12
C PRO A 103 4.69 -5.99 -19.46
N ILE A 104 6.02 -5.93 -19.55
CA ILE A 104 6.67 -5.47 -20.79
C ILE A 104 7.21 -6.66 -21.58
N THR A 105 7.82 -7.61 -20.88
CA THR A 105 8.38 -8.78 -21.52
C THR A 105 8.13 -10.02 -20.66
N ASP A 106 8.66 -10.00 -19.44
CA ASP A 106 8.50 -11.13 -18.51
C ASP A 106 9.27 -10.88 -17.22
N ASP A 107 9.12 -9.67 -16.67
CA ASP A 107 9.79 -9.31 -15.43
C ASP A 107 9.48 -7.87 -15.02
N LEU A 108 9.22 -7.02 -16.02
CA LEU A 108 8.90 -5.61 -15.75
C LEU A 108 7.46 -5.31 -16.11
N ASP A 109 6.72 -4.70 -15.19
CA ASP A 109 5.32 -4.37 -15.43
C ASP A 109 4.93 -3.06 -14.75
N ILE A 110 3.87 -2.44 -15.25
CA ILE A 110 3.38 -1.18 -14.70
C ILE A 110 1.94 -1.34 -14.23
N TYR A 111 1.58 -0.66 -13.15
CA TYR A 111 0.22 -0.75 -12.62
C TYR A 111 -0.22 0.54 -11.95
N THR A 112 -1.52 0.81 -12.02
CA THR A 112 -2.11 2.01 -11.43
C THR A 112 -3.31 1.64 -10.58
N ARG A 113 -3.38 2.18 -9.37
CA ARG A 113 -4.49 1.87 -8.47
C ARG A 113 -5.33 3.11 -8.18
N LEU A 114 -6.65 2.95 -8.31
CA LEU A 114 -7.58 4.04 -8.06
C LEU A 114 -8.65 3.59 -7.06
N GLY A 115 -8.77 4.31 -5.95
CA GLY A 115 -9.75 3.96 -4.95
C GLY A 115 -9.77 4.91 -3.77
N GLY A 116 -9.96 4.37 -2.56
CA GLY A 116 -9.99 5.20 -1.38
C GLY A 116 -9.33 4.56 -0.18
N MET A 117 -9.12 5.34 0.86
CA MET A 117 -8.48 4.84 2.08
C MET A 117 -9.33 5.15 3.30
N VAL A 118 -9.43 4.17 4.20
CA VAL A 118 -10.21 4.34 5.43
C VAL A 118 -9.37 3.99 6.65
N TRP A 119 -9.32 4.89 7.62
CA TRP A 119 -8.54 4.66 8.83
C TRP A 119 -9.26 5.24 10.05
N ARG A 120 -8.86 4.79 11.23
CA ARG A 120 -9.47 5.25 12.48
C ARG A 120 -8.41 5.78 13.43
N ALA A 121 -8.83 6.66 14.35
CA ALA A 121 -7.92 7.24 15.33
C ALA A 121 -8.47 7.10 16.74
N ASP A 122 -7.58 7.08 17.73
CA ASP A 122 -7.98 6.96 19.11
C ASP A 122 -7.21 7.94 20.00
N SER A 123 -7.85 8.39 21.07
CA SER A 123 -7.21 9.33 21.99
C SER A 123 -8.11 9.59 23.20
N LYS A 124 -8.25 8.59 24.05
CA LYS A 124 -9.08 8.70 25.25
C LYS A 124 -8.30 8.33 26.50
N GLY A 125 -7.54 9.28 27.02
CA GLY A 125 -6.74 9.03 28.21
C GLY A 125 -7.21 9.85 29.40
N ASN A 126 -6.35 9.96 30.40
CA ASN A 126 -6.68 10.72 31.61
C ASN A 126 -5.72 11.90 31.78
N TYR A 127 -6.12 13.06 31.26
CA TYR A 127 -5.30 14.27 31.36
C TYR A 127 -6.16 15.52 31.24
N ALA A 128 -6.98 15.57 30.19
CA ALA A 128 -7.86 16.71 29.97
C ALA A 128 -9.33 16.30 30.00
N SER A 129 -9.63 15.16 29.37
CA SER A 129 -11.00 14.66 29.34
C SER A 129 -11.12 13.36 30.13
N THR A 130 -12.06 13.34 31.06
CA THR A 130 -12.28 12.16 31.90
C THR A 130 -13.70 11.64 31.74
N GLY A 131 -14.68 12.52 31.95
CA GLY A 131 -16.07 12.14 31.83
C GLY A 131 -16.60 12.32 30.42
N VAL A 132 -17.87 11.98 30.22
CA VAL A 132 -18.50 12.11 28.92
C VAL A 132 -19.39 13.35 28.85
N SER A 133 -19.30 14.07 27.74
CA SER A 133 -20.10 15.29 27.55
C SER A 133 -20.75 15.30 26.17
N ARG A 134 -19.93 15.33 25.13
CA ARG A 134 -20.43 15.35 23.76
C ARG A 134 -19.36 14.90 22.78
N SER A 135 -18.61 13.87 23.16
CA SER A 135 -17.55 13.34 22.32
C SER A 135 -17.98 12.06 21.61
N GLU A 136 -17.75 11.99 20.31
CA GLU A 136 -18.11 10.82 19.53
C GLU A 136 -16.90 10.23 18.83
N HIS A 137 -17.09 9.08 18.19
CA HIS A 137 -16.01 8.41 17.47
C HIS A 137 -15.56 9.23 16.27
N ASP A 138 -14.25 9.19 15.99
CA ASP A 138 -13.68 9.93 14.87
C ASP A 138 -12.99 9.00 13.90
N THR A 139 -13.44 8.98 12.66
CA THR A 139 -12.84 8.13 11.63
C THR A 139 -12.30 8.96 10.48
N GLY A 140 -11.39 8.36 9.71
CA GLY A 140 -10.81 9.06 8.58
C GLY A 140 -11.01 8.33 7.27
N VAL A 141 -11.50 9.05 6.26
CA VAL A 141 -11.76 8.46 4.95
C VAL A 141 -11.50 9.47 3.84
N SER A 142 -10.69 9.06 2.85
CA SER A 142 -10.38 9.95 1.73
C SER A 142 -9.95 9.16 0.50
N PRO A 143 -10.36 9.59 -0.70
CA PRO A 143 -10.01 8.92 -1.96
C PRO A 143 -8.56 9.17 -2.35
N VAL A 144 -7.98 8.24 -3.11
CA VAL A 144 -6.59 8.38 -3.54
C VAL A 144 -6.30 7.56 -4.79
N PHE A 145 -5.19 7.90 -5.45
CA PHE A 145 -4.77 7.20 -6.66
C PHE A 145 -3.26 7.07 -6.70
N ALA A 146 -2.77 5.83 -6.72
CA ALA A 146 -1.34 5.57 -6.75
C ALA A 146 -0.93 4.85 -8.04
N GLY A 147 0.22 5.24 -8.58
CA GLY A 147 0.69 4.61 -9.80
C GLY A 147 2.19 4.35 -9.75
N GLY A 148 2.60 3.15 -10.17
CA GLY A 148 4.01 2.81 -10.16
C GLY A 148 4.33 1.65 -11.06
N VAL A 149 5.54 1.11 -10.91
CA VAL A 149 5.99 -0.02 -11.72
C VAL A 149 6.49 -1.16 -10.85
N GLU A 150 6.53 -2.36 -11.41
CA GLU A 150 6.97 -3.55 -10.68
C GLU A 150 8.18 -4.20 -11.37
N TRP A 151 9.16 -4.58 -10.57
CA TRP A 151 10.37 -5.22 -11.07
C TRP A 151 10.54 -6.61 -10.46
N ALA A 152 10.56 -7.63 -11.30
CA ALA A 152 10.71 -9.00 -10.83
C ALA A 152 12.18 -9.43 -10.84
N VAL A 153 12.68 -9.79 -9.66
CA VAL A 153 14.07 -10.24 -9.52
C VAL A 153 14.12 -11.67 -9.05
N THR A 154 14.29 -12.60 -9.99
CA THR A 154 14.35 -14.02 -9.66
C THR A 154 13.03 -14.50 -9.07
N ARG A 155 12.53 -15.62 -9.59
CA ARG A 155 11.27 -16.18 -9.10
C ARG A 155 11.33 -16.47 -7.61
N ASP A 156 10.96 -15.46 -6.81
CA ASP A 156 10.97 -15.60 -5.36
C ASP A 156 10.46 -14.34 -4.68
N ILE A 157 11.11 -13.21 -4.97
CA ILE A 157 10.71 -11.94 -4.39
C ILE A 157 10.84 -10.80 -5.40
N ALA A 158 9.81 -9.96 -5.48
CA ALA A 158 9.81 -8.84 -6.42
C ALA A 158 9.82 -7.51 -5.68
N THR A 159 10.19 -6.44 -6.39
CA THR A 159 10.22 -5.10 -5.82
C THR A 159 9.52 -4.13 -6.75
N ARG A 160 8.83 -3.15 -6.16
CA ARG A 160 8.11 -2.16 -6.96
C ARG A 160 8.29 -0.75 -6.41
N LEU A 161 8.13 0.22 -7.31
CA LEU A 161 8.25 1.63 -6.96
C LEU A 161 6.94 2.35 -7.27
N GLU A 162 6.34 2.96 -6.24
CA GLU A 162 5.07 3.65 -6.42
C GLU A 162 5.24 5.17 -6.35
N TYR A 163 4.43 5.87 -7.14
CA TYR A 163 4.47 7.33 -7.19
C TYR A 163 3.07 7.91 -7.04
N GLN A 164 2.99 9.11 -6.49
CA GLN A 164 1.70 9.77 -6.28
C GLN A 164 1.58 11.01 -7.16
N TRP A 165 0.92 10.85 -8.30
CA TRP A 165 0.72 11.96 -9.22
C TRP A 165 -0.07 11.52 -10.46
N VAL A 166 -0.08 12.37 -11.48
CA VAL A 166 -0.80 12.06 -12.71
C VAL A 166 0.15 11.99 -13.90
N ASN A 167 0.05 10.93 -14.67
CA ASN A 167 0.90 10.74 -15.84
C ASN A 167 0.41 9.57 -16.69
N ASN A 168 0.63 9.66 -18.00
CA ASN A 168 0.22 8.61 -18.92
C ASN A 168 1.09 7.36 -18.74
N ILE A 169 0.90 6.38 -19.62
CA ILE A 169 1.66 5.15 -19.55
C ILE A 169 2.85 5.19 -20.51
N GLY A 170 2.71 5.93 -21.59
CA GLY A 170 3.78 6.04 -22.57
C GLY A 170 3.46 7.02 -23.67
N ASP A 171 3.41 8.31 -23.33
CA ASP A 171 3.10 9.35 -24.31
C ASP A 171 3.47 10.72 -23.76
N ALA A 172 4.50 10.78 -22.92
CA ALA A 172 4.95 12.03 -22.33
C ALA A 172 6.29 11.86 -21.62
N GLY A 173 6.72 12.90 -20.92
CA GLY A 173 7.98 12.85 -20.21
C GLY A 173 8.13 13.97 -19.20
N THR A 174 8.29 13.60 -17.94
CA THR A 174 8.44 14.58 -16.87
C THR A 174 9.86 15.14 -16.84
N VAL A 175 10.07 16.23 -17.57
CA VAL A 175 11.38 16.86 -17.63
C VAL A 175 11.25 18.38 -17.77
N GLY A 176 11.97 19.11 -16.91
CA GLY A 176 11.92 20.55 -16.96
C GLY A 176 13.20 21.19 -16.46
N THR A 177 13.11 21.98 -15.40
CA THR A 177 14.27 22.65 -14.83
C THR A 177 14.72 21.97 -13.55
N ARG A 178 13.95 22.16 -12.48
CA ARG A 178 14.27 21.56 -11.19
C ARG A 178 13.46 20.29 -10.96
N PRO A 179 13.99 19.34 -10.17
CA PRO A 179 13.32 18.08 -9.88
C PRO A 179 11.89 18.29 -9.37
N ASP A 180 11.05 17.28 -9.55
CA ASP A 180 9.66 17.36 -9.10
C ASP A 180 9.35 16.26 -8.09
N ASN A 181 10.24 16.08 -7.12
CA ASN A 181 10.07 15.06 -6.10
C ASN A 181 8.84 15.35 -5.25
N GLY A 182 7.81 14.53 -5.39
CA GLY A 182 6.59 14.72 -4.62
C GLY A 182 6.40 13.66 -3.55
N MET A 183 6.00 12.47 -3.97
CA MET A 183 5.78 11.36 -3.05
C MET A 183 6.11 10.02 -3.70
N LEU A 184 7.28 9.50 -3.41
CA LEU A 184 7.71 8.22 -3.97
C LEU A 184 8.02 7.22 -2.86
N SER A 185 7.57 5.98 -3.04
CA SER A 185 7.80 4.94 -2.05
C SER A 185 8.33 3.67 -2.71
N LEU A 186 9.11 2.89 -1.93
CA LEU A 186 9.68 1.65 -2.42
C LEU A 186 9.20 0.47 -1.57
N GLY A 187 8.80 -0.62 -2.22
CA GLY A 187 8.32 -1.77 -1.48
C GLY A 187 8.65 -3.09 -2.15
N VAL A 188 8.52 -4.17 -1.39
CA VAL A 188 8.79 -5.50 -1.91
C VAL A 188 7.61 -6.43 -1.63
N SER A 189 7.27 -7.28 -2.60
CA SER A 189 6.14 -8.19 -2.44
C SER A 189 6.46 -9.57 -3.01
N TYR A 190 5.59 -10.53 -2.69
CA TYR A 190 5.75 -11.91 -3.17
C TYR A 190 4.51 -12.34 -3.93
N ARG A 191 4.72 -13.18 -4.95
CA ARG A 191 3.60 -13.68 -5.76
C ARG A 191 3.27 -15.12 -5.41
N PHE A 192 2.02 -15.50 -5.64
CA PHE A 192 1.56 -16.86 -5.35
C PHE A 192 0.74 -17.41 -6.50
N GLY A 193 0.85 -18.72 -6.73
CA GLY A 193 0.10 -19.36 -7.80
C GLY A 193 -0.34 -20.76 -7.45
N GLN A 194 -0.86 -21.48 -8.45
CA GLN A 194 -1.31 -22.85 -8.25
C GLN A 194 -0.14 -23.83 -8.31
N GLU A 195 0.74 -23.62 -9.27
CA GLU A 195 1.90 -24.49 -9.45
C GLU A 195 3.19 -23.73 -9.11
N ASP A 196 4.25 -24.49 -8.80
CA ASP A 196 5.53 -23.90 -8.47
C ASP A 196 6.63 -24.41 -9.40
N ALA A 197 6.62 -25.70 -9.67
CA ALA A 197 7.61 -26.32 -10.56
C ALA A 197 6.95 -27.28 -11.53
N ALA A 198 6.84 -26.85 -12.80
CA ALA A 198 6.24 -27.68 -13.83
C ALA A 198 7.30 -28.31 -14.73
N PRO A 199 7.77 -29.52 -14.39
CA PRO A 199 8.79 -30.22 -15.18
C PRO A 199 8.26 -30.68 -16.53
N VAL A 200 9.03 -31.53 -17.21
CA VAL A 200 8.63 -32.04 -18.52
C VAL A 200 7.89 -33.36 -18.39
N VAL A 201 8.23 -34.13 -17.36
CA VAL A 201 7.60 -35.43 -17.12
C VAL A 201 6.17 -35.25 -16.61
N ALA A 202 5.25 -36.01 -17.18
CA ALA A 202 3.85 -35.95 -16.79
C ALA A 202 3.55 -36.90 -15.64
N PRO A 203 3.90 -38.18 -15.79
CA PRO A 203 3.67 -39.20 -14.75
C PRO A 203 4.22 -38.77 -13.40
N ALA A 204 3.41 -38.93 -12.35
CA ALA A 204 3.83 -38.55 -11.00
C ALA A 204 3.62 -39.71 -10.03
N PRO A 205 4.57 -40.66 -9.99
CA PRO A 205 4.49 -41.82 -9.09
C PRO A 205 4.64 -41.43 -7.63
N ALA A 206 5.61 -40.57 -7.34
CA ALA A 206 5.85 -40.13 -5.98
C ALA A 206 6.02 -38.61 -5.92
N PRO A 207 5.50 -37.96 -4.86
CA PRO A 207 5.59 -36.50 -4.70
C PRO A 207 7.01 -36.06 -4.33
N ALA A 208 7.61 -36.76 -3.38
CA ALA A 208 8.96 -36.44 -2.93
C ALA A 208 9.61 -37.63 -2.22
N PRO A 209 10.86 -37.97 -2.60
CA PRO A 209 11.57 -39.10 -1.99
C PRO A 209 11.62 -39.01 -0.47
N GLU A 210 12.26 -37.95 0.03
CA GLU A 210 12.38 -37.75 1.47
C GLU A 210 12.96 -36.37 1.77
#